data_7BUL
#
_entry.id   7BUL
#
_entity_poly.entity_id   1
_entity_poly.type   'polypeptide(L)'
_entity_poly.pdbx_seq_one_letter_code
;GSHMATSSEEVLLIVKKVRQKKQDGALYLMAERIAWAPEGKDRFTISHMYADIKCQKISPEGKAKIQLQLVLHAGDTTNF
HFSNESTAVKERDAVKDLLQQLLPKFKRKANKELEEKNRMLQEDPVLFQLYKDLVVSQVISAEEFWANRLNVNATDSSST
S
;
_entity_poly.pdbx_strand_id   A
#
# COMPACT_ATOMS: atom_id res chain seq x y z
N MET A 4 -7.12 -7.41 20.29
CA MET A 4 -8.15 -6.83 19.39
C MET A 4 -7.46 -6.23 18.17
N ALA A 5 -8.24 -5.53 17.34
CA ALA A 5 -7.69 -4.91 16.14
C ALA A 5 -7.16 -3.53 16.46
N THR A 6 -5.86 -3.43 16.68
CA THR A 6 -5.23 -2.17 16.99
C THR A 6 -5.12 -1.30 15.75
N SER A 7 -5.97 -0.28 15.67
CA SER A 7 -5.94 0.64 14.54
C SER A 7 -5.05 1.83 14.87
N SER A 8 -3.78 1.71 14.53
CA SER A 8 -2.82 2.77 14.79
C SER A 8 -2.95 3.88 13.76
N GLU A 9 -4.04 4.63 13.84
CA GLU A 9 -4.27 5.73 12.92
C GLU A 9 -3.35 6.89 13.27
N GLU A 10 -2.17 6.90 12.67
CA GLU A 10 -1.20 7.94 12.90
C GLU A 10 -1.01 8.73 11.63
N VAL A 11 -1.55 9.93 11.58
CA VAL A 11 -1.40 10.75 10.38
C VAL A 11 0.03 11.24 10.29
N LEU A 12 0.72 10.78 9.28
CA LEU A 12 2.09 11.17 9.09
C LEU A 12 2.26 12.38 8.18
N LEU A 13 1.38 12.55 7.21
CA LEU A 13 1.50 13.68 6.31
C LEU A 13 0.16 14.29 5.97
N ILE A 14 0.13 15.61 5.86
CA ILE A 14 -1.08 16.34 5.51
C ILE A 14 -0.91 16.99 4.14
N VAL A 15 -1.66 16.53 3.18
CA VAL A 15 -1.60 17.05 1.82
C VAL A 15 -2.97 17.60 1.44
N LYS A 16 -3.01 18.71 0.72
CA LYS A 16 -4.29 19.29 0.35
C LYS A 16 -4.36 19.62 -1.14
N LYS A 17 -5.56 20.04 -1.55
CA LYS A 17 -5.85 20.37 -2.93
C LYS A 17 -5.41 19.25 -3.87
N VAL A 18 -6.04 18.09 -3.67
CA VAL A 18 -5.77 16.90 -4.46
C VAL A 18 -7.06 16.44 -5.09
N ARG A 19 -7.17 16.53 -6.40
CA ARG A 19 -8.39 16.15 -7.07
C ARG A 19 -8.39 14.68 -7.45
N GLN A 20 -9.31 13.96 -6.86
CA GLN A 20 -9.50 12.55 -7.12
C GLN A 20 -10.99 12.32 -7.39
N LYS A 21 -11.30 11.48 -8.38
CA LYS A 21 -12.70 11.20 -8.73
C LYS A 21 -13.43 12.51 -9.06
N LYS A 22 -12.77 13.37 -9.83
CA LYS A 22 -13.32 14.65 -10.23
C LYS A 22 -13.64 15.57 -9.05
N GLN A 23 -12.95 15.37 -7.93
CA GLN A 23 -13.16 16.19 -6.75
C GLN A 23 -11.86 16.33 -5.96
N ASP A 24 -11.46 17.57 -5.75
CA ASP A 24 -10.26 17.87 -5.01
C ASP A 24 -10.55 17.88 -3.52
N GLY A 25 -9.55 17.45 -2.76
CA GLY A 25 -9.69 17.40 -1.35
C GLY A 25 -8.36 17.41 -0.65
N ALA A 26 -8.23 16.57 0.35
CA ALA A 26 -7.03 16.49 1.12
C ALA A 26 -6.64 15.03 1.32
N LEU A 27 -5.40 14.77 1.04
CA LEU A 27 -4.82 13.45 1.16
C LEU A 27 -3.99 13.36 2.43
N TYR A 28 -4.41 12.51 3.33
CA TYR A 28 -3.71 12.33 4.59
C TYR A 28 -2.99 10.99 4.60
N LEU A 29 -1.73 11.02 4.98
CA LEU A 29 -0.94 9.82 5.06
C LEU A 29 -0.90 9.35 6.50
N MET A 30 -0.88 8.04 6.69
CA MET A 30 -0.81 7.46 8.02
C MET A 30 0.33 6.47 8.09
N ALA A 31 0.70 6.07 9.31
CA ALA A 31 1.78 5.12 9.53
C ALA A 31 1.53 3.79 8.83
N GLU A 32 0.27 3.43 8.71
CA GLU A 32 -0.11 2.16 8.14
C GLU A 32 -0.93 2.29 6.87
N ARG A 33 -1.22 3.51 6.41
CA ARG A 33 -2.08 3.64 5.24
C ARG A 33 -2.07 5.04 4.63
N ILE A 34 -2.82 5.16 3.55
CA ILE A 34 -2.98 6.41 2.83
C ILE A 34 -4.47 6.65 2.63
N ALA A 35 -4.95 7.81 3.03
CA ALA A 35 -6.38 8.11 2.90
C ALA A 35 -6.62 9.50 2.36
N TRP A 36 -7.47 9.57 1.33
CA TRP A 36 -7.80 10.83 0.72
C TRP A 36 -9.27 11.18 0.98
N ALA A 37 -9.46 12.44 1.31
CA ALA A 37 -10.77 13.00 1.63
C ALA A 37 -11.05 14.19 0.71
N PRO A 38 -12.29 14.39 0.29
CA PRO A 38 -12.65 15.54 -0.55
C PRO A 38 -12.72 16.83 0.28
N GLU A 39 -12.39 17.96 -0.34
CA GLU A 39 -12.39 19.23 0.37
C GLU A 39 -13.77 19.58 0.92
N GLY A 40 -13.82 19.68 2.25
CA GLY A 40 -15.05 20.03 2.93
C GLY A 40 -15.65 18.85 3.64
N LYS A 41 -15.12 17.67 3.36
CA LYS A 41 -15.60 16.46 3.95
C LYS A 41 -14.55 15.85 4.87
N ASP A 42 -15.00 15.31 5.99
CA ASP A 42 -14.13 14.67 6.97
C ASP A 42 -14.05 13.18 6.66
N ARG A 43 -14.56 12.80 5.51
CA ARG A 43 -14.63 11.41 5.15
C ARG A 43 -13.65 11.01 4.08
N PHE A 44 -12.79 10.05 4.45
CA PHE A 44 -11.83 9.52 3.51
C PHE A 44 -12.58 8.60 2.57
N THR A 45 -12.57 8.95 1.31
CA THR A 45 -13.26 8.17 0.31
C THR A 45 -12.27 7.26 -0.39
N ILE A 46 -11.03 7.40 0.04
CA ILE A 46 -9.93 6.61 -0.46
C ILE A 46 -9.05 6.22 0.73
N SER A 47 -8.91 4.94 0.98
CA SER A 47 -8.07 4.51 2.09
C SER A 47 -7.43 3.16 1.77
N HIS A 48 -6.16 3.20 1.40
CA HIS A 48 -5.43 1.98 1.07
C HIS A 48 -4.35 1.73 2.10
N MET A 49 -4.16 0.47 2.40
CA MET A 49 -3.11 0.08 3.32
C MET A 49 -1.85 -0.08 2.51
N TYR A 50 -0.72 0.32 3.07
CA TYR A 50 0.56 0.18 2.37
C TYR A 50 0.78 -1.26 1.92
N ALA A 51 0.23 -2.19 2.70
CA ALA A 51 0.34 -3.62 2.38
C ALA A 51 -0.42 -3.96 1.10
N ASP A 52 -1.34 -3.09 0.70
CA ASP A 52 -2.13 -3.31 -0.50
C ASP A 52 -1.55 -2.56 -1.68
N ILE A 53 -0.83 -1.48 -1.39
CA ILE A 53 -0.23 -0.68 -2.44
C ILE A 53 1.12 -1.30 -2.81
N LYS A 54 1.28 -1.67 -4.06
CA LYS A 54 2.54 -2.26 -4.51
C LYS A 54 3.61 -1.20 -4.68
N CYS A 55 3.29 -0.22 -5.50
CA CYS A 55 4.24 0.86 -5.78
C CYS A 55 3.53 2.17 -6.11
N GLN A 56 4.32 3.22 -6.32
CA GLN A 56 3.80 4.54 -6.64
C GLN A 56 4.46 5.09 -7.90
N LYS A 57 3.64 5.73 -8.70
CA LYS A 57 4.08 6.33 -9.94
C LYS A 57 3.75 7.82 -9.91
N ILE A 58 4.64 8.65 -10.40
CA ILE A 58 4.40 10.08 -10.42
C ILE A 58 4.57 10.66 -11.81
N SER A 59 3.82 11.72 -12.10
CA SER A 59 3.88 12.38 -13.39
C SER A 59 5.20 13.11 -13.58
N PRO A 60 5.68 13.22 -14.84
CA PRO A 60 6.93 13.90 -15.15
C PRO A 60 6.96 15.33 -14.62
N GLU A 61 8.11 15.69 -14.05
CA GLU A 61 8.30 17.02 -13.48
C GLU A 61 8.31 18.10 -14.57
N GLY A 62 8.10 19.34 -14.18
CA GLY A 62 8.09 20.44 -15.12
C GLY A 62 6.76 20.58 -15.81
N LYS A 63 5.73 20.01 -15.21
CA LYS A 63 4.39 20.08 -15.75
C LYS A 63 3.44 20.72 -14.75
N ALA A 64 2.34 21.26 -15.23
CA ALA A 64 1.36 21.90 -14.36
C ALA A 64 0.35 20.89 -13.84
N LYS A 65 0.75 19.63 -13.81
CA LYS A 65 -0.10 18.56 -13.33
C LYS A 65 0.64 17.60 -12.43
N ILE A 66 0.52 17.78 -11.13
CA ILE A 66 1.16 16.88 -10.19
C ILE A 66 0.28 15.65 -10.01
N GLN A 67 0.54 14.62 -10.77
CA GLN A 67 -0.27 13.43 -10.68
C GLN A 67 0.49 12.28 -10.05
N LEU A 68 -0.16 11.66 -9.09
CA LEU A 68 0.40 10.52 -8.38
C LEU A 68 -0.46 9.29 -8.68
N GLN A 69 0.16 8.18 -9.00
CA GLN A 69 -0.61 6.98 -9.29
C GLN A 69 -0.01 5.77 -8.58
N LEU A 70 -0.72 5.29 -7.58
CA LEU A 70 -0.30 4.12 -6.83
C LEU A 70 -0.85 2.90 -7.53
N VAL A 71 -0.19 1.77 -7.38
CA VAL A 71 -0.66 0.53 -7.97
C VAL A 71 -0.77 -0.48 -6.85
N LEU A 72 -1.92 -1.06 -6.68
CA LEU A 72 -2.12 -2.03 -5.61
C LEU A 72 -1.91 -3.45 -6.11
N HIS A 73 -1.35 -4.29 -5.25
CA HIS A 73 -1.07 -5.71 -5.54
C HIS A 73 -2.24 -6.46 -6.16
N ALA A 74 -3.47 -6.14 -5.74
CA ALA A 74 -4.64 -6.81 -6.28
C ALA A 74 -4.77 -6.57 -7.77
N GLY A 75 -4.09 -5.53 -8.24
CA GLY A 75 -4.10 -5.18 -9.64
C GLY A 75 -4.86 -3.91 -9.79
N ASP A 76 -4.81 -3.12 -8.74
CA ASP A 76 -5.53 -1.87 -8.69
C ASP A 76 -4.59 -0.74 -8.70
N THR A 77 -5.13 0.44 -8.51
CA THR A 77 -4.35 1.62 -8.52
C THR A 77 -5.02 2.74 -7.72
N THR A 78 -4.28 3.83 -7.58
CA THR A 78 -4.75 5.02 -6.87
C THR A 78 -4.18 6.27 -7.53
N ASN A 79 -4.98 6.94 -8.37
CA ASN A 79 -4.54 8.15 -9.06
C ASN A 79 -4.95 9.41 -8.27
N PHE A 80 -4.05 10.39 -8.21
CA PHE A 80 -4.27 11.64 -7.49
C PHE A 80 -3.79 12.83 -8.32
N HIS A 81 -4.49 13.94 -8.24
CA HIS A 81 -4.10 15.15 -8.95
C HIS A 81 -3.86 16.28 -7.95
N PHE A 82 -2.60 16.49 -7.62
CA PHE A 82 -2.21 17.55 -6.70
C PHE A 82 -2.30 18.87 -7.42
N SER A 83 -3.41 19.56 -7.25
CA SER A 83 -3.63 20.83 -7.90
C SER A 83 -3.20 22.00 -7.03
N ASN A 84 -2.46 21.70 -5.97
CA ASN A 84 -1.96 22.73 -5.07
C ASN A 84 -0.67 23.31 -5.62
N GLU A 85 -0.80 24.16 -6.64
CA GLU A 85 0.33 24.79 -7.34
C GLU A 85 1.46 25.32 -6.44
N SER A 86 1.19 25.50 -5.17
CA SER A 86 2.18 26.03 -4.25
C SER A 86 3.12 24.93 -3.74
N THR A 87 2.57 23.78 -3.40
CA THR A 87 3.39 22.69 -2.88
C THR A 87 3.09 21.35 -3.57
N ALA A 88 2.26 21.36 -4.59
CA ALA A 88 1.84 20.15 -5.32
C ALA A 88 2.99 19.19 -5.53
N VAL A 89 4.03 19.67 -6.19
CA VAL A 89 5.22 18.87 -6.46
C VAL A 89 5.83 18.32 -5.16
N LYS A 90 6.11 19.19 -4.21
CA LYS A 90 6.71 18.78 -2.93
C LYS A 90 5.79 17.84 -2.15
N GLU A 91 4.48 18.06 -2.26
CA GLU A 91 3.51 17.24 -1.58
C GLU A 91 3.54 15.81 -2.13
N ARG A 92 3.54 15.69 -3.46
CA ARG A 92 3.59 14.36 -4.09
C ARG A 92 4.94 13.72 -3.81
N ASP A 93 5.95 14.56 -3.66
CA ASP A 93 7.29 14.09 -3.37
C ASP A 93 7.38 13.50 -1.98
N ALA A 94 7.01 14.27 -0.96
CA ALA A 94 7.02 13.77 0.40
C ALA A 94 6.06 12.60 0.53
N VAL A 95 5.00 12.63 -0.26
CA VAL A 95 4.03 11.55 -0.28
C VAL A 95 4.69 10.30 -0.86
N LYS A 96 5.25 10.44 -2.07
CA LYS A 96 5.92 9.34 -2.73
C LYS A 96 6.97 8.74 -1.80
N ASP A 97 7.68 9.63 -1.14
CA ASP A 97 8.74 9.27 -0.21
C ASP A 97 8.20 8.61 1.06
N LEU A 98 7.19 9.21 1.68
CA LEU A 98 6.62 8.66 2.90
C LEU A 98 5.98 7.32 2.65
N LEU A 99 5.21 7.22 1.57
CA LEU A 99 4.58 5.96 1.23
C LEU A 99 5.65 4.94 0.96
N GLN A 100 6.64 5.33 0.17
CA GLN A 100 7.76 4.45 -0.16
C GLN A 100 8.53 4.06 1.09
N GLN A 101 8.26 4.75 2.19
CA GLN A 101 8.92 4.44 3.44
C GLN A 101 8.12 3.39 4.21
N LEU A 102 6.80 3.55 4.23
CA LEU A 102 5.92 2.65 4.94
C LEU A 102 5.48 1.49 4.07
N LEU A 103 5.59 1.67 2.76
CA LEU A 103 5.22 0.66 1.78
C LEU A 103 6.04 -0.63 1.93
N PRO A 104 7.39 -0.56 2.04
CA PRO A 104 8.21 -1.76 2.26
C PRO A 104 8.00 -2.29 3.67
N LYS A 105 7.61 -1.38 4.57
CA LYS A 105 7.34 -1.70 5.97
C LYS A 105 6.16 -2.67 6.04
N PHE A 106 5.25 -2.54 5.07
CA PHE A 106 4.08 -3.41 4.98
C PHE A 106 4.06 -4.17 3.65
N LYS A 107 5.22 -4.34 3.05
CA LYS A 107 5.30 -5.03 1.75
C LYS A 107 4.72 -6.43 1.80
N ARG A 108 3.51 -6.57 1.25
CA ARG A 108 2.83 -7.84 1.20
C ARG A 108 3.25 -8.61 -0.05
N LYS A 109 3.05 -9.91 -0.05
CA LYS A 109 3.40 -10.75 -1.19
C LYS A 109 2.66 -10.30 -2.44
N ALA A 110 3.38 -10.19 -3.55
CA ALA A 110 2.79 -9.80 -4.80
C ALA A 110 1.89 -10.92 -5.29
N ASN A 111 0.59 -10.69 -5.27
CA ASN A 111 -0.36 -11.69 -5.70
C ASN A 111 -0.58 -11.61 -7.20
N LYS A 112 0.40 -12.09 -7.95
CA LYS A 112 0.33 -12.09 -9.40
C LYS A 112 -0.78 -13.01 -9.85
N GLU A 113 -1.09 -14.00 -9.02
CA GLU A 113 -2.16 -14.94 -9.29
C GLU A 113 -3.47 -14.17 -9.40
N LEU A 114 -3.57 -13.12 -8.57
CA LEU A 114 -4.74 -12.26 -8.55
C LEU A 114 -4.63 -11.19 -9.62
N GLU A 115 -3.42 -10.70 -9.82
CA GLU A 115 -3.15 -9.66 -10.81
C GLU A 115 -3.62 -10.08 -12.19
N GLU A 116 -3.22 -11.28 -12.61
CA GLU A 116 -3.61 -11.79 -13.92
C GLU A 116 -5.12 -11.97 -14.01
N LYS A 117 -5.74 -12.26 -12.87
CA LYS A 117 -7.18 -12.44 -12.81
C LYS A 117 -7.88 -11.09 -12.99
N ASN A 118 -7.46 -10.12 -12.19
CA ASN A 118 -8.02 -8.77 -12.23
C ASN A 118 -7.83 -8.15 -13.62
N ARG A 119 -6.62 -8.29 -14.15
CA ARG A 119 -6.28 -7.75 -15.46
C ARG A 119 -7.06 -8.40 -16.59
N MET A 120 -7.57 -9.61 -16.36
CA MET A 120 -8.30 -10.33 -17.40
C MET A 120 -9.73 -9.86 -17.41
N LEU A 121 -10.17 -9.50 -16.23
CA LEU A 121 -11.51 -9.00 -15.99
C LEU A 121 -11.65 -7.58 -16.53
N GLN A 122 -10.53 -6.89 -16.64
CA GLN A 122 -10.51 -5.53 -17.14
C GLN A 122 -10.40 -5.51 -18.66
N GLU A 123 -9.63 -6.45 -19.19
CA GLU A 123 -9.42 -6.55 -20.64
C GLU A 123 -10.65 -7.13 -21.33
N ASP A 124 -11.15 -8.23 -20.81
CA ASP A 124 -12.31 -8.90 -21.40
C ASP A 124 -13.59 -8.62 -20.61
N PRO A 125 -14.48 -7.81 -21.17
CA PRO A 125 -15.75 -7.45 -20.53
C PRO A 125 -16.73 -8.63 -20.50
N VAL A 126 -16.54 -9.57 -21.43
CA VAL A 126 -17.40 -10.74 -21.50
C VAL A 126 -17.00 -11.73 -20.42
N LEU A 127 -15.70 -11.91 -20.27
CA LEU A 127 -15.15 -12.80 -19.26
C LEU A 127 -15.65 -12.39 -17.88
N PHE A 128 -15.51 -11.10 -17.59
CA PHE A 128 -15.95 -10.56 -16.32
C PHE A 128 -17.47 -10.66 -16.18
N GLN A 129 -18.18 -10.59 -17.30
CA GLN A 129 -19.63 -10.70 -17.28
C GLN A 129 -20.03 -12.12 -16.88
N LEU A 130 -19.45 -13.12 -17.56
CA LEU A 130 -19.75 -14.52 -17.27
C LEU A 130 -19.30 -14.87 -15.86
N TYR A 131 -18.31 -14.14 -15.37
CA TYR A 131 -17.80 -14.34 -14.03
C TYR A 131 -18.93 -14.05 -13.03
N LYS A 132 -19.62 -12.93 -13.26
CA LYS A 132 -20.72 -12.54 -12.40
C LYS A 132 -21.94 -13.42 -12.68
N ASP A 133 -21.99 -13.95 -13.87
CA ASP A 133 -23.10 -14.79 -14.29
C ASP A 133 -23.03 -16.16 -13.63
N LEU A 134 -21.88 -16.80 -13.73
CA LEU A 134 -21.69 -18.13 -13.15
C LEU A 134 -21.19 -18.11 -11.71
N VAL A 135 -19.98 -17.59 -11.52
CA VAL A 135 -19.32 -17.57 -10.22
C VAL A 135 -20.11 -16.84 -9.16
N VAL A 136 -20.83 -15.80 -9.56
CA VAL A 136 -21.60 -15.02 -8.60
C VAL A 136 -22.94 -15.70 -8.31
N SER A 137 -23.47 -16.40 -9.31
CA SER A 137 -24.73 -17.13 -9.14
C SER A 137 -24.49 -18.46 -8.44
N GLN A 138 -23.27 -18.64 -7.94
CA GLN A 138 -22.86 -19.85 -7.26
C GLN A 138 -23.08 -21.07 -8.15
N VAL A 139 -22.92 -20.86 -9.46
CA VAL A 139 -23.08 -21.91 -10.44
C VAL A 139 -21.87 -22.84 -10.41
N ILE A 140 -20.72 -22.22 -10.20
CA ILE A 140 -19.44 -22.89 -10.12
C ILE A 140 -18.47 -22.01 -9.34
N SER A 141 -17.34 -22.56 -8.93
CA SER A 141 -16.36 -21.77 -8.20
C SER A 141 -15.61 -20.87 -9.16
N ALA A 142 -14.92 -19.88 -8.62
CA ALA A 142 -14.17 -18.93 -9.43
C ALA A 142 -13.09 -19.63 -10.26
N GLU A 143 -12.39 -20.56 -9.63
CA GLU A 143 -11.30 -21.28 -10.28
C GLU A 143 -11.80 -22.14 -11.44
N GLU A 144 -13.05 -22.58 -11.39
CA GLU A 144 -13.61 -23.38 -12.47
C GLU A 144 -13.64 -22.57 -13.76
N PHE A 145 -14.10 -21.34 -13.64
CA PHE A 145 -14.17 -20.45 -14.78
C PHE A 145 -12.76 -20.02 -15.17
N TRP A 146 -11.96 -19.69 -14.17
CA TRP A 146 -10.59 -19.25 -14.37
C TRP A 146 -9.76 -20.33 -15.05
N ALA A 147 -10.04 -21.58 -14.73
CA ALA A 147 -9.34 -22.73 -15.28
C ALA A 147 -9.26 -22.66 -16.80
N ASN A 148 -10.39 -22.35 -17.42
CA ASN A 148 -10.47 -22.31 -18.87
C ASN A 148 -10.25 -20.90 -19.43
N ARG A 149 -9.96 -19.94 -18.57
CA ARG A 149 -9.75 -18.57 -19.04
C ARG A 149 -8.31 -18.11 -18.88
N LEU A 150 -7.69 -18.48 -17.77
CA LEU A 150 -6.31 -18.11 -17.53
C LEU A 150 -5.43 -18.71 -18.62
N ASN A 151 -5.82 -19.88 -19.08
CA ASN A 151 -5.08 -20.57 -20.12
C ASN A 151 -5.38 -20.01 -21.51
N VAL A 152 -6.43 -19.21 -21.62
CA VAL A 152 -6.79 -18.61 -22.90
C VAL A 152 -7.60 -17.34 -22.69
N ASN A 153 -6.94 -16.24 -22.98
CA ASN A 153 -7.56 -14.93 -22.87
C ASN A 153 -7.92 -14.41 -24.25
N ALA A 154 -9.18 -14.61 -24.61
CA ALA A 154 -9.71 -14.18 -25.89
C ALA A 154 -11.22 -14.10 -25.81
N THR A 155 -11.78 -12.93 -26.16
CA THR A 155 -13.22 -12.69 -26.08
C THR A 155 -14.04 -13.70 -26.86
N ASP A 156 -13.42 -14.29 -27.84
CA ASP A 156 -14.07 -15.29 -28.68
C ASP A 156 -14.35 -16.53 -27.84
N SER A 157 -13.36 -16.91 -27.04
CA SER A 157 -13.47 -18.06 -26.16
C SER A 157 -14.17 -17.67 -24.86
N SER A 158 -14.03 -16.40 -24.47
CA SER A 158 -14.64 -15.88 -23.25
C SER A 158 -16.16 -15.93 -23.33
N SER A 159 -16.69 -16.14 -24.53
CA SER A 159 -18.13 -16.22 -24.72
C SER A 159 -18.65 -17.55 -24.16
N THR A 160 -17.72 -18.37 -23.72
CA THR A 160 -18.03 -19.66 -23.13
C THR A 160 -17.24 -19.84 -21.85
N SER A 161 -17.65 -20.79 -21.02
CA SER A 161 -16.97 -21.05 -19.75
C SER A 161 -15.49 -21.34 -19.98
N MET A 4 0.85 -3.14 11.40
CA MET A 4 0.75 -3.91 10.14
C MET A 4 -0.69 -4.28 9.88
N ALA A 5 -1.33 -3.57 8.95
CA ALA A 5 -2.74 -3.80 8.62
C ALA A 5 -3.58 -3.54 9.85
N THR A 6 -3.11 -2.62 10.66
CA THR A 6 -3.76 -2.25 11.90
C THR A 6 -4.36 -0.86 11.80
N SER A 7 -5.37 -0.58 12.62
CA SER A 7 -6.01 0.72 12.64
C SER A 7 -5.16 1.71 13.43
N SER A 8 -3.87 1.75 13.10
CA SER A 8 -2.94 2.65 13.74
C SER A 8 -3.08 4.04 13.15
N GLU A 9 -4.13 4.72 13.59
CA GLU A 9 -4.43 6.07 13.12
C GLU A 9 -3.35 7.06 13.55
N GLU A 10 -2.35 7.23 12.69
CA GLU A 10 -1.27 8.15 12.94
C GLU A 10 -1.05 8.97 11.70
N VAL A 11 -1.53 10.20 11.69
CA VAL A 11 -1.37 11.04 10.52
C VAL A 11 0.07 11.46 10.39
N LEU A 12 0.70 10.99 9.34
CA LEU A 12 2.08 11.33 9.10
C LEU A 12 2.25 12.55 8.21
N LEU A 13 1.37 12.71 7.23
CA LEU A 13 1.47 13.85 6.34
C LEU A 13 0.10 14.39 5.96
N ILE A 14 -0.01 15.71 5.91
CA ILE A 14 -1.26 16.35 5.55
C ILE A 14 -1.07 17.12 4.24
N VAL A 15 -1.63 16.59 3.18
CA VAL A 15 -1.53 17.20 1.86
C VAL A 15 -2.86 17.83 1.45
N LYS A 16 -2.80 19.05 0.93
CA LYS A 16 -4.00 19.76 0.51
C LYS A 16 -4.03 19.97 -0.99
N LYS A 17 -5.21 20.28 -1.51
CA LYS A 17 -5.44 20.53 -2.92
C LYS A 17 -5.03 19.34 -3.81
N VAL A 18 -5.73 18.25 -3.62
CA VAL A 18 -5.51 17.03 -4.39
C VAL A 18 -6.83 16.61 -5.00
N ARG A 19 -6.90 16.57 -6.31
CA ARG A 19 -8.14 16.23 -6.98
C ARG A 19 -8.17 14.78 -7.44
N GLN A 20 -9.12 14.05 -6.91
CA GLN A 20 -9.36 12.66 -7.27
C GLN A 20 -10.83 12.54 -7.65
N LYS A 21 -11.13 11.72 -8.65
CA LYS A 21 -12.50 11.55 -9.13
C LYS A 21 -13.04 12.88 -9.64
N LYS A 22 -12.11 13.72 -10.13
CA LYS A 22 -12.44 15.06 -10.62
C LYS A 22 -12.94 15.93 -9.48
N GLN A 23 -12.47 15.64 -8.27
CA GLN A 23 -12.87 16.37 -7.08
C GLN A 23 -11.66 16.51 -6.15
N ASP A 24 -11.28 17.75 -5.86
CA ASP A 24 -10.15 18.03 -4.99
C ASP A 24 -10.53 18.01 -3.53
N GLY A 25 -9.54 17.73 -2.73
CA GLY A 25 -9.71 17.68 -1.30
C GLY A 25 -8.39 17.71 -0.57
N ALA A 26 -8.26 16.78 0.35
CA ALA A 26 -7.07 16.69 1.15
C ALA A 26 -6.64 15.24 1.31
N LEU A 27 -5.38 15.01 1.08
CA LEU A 27 -4.79 13.70 1.19
C LEU A 27 -4.01 13.57 2.48
N TYR A 28 -4.46 12.66 3.33
CA TYR A 28 -3.81 12.43 4.61
C TYR A 28 -3.07 11.10 4.62
N LEU A 29 -1.81 11.15 5.01
CA LEU A 29 -1.00 9.95 5.10
C LEU A 29 -0.96 9.48 6.53
N MET A 30 -1.02 8.19 6.73
CA MET A 30 -0.97 7.63 8.09
C MET A 30 0.17 6.64 8.22
N ALA A 31 0.47 6.27 9.45
CA ALA A 31 1.55 5.33 9.76
C ALA A 31 1.36 3.98 9.10
N GLU A 32 0.15 3.68 8.70
CA GLU A 32 -0.14 2.38 8.09
C GLU A 32 -0.90 2.49 6.78
N ARG A 33 -1.18 3.70 6.29
CA ARG A 33 -1.97 3.80 5.07
C ARG A 33 -2.06 5.22 4.51
N ILE A 34 -2.72 5.32 3.37
CA ILE A 34 -2.94 6.58 2.69
C ILE A 34 -4.44 6.80 2.52
N ALA A 35 -4.93 7.95 2.93
CA ALA A 35 -6.35 8.23 2.82
C ALA A 35 -6.62 9.63 2.29
N TRP A 36 -7.36 9.70 1.19
CA TRP A 36 -7.69 10.97 0.58
C TRP A 36 -9.15 11.31 0.84
N ALA A 37 -9.35 12.54 1.24
CA ALA A 37 -10.66 13.09 1.54
C ALA A 37 -10.97 14.25 0.62
N PRO A 38 -12.26 14.50 0.33
CA PRO A 38 -12.66 15.60 -0.53
C PRO A 38 -12.81 16.89 0.26
N GLU A 39 -12.50 18.04 -0.35
CA GLU A 39 -12.62 19.29 0.38
C GLU A 39 -14.06 19.53 0.81
N GLY A 40 -14.26 19.57 2.12
CA GLY A 40 -15.58 19.77 2.66
C GLY A 40 -16.07 18.57 3.45
N LYS A 41 -15.42 17.42 3.26
CA LYS A 41 -15.83 16.22 3.97
C LYS A 41 -14.75 15.76 4.94
N ASP A 42 -15.22 15.30 6.08
CA ASP A 42 -14.38 14.81 7.16
C ASP A 42 -14.06 13.32 6.97
N ARG A 43 -14.67 12.70 5.96
CA ARG A 43 -14.47 11.28 5.72
C ARG A 43 -13.73 11.06 4.41
N PHE A 44 -12.63 10.33 4.50
CA PHE A 44 -11.83 10.03 3.33
C PHE A 44 -12.59 9.08 2.40
N THR A 45 -12.70 9.46 1.14
CA THR A 45 -13.37 8.63 0.16
C THR A 45 -12.41 7.57 -0.35
N ILE A 46 -11.13 7.81 -0.08
CA ILE A 46 -10.08 6.90 -0.50
C ILE A 46 -9.24 6.49 0.71
N SER A 47 -9.03 5.20 0.88
CA SER A 47 -8.22 4.70 1.98
C SER A 47 -7.52 3.41 1.58
N HIS A 48 -6.23 3.50 1.26
CA HIS A 48 -5.47 2.32 0.86
C HIS A 48 -4.40 2.01 1.89
N MET A 49 -4.27 0.75 2.21
CA MET A 49 -3.27 0.32 3.14
C MET A 49 -1.97 0.14 2.38
N TYR A 50 -0.86 0.53 2.97
CA TYR A 50 0.44 0.38 2.31
C TYR A 50 0.67 -1.08 1.93
N ALA A 51 0.10 -1.97 2.72
CA ALA A 51 0.21 -3.40 2.47
C ALA A 51 -0.54 -3.81 1.20
N ASP A 52 -1.44 -2.95 0.74
CA ASP A 52 -2.23 -3.20 -0.45
C ASP A 52 -1.66 -2.46 -1.65
N ILE A 53 -0.92 -1.39 -1.39
CA ILE A 53 -0.33 -0.62 -2.46
C ILE A 53 0.99 -1.26 -2.87
N LYS A 54 1.07 -1.70 -4.11
CA LYS A 54 2.28 -2.34 -4.62
C LYS A 54 3.38 -1.32 -4.80
N CYS A 55 3.03 -0.22 -5.44
CA CYS A 55 3.98 0.85 -5.71
C CYS A 55 3.26 2.09 -6.22
N GLN A 56 4.02 3.13 -6.56
CA GLN A 56 3.45 4.36 -7.06
C GLN A 56 4.08 4.78 -8.38
N LYS A 57 3.42 5.70 -9.07
CA LYS A 57 3.88 6.22 -10.35
C LYS A 57 3.60 7.71 -10.40
N ILE A 58 4.64 8.52 -10.48
CA ILE A 58 4.46 9.97 -10.51
C ILE A 58 4.64 10.53 -11.91
N SER A 59 3.95 11.62 -12.19
CA SER A 59 4.04 12.30 -13.47
C SER A 59 5.34 13.08 -13.56
N PRO A 60 5.99 13.05 -14.74
CA PRO A 60 7.25 13.76 -14.94
C PRO A 60 7.10 15.28 -14.87
N GLU A 61 8.08 15.91 -14.23
CA GLU A 61 8.13 17.37 -14.05
C GLU A 61 8.07 18.11 -15.38
N GLY A 62 7.73 19.39 -15.32
CA GLY A 62 7.64 20.20 -16.51
C GLY A 62 6.20 20.43 -16.91
N LYS A 63 5.29 19.83 -16.15
CA LYS A 63 3.87 19.97 -16.39
C LYS A 63 3.19 20.56 -15.16
N ALA A 64 2.09 21.25 -15.37
CA ALA A 64 1.34 21.85 -14.27
C ALA A 64 0.37 20.82 -13.68
N LYS A 65 0.75 19.56 -13.76
CA LYS A 65 -0.08 18.48 -13.27
C LYS A 65 0.75 17.52 -12.42
N ILE A 66 0.69 17.68 -11.11
CA ILE A 66 1.40 16.78 -10.22
C ILE A 66 0.55 15.55 -9.99
N GLN A 67 0.77 14.53 -10.77
CA GLN A 67 -0.02 13.33 -10.66
C GLN A 67 0.75 12.18 -10.01
N LEU A 68 0.15 11.63 -8.98
CA LEU A 68 0.69 10.50 -8.26
C LEU A 68 -0.26 9.33 -8.39
N GLN A 69 0.15 8.28 -9.10
CA GLN A 69 -0.73 7.13 -9.26
C GLN A 69 -0.16 5.89 -8.59
N LEU A 70 -0.80 5.49 -7.52
CA LEU A 70 -0.42 4.29 -6.80
C LEU A 70 -0.96 3.08 -7.55
N VAL A 71 -0.32 1.95 -7.38
CA VAL A 71 -0.77 0.72 -8.00
C VAL A 71 -0.87 -0.31 -6.90
N LEU A 72 -2.01 -0.94 -6.76
CA LEU A 72 -2.18 -1.92 -5.72
C LEU A 72 -1.91 -3.33 -6.22
N HIS A 73 -1.55 -4.20 -5.29
CA HIS A 73 -1.23 -5.61 -5.57
C HIS A 73 -2.30 -6.35 -6.34
N ALA A 74 -3.57 -6.14 -6.01
CA ALA A 74 -4.65 -6.84 -6.69
C ALA A 74 -4.68 -6.49 -8.17
N GLY A 75 -4.07 -5.37 -8.49
CA GLY A 75 -4.00 -4.89 -9.84
C GLY A 75 -4.75 -3.61 -9.96
N ASP A 76 -4.85 -2.93 -8.82
CA ASP A 76 -5.57 -1.70 -8.74
C ASP A 76 -4.63 -0.55 -8.78
N THR A 77 -5.16 0.61 -8.55
CA THR A 77 -4.38 1.80 -8.56
C THR A 77 -5.04 2.92 -7.77
N THR A 78 -4.33 4.05 -7.69
CA THR A 78 -4.81 5.22 -7.00
C THR A 78 -4.26 6.48 -7.67
N ASN A 79 -5.06 7.11 -8.51
CA ASN A 79 -4.65 8.33 -9.20
C ASN A 79 -4.84 9.55 -8.30
N PHE A 80 -3.87 10.45 -8.29
CA PHE A 80 -3.93 11.66 -7.47
C PHE A 80 -3.44 12.86 -8.26
N HIS A 81 -4.22 13.93 -8.25
CA HIS A 81 -3.84 15.13 -8.94
C HIS A 81 -3.59 16.26 -7.95
N PHE A 82 -2.33 16.48 -7.63
CA PHE A 82 -1.94 17.53 -6.71
C PHE A 82 -2.03 18.87 -7.44
N SER A 83 -3.16 19.54 -7.32
CA SER A 83 -3.36 20.80 -7.99
C SER A 83 -2.93 21.96 -7.10
N ASN A 84 -2.18 21.66 -6.06
CA ASN A 84 -1.69 22.67 -5.14
C ASN A 84 -0.48 23.36 -5.78
N GLU A 85 -0.75 24.23 -6.73
CA GLU A 85 0.29 24.97 -7.48
C GLU A 85 1.39 25.59 -6.62
N SER A 86 1.18 25.65 -5.33
CA SER A 86 2.13 26.23 -4.42
C SER A 86 3.20 25.21 -4.05
N THR A 87 2.76 24.04 -3.59
CA THR A 87 3.69 22.99 -3.18
C THR A 87 3.31 21.62 -3.77
N ALA A 88 2.54 21.64 -4.85
CA ALA A 88 2.05 20.42 -5.53
C ALA A 88 3.14 19.39 -5.66
N VAL A 89 4.20 19.77 -6.34
CA VAL A 89 5.34 18.87 -6.54
C VAL A 89 5.88 18.36 -5.20
N LYS A 90 6.19 19.27 -4.28
CA LYS A 90 6.74 18.89 -2.96
C LYS A 90 5.78 17.97 -2.20
N GLU A 91 4.48 18.25 -2.27
CA GLU A 91 3.50 17.42 -1.58
C GLU A 91 3.60 16.00 -2.09
N ARG A 92 3.57 15.87 -3.41
CA ARG A 92 3.68 14.57 -4.05
C ARG A 92 5.01 13.93 -3.75
N ASP A 93 6.04 14.75 -3.60
CA ASP A 93 7.37 14.28 -3.29
C ASP A 93 7.46 13.71 -1.88
N ALA A 94 7.06 14.47 -0.89
CA ALA A 94 7.08 13.97 0.49
C ALA A 94 6.13 12.79 0.59
N VAL A 95 5.04 12.85 -0.17
CA VAL A 95 4.09 11.78 -0.22
C VAL A 95 4.75 10.56 -0.83
N LYS A 96 5.39 10.76 -1.97
CA LYS A 96 6.11 9.71 -2.67
C LYS A 96 7.08 9.05 -1.69
N ASP A 97 7.85 9.90 -1.04
CA ASP A 97 8.84 9.48 -0.09
C ASP A 97 8.22 8.77 1.12
N LEU A 98 7.14 9.34 1.65
CA LEU A 98 6.48 8.78 2.82
C LEU A 98 5.86 7.43 2.50
N LEU A 99 5.11 7.36 1.41
CA LEU A 99 4.48 6.12 1.01
C LEU A 99 5.54 5.08 0.72
N GLN A 100 6.50 5.43 -0.12
CA GLN A 100 7.59 4.52 -0.48
C GLN A 100 8.40 4.14 0.75
N GLN A 101 8.19 4.87 1.84
CA GLN A 101 8.89 4.57 3.09
C GLN A 101 8.11 3.54 3.90
N LEU A 102 6.80 3.74 3.98
CA LEU A 102 5.94 2.84 4.75
C LEU A 102 5.44 1.67 3.89
N LEU A 103 5.47 1.85 2.58
CA LEU A 103 5.05 0.83 1.63
C LEU A 103 5.83 -0.48 1.78
N PRO A 104 7.19 -0.47 1.80
CA PRO A 104 7.98 -1.68 1.99
C PRO A 104 7.83 -2.19 3.42
N LYS A 105 7.62 -1.25 4.32
CA LYS A 105 7.43 -1.53 5.74
C LYS A 105 6.19 -2.40 5.93
N PHE A 106 5.20 -2.19 5.07
CA PHE A 106 3.97 -2.97 5.11
C PHE A 106 3.86 -3.88 3.88
N LYS A 107 4.98 -4.22 3.28
CA LYS A 107 4.96 -5.08 2.10
C LYS A 107 4.37 -6.43 2.47
N ARG A 108 3.12 -6.64 2.08
CA ARG A 108 2.39 -7.86 2.35
C ARG A 108 3.02 -9.06 1.66
N LYS A 109 3.86 -9.78 2.40
CA LYS A 109 4.50 -10.98 1.87
C LYS A 109 4.38 -12.09 2.89
N ALA A 110 3.25 -12.78 2.85
CA ALA A 110 2.96 -13.87 3.76
C ALA A 110 1.63 -14.50 3.38
N ASN A 111 1.69 -15.49 2.52
CA ASN A 111 0.46 -16.15 2.08
C ASN A 111 0.43 -17.59 2.52
N LYS A 112 0.23 -17.83 3.81
CA LYS A 112 0.16 -19.21 4.29
C LYS A 112 -1.26 -19.73 4.15
N GLU A 113 -2.18 -19.11 4.88
CA GLU A 113 -3.58 -19.49 4.81
C GLU A 113 -4.21 -18.76 3.65
N LEU A 114 -3.68 -17.57 3.38
CA LEU A 114 -4.14 -16.75 2.28
C LEU A 114 -3.96 -17.48 0.97
N GLU A 115 -2.94 -18.35 0.92
CA GLU A 115 -2.69 -19.10 -0.29
C GLU A 115 -3.75 -20.19 -0.45
N GLU A 116 -4.10 -20.84 0.65
CA GLU A 116 -5.13 -21.87 0.62
C GLU A 116 -6.46 -21.21 0.28
N LYS A 117 -6.63 -19.99 0.77
CA LYS A 117 -7.82 -19.20 0.50
C LYS A 117 -7.86 -18.82 -0.97
N ASN A 118 -6.76 -18.23 -1.44
CA ASN A 118 -6.61 -17.79 -2.83
C ASN A 118 -6.84 -18.94 -3.81
N ARG A 119 -6.17 -20.05 -3.56
CA ARG A 119 -6.30 -21.23 -4.41
C ARG A 119 -7.68 -21.86 -4.34
N MET A 120 -8.42 -21.58 -3.27
CA MET A 120 -9.74 -22.16 -3.11
C MET A 120 -10.73 -21.32 -3.88
N LEU A 121 -10.45 -20.04 -3.88
CA LEU A 121 -11.24 -19.04 -4.57
C LEU A 121 -11.21 -19.27 -6.08
N GLN A 122 -10.21 -20.01 -6.53
CA GLN A 122 -10.04 -20.31 -7.95
C GLN A 122 -10.81 -21.56 -8.34
N GLU A 123 -10.79 -22.58 -7.48
CA GLU A 123 -11.48 -23.84 -7.77
C GLU A 123 -12.97 -23.75 -7.42
N ASP A 124 -13.28 -22.99 -6.39
CA ASP A 124 -14.66 -22.83 -5.93
C ASP A 124 -15.25 -21.51 -6.39
N PRO A 125 -16.08 -21.54 -7.45
CA PRO A 125 -16.72 -20.35 -8.00
C PRO A 125 -17.84 -19.84 -7.10
N VAL A 126 -18.38 -20.72 -6.27
CA VAL A 126 -19.45 -20.36 -5.35
C VAL A 126 -18.87 -19.56 -4.20
N LEU A 127 -17.76 -20.06 -3.67
CA LEU A 127 -17.07 -19.41 -2.57
C LEU A 127 -16.67 -18.00 -2.97
N PHE A 128 -15.99 -17.89 -4.11
CA PHE A 128 -15.54 -16.60 -4.61
C PHE A 128 -16.73 -15.70 -4.95
N GLN A 129 -17.89 -16.31 -5.17
CA GLN A 129 -19.09 -15.55 -5.45
C GLN A 129 -19.65 -14.96 -4.16
N LEU A 130 -19.88 -15.82 -3.18
CA LEU A 130 -20.41 -15.39 -1.89
C LEU A 130 -19.42 -14.48 -1.17
N TYR A 131 -18.13 -14.65 -1.49
CA TYR A 131 -17.09 -13.83 -0.92
C TYR A 131 -17.32 -12.37 -1.31
N LYS A 132 -17.67 -12.18 -2.58
CA LYS A 132 -17.93 -10.84 -3.10
C LYS A 132 -19.29 -10.35 -2.63
N ASP A 133 -20.15 -11.26 -2.28
CA ASP A 133 -21.49 -10.92 -1.83
C ASP A 133 -21.46 -10.44 -0.37
N LEU A 134 -20.82 -11.22 0.49
CA LEU A 134 -20.73 -10.90 1.91
C LEU A 134 -19.53 -10.04 2.27
N VAL A 135 -18.34 -10.59 2.08
CA VAL A 135 -17.09 -9.93 2.46
C VAL A 135 -16.89 -8.60 1.74
N VAL A 136 -17.42 -8.49 0.54
CA VAL A 136 -17.26 -7.25 -0.23
C VAL A 136 -18.32 -6.23 0.18
N SER A 137 -19.51 -6.71 0.53
CA SER A 137 -20.59 -5.83 0.97
C SER A 137 -20.42 -5.44 2.42
N GLN A 138 -19.24 -5.74 2.97
CA GLN A 138 -18.91 -5.43 4.35
C GLN A 138 -19.93 -6.05 5.30
N VAL A 139 -20.46 -7.20 4.90
CA VAL A 139 -21.45 -7.91 5.68
C VAL A 139 -20.75 -8.61 6.85
N ILE A 140 -19.56 -9.11 6.54
CA ILE A 140 -18.70 -9.82 7.49
C ILE A 140 -17.28 -9.78 6.97
N SER A 141 -16.33 -10.19 7.78
CA SER A 141 -14.95 -10.21 7.33
C SER A 141 -14.68 -11.48 6.54
N ALA A 142 -13.48 -11.60 6.00
CA ALA A 142 -13.12 -12.76 5.20
C ALA A 142 -13.07 -14.03 6.05
N GLU A 143 -12.41 -13.95 7.20
CA GLU A 143 -12.23 -15.08 8.10
C GLU A 143 -13.56 -15.75 8.47
N GLU A 144 -14.61 -14.97 8.65
CA GLU A 144 -15.93 -15.52 9.00
C GLU A 144 -16.40 -16.50 7.92
N PHE A 145 -16.24 -16.09 6.68
CA PHE A 145 -16.65 -16.93 5.55
C PHE A 145 -15.69 -18.12 5.39
N TRP A 146 -14.45 -17.92 5.81
CA TRP A 146 -13.44 -18.97 5.72
C TRP A 146 -13.55 -19.94 6.90
N ALA A 147 -14.22 -19.51 7.94
CA ALA A 147 -14.40 -20.30 9.15
C ALA A 147 -15.16 -21.59 8.88
N ASN A 148 -16.10 -21.57 7.95
CA ASN A 148 -16.88 -22.76 7.65
C ASN A 148 -16.31 -23.57 6.49
N ARG A 149 -15.08 -23.29 6.08
CA ARG A 149 -14.49 -24.01 4.95
C ARG A 149 -13.05 -24.44 5.21
N LEU A 150 -12.26 -23.53 5.73
CA LEU A 150 -10.84 -23.79 6.00
C LEU A 150 -10.65 -24.87 7.06
N ASN A 151 -11.15 -24.60 8.25
CA ASN A 151 -10.99 -25.53 9.36
C ASN A 151 -12.08 -26.60 9.38
N VAL A 152 -12.94 -26.59 8.38
CA VAL A 152 -14.00 -27.57 8.27
C VAL A 152 -14.44 -27.69 6.83
N ASN A 153 -14.11 -28.82 6.26
CA ASN A 153 -14.47 -29.10 4.89
C ASN A 153 -15.64 -30.07 4.86
N ALA A 154 -16.83 -29.52 4.70
CA ALA A 154 -18.04 -30.31 4.65
C ALA A 154 -18.90 -29.90 3.46
N THR A 155 -19.47 -30.88 2.77
CA THR A 155 -20.30 -30.62 1.60
C THR A 155 -21.52 -29.79 1.94
N ASP A 156 -21.84 -29.82 3.21
CA ASP A 156 -22.99 -29.10 3.76
C ASP A 156 -22.56 -27.77 4.37
N SER A 157 -21.85 -27.84 5.48
CA SER A 157 -21.40 -26.67 6.21
C SER A 157 -20.59 -25.68 5.37
N SER A 158 -19.67 -26.18 4.55
CA SER A 158 -18.85 -25.30 3.73
C SER A 158 -19.65 -24.65 2.60
N SER A 159 -20.85 -25.15 2.38
CA SER A 159 -21.72 -24.60 1.34
C SER A 159 -22.78 -23.69 1.94
N THR A 160 -22.70 -23.47 3.25
CA THR A 160 -23.66 -22.62 3.94
C THR A 160 -22.94 -21.63 4.86
N SER A 161 -23.12 -20.35 4.58
CA SER A 161 -22.51 -19.30 5.37
C SER A 161 -23.32 -18.01 5.19
N MET A 4 0.88 2.08 14.04
CA MET A 4 1.86 1.13 13.46
C MET A 4 1.54 -0.30 13.90
N ALA A 5 1.09 -1.13 12.95
CA ALA A 5 0.74 -2.53 13.21
C ALA A 5 -0.38 -2.61 14.24
N THR A 6 -1.34 -1.71 14.11
CA THR A 6 -2.46 -1.64 15.03
C THR A 6 -3.66 -0.95 14.36
N SER A 7 -3.42 -0.37 13.19
CA SER A 7 -4.42 0.40 12.44
C SER A 7 -4.61 1.72 13.14
N SER A 8 -3.68 2.03 14.03
CA SER A 8 -3.72 3.27 14.75
C SER A 8 -3.43 4.38 13.78
N GLU A 9 -4.50 4.99 13.29
CA GLU A 9 -4.42 6.09 12.34
C GLU A 9 -3.42 7.16 12.79
N GLU A 10 -2.17 7.01 12.35
CA GLU A 10 -1.13 7.95 12.67
C GLU A 10 -0.93 8.84 11.48
N VAL A 11 -1.50 10.03 11.51
CA VAL A 11 -1.36 10.92 10.37
C VAL A 11 0.05 11.43 10.29
N LEU A 12 0.73 11.02 9.26
CA LEU A 12 2.10 11.42 9.08
C LEU A 12 2.25 12.61 8.16
N LEU A 13 1.36 12.76 7.20
CA LEU A 13 1.46 13.89 6.27
C LEU A 13 0.09 14.43 5.91
N ILE A 14 -0.04 15.74 5.87
CA ILE A 14 -1.30 16.38 5.51
C ILE A 14 -1.12 17.14 4.21
N VAL A 15 -1.68 16.60 3.15
CA VAL A 15 -1.59 17.19 1.83
C VAL A 15 -2.92 17.85 1.45
N LYS A 16 -2.87 19.03 0.85
CA LYS A 16 -4.08 19.74 0.47
C LYS A 16 -4.15 19.93 -1.05
N LYS A 17 -5.35 20.26 -1.51
CA LYS A 17 -5.64 20.48 -2.92
C LYS A 17 -5.19 19.31 -3.79
N VAL A 18 -5.82 18.17 -3.56
CA VAL A 18 -5.55 16.95 -4.33
C VAL A 18 -6.83 16.48 -4.99
N ARG A 19 -6.88 16.52 -6.30
CA ARG A 19 -8.08 16.12 -7.01
C ARG A 19 -8.09 14.63 -7.33
N GLN A 20 -9.07 13.96 -6.76
CA GLN A 20 -9.28 12.55 -7.00
C GLN A 20 -10.75 12.35 -7.34
N LYS A 21 -11.03 11.45 -8.29
CA LYS A 21 -12.40 11.21 -8.73
C LYS A 21 -13.05 12.48 -9.25
N LYS A 22 -12.20 13.36 -9.82
CA LYS A 22 -12.61 14.64 -10.39
C LYS A 22 -12.87 15.70 -9.32
N GLN A 23 -12.45 15.45 -8.09
CA GLN A 23 -12.66 16.41 -7.01
C GLN A 23 -11.47 16.48 -6.07
N ASP A 24 -10.98 17.68 -5.84
CA ASP A 24 -9.85 17.91 -4.95
C ASP A 24 -10.29 18.00 -3.51
N GLY A 25 -9.36 17.68 -2.65
CA GLY A 25 -9.61 17.71 -1.25
C GLY A 25 -8.33 17.69 -0.47
N ALA A 26 -8.22 16.77 0.45
CA ALA A 26 -7.05 16.66 1.26
C ALA A 26 -6.62 15.21 1.38
N LEU A 27 -5.35 15.01 1.20
CA LEU A 27 -4.74 13.71 1.27
C LEU A 27 -3.97 13.56 2.57
N TYR A 28 -4.45 12.67 3.42
CA TYR A 28 -3.82 12.43 4.69
C TYR A 28 -3.03 11.13 4.68
N LEU A 29 -1.76 11.23 4.95
CA LEU A 29 -0.91 10.06 4.99
C LEU A 29 -0.87 9.55 6.41
N MET A 30 -0.83 8.25 6.56
CA MET A 30 -0.77 7.62 7.86
C MET A 30 0.41 6.67 7.93
N ALA A 31 0.81 6.32 9.13
CA ALA A 31 1.94 5.40 9.31
C ALA A 31 1.67 4.03 8.75
N GLU A 32 0.40 3.70 8.58
CA GLU A 32 0.04 2.38 8.07
C GLU A 32 -0.75 2.47 6.78
N ARG A 33 -1.06 3.68 6.30
CA ARG A 33 -1.88 3.77 5.11
C ARG A 33 -1.94 5.17 4.52
N ILE A 34 -2.72 5.30 3.45
CA ILE A 34 -2.91 6.55 2.75
C ILE A 34 -4.42 6.78 2.58
N ALA A 35 -4.90 7.91 3.09
CA ALA A 35 -6.33 8.21 3.00
C ALA A 35 -6.58 9.59 2.43
N TRP A 36 -7.42 9.65 1.41
CA TRP A 36 -7.74 10.92 0.78
C TRP A 36 -9.21 11.27 0.98
N ALA A 37 -9.42 12.54 1.24
CA ALA A 37 -10.73 13.11 1.49
C ALA A 37 -10.99 14.29 0.56
N PRO A 38 -12.24 14.50 0.12
CA PRO A 38 -12.58 15.63 -0.75
C PRO A 38 -12.77 16.90 0.08
N GLU A 39 -12.45 18.06 -0.50
CA GLU A 39 -12.58 19.32 0.22
C GLU A 39 -14.03 19.58 0.59
N GLY A 40 -14.30 19.62 1.89
CA GLY A 40 -15.64 19.87 2.35
C GLY A 40 -16.22 18.65 3.03
N LYS A 41 -15.52 17.53 2.93
CA LYS A 41 -15.99 16.31 3.52
C LYS A 41 -15.10 15.86 4.66
N ASP A 42 -15.76 15.34 5.68
CA ASP A 42 -15.15 14.84 6.89
C ASP A 42 -14.82 13.37 6.75
N ARG A 43 -14.75 12.89 5.52
CA ARG A 43 -14.55 11.48 5.28
C ARG A 43 -13.50 11.17 4.24
N PHE A 44 -12.73 10.14 4.50
CA PHE A 44 -11.75 9.68 3.55
C PHE A 44 -12.48 8.76 2.61
N THR A 45 -12.51 9.14 1.35
CA THR A 45 -13.20 8.34 0.36
C THR A 45 -12.22 7.41 -0.32
N ILE A 46 -10.99 7.51 0.15
CA ILE A 46 -9.89 6.70 -0.34
C ILE A 46 -9.01 6.31 0.82
N SER A 47 -8.85 5.03 1.07
CA SER A 47 -8.00 4.59 2.15
C SER A 47 -7.35 3.26 1.79
N HIS A 48 -6.09 3.30 1.41
CA HIS A 48 -5.35 2.09 1.04
C HIS A 48 -4.28 1.83 2.05
N MET A 49 -4.07 0.57 2.35
CA MET A 49 -3.03 0.18 3.25
C MET A 49 -1.76 0.05 2.43
N TYR A 50 -0.64 0.47 3.01
CA TYR A 50 0.64 0.36 2.30
C TYR A 50 0.85 -1.09 1.86
N ALA A 51 0.35 -2.00 2.68
CA ALA A 51 0.46 -3.41 2.40
C ALA A 51 -0.25 -3.79 1.09
N ASP A 52 -1.27 -3.01 0.71
CA ASP A 52 -2.05 -3.28 -0.51
C ASP A 52 -1.44 -2.57 -1.70
N ILE A 53 -0.80 -1.43 -1.46
CA ILE A 53 -0.20 -0.65 -2.52
C ILE A 53 1.08 -1.32 -3.01
N LYS A 54 1.06 -1.79 -4.24
CA LYS A 54 2.19 -2.47 -4.85
C LYS A 54 3.29 -1.49 -5.19
N CYS A 55 2.92 -0.41 -5.86
CA CYS A 55 3.89 0.60 -6.26
C CYS A 55 3.26 1.96 -6.50
N GLN A 56 4.07 2.93 -6.91
CA GLN A 56 3.60 4.28 -7.19
C GLN A 56 4.23 4.82 -8.48
N LYS A 57 3.50 5.69 -9.14
CA LYS A 57 3.93 6.29 -10.39
C LYS A 57 3.65 7.78 -10.38
N ILE A 58 4.67 8.60 -10.59
CA ILE A 58 4.48 10.04 -10.60
C ILE A 58 4.64 10.61 -12.00
N SER A 59 3.91 11.68 -12.28
CA SER A 59 3.96 12.33 -13.58
C SER A 59 5.29 13.06 -13.78
N PRO A 60 5.77 13.13 -15.02
CA PRO A 60 7.04 13.81 -15.35
C PRO A 60 7.08 15.24 -14.83
N GLU A 61 8.20 15.57 -14.19
CA GLU A 61 8.40 16.90 -13.62
C GLU A 61 8.42 17.98 -14.70
N GLY A 62 8.17 19.21 -14.30
CA GLY A 62 8.16 20.31 -15.23
C GLY A 62 6.80 20.47 -15.88
N LYS A 63 5.79 19.90 -15.26
CA LYS A 63 4.43 19.97 -15.77
C LYS A 63 3.52 20.62 -14.75
N ALA A 64 2.41 21.18 -15.21
CA ALA A 64 1.46 21.84 -14.32
C ALA A 64 0.45 20.84 -13.77
N LYS A 65 0.82 19.56 -13.78
CA LYS A 65 -0.05 18.51 -13.28
C LYS A 65 0.74 17.52 -12.44
N ILE A 66 0.68 17.66 -11.13
CA ILE A 66 1.36 16.74 -10.25
C ILE A 66 0.47 15.53 -10.02
N GLN A 67 0.62 14.52 -10.84
CA GLN A 67 -0.20 13.34 -10.72
C GLN A 67 0.57 12.18 -10.12
N LEU A 68 0.01 11.62 -9.06
CA LEU A 68 0.59 10.47 -8.38
C LEU A 68 -0.34 9.28 -8.56
N GLN A 69 0.14 8.23 -9.18
CA GLN A 69 -0.69 7.06 -9.39
C GLN A 69 -0.10 5.83 -8.73
N LEU A 70 -0.74 5.39 -7.67
CA LEU A 70 -0.33 4.19 -6.95
C LEU A 70 -0.96 3.01 -7.64
N VAL A 71 -0.37 1.84 -7.49
CA VAL A 71 -0.91 0.63 -8.06
C VAL A 71 -0.99 -0.39 -6.95
N LEU A 72 -2.11 -1.06 -6.79
CA LEU A 72 -2.24 -2.03 -5.73
C LEU A 72 -2.02 -3.45 -6.27
N HIS A 73 -1.65 -4.35 -5.38
CA HIS A 73 -1.38 -5.75 -5.71
C HIS A 73 -2.54 -6.47 -6.41
N ALA A 74 -3.77 -6.21 -5.98
CA ALA A 74 -4.92 -6.87 -6.59
C ALA A 74 -5.02 -6.51 -8.06
N GLY A 75 -4.40 -5.40 -8.40
CA GLY A 75 -4.40 -4.92 -9.76
C GLY A 75 -5.12 -3.62 -9.82
N ASP A 76 -5.12 -2.94 -8.69
CA ASP A 76 -5.80 -1.69 -8.57
C ASP A 76 -4.84 -0.57 -8.63
N THR A 77 -5.33 0.61 -8.37
CA THR A 77 -4.52 1.77 -8.42
C THR A 77 -5.09 2.91 -7.57
N THR A 78 -4.34 4.00 -7.50
CA THR A 78 -4.73 5.18 -6.76
C THR A 78 -4.12 6.42 -7.42
N ASN A 79 -4.90 7.12 -8.22
CA ASN A 79 -4.39 8.32 -8.92
C ASN A 79 -4.83 9.60 -8.22
N PHE A 80 -3.86 10.46 -7.91
CA PHE A 80 -4.11 11.73 -7.24
C PHE A 80 -3.58 12.88 -8.09
N HIS A 81 -4.32 13.96 -8.13
CA HIS A 81 -3.92 15.15 -8.87
C HIS A 81 -3.64 16.29 -7.90
N PHE A 82 -2.37 16.48 -7.60
CA PHE A 82 -1.97 17.56 -6.70
C PHE A 82 -2.09 18.88 -7.45
N SER A 83 -3.23 19.54 -7.28
CA SER A 83 -3.49 20.78 -7.97
C SER A 83 -3.04 21.98 -7.14
N ASN A 84 -2.33 21.73 -6.05
CA ASN A 84 -1.83 22.82 -5.22
C ASN A 84 -0.55 23.36 -5.83
N GLU A 85 -0.70 24.14 -6.88
CA GLU A 85 0.41 24.74 -7.65
C GLU A 85 1.56 25.31 -6.82
N SER A 86 1.32 25.57 -5.56
CA SER A 86 2.33 26.14 -4.69
C SER A 86 3.33 25.07 -4.23
N THR A 87 2.82 23.96 -3.74
CA THR A 87 3.68 22.89 -3.26
C THR A 87 3.28 21.53 -3.82
N ALA A 88 2.50 21.54 -4.90
CA ALA A 88 2.02 20.33 -5.56
C ALA A 88 3.11 19.29 -5.72
N VAL A 89 4.20 19.71 -6.33
CA VAL A 89 5.35 18.84 -6.54
C VAL A 89 5.93 18.30 -5.23
N LYS A 90 6.25 19.20 -4.30
CA LYS A 90 6.82 18.80 -3.01
C LYS A 90 5.87 17.88 -2.23
N GLU A 91 4.58 18.19 -2.27
CA GLU A 91 3.58 17.38 -1.60
C GLU A 91 3.63 15.96 -2.14
N ARG A 92 3.68 15.85 -3.45
CA ARG A 92 3.76 14.55 -4.11
C ARG A 92 5.08 13.87 -3.75
N ASP A 93 6.13 14.68 -3.66
CA ASP A 93 7.44 14.18 -3.32
C ASP A 93 7.50 13.61 -1.91
N ALA A 94 7.06 14.38 -0.92
CA ALA A 94 7.07 13.90 0.45
C ALA A 94 6.12 12.72 0.57
N VAL A 95 5.07 12.74 -0.23
CA VAL A 95 4.12 11.65 -0.26
C VAL A 95 4.81 10.42 -0.84
N LYS A 96 5.41 10.59 -2.01
CA LYS A 96 6.15 9.52 -2.69
C LYS A 96 7.15 8.92 -1.73
N ASP A 97 7.79 9.80 -0.99
CA ASP A 97 8.82 9.44 -0.03
C ASP A 97 8.22 8.75 1.20
N LEU A 98 7.12 9.29 1.72
CA LEU A 98 6.48 8.73 2.90
C LEU A 98 5.89 7.36 2.60
N LEU A 99 5.18 7.26 1.49
CA LEU A 99 4.58 6.00 1.10
C LEU A 99 5.66 4.96 0.90
N GLN A 100 6.63 5.28 0.03
CA GLN A 100 7.73 4.35 -0.25
C GLN A 100 8.53 4.07 1.01
N GLN A 101 8.30 4.87 2.04
CA GLN A 101 9.00 4.66 3.30
C GLN A 101 8.25 3.61 4.14
N LEU A 102 6.93 3.73 4.19
CA LEU A 102 6.09 2.83 4.97
C LEU A 102 5.67 1.61 4.14
N LEU A 103 5.68 1.77 2.82
CA LEU A 103 5.29 0.72 1.90
C LEU A 103 6.08 -0.58 2.09
N PRO A 104 7.43 -0.56 2.05
CA PRO A 104 8.24 -1.78 2.25
C PRO A 104 8.06 -2.36 3.66
N LYS A 105 7.66 -1.49 4.59
CA LYS A 105 7.45 -1.89 5.96
C LYS A 105 6.21 -2.75 6.09
N PHE A 106 5.11 -2.30 5.50
CA PHE A 106 3.86 -3.05 5.55
C PHE A 106 3.71 -3.99 4.36
N LYS A 107 4.70 -3.96 3.48
CA LYS A 107 4.69 -4.81 2.31
C LYS A 107 4.80 -6.28 2.70
N ARG A 108 4.02 -7.11 2.03
CA ARG A 108 4.04 -8.55 2.29
C ARG A 108 5.46 -9.07 2.19
N LYS A 109 5.93 -9.69 3.27
CA LYS A 109 7.28 -10.24 3.31
C LYS A 109 7.43 -11.39 2.33
N ALA A 110 8.66 -11.74 2.01
CA ALA A 110 8.92 -12.82 1.07
C ALA A 110 8.89 -14.17 1.77
N ASN A 111 7.71 -14.79 1.78
CA ASN A 111 7.55 -16.11 2.38
C ASN A 111 8.02 -17.14 1.38
N LYS A 112 9.34 -17.21 1.22
CA LYS A 112 9.97 -18.12 0.27
C LYS A 112 9.53 -19.55 0.49
N GLU A 113 9.48 -19.99 1.74
CA GLU A 113 9.07 -21.35 2.03
C GLU A 113 7.66 -21.63 1.50
N LEU A 114 6.77 -20.67 1.70
CA LEU A 114 5.39 -20.80 1.23
C LEU A 114 5.35 -20.80 -0.29
N GLU A 115 6.11 -19.90 -0.89
CA GLU A 115 6.17 -19.78 -2.34
C GLU A 115 6.74 -21.07 -2.95
N GLU A 116 7.78 -21.61 -2.32
CA GLU A 116 8.41 -22.85 -2.80
C GLU A 116 7.44 -24.02 -2.62
N LYS A 117 6.64 -23.96 -1.55
CA LYS A 117 5.66 -25.00 -1.27
C LYS A 117 4.66 -25.07 -2.42
N ASN A 118 4.06 -23.95 -2.75
CA ASN A 118 3.07 -23.88 -3.83
C ASN A 118 3.71 -24.21 -5.17
N ARG A 119 5.00 -23.92 -5.30
CA ARG A 119 5.74 -24.19 -6.52
C ARG A 119 6.02 -25.68 -6.67
N MET A 120 6.06 -26.40 -5.54
CA MET A 120 6.34 -27.83 -5.55
C MET A 120 5.06 -28.58 -5.82
N LEU A 121 3.97 -27.94 -5.43
CA LEU A 121 2.64 -28.45 -5.61
C LEU A 121 2.28 -28.58 -7.09
N GLN A 122 2.95 -27.80 -7.91
CA GLN A 122 2.71 -27.82 -9.35
C GLN A 122 3.65 -28.83 -10.03
N GLU A 123 4.76 -29.12 -9.38
CA GLU A 123 5.73 -30.06 -9.92
C GLU A 123 5.29 -31.49 -9.70
N ASP A 124 4.93 -31.81 -8.47
CA ASP A 124 4.49 -33.15 -8.12
C ASP A 124 2.97 -33.20 -7.96
N PRO A 125 2.27 -33.81 -8.93
CA PRO A 125 0.82 -33.93 -8.92
C PRO A 125 0.32 -34.80 -7.76
N VAL A 126 1.16 -35.74 -7.34
CA VAL A 126 0.81 -36.63 -6.25
C VAL A 126 0.92 -35.88 -4.94
N LEU A 127 1.95 -35.05 -4.85
CA LEU A 127 2.19 -34.23 -3.66
C LEU A 127 0.97 -33.36 -3.39
N PHE A 128 0.54 -32.64 -4.42
CA PHE A 128 -0.62 -31.77 -4.30
C PHE A 128 -1.88 -32.59 -4.02
N GLN A 129 -1.91 -33.83 -4.52
CA GLN A 129 -3.04 -34.70 -4.27
C GLN A 129 -3.05 -35.09 -2.79
N LEU A 130 -1.89 -35.50 -2.28
CA LEU A 130 -1.74 -35.90 -0.88
C LEU A 130 -2.08 -34.72 0.03
N TYR A 131 -1.83 -33.51 -0.45
CA TYR A 131 -2.14 -32.30 0.28
C TYR A 131 -3.64 -32.22 0.49
N LYS A 132 -4.39 -32.50 -0.57
CA LYS A 132 -5.84 -32.47 -0.53
C LYS A 132 -6.37 -33.68 0.22
N ASP A 133 -5.56 -34.71 0.29
CA ASP A 133 -5.95 -35.94 0.96
C ASP A 133 -5.82 -35.80 2.47
N LEU A 134 -4.67 -35.32 2.92
CA LEU A 134 -4.42 -35.15 4.34
C LEU A 134 -4.84 -33.79 4.89
N VAL A 135 -4.18 -32.75 4.40
CA VAL A 135 -4.41 -31.39 4.88
C VAL A 135 -5.85 -30.93 4.70
N VAL A 136 -6.50 -31.41 3.66
CA VAL A 136 -7.88 -31.02 3.39
C VAL A 136 -8.85 -31.83 4.25
N SER A 137 -8.50 -33.09 4.50
CA SER A 137 -9.33 -33.97 5.33
C SER A 137 -9.10 -33.68 6.81
N GLN A 138 -8.38 -32.57 7.08
CA GLN A 138 -8.08 -32.15 8.43
C GLN A 138 -7.36 -33.28 9.19
N VAL A 139 -6.57 -34.05 8.45
CA VAL A 139 -5.81 -35.15 9.02
C VAL A 139 -4.61 -34.59 9.76
N ILE A 140 -4.02 -33.57 9.15
CA ILE A 140 -2.85 -32.88 9.68
C ILE A 140 -2.75 -31.52 9.00
N SER A 141 -1.86 -30.67 9.46
CA SER A 141 -1.68 -29.37 8.85
C SER A 141 -0.76 -29.48 7.64
N ALA A 142 -0.61 -28.38 6.90
CA ALA A 142 0.22 -28.36 5.72
C ALA A 142 1.69 -28.60 6.06
N GLU A 143 2.15 -28.02 7.15
CA GLU A 143 3.54 -28.13 7.57
C GLU A 143 3.93 -29.58 7.82
N GLU A 144 3.08 -30.36 8.47
CA GLU A 144 3.37 -31.76 8.73
C GLU A 144 3.61 -32.52 7.44
N PHE A 145 2.75 -32.28 6.45
CA PHE A 145 2.87 -32.92 5.16
C PHE A 145 4.14 -32.44 4.46
N TRP A 146 4.36 -31.14 4.53
CA TRP A 146 5.52 -30.52 3.91
C TRP A 146 6.81 -30.96 4.57
N ALA A 147 6.75 -31.25 5.86
CA ALA A 147 7.92 -31.70 6.61
C ALA A 147 8.50 -32.97 6.01
N ASN A 148 7.65 -33.79 5.41
CA ASN A 148 8.08 -35.05 4.81
C ASN A 148 8.40 -34.90 3.32
N ARG A 149 8.16 -33.73 2.76
CA ARG A 149 8.41 -33.50 1.34
C ARG A 149 9.51 -32.50 1.08
N LEU A 150 9.54 -31.46 1.87
CA LEU A 150 10.57 -30.43 1.73
C LEU A 150 11.95 -31.05 1.97
N ASN A 151 12.01 -31.94 2.95
CA ASN A 151 13.27 -32.61 3.29
C ASN A 151 13.60 -33.72 2.31
N VAL A 152 12.58 -34.19 1.60
CA VAL A 152 12.71 -35.24 0.60
C VAL A 152 11.50 -35.24 -0.30
N ASN A 153 11.71 -34.83 -1.53
CA ASN A 153 10.63 -34.78 -2.49
C ASN A 153 10.73 -35.94 -3.45
N ALA A 154 9.97 -36.99 -3.15
CA ALA A 154 9.94 -38.17 -3.98
C ALA A 154 8.50 -38.56 -4.29
N THR A 155 8.17 -38.59 -5.57
CA THR A 155 6.82 -38.94 -6.01
C THR A 155 6.48 -40.38 -5.66
N ASP A 156 7.51 -41.14 -5.45
CA ASP A 156 7.40 -42.56 -5.13
C ASP A 156 7.49 -42.83 -3.63
N SER A 157 8.68 -42.63 -3.09
CA SER A 157 8.97 -42.87 -1.67
C SER A 157 8.05 -42.11 -0.72
N SER A 158 7.92 -40.80 -0.92
CA SER A 158 7.09 -39.98 -0.05
C SER A 158 5.61 -40.30 -0.20
N SER A 159 5.27 -41.11 -1.20
CA SER A 159 3.88 -41.49 -1.44
C SER A 159 3.66 -42.97 -1.17
N THR A 160 4.61 -43.62 -0.49
CA THR A 160 4.48 -45.03 -0.18
C THR A 160 3.81 -45.22 1.19
N SER A 161 3.12 -46.33 1.36
CA SER A 161 2.44 -46.65 2.59
C SER A 161 2.34 -48.16 2.72
N MET A 4 -6.06 -6.35 22.55
CA MET A 4 -7.22 -5.45 22.74
C MET A 4 -7.42 -4.59 21.48
N ALA A 5 -8.43 -3.74 21.50
CA ALA A 5 -8.70 -2.86 20.37
C ALA A 5 -8.02 -1.53 20.58
N THR A 6 -7.31 -1.05 19.56
CA THR A 6 -6.62 0.22 19.63
C THR A 6 -6.47 0.85 18.25
N SER A 7 -6.87 2.10 18.13
CA SER A 7 -6.76 2.82 16.89
C SER A 7 -5.37 3.44 16.77
N SER A 8 -4.54 2.89 15.89
CA SER A 8 -3.20 3.40 15.69
C SER A 8 -3.13 4.34 14.49
N GLU A 9 -4.29 4.89 14.13
CA GLU A 9 -4.39 5.82 13.02
C GLU A 9 -3.65 7.11 13.31
N GLU A 10 -2.38 7.16 12.94
CA GLU A 10 -1.56 8.33 13.18
C GLU A 10 -1.29 9.05 11.88
N VAL A 11 -1.70 10.29 11.78
CA VAL A 11 -1.48 11.05 10.56
C VAL A 11 -0.02 11.41 10.42
N LEU A 12 0.62 10.86 9.41
CA LEU A 12 2.02 11.14 9.19
C LEU A 12 2.24 12.29 8.21
N LEU A 13 1.31 12.50 7.30
CA LEU A 13 1.45 13.58 6.33
C LEU A 13 0.11 14.20 6.00
N ILE A 14 0.07 15.53 5.95
CA ILE A 14 -1.15 16.25 5.61
C ILE A 14 -0.96 16.97 4.29
N VAL A 15 -1.60 16.45 3.25
CA VAL A 15 -1.51 17.02 1.92
C VAL A 15 -2.84 17.64 1.51
N LYS A 16 -2.78 18.84 0.96
CA LYS A 16 -3.97 19.54 0.53
C LYS A 16 -3.99 19.74 -0.98
N LYS A 17 -5.18 20.00 -1.50
CA LYS A 17 -5.40 20.23 -2.93
C LYS A 17 -4.98 19.05 -3.77
N VAL A 18 -5.70 17.95 -3.59
CA VAL A 18 -5.49 16.72 -4.33
C VAL A 18 -6.82 16.32 -4.92
N ARG A 19 -6.91 16.26 -6.23
CA ARG A 19 -8.18 15.91 -6.85
C ARG A 19 -8.14 14.51 -7.45
N GLN A 20 -9.09 13.70 -7.01
CA GLN A 20 -9.23 12.35 -7.48
C GLN A 20 -10.46 12.28 -8.38
N LYS A 21 -10.23 11.87 -9.63
CA LYS A 21 -11.28 11.77 -10.62
C LYS A 21 -12.10 13.06 -10.72
N LYS A 22 -11.37 14.18 -10.71
CA LYS A 22 -11.93 15.54 -10.82
C LYS A 22 -12.33 16.13 -9.47
N GLN A 23 -12.47 15.32 -8.43
CA GLN A 23 -12.87 15.86 -7.12
C GLN A 23 -11.64 16.18 -6.29
N ASP A 24 -11.50 17.44 -5.93
CA ASP A 24 -10.38 17.93 -5.15
C ASP A 24 -10.66 17.75 -3.67
N GLY A 25 -9.61 17.63 -2.88
CA GLY A 25 -9.77 17.45 -1.47
C GLY A 25 -8.48 17.49 -0.70
N ALA A 26 -8.41 16.66 0.31
CA ALA A 26 -7.26 16.59 1.17
C ALA A 26 -6.84 15.16 1.38
N LEU A 27 -5.57 14.91 1.17
CA LEU A 27 -4.99 13.60 1.31
C LEU A 27 -4.16 13.51 2.60
N TYR A 28 -4.61 12.68 3.51
CA TYR A 28 -3.92 12.48 4.77
C TYR A 28 -3.27 11.11 4.81
N LEU A 29 -2.00 11.10 5.16
CA LEU A 29 -1.27 9.86 5.27
C LEU A 29 -1.19 9.46 6.72
N MET A 30 -1.22 8.17 6.99
CA MET A 30 -1.11 7.66 8.34
C MET A 30 0.02 6.66 8.43
N ALA A 31 0.34 6.26 9.65
CA ALA A 31 1.42 5.32 9.91
C ALA A 31 1.28 4.00 9.15
N GLU A 32 0.05 3.57 8.91
CA GLU A 32 -0.17 2.30 8.23
C GLU A 32 -1.04 2.46 6.99
N ARG A 33 -1.38 3.67 6.62
CA ARG A 33 -2.30 3.84 5.50
C ARG A 33 -2.26 5.22 4.88
N ILE A 34 -3.01 5.34 3.78
CA ILE A 34 -3.15 6.58 3.03
C ILE A 34 -4.64 6.81 2.79
N ALA A 35 -5.14 7.97 3.18
CA ALA A 35 -6.55 8.24 3.00
C ALA A 35 -6.81 9.64 2.46
N TRP A 36 -7.55 9.70 1.37
CA TRP A 36 -7.90 10.96 0.76
C TRP A 36 -9.37 11.28 1.04
N ALA A 37 -9.58 12.51 1.44
CA ALA A 37 -10.89 13.02 1.77
C ALA A 37 -11.28 14.13 0.82
N PRO A 38 -12.56 14.29 0.52
CA PRO A 38 -13.01 15.36 -0.36
C PRO A 38 -12.85 16.69 0.36
N GLU A 39 -12.48 17.73 -0.37
CA GLU A 39 -12.28 19.02 0.25
C GLU A 39 -13.56 19.51 0.92
N GLY A 40 -13.50 19.64 2.23
CA GLY A 40 -14.64 20.09 2.99
C GLY A 40 -15.20 18.99 3.88
N LYS A 41 -14.78 17.76 3.64
CA LYS A 41 -15.26 16.63 4.43
C LYS A 41 -14.14 16.02 5.25
N ASP A 42 -14.51 15.65 6.46
CA ASP A 42 -13.61 15.02 7.42
C ASP A 42 -13.57 13.50 7.23
N ARG A 43 -14.35 13.00 6.27
CA ARG A 43 -14.41 11.57 6.03
C ARG A 43 -13.71 11.22 4.74
N PHE A 44 -12.64 10.46 4.85
CA PHE A 44 -11.87 10.04 3.69
C PHE A 44 -12.67 9.07 2.85
N THR A 45 -12.82 9.39 1.58
CA THR A 45 -13.54 8.51 0.68
C THR A 45 -12.60 7.42 0.19
N ILE A 46 -11.33 7.78 0.16
CA ILE A 46 -10.27 6.87 -0.26
C ILE A 46 -9.41 6.50 0.93
N SER A 47 -9.21 5.21 1.16
CA SER A 47 -8.37 4.77 2.24
C SER A 47 -7.68 3.45 1.88
N HIS A 48 -6.39 3.53 1.60
CA HIS A 48 -5.62 2.35 1.24
C HIS A 48 -4.58 2.07 2.28
N MET A 49 -4.26 0.81 2.45
CA MET A 49 -3.24 0.42 3.36
C MET A 49 -1.96 0.28 2.56
N TYR A 50 -0.84 0.64 3.15
CA TYR A 50 0.46 0.51 2.47
C TYR A 50 0.65 -0.93 2.02
N ALA A 51 0.06 -1.85 2.76
CA ALA A 51 0.13 -3.26 2.46
C ALA A 51 -0.60 -3.60 1.15
N ASP A 52 -1.53 -2.74 0.76
CA ASP A 52 -2.32 -2.95 -0.45
C ASP A 52 -1.73 -2.23 -1.64
N ILE A 53 -0.91 -1.22 -1.38
CA ILE A 53 -0.31 -0.47 -2.46
C ILE A 53 0.97 -1.16 -2.89
N LYS A 54 1.05 -1.51 -4.16
CA LYS A 54 2.21 -2.20 -4.70
C LYS A 54 3.33 -1.21 -5.01
N CYS A 55 2.99 -0.19 -5.77
CA CYS A 55 3.98 0.81 -6.16
C CYS A 55 3.33 2.17 -6.44
N GLN A 56 4.16 3.19 -6.61
CA GLN A 56 3.68 4.52 -6.90
C GLN A 56 4.27 5.06 -8.19
N LYS A 57 3.40 5.56 -9.04
CA LYS A 57 3.78 6.14 -10.32
C LYS A 57 3.53 7.64 -10.27
N ILE A 58 4.47 8.42 -10.74
CA ILE A 58 4.32 9.88 -10.73
C ILE A 58 4.57 10.48 -12.10
N SER A 59 4.02 11.66 -12.31
CA SER A 59 4.19 12.38 -13.56
C SER A 59 5.50 13.14 -13.54
N PRO A 60 6.31 13.03 -14.61
CA PRO A 60 7.60 13.72 -14.70
C PRO A 60 7.45 15.25 -14.69
N GLU A 61 8.33 15.90 -13.93
CA GLU A 61 8.34 17.35 -13.79
C GLU A 61 8.32 18.07 -15.14
N GLY A 62 7.96 19.34 -15.11
CA GLY A 62 7.90 20.13 -16.33
C GLY A 62 6.48 20.32 -16.80
N LYS A 63 5.54 19.75 -16.06
CA LYS A 63 4.13 19.86 -16.39
C LYS A 63 3.38 20.50 -15.24
N ALA A 64 2.27 21.16 -15.55
CA ALA A 64 1.47 21.82 -14.53
C ALA A 64 0.43 20.86 -13.95
N LYS A 65 0.77 19.58 -13.94
CA LYS A 65 -0.13 18.57 -13.43
C LYS A 65 0.62 17.56 -12.59
N ILE A 66 0.59 17.71 -11.27
CA ILE A 66 1.24 16.77 -10.39
C ILE A 66 0.35 15.55 -10.24
N GLN A 67 0.61 14.52 -11.01
CA GLN A 67 -0.21 13.33 -10.95
C GLN A 67 0.51 12.17 -10.28
N LEU A 68 -0.20 11.52 -9.39
CA LEU A 68 0.30 10.39 -8.66
C LEU A 68 -0.60 9.18 -8.93
N GLN A 69 -0.02 8.01 -8.98
CA GLN A 69 -0.80 6.79 -9.20
C GLN A 69 -0.22 5.64 -8.39
N LEU A 70 -0.95 5.22 -7.37
CA LEU A 70 -0.50 4.12 -6.52
C LEU A 70 -1.08 2.81 -6.99
N VAL A 71 -0.31 2.04 -7.73
CA VAL A 71 -0.77 0.75 -8.20
C VAL A 71 -0.84 -0.20 -7.03
N LEU A 72 -1.98 -0.81 -6.84
CA LEU A 72 -2.18 -1.73 -5.74
C LEU A 72 -1.99 -3.18 -6.20
N HIS A 73 -1.66 -4.03 -5.25
CA HIS A 73 -1.44 -5.46 -5.47
C HIS A 73 -2.59 -6.17 -6.18
N ALA A 74 -3.82 -5.84 -5.82
CA ALA A 74 -4.97 -6.48 -6.43
C ALA A 74 -5.01 -6.20 -7.93
N GLY A 75 -4.45 -5.06 -8.29
CA GLY A 75 -4.39 -4.66 -9.68
C GLY A 75 -5.09 -3.35 -9.85
N ASP A 76 -5.08 -2.57 -8.78
CA ASP A 76 -5.75 -1.29 -8.78
C ASP A 76 -4.75 -0.20 -8.78
N THR A 77 -5.24 1.02 -8.74
CA THR A 77 -4.38 2.16 -8.74
C THR A 77 -5.04 3.36 -8.09
N THR A 78 -4.29 4.05 -7.26
CA THR A 78 -4.78 5.25 -6.61
C THR A 78 -4.27 6.47 -7.38
N ASN A 79 -5.12 7.01 -8.22
CA ASN A 79 -4.75 8.18 -9.02
C ASN A 79 -5.05 9.48 -8.27
N PHE A 80 -4.04 10.33 -8.15
CA PHE A 80 -4.18 11.59 -7.45
C PHE A 80 -3.66 12.75 -8.29
N HIS A 81 -4.32 13.89 -8.17
CA HIS A 81 -3.91 15.09 -8.89
C HIS A 81 -3.61 16.19 -7.89
N PHE A 82 -2.35 16.42 -7.63
CA PHE A 82 -1.93 17.45 -6.70
C PHE A 82 -2.07 18.81 -7.40
N SER A 83 -3.17 19.49 -7.15
CA SER A 83 -3.42 20.77 -7.76
C SER A 83 -3.15 21.90 -6.78
N ASN A 84 -2.01 21.82 -6.12
CA ASN A 84 -1.60 22.86 -5.19
C ASN A 84 -0.37 23.53 -5.78
N GLU A 85 -0.59 24.37 -6.79
CA GLU A 85 0.48 25.06 -7.54
C GLU A 85 1.63 25.61 -6.71
N SER A 86 1.46 25.75 -5.43
CA SER A 86 2.52 26.28 -4.60
C SER A 86 3.51 25.19 -4.23
N THR A 87 2.99 24.06 -3.76
CA THR A 87 3.83 22.95 -3.35
C THR A 87 3.36 21.61 -3.92
N ALA A 88 2.61 21.64 -5.02
CA ALA A 88 2.09 20.45 -5.66
C ALA A 88 3.17 19.41 -5.85
N VAL A 89 4.24 19.81 -6.51
CA VAL A 89 5.38 18.92 -6.74
C VAL A 89 5.97 18.40 -5.41
N LYS A 90 6.17 19.30 -4.45
CA LYS A 90 6.71 18.93 -3.14
C LYS A 90 5.76 17.98 -2.41
N GLU A 91 4.47 18.24 -2.52
CA GLU A 91 3.46 17.40 -1.89
C GLU A 91 3.61 15.99 -2.45
N ARG A 92 3.78 15.92 -3.77
CA ARG A 92 3.98 14.66 -4.46
C ARG A 92 5.24 14.01 -3.94
N ASP A 93 6.26 14.82 -3.76
CA ASP A 93 7.56 14.36 -3.27
C ASP A 93 7.45 13.72 -1.90
N ALA A 94 6.98 14.49 -0.92
CA ALA A 94 6.84 13.97 0.43
C ALA A 94 5.86 12.81 0.45
N VAL A 95 4.88 12.82 -0.44
CA VAL A 95 3.92 11.75 -0.51
C VAL A 95 4.59 10.51 -1.06
N LYS A 96 5.28 10.65 -2.19
CA LYS A 96 5.99 9.56 -2.81
C LYS A 96 6.96 8.96 -1.81
N ASP A 97 7.61 9.83 -1.06
CA ASP A 97 8.60 9.47 -0.06
C ASP A 97 7.95 8.84 1.18
N LEU A 98 6.91 9.47 1.70
CA LEU A 98 6.23 8.97 2.90
C LEU A 98 5.60 7.61 2.64
N LEU A 99 4.94 7.48 1.51
CA LEU A 99 4.33 6.21 1.15
C LEU A 99 5.42 5.20 0.97
N GLN A 100 6.43 5.56 0.19
CA GLN A 100 7.58 4.69 -0.07
C GLN A 100 8.29 4.34 1.23
N GLN A 101 7.96 5.07 2.28
CA GLN A 101 8.56 4.82 3.57
C GLN A 101 7.84 3.67 4.26
N LEU A 102 6.53 3.79 4.32
CA LEU A 102 5.70 2.82 4.99
C LEU A 102 5.25 1.69 4.07
N LEU A 103 5.30 1.95 2.77
CA LEU A 103 4.91 0.98 1.77
C LEU A 103 5.68 -0.34 1.87
N PRO A 104 7.02 -0.33 1.79
CA PRO A 104 7.81 -1.55 1.91
C PRO A 104 7.80 -2.13 3.32
N LYS A 105 7.23 -1.38 4.26
CA LYS A 105 7.15 -1.80 5.65
C LYS A 105 5.92 -2.65 5.89
N PHE A 106 4.80 -2.26 5.30
CA PHE A 106 3.54 -3.00 5.47
C PHE A 106 3.18 -3.80 4.23
N LYS A 107 3.92 -3.58 3.15
CA LYS A 107 3.68 -4.26 1.86
C LYS A 107 3.44 -5.75 2.00
N ARG A 108 2.34 -6.21 1.40
CA ARG A 108 2.01 -7.63 1.42
C ARG A 108 2.92 -8.35 0.43
N LYS A 109 3.88 -9.10 0.95
CA LYS A 109 4.84 -9.83 0.14
C LYS A 109 4.15 -10.69 -0.91
N ALA A 110 4.35 -10.34 -2.17
CA ALA A 110 3.79 -11.11 -3.26
C ALA A 110 4.47 -12.47 -3.31
N ASN A 111 3.67 -13.53 -3.23
CA ASN A 111 4.21 -14.88 -3.25
C ASN A 111 4.75 -15.27 -4.62
N LYS A 112 5.89 -14.71 -4.95
CA LYS A 112 6.55 -15.00 -6.23
C LYS A 112 7.35 -16.27 -6.09
N GLU A 113 7.51 -16.71 -4.84
CA GLU A 113 8.24 -17.95 -4.54
C GLU A 113 7.53 -19.11 -5.20
N LEU A 114 6.24 -18.91 -5.47
CA LEU A 114 5.42 -19.90 -6.14
C LEU A 114 5.96 -20.10 -7.54
N GLU A 115 6.36 -19.00 -8.15
CA GLU A 115 6.91 -18.99 -9.50
C GLU A 115 8.28 -19.63 -9.49
N GLU A 116 9.07 -19.34 -8.46
CA GLU A 116 10.40 -19.92 -8.32
C GLU A 116 10.29 -21.42 -8.14
N LYS A 117 9.29 -21.84 -7.37
CA LYS A 117 9.02 -23.25 -7.14
C LYS A 117 8.57 -23.88 -8.45
N ASN A 118 7.70 -23.17 -9.15
CA ASN A 118 7.17 -23.60 -10.43
C ASN A 118 8.31 -23.85 -11.42
N ARG A 119 9.28 -22.94 -11.42
CA ARG A 119 10.44 -23.05 -12.30
C ARG A 119 11.33 -24.23 -11.92
N MET A 120 11.24 -24.66 -10.68
CA MET A 120 12.07 -25.76 -10.20
C MET A 120 11.40 -27.05 -10.60
N LEU A 121 10.11 -26.94 -10.81
CA LEU A 121 9.29 -28.04 -11.23
C LEU A 121 9.42 -28.28 -12.71
N GLN A 122 9.88 -27.25 -13.43
CA GLN A 122 10.06 -27.33 -14.87
C GLN A 122 11.51 -27.64 -15.21
N GLU A 123 12.42 -26.84 -14.69
CA GLU A 123 13.85 -27.02 -14.94
C GLU A 123 14.37 -28.32 -14.31
N ASP A 124 13.79 -28.70 -13.18
CA ASP A 124 14.18 -29.92 -12.49
C ASP A 124 13.03 -30.92 -12.53
N PRO A 125 13.03 -31.81 -13.54
CA PRO A 125 11.98 -32.83 -13.70
C PRO A 125 12.04 -33.89 -12.60
N VAL A 126 13.17 -33.95 -11.91
CA VAL A 126 13.35 -34.91 -10.83
C VAL A 126 12.61 -34.42 -9.60
N LEU A 127 12.74 -33.12 -9.34
CA LEU A 127 12.07 -32.51 -8.21
C LEU A 127 10.57 -32.72 -8.34
N PHE A 128 10.05 -32.41 -9.51
CA PHE A 128 8.63 -32.58 -9.80
C PHE A 128 8.25 -34.06 -9.78
N GLN A 129 9.23 -34.93 -9.99
CA GLN A 129 8.99 -36.36 -9.96
C GLN A 129 8.79 -36.82 -8.51
N LEU A 130 9.79 -36.55 -7.67
CA LEU A 130 9.73 -36.93 -6.26
C LEU A 130 8.58 -36.22 -5.55
N TYR A 131 8.22 -35.05 -6.07
CA TYR A 131 7.11 -34.27 -5.53
C TYR A 131 5.84 -35.10 -5.50
N LYS A 132 5.62 -35.85 -6.58
CA LYS A 132 4.44 -36.69 -6.71
C LYS A 132 4.54 -37.93 -5.83
N ASP A 133 5.74 -38.32 -5.46
CA ASP A 133 5.92 -39.49 -4.63
C ASP A 133 5.65 -39.17 -3.17
N LEU A 134 6.27 -38.10 -2.68
CA LEU A 134 6.11 -37.72 -1.28
C LEU A 134 4.95 -36.77 -1.01
N VAL A 135 5.00 -35.58 -1.60
CA VAL A 135 3.99 -34.56 -1.36
C VAL A 135 2.60 -34.99 -1.80
N VAL A 136 2.54 -35.85 -2.79
CA VAL A 136 1.25 -36.31 -3.31
C VAL A 136 0.72 -37.49 -2.49
N SER A 137 1.61 -38.28 -1.92
CA SER A 137 1.23 -39.42 -1.10
C SER A 137 1.02 -38.99 0.35
N GLN A 138 0.95 -37.68 0.56
CA GLN A 138 0.78 -37.10 1.88
C GLN A 138 1.84 -37.63 2.85
N VAL A 139 3.02 -37.89 2.31
CA VAL A 139 4.13 -38.42 3.09
C VAL A 139 4.69 -37.30 3.95
N ILE A 140 4.73 -36.11 3.36
CA ILE A 140 5.22 -34.91 4.00
C ILE A 140 4.58 -33.71 3.32
N SER A 141 4.70 -32.54 3.90
CA SER A 141 4.13 -31.35 3.30
C SER A 141 5.04 -30.87 2.16
N ALA A 142 4.50 -30.02 1.30
CA ALA A 142 5.26 -29.50 0.17
C ALA A 142 6.49 -28.74 0.63
N GLU A 143 6.34 -27.94 1.68
CA GLU A 143 7.42 -27.13 2.19
C GLU A 143 8.63 -27.94 2.64
N GLU A 144 8.40 -29.15 3.17
CA GLU A 144 9.51 -30.00 3.59
C GLU A 144 10.41 -30.34 2.42
N PHE A 145 9.79 -30.73 1.31
CA PHE A 145 10.52 -31.09 0.11
C PHE A 145 11.14 -29.84 -0.52
N TRP A 146 10.41 -28.74 -0.41
CA TRP A 146 10.87 -27.47 -0.96
C TRP A 146 12.02 -26.89 -0.15
N ALA A 147 11.97 -27.10 1.16
CA ALA A 147 12.98 -26.60 2.08
C ALA A 147 14.38 -27.03 1.69
N ASN A 148 14.51 -28.30 1.29
CA ASN A 148 15.82 -28.83 0.93
C ASN A 148 16.13 -28.67 -0.56
N ARG A 149 15.33 -27.90 -1.27
CA ARG A 149 15.57 -27.70 -2.70
C ARG A 149 15.67 -26.24 -3.06
N LEU A 150 14.76 -25.44 -2.53
CA LEU A 150 14.78 -23.99 -2.78
C LEU A 150 16.08 -23.40 -2.28
N ASN A 151 16.51 -23.89 -1.13
CA ASN A 151 17.75 -23.41 -0.53
C ASN A 151 18.98 -24.00 -1.19
N VAL A 152 18.82 -25.15 -1.83
CA VAL A 152 19.93 -25.81 -2.50
C VAL A 152 19.48 -26.85 -3.50
N ASN A 153 19.65 -26.53 -4.76
CA ASN A 153 19.35 -27.45 -5.84
C ASN A 153 20.68 -27.98 -6.35
N ALA A 154 21.09 -29.14 -5.89
CA ALA A 154 22.37 -29.71 -6.29
C ALA A 154 22.23 -30.76 -7.39
N THR A 155 23.38 -31.26 -7.84
CA THR A 155 23.47 -32.27 -8.89
C THR A 155 22.77 -33.56 -8.50
N ASP A 156 22.59 -33.72 -7.21
CA ASP A 156 21.95 -34.91 -6.64
C ASP A 156 20.60 -35.18 -7.32
N SER A 157 19.91 -34.12 -7.74
CA SER A 157 18.63 -34.26 -8.42
C SER A 157 18.79 -35.14 -9.66
N SER A 158 19.81 -34.85 -10.45
CA SER A 158 20.08 -35.59 -11.68
C SER A 158 20.49 -37.03 -11.39
N SER A 159 20.77 -37.33 -10.13
CA SER A 159 21.16 -38.67 -9.73
C SER A 159 20.01 -39.42 -9.06
N THR A 160 18.84 -38.79 -9.05
CA THR A 160 17.66 -39.38 -8.44
C THR A 160 16.52 -39.49 -9.46
N SER A 161 15.55 -40.34 -9.17
CA SER A 161 14.40 -40.52 -10.05
C SER A 161 13.21 -40.98 -9.21
N MET A 4 -1.26 7.18 17.99
CA MET A 4 -1.69 8.59 17.86
C MET A 4 -3.11 8.73 18.40
N ALA A 5 -3.54 9.96 18.65
CA ALA A 5 -4.89 10.22 19.15
C ALA A 5 -5.87 10.21 17.99
N THR A 6 -5.99 9.06 17.36
CA THR A 6 -6.87 8.89 16.21
C THR A 6 -7.72 7.63 16.39
N SER A 7 -8.40 7.23 15.33
CA SER A 7 -9.22 6.04 15.34
C SER A 7 -8.34 4.82 15.50
N SER A 8 -7.42 4.65 14.55
CA SER A 8 -6.49 3.54 14.57
C SER A 8 -5.36 3.74 13.56
N GLU A 9 -5.16 4.99 13.16
CA GLU A 9 -4.12 5.33 12.20
C GLU A 9 -3.22 6.43 12.72
N GLU A 10 -2.03 6.54 12.14
CA GLU A 10 -1.08 7.57 12.54
C GLU A 10 -0.90 8.54 11.39
N VAL A 11 -1.46 9.73 11.49
CA VAL A 11 -1.33 10.69 10.40
C VAL A 11 0.08 11.22 10.35
N LEU A 12 0.74 10.94 9.24
CA LEU A 12 2.10 11.39 9.07
C LEU A 12 2.22 12.64 8.21
N LEU A 13 1.42 12.76 7.17
CA LEU A 13 1.51 13.91 6.30
C LEU A 13 0.13 14.43 5.93
N ILE A 14 0.01 15.74 5.83
CA ILE A 14 -1.24 16.36 5.45
C ILE A 14 -1.05 17.14 4.16
N VAL A 15 -1.60 16.60 3.08
CA VAL A 15 -1.49 17.20 1.76
C VAL A 15 -2.82 17.86 1.38
N LYS A 16 -2.76 18.98 0.67
CA LYS A 16 -3.97 19.69 0.28
C LYS A 16 -4.09 19.81 -1.23
N LYS A 17 -5.32 20.10 -1.67
CA LYS A 17 -5.65 20.27 -3.07
C LYS A 17 -5.24 19.09 -3.93
N VAL A 18 -5.86 17.97 -3.66
CA VAL A 18 -5.62 16.74 -4.41
C VAL A 18 -6.96 16.28 -4.96
N ARG A 19 -7.07 16.19 -6.26
CA ARG A 19 -8.33 15.79 -6.86
C ARG A 19 -8.29 14.33 -7.31
N GLN A 20 -9.20 13.56 -6.75
CA GLN A 20 -9.35 12.16 -7.08
C GLN A 20 -10.82 11.91 -7.37
N LYS A 21 -11.10 11.06 -8.35
CA LYS A 21 -12.47 10.77 -8.74
C LYS A 21 -13.17 12.07 -9.17
N LYS A 22 -12.40 12.94 -9.83
CA LYS A 22 -12.88 14.22 -10.30
C LYS A 22 -13.29 15.13 -9.14
N GLN A 23 -12.73 14.88 -7.97
CA GLN A 23 -13.05 15.67 -6.78
C GLN A 23 -11.78 16.05 -6.02
N ASP A 24 -11.58 17.34 -5.84
CA ASP A 24 -10.42 17.88 -5.13
C ASP A 24 -10.68 17.88 -3.63
N GLY A 25 -9.66 17.54 -2.87
CA GLY A 25 -9.79 17.51 -1.44
C GLY A 25 -8.47 17.61 -0.72
N ALA A 26 -8.30 16.73 0.25
CA ALA A 26 -7.11 16.70 1.06
C ALA A 26 -6.66 15.26 1.25
N LEU A 27 -5.39 15.04 1.03
CA LEU A 27 -4.80 13.72 1.15
C LEU A 27 -4.02 13.60 2.45
N TYR A 28 -4.44 12.67 3.29
CA TYR A 28 -3.78 12.45 4.57
C TYR A 28 -2.97 11.16 4.55
N LEU A 29 -1.69 11.28 4.82
CA LEU A 29 -0.82 10.13 4.88
C LEU A 29 -0.78 9.58 6.28
N MET A 30 -0.74 8.28 6.39
CA MET A 30 -0.68 7.62 7.69
C MET A 30 0.51 6.67 7.70
N ALA A 31 0.95 6.30 8.89
CA ALA A 31 2.10 5.41 9.05
C ALA A 31 1.78 4.03 8.50
N GLU A 32 0.51 3.70 8.46
CA GLU A 32 0.08 2.40 8.01
C GLU A 32 -0.71 2.49 6.71
N ARG A 33 -0.99 3.68 6.20
CA ARG A 33 -1.81 3.76 5.00
C ARG A 33 -1.87 5.16 4.39
N ILE A 34 -2.67 5.27 3.36
CA ILE A 34 -2.90 6.53 2.65
C ILE A 34 -4.40 6.75 2.51
N ALA A 35 -4.88 7.86 3.00
CA ALA A 35 -6.31 8.15 2.92
C ALA A 35 -6.57 9.54 2.38
N TRP A 36 -7.41 9.61 1.38
CA TRP A 36 -7.75 10.88 0.76
C TRP A 36 -9.19 11.25 1.05
N ALA A 37 -9.37 12.52 1.39
CA ALA A 37 -10.66 13.08 1.71
C ALA A 37 -10.97 14.22 0.76
N PRO A 38 -12.25 14.47 0.44
CA PRO A 38 -12.64 15.56 -0.43
C PRO A 38 -12.86 16.86 0.35
N GLU A 39 -12.56 18.00 -0.27
CA GLU A 39 -12.73 19.27 0.41
C GLU A 39 -14.21 19.54 0.64
N GLY A 40 -14.60 19.60 1.89
CA GLY A 40 -15.99 19.86 2.22
C GLY A 40 -16.62 18.68 2.91
N LYS A 41 -15.81 17.66 3.14
CA LYS A 41 -16.30 16.46 3.79
C LYS A 41 -15.66 16.30 5.17
N ASP A 42 -16.07 15.24 5.83
CA ASP A 42 -15.63 14.93 7.18
C ASP A 42 -15.03 13.52 7.24
N ARG A 43 -14.72 12.96 6.08
CA ARG A 43 -14.18 11.61 6.04
C ARG A 43 -13.38 11.37 4.77
N PHE A 44 -12.57 10.32 4.80
CA PHE A 44 -11.78 9.95 3.64
C PHE A 44 -12.60 9.03 2.76
N THR A 45 -12.59 9.30 1.47
CA THR A 45 -13.33 8.47 0.53
C THR A 45 -12.39 7.47 -0.11
N ILE A 46 -11.12 7.62 0.24
CA ILE A 46 -10.07 6.75 -0.25
C ILE A 46 -9.19 6.34 0.91
N SER A 47 -8.98 5.05 1.08
CA SER A 47 -8.14 4.57 2.15
C SER A 47 -7.44 3.28 1.72
N HIS A 48 -6.17 3.38 1.37
CA HIS A 48 -5.40 2.21 0.96
C HIS A 48 -4.32 1.95 1.96
N MET A 49 -4.16 0.70 2.31
CA MET A 49 -3.12 0.32 3.22
C MET A 49 -1.86 0.15 2.40
N TYR A 50 -0.72 0.54 2.94
CA TYR A 50 0.54 0.37 2.23
C TYR A 50 0.68 -1.09 1.80
N ALA A 51 0.08 -1.96 2.60
CA ALA A 51 0.09 -3.38 2.36
C ALA A 51 -0.63 -3.73 1.04
N ASP A 52 -1.66 -2.96 0.71
CA ASP A 52 -2.44 -3.22 -0.49
C ASP A 52 -1.83 -2.52 -1.70
N ILE A 53 -1.04 -1.50 -1.44
CA ILE A 53 -0.42 -0.75 -2.52
C ILE A 53 0.81 -1.50 -3.01
N LYS A 54 0.85 -1.78 -4.30
CA LYS A 54 1.96 -2.51 -4.91
C LYS A 54 3.10 -1.57 -5.22
N CYS A 55 2.78 -0.48 -5.88
CA CYS A 55 3.79 0.49 -6.27
C CYS A 55 3.18 1.87 -6.51
N GLN A 56 4.03 2.85 -6.81
CA GLN A 56 3.57 4.20 -7.07
C GLN A 56 4.20 4.74 -8.35
N LYS A 57 3.45 5.57 -9.05
CA LYS A 57 3.88 6.17 -10.30
C LYS A 57 3.57 7.65 -10.27
N ILE A 58 4.58 8.49 -10.43
CA ILE A 58 4.37 9.93 -10.41
C ILE A 58 4.60 10.56 -11.77
N SER A 59 4.03 11.74 -11.96
CA SER A 59 4.17 12.46 -13.20
C SER A 59 5.54 13.17 -13.24
N PRO A 60 6.04 13.46 -14.44
CA PRO A 60 7.34 14.13 -14.61
C PRO A 60 7.46 15.41 -13.78
N GLU A 61 8.61 15.59 -13.15
CA GLU A 61 8.88 16.75 -12.33
C GLU A 61 8.91 18.03 -13.19
N GLY A 62 8.62 19.16 -12.56
CA GLY A 62 8.63 20.42 -13.27
C GLY A 62 7.39 20.63 -14.09
N LYS A 63 6.32 19.93 -13.74
CA LYS A 63 5.06 20.05 -14.45
C LYS A 63 3.99 20.54 -13.50
N ALA A 64 2.95 21.17 -14.03
CA ALA A 64 1.86 21.68 -13.22
C ALA A 64 0.98 20.56 -12.70
N LYS A 65 0.83 19.50 -13.49
CA LYS A 65 0.00 18.38 -13.11
C LYS A 65 0.76 17.41 -12.23
N ILE A 66 0.57 17.52 -10.93
CA ILE A 66 1.20 16.60 -10.01
C ILE A 66 0.32 15.36 -9.87
N GLN A 67 0.62 14.33 -10.63
CA GLN A 67 -0.20 13.14 -10.58
C GLN A 67 0.55 11.97 -9.95
N LEU A 68 -0.09 11.37 -8.96
CA LEU A 68 0.46 10.21 -8.25
C LEU A 68 -0.44 9.01 -8.49
N GLN A 69 0.12 7.89 -8.91
CA GLN A 69 -0.68 6.70 -9.16
C GLN A 69 -0.13 5.50 -8.37
N LEU A 70 -0.89 5.07 -7.36
CA LEU A 70 -0.49 3.94 -6.54
C LEU A 70 -1.13 2.66 -7.04
N VAL A 71 -0.40 1.87 -7.80
CA VAL A 71 -0.94 0.62 -8.29
C VAL A 71 -1.05 -0.34 -7.11
N LEU A 72 -2.18 -1.00 -6.95
CA LEU A 72 -2.35 -1.92 -5.85
C LEU A 72 -2.13 -3.36 -6.30
N HIS A 73 -1.88 -4.21 -5.32
CA HIS A 73 -1.63 -5.65 -5.55
C HIS A 73 -2.74 -6.37 -6.29
N ALA A 74 -4.00 -6.11 -5.95
CA ALA A 74 -5.12 -6.78 -6.60
C ALA A 74 -5.13 -6.47 -8.09
N GLY A 75 -4.45 -5.39 -8.44
CA GLY A 75 -4.36 -4.96 -9.81
C GLY A 75 -5.06 -3.65 -9.96
N ASP A 76 -5.10 -2.93 -8.85
CA ASP A 76 -5.77 -1.67 -8.80
C ASP A 76 -4.79 -0.56 -8.87
N THR A 77 -5.27 0.62 -8.61
CA THR A 77 -4.48 1.80 -8.65
C THR A 77 -5.12 2.93 -7.86
N THR A 78 -4.34 3.97 -7.65
CA THR A 78 -4.81 5.15 -6.94
C THR A 78 -4.19 6.39 -7.58
N ASN A 79 -4.93 7.07 -8.44
CA ASN A 79 -4.41 8.25 -9.11
C ASN A 79 -4.88 9.55 -8.47
N PHE A 80 -3.96 10.24 -7.83
CA PHE A 80 -4.23 11.52 -7.18
C PHE A 80 -3.69 12.67 -8.03
N HIS A 81 -4.48 13.73 -8.15
CA HIS A 81 -4.05 14.90 -8.89
C HIS A 81 -3.84 16.06 -7.94
N PHE A 82 -2.59 16.28 -7.56
CA PHE A 82 -2.24 17.36 -6.67
C PHE A 82 -2.31 18.68 -7.44
N SER A 83 -3.41 19.39 -7.29
CA SER A 83 -3.59 20.65 -7.98
C SER A 83 -3.33 21.83 -7.05
N ASN A 84 -2.23 21.73 -6.33
CA ASN A 84 -1.82 22.80 -5.44
C ASN A 84 -0.54 23.39 -5.98
N GLU A 85 -0.67 24.21 -7.04
CA GLU A 85 0.46 24.84 -7.73
C GLU A 85 1.55 25.36 -6.81
N SER A 86 1.20 25.66 -5.59
CA SER A 86 2.14 26.19 -4.64
C SER A 86 3.13 25.13 -4.15
N THR A 87 2.62 23.97 -3.72
CA THR A 87 3.49 22.93 -3.19
C THR A 87 3.23 21.53 -3.77
N ALA A 88 2.29 21.42 -4.71
CA ALA A 88 1.92 20.13 -5.31
C ALA A 88 3.14 19.26 -5.61
N VAL A 89 4.11 19.84 -6.29
CA VAL A 89 5.33 19.12 -6.64
C VAL A 89 6.08 18.58 -5.40
N LYS A 90 6.29 19.40 -4.38
CA LYS A 90 7.00 18.95 -3.19
C LYS A 90 6.08 18.13 -2.27
N GLU A 91 4.78 18.35 -2.41
CA GLU A 91 3.80 17.60 -1.62
C GLU A 91 3.83 16.15 -2.07
N ARG A 92 3.88 15.94 -3.39
CA ARG A 92 3.95 14.60 -3.93
C ARG A 92 5.30 14.00 -3.60
N ASP A 93 6.30 14.86 -3.45
CA ASP A 93 7.64 14.42 -3.08
C ASP A 93 7.62 13.76 -1.72
N ALA A 94 7.22 14.51 -0.71
CA ALA A 94 7.14 13.97 0.64
C ALA A 94 6.16 12.80 0.69
N VAL A 95 5.17 12.84 -0.20
CA VAL A 95 4.19 11.77 -0.28
C VAL A 95 4.84 10.52 -0.85
N LYS A 96 5.43 10.66 -2.02
CA LYS A 96 6.10 9.56 -2.69
C LYS A 96 7.16 8.97 -1.75
N ASP A 97 7.81 9.85 -1.03
CA ASP A 97 8.85 9.49 -0.09
C ASP A 97 8.29 8.76 1.14
N LEU A 98 7.21 9.29 1.71
CA LEU A 98 6.61 8.68 2.88
C LEU A 98 5.97 7.34 2.53
N LEU A 99 5.24 7.30 1.43
CA LEU A 99 4.59 6.07 1.01
C LEU A 99 5.63 5.02 0.73
N GLN A 100 6.61 5.35 -0.11
CA GLN A 100 7.67 4.40 -0.46
C GLN A 100 8.48 4.06 0.78
N GLN A 101 8.31 4.82 1.85
CA GLN A 101 9.02 4.54 3.09
C GLN A 101 8.24 3.49 3.89
N LEU A 102 6.93 3.66 3.96
CA LEU A 102 6.08 2.76 4.71
C LEU A 102 5.61 1.57 3.88
N LEU A 103 5.61 1.76 2.56
CA LEU A 103 5.20 0.73 1.63
C LEU A 103 5.97 -0.58 1.79
N PRO A 104 7.30 -0.61 1.63
CA PRO A 104 8.08 -1.85 1.79
C PRO A 104 7.90 -2.48 3.17
N LYS A 105 7.44 -1.67 4.11
CA LYS A 105 7.23 -2.11 5.48
C LYS A 105 5.91 -2.83 5.64
N PHE A 106 4.82 -2.22 5.20
CA PHE A 106 3.49 -2.80 5.35
C PHE A 106 3.04 -3.60 4.15
N LYS A 107 3.57 -3.31 2.96
CA LYS A 107 3.15 -4.00 1.74
C LYS A 107 3.25 -5.52 1.88
N ARG A 108 2.30 -6.19 1.27
CA ARG A 108 2.22 -7.65 1.29
C ARG A 108 3.52 -8.29 0.81
N LYS A 109 4.00 -9.25 1.58
CA LYS A 109 5.22 -10.00 1.27
C LYS A 109 4.99 -11.45 1.66
N ALA A 110 5.09 -12.36 0.70
CA ALA A 110 4.88 -13.76 1.03
C ALA A 110 6.07 -14.33 1.77
N ASN A 111 6.01 -14.22 3.10
CA ASN A 111 7.05 -14.73 3.97
C ASN A 111 6.40 -15.34 5.20
N LYS A 112 6.85 -16.52 5.60
CA LYS A 112 6.29 -17.19 6.77
C LYS A 112 6.34 -16.27 7.99
N GLU A 113 7.55 -15.82 8.29
CA GLU A 113 7.79 -14.93 9.42
C GLU A 113 6.92 -13.68 9.33
N LEU A 114 7.01 -13.01 8.21
CA LEU A 114 6.27 -11.78 7.99
C LEU A 114 4.76 -11.96 8.06
N GLU A 115 4.26 -13.03 7.48
CA GLU A 115 2.82 -13.28 7.48
C GLU A 115 2.26 -13.51 8.88
N GLU A 116 2.92 -14.35 9.66
CA GLU A 116 2.46 -14.62 11.02
C GLU A 116 2.60 -13.36 11.89
N LYS A 117 3.67 -12.62 11.66
CA LYS A 117 3.92 -11.39 12.41
C LYS A 117 2.92 -10.31 12.03
N ASN A 118 2.64 -10.19 10.74
CA ASN A 118 1.68 -9.19 10.25
C ASN A 118 0.29 -9.46 10.80
N ARG A 119 0.01 -10.73 11.06
CA ARG A 119 -1.27 -11.13 11.61
C ARG A 119 -1.34 -10.89 13.12
N MET A 120 -0.19 -10.78 13.76
CA MET A 120 -0.14 -10.59 15.21
C MET A 120 -0.30 -9.12 15.50
N LEU A 121 0.08 -8.33 14.52
CA LEU A 121 -0.01 -6.89 14.56
C LEU A 121 -1.46 -6.44 14.63
N GLN A 122 -2.36 -7.32 14.19
CA GLN A 122 -3.79 -7.02 14.20
C GLN A 122 -4.42 -7.44 15.52
N GLU A 123 -3.75 -8.34 16.24
CA GLU A 123 -4.25 -8.83 17.52
C GLU A 123 -3.84 -7.92 18.66
N ASP A 124 -2.56 -7.54 18.67
CA ASP A 124 -2.02 -6.68 19.72
C ASP A 124 -1.94 -5.23 19.25
N PRO A 125 -2.81 -4.37 19.79
CA PRO A 125 -2.86 -2.95 19.45
C PRO A 125 -1.64 -2.18 19.95
N VAL A 126 -1.02 -2.69 21.01
CA VAL A 126 0.15 -2.04 21.60
C VAL A 126 1.37 -2.29 20.71
N LEU A 127 1.52 -3.55 20.31
CA LEU A 127 2.62 -3.97 19.46
C LEU A 127 2.65 -3.16 18.17
N PHE A 128 1.51 -3.12 17.48
CA PHE A 128 1.40 -2.39 16.23
C PHE A 128 1.53 -0.88 16.44
N GLN A 129 1.20 -0.40 17.64
CA GLN A 129 1.34 1.02 17.94
C GLN A 129 2.82 1.37 18.12
N LEU A 130 3.53 0.55 18.88
CA LEU A 130 4.95 0.76 19.12
C LEU A 130 5.74 0.55 17.83
N TYR A 131 5.19 -0.29 16.96
CA TYR A 131 5.80 -0.55 15.66
C TYR A 131 5.91 0.76 14.88
N LYS A 132 4.89 1.59 15.03
CA LYS A 132 4.82 2.88 14.37
C LYS A 132 5.79 3.88 14.99
N ASP A 133 6.16 3.64 16.23
CA ASP A 133 7.08 4.54 16.93
C ASP A 133 8.52 4.25 16.52
N LEU A 134 8.91 2.99 16.58
CA LEU A 134 10.27 2.61 16.26
C LEU A 134 10.51 2.29 14.78
N VAL A 135 9.84 1.27 14.27
CA VAL A 135 10.03 0.83 12.90
C VAL A 135 9.63 1.89 11.88
N VAL A 136 8.76 2.80 12.28
CA VAL A 136 8.33 3.86 11.37
C VAL A 136 9.31 5.02 11.40
N SER A 137 9.93 5.24 12.56
CA SER A 137 10.91 6.30 12.73
C SER A 137 12.30 5.82 12.33
N GLN A 138 12.37 4.63 11.74
CA GLN A 138 13.62 4.02 11.33
C GLN A 138 14.58 3.92 12.50
N VAL A 139 14.02 3.67 13.68
CA VAL A 139 14.80 3.54 14.90
C VAL A 139 15.48 2.18 14.91
N ILE A 140 14.72 1.20 14.42
CA ILE A 140 15.17 -0.18 14.30
C ILE A 140 14.27 -0.88 13.29
N SER A 141 14.63 -2.08 12.90
CA SER A 141 13.83 -2.83 11.94
C SER A 141 12.68 -3.53 12.67
N ALA A 142 11.81 -4.18 11.90
CA ALA A 142 10.67 -4.88 12.47
C ALA A 142 11.09 -6.07 13.31
N GLU A 143 12.13 -6.77 12.86
CA GLU A 143 12.60 -7.97 13.54
C GLU A 143 13.14 -7.66 14.94
N GLU A 144 13.80 -6.53 15.11
CA GLU A 144 14.33 -6.15 16.42
C GLU A 144 13.20 -6.02 17.43
N PHE A 145 12.11 -5.37 17.02
CA PHE A 145 10.97 -5.20 17.89
C PHE A 145 10.26 -6.53 18.08
N TRP A 146 10.26 -7.34 17.03
CA TRP A 146 9.62 -8.64 17.07
C TRP A 146 10.40 -9.61 17.93
N ALA A 147 11.71 -9.47 17.94
CA ALA A 147 12.59 -10.32 18.73
C ALA A 147 12.19 -10.31 20.21
N ASN A 148 11.63 -9.19 20.64
CA ASN A 148 11.21 -9.03 22.04
C ASN A 148 9.83 -9.62 22.29
N ARG A 149 9.00 -9.71 21.26
CA ARG A 149 7.63 -10.21 21.43
C ARG A 149 7.48 -11.66 21.00
N LEU A 150 8.29 -12.08 20.07
CA LEU A 150 8.24 -13.46 19.60
C LEU A 150 8.69 -14.42 20.69
N ASN A 151 9.79 -14.06 21.36
CA ASN A 151 10.33 -14.90 22.43
C ASN A 151 9.45 -14.88 23.68
N VAL A 152 8.58 -13.89 23.73
CA VAL A 152 7.63 -13.70 24.82
C VAL A 152 6.53 -12.80 24.35
N ASN A 153 5.36 -13.38 24.18
CA ASN A 153 4.21 -12.65 23.69
C ASN A 153 3.29 -12.26 24.83
N ALA A 154 3.45 -11.04 25.28
CA ALA A 154 2.62 -10.49 26.35
C ALA A 154 1.16 -10.44 25.91
N THR A 155 0.33 -11.24 26.55
CA THR A 155 -1.09 -11.31 26.22
C THR A 155 -1.86 -10.14 26.81
N ASP A 156 -1.27 -9.55 27.81
CA ASP A 156 -1.85 -8.41 28.51
C ASP A 156 -2.04 -7.24 27.57
N SER A 157 -1.02 -6.96 26.76
CA SER A 157 -1.07 -5.86 25.81
C SER A 157 -2.12 -6.12 24.73
N SER A 158 -2.33 -7.40 24.41
CA SER A 158 -3.31 -7.78 23.41
C SER A 158 -4.73 -7.70 23.98
N SER A 159 -4.81 -7.54 25.30
CA SER A 159 -6.08 -7.44 25.97
C SER A 159 -6.37 -5.99 26.37
N THR A 160 -5.59 -5.08 25.81
CA THR A 160 -5.78 -3.66 26.10
C THR A 160 -6.57 -2.98 25.00
N SER A 161 -7.31 -1.94 25.35
CA SER A 161 -8.11 -1.20 24.41
C SER A 161 -8.24 0.24 24.89
N MET A 4 2.09 4.11 13.60
CA MET A 4 3.22 3.25 13.96
C MET A 4 2.85 2.44 15.20
N ALA A 5 2.73 1.13 15.03
CA ALA A 5 2.34 0.22 16.12
C ALA A 5 0.88 0.49 16.51
N THR A 6 0.22 1.22 15.63
CA THR A 6 -1.18 1.58 15.81
C THR A 6 -2.06 0.52 15.18
N SER A 7 -3.37 0.70 15.23
CA SER A 7 -4.30 -0.23 14.62
C SER A 7 -3.99 -0.30 13.13
N SER A 8 -4.21 0.81 12.45
CA SER A 8 -3.93 0.92 11.03
C SER A 8 -4.00 2.36 10.55
N GLU A 9 -3.99 3.30 11.48
CA GLU A 9 -4.09 4.71 11.12
C GLU A 9 -3.30 5.62 12.06
N GLU A 10 -2.40 6.39 11.48
CA GLU A 10 -1.60 7.36 12.19
C GLU A 10 -1.24 8.43 11.18
N VAL A 11 -1.81 9.62 11.30
CA VAL A 11 -1.57 10.65 10.30
C VAL A 11 -0.16 11.19 10.35
N LEU A 12 0.55 10.96 9.27
CA LEU A 12 1.90 11.44 9.15
C LEU A 12 2.02 12.71 8.34
N LEU A 13 1.26 12.80 7.25
CA LEU A 13 1.33 13.97 6.38
C LEU A 13 -0.05 14.44 5.96
N ILE A 14 -0.21 15.74 5.80
CA ILE A 14 -1.49 16.30 5.38
C ILE A 14 -1.30 17.07 4.07
N VAL A 15 -1.78 16.48 3.00
CA VAL A 15 -1.67 17.06 1.65
C VAL A 15 -2.96 17.78 1.29
N LYS A 16 -2.87 18.89 0.56
CA LYS A 16 -4.04 19.66 0.17
C LYS A 16 -4.22 19.77 -1.34
N LYS A 17 -5.41 20.23 -1.73
CA LYS A 17 -5.81 20.39 -3.12
C LYS A 17 -5.40 19.22 -4.00
N VAL A 18 -5.97 18.06 -3.68
CA VAL A 18 -5.71 16.85 -4.43
C VAL A 18 -7.01 16.37 -5.05
N ARG A 19 -7.08 16.40 -6.36
CA ARG A 19 -8.30 15.99 -7.05
C ARG A 19 -8.32 14.51 -7.34
N GLN A 20 -9.26 13.84 -6.73
CA GLN A 20 -9.49 12.43 -6.95
C GLN A 20 -10.96 12.26 -7.29
N LYS A 21 -11.26 11.40 -8.25
CA LYS A 21 -12.63 11.19 -8.70
C LYS A 21 -13.22 12.51 -9.21
N LYS A 22 -12.33 13.36 -9.75
CA LYS A 22 -12.67 14.66 -10.31
C LYS A 22 -12.88 15.74 -9.23
N GLN A 23 -12.58 15.42 -7.98
CA GLN A 23 -12.79 16.38 -6.89
C GLN A 23 -11.56 16.49 -6.00
N ASP A 24 -11.10 17.71 -5.79
CA ASP A 24 -9.96 17.98 -4.94
C ASP A 24 -10.36 18.06 -3.49
N GLY A 25 -9.40 17.80 -2.64
CA GLY A 25 -9.60 17.84 -1.23
C GLY A 25 -8.31 17.79 -0.50
N ALA A 26 -8.19 16.84 0.40
CA ALA A 26 -6.99 16.71 1.18
C ALA A 26 -6.64 15.24 1.37
N LEU A 27 -5.38 14.96 1.14
CA LEU A 27 -4.82 13.63 1.24
C LEU A 27 -4.08 13.49 2.56
N TYR A 28 -4.56 12.58 3.40
CA TYR A 28 -3.95 12.35 4.68
C TYR A 28 -3.11 11.09 4.67
N LEU A 29 -1.81 11.26 4.81
CA LEU A 29 -0.91 10.14 4.86
C LEU A 29 -0.88 9.58 6.26
N MET A 30 -0.80 8.28 6.36
CA MET A 30 -0.75 7.61 7.64
C MET A 30 0.42 6.66 7.69
N ALA A 31 0.90 6.35 8.88
CA ALA A 31 2.03 5.44 9.05
C ALA A 31 1.74 4.07 8.52
N GLU A 32 0.47 3.72 8.50
CA GLU A 32 0.06 2.41 8.08
C GLU A 32 -0.80 2.45 6.81
N ARG A 33 -1.15 3.64 6.33
CA ARG A 33 -2.02 3.70 5.16
C ARG A 33 -2.08 5.09 4.54
N ILE A 34 -2.84 5.19 3.47
CA ILE A 34 -3.03 6.45 2.77
C ILE A 34 -4.53 6.69 2.61
N ALA A 35 -5.01 7.82 3.08
CA ALA A 35 -6.43 8.13 2.99
C ALA A 35 -6.67 9.51 2.41
N TRP A 36 -7.45 9.58 1.35
CA TRP A 36 -7.76 10.85 0.73
C TRP A 36 -9.21 11.23 0.95
N ALA A 37 -9.42 12.52 1.13
CA ALA A 37 -10.73 13.08 1.38
C ALA A 37 -10.99 14.30 0.48
N PRO A 38 -12.20 14.42 -0.10
CA PRO A 38 -12.55 15.55 -0.97
C PRO A 38 -12.91 16.77 -0.12
N GLU A 39 -12.58 17.96 -0.55
CA GLU A 39 -12.88 19.14 0.25
C GLU A 39 -14.39 19.33 0.42
N GLY A 40 -14.80 19.26 1.67
CA GLY A 40 -16.21 19.36 2.02
C GLY A 40 -16.67 18.03 2.54
N LYS A 41 -15.70 17.30 3.09
CA LYS A 41 -15.91 15.98 3.61
C LYS A 41 -15.78 15.92 5.12
N ASP A 42 -16.25 14.81 5.65
CA ASP A 42 -16.15 14.52 7.06
C ASP A 42 -15.47 13.16 7.22
N ARG A 43 -15.09 12.59 6.08
CA ARG A 43 -14.46 11.28 6.05
C ARG A 43 -13.59 11.13 4.82
N PHE A 44 -12.83 10.05 4.76
CA PHE A 44 -11.97 9.78 3.62
C PHE A 44 -12.70 8.84 2.68
N THR A 45 -12.68 9.15 1.41
CA THR A 45 -13.35 8.33 0.42
C THR A 45 -12.37 7.32 -0.17
N ILE A 46 -11.12 7.50 0.20
CA ILE A 46 -10.05 6.64 -0.25
C ILE A 46 -9.19 6.23 0.93
N SER A 47 -9.00 4.94 1.12
CA SER A 47 -8.18 4.45 2.21
C SER A 47 -7.49 3.16 1.81
N HIS A 48 -6.22 3.24 1.48
CA HIS A 48 -5.45 2.07 1.10
C HIS A 48 -4.37 1.82 2.10
N MET A 49 -4.16 0.57 2.43
CA MET A 49 -3.12 0.21 3.33
C MET A 49 -1.87 0.00 2.50
N TYR A 50 -0.73 0.38 3.03
CA TYR A 50 0.53 0.21 2.30
C TYR A 50 0.71 -1.26 1.89
N ALA A 51 0.10 -2.16 2.64
CA ALA A 51 0.19 -3.58 2.36
C ALA A 51 -0.56 -3.93 1.07
N ASP A 52 -1.53 -3.09 0.71
CA ASP A 52 -2.32 -3.31 -0.51
C ASP A 52 -1.71 -2.58 -1.68
N ILE A 53 -0.94 -1.54 -1.39
CA ILE A 53 -0.32 -0.76 -2.45
C ILE A 53 0.95 -1.45 -2.93
N LYS A 54 1.01 -1.71 -4.22
CA LYS A 54 2.15 -2.39 -4.82
C LYS A 54 3.25 -1.41 -5.16
N CYS A 55 2.89 -0.39 -5.91
CA CYS A 55 3.88 0.61 -6.33
C CYS A 55 3.26 1.99 -6.50
N GLN A 56 4.12 2.98 -6.76
CA GLN A 56 3.68 4.35 -6.95
C GLN A 56 4.30 4.97 -8.18
N LYS A 57 3.49 5.69 -8.92
CA LYS A 57 3.92 6.37 -10.13
C LYS A 57 3.65 7.85 -10.00
N ILE A 58 4.51 8.65 -10.58
CA ILE A 58 4.34 10.09 -10.56
C ILE A 58 4.52 10.68 -11.95
N SER A 59 3.85 11.79 -12.22
CA SER A 59 3.94 12.44 -13.51
C SER A 59 5.27 13.15 -13.69
N PRO A 60 5.73 13.31 -14.94
CA PRO A 60 6.99 13.98 -15.24
C PRO A 60 7.05 15.39 -14.64
N GLU A 61 8.16 15.70 -13.99
CA GLU A 61 8.35 16.99 -13.35
C GLU A 61 8.39 18.12 -14.38
N GLY A 62 8.17 19.34 -13.92
CA GLY A 62 8.19 20.49 -14.78
C GLY A 62 6.87 20.67 -15.50
N LYS A 63 5.82 20.07 -14.93
CA LYS A 63 4.49 20.17 -15.50
C LYS A 63 3.54 20.77 -14.49
N ALA A 64 2.40 21.26 -14.97
CA ALA A 64 1.40 21.87 -14.10
C ALA A 64 0.40 20.84 -13.60
N LYS A 65 0.80 19.57 -13.62
CA LYS A 65 -0.08 18.49 -13.18
C LYS A 65 0.69 17.49 -12.34
N ILE A 66 0.56 17.62 -11.03
CA ILE A 66 1.20 16.67 -10.13
C ILE A 66 0.31 15.45 -9.99
N GLN A 67 0.58 14.41 -10.75
CA GLN A 67 -0.25 13.22 -10.68
C GLN A 67 0.49 12.06 -10.05
N LEU A 68 -0.17 11.41 -9.11
CA LEU A 68 0.38 10.25 -8.41
C LEU A 68 -0.50 9.05 -8.66
N GLN A 69 0.11 7.90 -8.90
CA GLN A 69 -0.63 6.68 -9.15
C GLN A 69 -0.10 5.53 -8.30
N LEU A 70 -0.89 5.10 -7.32
CA LEU A 70 -0.50 3.98 -6.46
C LEU A 70 -1.11 2.69 -6.96
N VAL A 71 -0.36 1.92 -7.72
CA VAL A 71 -0.86 0.65 -8.21
C VAL A 71 -0.94 -0.33 -7.06
N LEU A 72 -2.06 -0.98 -6.89
CA LEU A 72 -2.22 -1.93 -5.81
C LEU A 72 -1.97 -3.36 -6.28
N HIS A 73 -1.69 -4.23 -5.34
CA HIS A 73 -1.41 -5.66 -5.61
C HIS A 73 -2.52 -6.39 -6.35
N ALA A 74 -3.76 -6.14 -5.98
CA ALA A 74 -4.88 -6.82 -6.62
C ALA A 74 -4.93 -6.50 -8.10
N GLY A 75 -4.27 -5.40 -8.45
CA GLY A 75 -4.20 -4.95 -9.81
C GLY A 75 -4.94 -3.65 -9.93
N ASP A 76 -4.96 -2.94 -8.81
CA ASP A 76 -5.67 -1.68 -8.75
C ASP A 76 -4.70 -0.56 -8.81
N THR A 77 -5.21 0.61 -8.54
CA THR A 77 -4.43 1.79 -8.58
C THR A 77 -5.08 2.91 -7.77
N THR A 78 -4.32 3.96 -7.55
CA THR A 78 -4.79 5.13 -6.83
C THR A 78 -4.24 6.37 -7.53
N ASN A 79 -5.08 7.00 -8.35
CA ASN A 79 -4.67 8.19 -9.08
C ASN A 79 -5.04 9.46 -8.33
N PHE A 80 -4.05 10.34 -8.14
CA PHE A 80 -4.24 11.59 -7.42
C PHE A 80 -3.74 12.77 -8.27
N HIS A 81 -4.48 13.86 -8.24
CA HIS A 81 -4.10 15.06 -8.97
C HIS A 81 -3.84 16.19 -7.98
N PHE A 82 -2.59 16.41 -7.67
CA PHE A 82 -2.20 17.47 -6.77
C PHE A 82 -2.28 18.80 -7.51
N SER A 83 -3.45 19.42 -7.44
CA SER A 83 -3.69 20.68 -8.11
C SER A 83 -3.31 21.87 -7.22
N ASN A 84 -2.43 21.62 -6.26
CA ASN A 84 -1.97 22.65 -5.36
C ASN A 84 -0.65 23.23 -5.87
N GLU A 85 -0.73 24.05 -6.91
CA GLU A 85 0.42 24.67 -7.55
C GLU A 85 1.49 25.20 -6.58
N SER A 86 1.07 25.49 -5.37
CA SER A 86 1.95 26.03 -4.35
C SER A 86 2.90 24.96 -3.80
N THR A 87 2.36 23.81 -3.43
CA THR A 87 3.19 22.75 -2.86
C THR A 87 2.92 21.37 -3.48
N ALA A 88 2.16 21.32 -4.57
CA ALA A 88 1.80 20.06 -5.24
C ALA A 88 3.01 19.15 -5.40
N VAL A 89 4.04 19.67 -6.04
CA VAL A 89 5.27 18.91 -6.25
C VAL A 89 5.92 18.46 -4.93
N LYS A 90 6.03 19.38 -3.98
CA LYS A 90 6.66 19.06 -2.69
C LYS A 90 5.80 18.12 -1.85
N GLU A 91 4.48 18.32 -1.89
CA GLU A 91 3.56 17.48 -1.14
C GLU A 91 3.60 16.07 -1.69
N ARG A 92 3.63 15.94 -3.02
CA ARG A 92 3.70 14.62 -3.64
C ARG A 92 5.07 14.02 -3.38
N ASP A 93 6.06 14.88 -3.18
CA ASP A 93 7.41 14.43 -2.89
C ASP A 93 7.48 13.77 -1.54
N ALA A 94 7.03 14.46 -0.51
CA ALA A 94 7.00 13.89 0.83
C ALA A 94 6.06 12.70 0.84
N VAL A 95 5.05 12.75 -0.03
CA VAL A 95 4.10 11.66 -0.17
C VAL A 95 4.80 10.45 -0.77
N LYS A 96 5.42 10.66 -1.93
CA LYS A 96 6.15 9.61 -2.63
C LYS A 96 7.18 9.00 -1.69
N ASP A 97 7.78 9.86 -0.88
CA ASP A 97 8.80 9.46 0.07
C ASP A 97 8.20 8.72 1.27
N LEU A 98 7.11 9.23 1.83
CA LEU A 98 6.48 8.61 2.98
C LEU A 98 5.87 7.26 2.62
N LEU A 99 5.15 7.22 1.51
CA LEU A 99 4.52 5.98 1.07
C LEU A 99 5.58 4.94 0.82
N GLN A 100 6.54 5.28 -0.03
CA GLN A 100 7.62 4.35 -0.37
C GLN A 100 8.44 4.00 0.88
N GLN A 101 8.23 4.76 1.95
CA GLN A 101 8.93 4.48 3.20
C GLN A 101 8.16 3.46 4.03
N LEU A 102 6.85 3.62 4.09
CA LEU A 102 6.00 2.73 4.87
C LEU A 102 5.54 1.53 4.03
N LEU A 103 5.57 1.70 2.71
CA LEU A 103 5.18 0.66 1.77
C LEU A 103 5.99 -0.64 1.93
N PRO A 104 7.34 -0.59 2.01
CA PRO A 104 8.14 -1.80 2.21
C PRO A 104 7.90 -2.39 3.58
N LYS A 105 7.59 -1.52 4.53
CA LYS A 105 7.31 -1.93 5.91
C LYS A 105 6.09 -2.85 5.93
N PHE A 106 5.11 -2.54 5.08
CA PHE A 106 3.88 -3.35 5.03
C PHE A 106 3.83 -4.22 3.78
N LYS A 107 4.98 -4.55 3.21
CA LYS A 107 4.98 -5.40 2.03
C LYS A 107 4.68 -6.84 2.43
N ARG A 108 3.70 -7.43 1.75
CA ARG A 108 3.29 -8.80 2.03
C ARG A 108 4.38 -9.80 1.64
N LYS A 109 5.25 -10.09 2.60
CA LYS A 109 6.35 -11.03 2.42
C LYS A 109 6.43 -11.89 3.67
N ALA A 110 6.77 -13.16 3.52
CA ALA A 110 6.84 -14.04 4.67
C ALA A 110 8.25 -14.06 5.25
N ASN A 111 8.49 -13.16 6.20
CA ASN A 111 9.76 -13.08 6.88
C ASN A 111 9.50 -12.81 8.35
N LYS A 112 9.03 -13.83 9.05
CA LYS A 112 8.69 -13.71 10.45
C LYS A 112 9.93 -13.43 11.29
N GLU A 113 11.04 -14.09 10.96
CA GLU A 113 12.27 -13.91 11.70
C GLU A 113 12.79 -12.47 11.56
N LEU A 114 12.73 -11.93 10.35
CA LEU A 114 13.20 -10.57 10.09
C LEU A 114 12.40 -9.55 10.90
N GLU A 115 11.10 -9.78 11.00
CA GLU A 115 10.23 -8.89 11.75
C GLU A 115 10.63 -8.91 13.23
N GLU A 116 10.78 -10.11 13.78
CA GLU A 116 11.16 -10.26 15.18
C GLU A 116 12.56 -9.71 15.42
N LYS A 117 13.46 -9.96 14.46
CA LYS A 117 14.83 -9.47 14.56
C LYS A 117 14.84 -7.95 14.71
N ASN A 118 14.23 -7.27 13.76
CA ASN A 118 14.17 -5.81 13.76
C ASN A 118 13.48 -5.27 15.02
N ARG A 119 12.37 -5.89 15.39
CA ARG A 119 11.60 -5.46 16.56
C ARG A 119 12.36 -5.70 17.87
N MET A 120 13.30 -6.62 17.87
CA MET A 120 14.06 -6.93 19.08
C MET A 120 15.18 -5.94 19.21
N LEU A 121 15.64 -5.50 18.06
CA LEU A 121 16.72 -4.54 17.93
C LEU A 121 16.27 -3.15 18.41
N GLN A 122 14.97 -2.94 18.44
CA GLN A 122 14.39 -1.67 18.84
C GLN A 122 14.26 -1.58 20.36
N GLU A 123 13.80 -2.67 20.99
CA GLU A 123 13.60 -2.69 22.45
C GLU A 123 14.93 -2.77 23.20
N ASP A 124 15.83 -3.61 22.74
CA ASP A 124 17.12 -3.79 23.40
C ASP A 124 18.24 -3.06 22.65
N PRO A 125 18.74 -1.97 23.23
CA PRO A 125 19.82 -1.17 22.64
C PRO A 125 21.16 -1.92 22.67
N VAL A 126 21.30 -2.83 23.63
CA VAL A 126 22.52 -3.60 23.77
C VAL A 126 22.55 -4.67 22.69
N LEU A 127 21.40 -5.29 22.49
CA LEU A 127 21.25 -6.33 21.48
C LEU A 127 21.64 -5.78 20.11
N PHE A 128 21.10 -4.60 19.80
CA PHE A 128 21.39 -3.95 18.54
C PHE A 128 22.85 -3.51 18.48
N GLN A 129 23.44 -3.20 19.63
CA GLN A 129 24.84 -2.82 19.68
C GLN A 129 25.72 -4.02 19.36
N LEU A 130 25.39 -5.17 19.98
CA LEU A 130 26.14 -6.40 19.76
C LEU A 130 26.05 -6.82 18.30
N TYR A 131 24.92 -6.49 17.67
CA TYR A 131 24.71 -6.78 16.26
C TYR A 131 25.74 -6.02 15.42
N LYS A 132 25.94 -4.76 15.79
CA LYS A 132 26.91 -3.90 15.10
C LYS A 132 28.34 -4.29 15.46
N ASP A 133 28.48 -4.94 16.61
CA ASP A 133 29.79 -5.34 17.08
C ASP A 133 30.27 -6.58 16.34
N LEU A 134 29.42 -7.60 16.26
CA LEU A 134 29.78 -8.84 15.60
C LEU A 134 29.44 -8.86 14.10
N VAL A 135 28.15 -8.78 13.80
CA VAL A 135 27.67 -8.86 12.42
C VAL A 135 28.25 -7.77 11.53
N VAL A 136 28.53 -6.63 12.10
CA VAL A 136 29.08 -5.52 11.31
C VAL A 136 30.59 -5.67 11.15
N SER A 137 31.25 -6.21 12.17
CA SER A 137 32.70 -6.42 12.12
C SER A 137 33.03 -7.67 11.31
N GLN A 138 32.01 -8.21 10.64
CA GLN A 138 32.16 -9.41 9.84
C GLN A 138 32.71 -10.56 10.68
N VAL A 139 32.34 -10.56 11.95
CA VAL A 139 32.77 -11.59 12.88
C VAL A 139 31.98 -12.87 12.62
N ILE A 140 30.71 -12.66 12.33
CA ILE A 140 29.77 -13.73 12.02
C ILE A 140 28.58 -13.12 11.30
N SER A 141 27.69 -13.95 10.78
CA SER A 141 26.52 -13.44 10.08
C SER A 141 25.43 -13.10 11.09
N ALA A 142 24.36 -12.47 10.60
CA ALA A 142 23.25 -12.08 11.46
C ALA A 142 22.55 -13.28 12.07
N GLU A 143 22.45 -14.35 11.29
CA GLU A 143 21.78 -15.57 11.74
C GLU A 143 22.46 -16.18 12.97
N GLU A 144 23.78 -16.28 12.94
CA GLU A 144 24.52 -16.85 14.07
C GLU A 144 24.24 -16.08 15.35
N PHE A 145 24.27 -14.76 15.24
CA PHE A 145 24.03 -13.89 16.38
C PHE A 145 22.59 -14.03 16.86
N TRP A 146 21.67 -14.04 15.91
CA TRP A 146 20.25 -14.14 16.21
C TRP A 146 19.86 -15.55 16.67
N ALA A 147 20.63 -16.54 16.27
CA ALA A 147 20.37 -17.92 16.64
C ALA A 147 20.28 -18.06 18.15
N ASN A 148 21.19 -17.39 18.86
CA ASN A 148 21.22 -17.45 20.32
C ASN A 148 20.45 -16.30 20.95
N ARG A 149 19.64 -15.60 20.17
CA ARG A 149 18.88 -14.47 20.71
C ARG A 149 17.39 -14.60 20.45
N LEU A 150 17.03 -15.06 19.27
CA LEU A 150 15.63 -15.24 18.92
C LEU A 150 15.00 -16.29 19.82
N ASN A 151 15.77 -17.33 20.08
CA ASN A 151 15.29 -18.42 20.94
C ASN A 151 15.42 -18.06 22.41
N VAL A 152 16.27 -17.08 22.71
CA VAL A 152 16.50 -16.61 24.07
C VAL A 152 17.23 -15.29 24.06
N ASN A 153 16.54 -14.25 24.42
CA ASN A 153 17.13 -12.93 24.49
C ASN A 153 17.40 -12.57 25.94
N ALA A 154 18.63 -12.79 26.36
CA ALA A 154 19.03 -12.47 27.72
C ALA A 154 20.16 -11.45 27.70
N THR A 155 19.84 -10.22 28.08
CA THR A 155 20.82 -9.15 28.10
C THR A 155 21.79 -9.29 29.27
N ASP A 156 21.33 -10.04 30.24
CA ASP A 156 22.09 -10.31 31.47
C ASP A 156 23.44 -10.96 31.14
N SER A 157 23.38 -12.09 30.48
CA SER A 157 24.55 -12.86 30.10
C SER A 157 25.41 -12.10 29.08
N SER A 158 24.85 -11.07 28.48
CA SER A 158 25.57 -10.26 27.51
C SER A 158 26.31 -9.12 28.20
N SER A 159 26.00 -8.92 29.49
CA SER A 159 26.63 -7.87 30.27
C SER A 159 27.61 -8.46 31.28
N THR A 160 27.28 -9.64 31.79
CA THR A 160 28.14 -10.32 32.76
C THR A 160 27.95 -11.83 32.65
N SER A 161 28.97 -12.58 33.06
CA SER A 161 28.93 -14.03 33.02
C SER A 161 29.76 -14.58 34.17
N MET A 4 -8.65 10.69 11.50
CA MET A 4 -8.23 12.09 11.69
C MET A 4 -7.27 12.19 12.87
N ALA A 5 -6.03 12.60 12.59
CA ALA A 5 -4.99 12.73 13.60
C ALA A 5 -4.59 11.35 14.12
N THR A 6 -5.36 10.83 15.07
CA THR A 6 -5.09 9.52 15.64
C THR A 6 -6.39 8.76 15.91
N SER A 7 -7.12 8.46 14.84
CA SER A 7 -8.37 7.71 14.95
C SER A 7 -8.13 6.29 14.46
N SER A 8 -7.19 5.62 15.13
CA SER A 8 -6.77 4.26 14.78
C SER A 8 -5.88 4.32 13.54
N GLU A 9 -5.45 5.54 13.27
CA GLU A 9 -4.56 5.85 12.16
C GLU A 9 -3.67 7.00 12.59
N GLU A 10 -2.37 6.91 12.35
CA GLU A 10 -1.48 7.98 12.75
C GLU A 10 -1.21 8.86 11.56
N VAL A 11 -1.71 10.08 11.57
CA VAL A 11 -1.52 10.97 10.44
C VAL A 11 -0.09 11.42 10.38
N LEU A 12 0.59 11.02 9.32
CA LEU A 12 1.96 11.40 9.13
C LEU A 12 2.11 12.63 8.25
N LEU A 13 1.25 12.77 7.25
CA LEU A 13 1.36 13.92 6.36
C LEU A 13 -0.02 14.44 5.97
N ILE A 14 -0.11 15.74 5.78
CA ILE A 14 -1.36 16.36 5.37
C ILE A 14 -1.16 17.07 4.03
N VAL A 15 -1.69 16.47 2.98
CA VAL A 15 -1.57 17.00 1.63
C VAL A 15 -2.82 17.77 1.25
N LYS A 16 -2.65 18.82 0.44
CA LYS A 16 -3.78 19.65 0.02
C LYS A 16 -3.92 19.73 -1.48
N LYS A 17 -5.09 20.23 -1.90
CA LYS A 17 -5.45 20.39 -3.31
C LYS A 17 -5.07 19.18 -4.15
N VAL A 18 -5.71 18.07 -3.83
CA VAL A 18 -5.51 16.83 -4.55
C VAL A 18 -6.84 16.43 -5.16
N ARG A 19 -6.91 16.46 -6.47
CA ARG A 19 -8.16 16.14 -7.16
C ARG A 19 -8.22 14.68 -7.54
N GLN A 20 -9.19 13.99 -6.97
CA GLN A 20 -9.44 12.59 -7.26
C GLN A 20 -10.92 12.44 -7.56
N LYS A 21 -11.28 11.57 -8.51
CA LYS A 21 -12.67 11.38 -8.90
C LYS A 21 -13.30 12.71 -9.31
N LYS A 22 -12.50 13.54 -10.00
CA LYS A 22 -12.92 14.85 -10.46
C LYS A 22 -13.23 15.82 -9.31
N GLN A 23 -12.75 15.51 -8.11
CA GLN A 23 -12.98 16.39 -6.97
C GLN A 23 -11.71 16.50 -6.11
N ASP A 24 -11.22 17.71 -5.96
CA ASP A 24 -10.04 17.97 -5.16
C ASP A 24 -10.38 18.17 -3.70
N GLY A 25 -9.39 17.91 -2.88
CA GLY A 25 -9.55 18.05 -1.45
C GLY A 25 -8.21 17.99 -0.75
N ALA A 26 -8.08 17.04 0.15
CA ALA A 26 -6.85 16.90 0.90
C ALA A 26 -6.56 15.43 1.17
N LEU A 27 -5.32 15.07 0.95
CA LEU A 27 -4.84 13.73 1.13
C LEU A 27 -4.09 13.58 2.45
N TYR A 28 -4.57 12.68 3.29
CA TYR A 28 -3.96 12.44 4.58
C TYR A 28 -3.17 11.14 4.59
N LEU A 29 -1.91 11.24 4.97
CA LEU A 29 -1.05 10.08 5.05
C LEU A 29 -1.02 9.58 6.47
N MET A 30 -1.02 8.27 6.65
CA MET A 30 -0.97 7.67 7.97
C MET A 30 0.20 6.72 8.06
N ALA A 31 0.57 6.38 9.29
CA ALA A 31 1.70 5.48 9.55
C ALA A 31 1.49 4.10 8.98
N GLU A 32 0.24 3.74 8.73
CA GLU A 32 -0.08 2.42 8.22
C GLU A 32 -0.91 2.48 6.94
N ARG A 33 -1.23 3.68 6.46
CA ARG A 33 -2.09 3.75 5.28
C ARG A 33 -2.16 5.14 4.66
N ILE A 34 -2.87 5.23 3.56
CA ILE A 34 -3.06 6.48 2.85
C ILE A 34 -4.55 6.71 2.67
N ALA A 35 -5.02 7.90 2.99
CA ALA A 35 -6.43 8.22 2.87
C ALA A 35 -6.66 9.61 2.32
N TRP A 36 -7.38 9.69 1.22
CA TRP A 36 -7.67 10.97 0.60
C TRP A 36 -9.12 11.37 0.84
N ALA A 37 -9.30 12.65 1.09
CA ALA A 37 -10.60 13.23 1.36
C ALA A 37 -10.86 14.43 0.48
N PRO A 38 -12.10 14.62 0.00
CA PRO A 38 -12.45 15.77 -0.82
C PRO A 38 -12.66 16.98 0.09
N GLU A 39 -12.33 18.17 -0.38
CA GLU A 39 -12.49 19.34 0.47
C GLU A 39 -13.97 19.58 0.75
N GLY A 40 -14.31 19.49 2.03
CA GLY A 40 -15.68 19.68 2.46
C GLY A 40 -16.23 18.43 3.12
N LYS A 41 -15.47 17.34 3.06
CA LYS A 41 -15.91 16.10 3.68
C LYS A 41 -15.00 15.74 4.85
N ASP A 42 -15.62 15.22 5.89
CA ASP A 42 -14.94 14.81 7.11
C ASP A 42 -14.48 13.36 7.02
N ARG A 43 -14.85 12.68 5.94
CA ARG A 43 -14.50 11.28 5.78
C ARG A 43 -13.75 11.06 4.47
N PHE A 44 -12.66 10.30 4.56
CA PHE A 44 -11.86 9.99 3.39
C PHE A 44 -12.61 9.06 2.47
N THR A 45 -12.69 9.40 1.20
CA THR A 45 -13.37 8.56 0.22
C THR A 45 -12.41 7.51 -0.29
N ILE A 46 -11.14 7.74 -0.01
CA ILE A 46 -10.08 6.84 -0.42
C ILE A 46 -9.26 6.42 0.79
N SER A 47 -9.09 5.13 0.98
CA SER A 47 -8.30 4.63 2.10
C SER A 47 -7.64 3.32 1.71
N HIS A 48 -6.34 3.37 1.46
CA HIS A 48 -5.58 2.18 1.09
C HIS A 48 -4.54 1.87 2.13
N MET A 49 -4.35 0.60 2.38
CA MET A 49 -3.36 0.16 3.32
C MET A 49 -2.05 0.03 2.55
N TYR A 50 -0.95 0.41 3.17
CA TYR A 50 0.35 0.30 2.51
C TYR A 50 0.59 -1.16 2.08
N ALA A 51 0.03 -2.08 2.84
CA ALA A 51 0.15 -3.50 2.55
C ALA A 51 -0.58 -3.87 1.25
N ASP A 52 -1.47 -2.99 0.80
CA ASP A 52 -2.24 -3.22 -0.41
C ASP A 52 -1.67 -2.46 -1.59
N ILE A 53 -0.94 -1.38 -1.33
CA ILE A 53 -0.36 -0.58 -2.39
C ILE A 53 0.98 -1.19 -2.80
N LYS A 54 1.05 -1.63 -4.04
CA LYS A 54 2.25 -2.26 -4.58
C LYS A 54 3.32 -1.24 -4.91
N CYS A 55 2.94 -0.27 -5.72
CA CYS A 55 3.90 0.76 -6.15
C CYS A 55 3.21 2.10 -6.42
N GLN A 56 4.01 3.07 -6.86
CA GLN A 56 3.52 4.41 -7.17
C GLN A 56 4.13 4.92 -8.47
N LYS A 57 3.44 5.84 -9.12
CA LYS A 57 3.88 6.43 -10.38
C LYS A 57 3.62 7.93 -10.37
N ILE A 58 4.67 8.72 -10.51
CA ILE A 58 4.51 10.17 -10.51
C ILE A 58 4.77 10.77 -11.89
N SER A 59 4.12 11.90 -12.15
CA SER A 59 4.28 12.60 -13.41
C SER A 59 5.56 13.44 -13.39
N PRO A 60 6.31 13.45 -14.51
CA PRO A 60 7.55 14.21 -14.62
C PRO A 60 7.34 15.73 -14.51
N GLU A 61 8.26 16.38 -13.83
CA GLU A 61 8.24 17.82 -13.62
C GLU A 61 8.19 18.60 -14.93
N GLY A 62 7.80 19.86 -14.85
CA GLY A 62 7.71 20.70 -16.03
C GLY A 62 6.28 20.92 -16.45
N LYS A 63 5.37 20.25 -15.76
CA LYS A 63 3.94 20.36 -16.04
C LYS A 63 3.22 20.84 -14.80
N ALA A 64 2.10 21.51 -15.00
CA ALA A 64 1.30 22.01 -13.88
C ALA A 64 0.34 20.94 -13.38
N LYS A 65 0.75 19.69 -13.51
CA LYS A 65 -0.06 18.56 -13.09
C LYS A 65 0.76 17.57 -12.30
N ILE A 66 0.68 17.63 -10.98
CA ILE A 66 1.41 16.68 -10.16
C ILE A 66 0.54 15.45 -9.96
N GLN A 67 0.66 14.51 -10.87
CA GLN A 67 -0.15 13.32 -10.79
C GLN A 67 0.62 12.16 -10.16
N LEU A 68 0.05 11.64 -9.08
CA LEU A 68 0.62 10.51 -8.36
C LEU A 68 -0.33 9.34 -8.50
N GLN A 69 0.14 8.26 -9.11
CA GLN A 69 -0.72 7.10 -9.29
C GLN A 69 -0.13 5.85 -8.63
N LEU A 70 -0.77 5.43 -7.56
CA LEU A 70 -0.36 4.24 -6.84
C LEU A 70 -0.96 3.03 -7.55
N VAL A 71 -0.36 1.88 -7.37
CA VAL A 71 -0.87 0.65 -7.95
C VAL A 71 -0.97 -0.36 -6.84
N LEU A 72 -2.11 -1.00 -6.69
CA LEU A 72 -2.28 -1.95 -5.63
C LEU A 72 -2.00 -3.37 -6.11
N HIS A 73 -1.61 -4.22 -5.18
CA HIS A 73 -1.29 -5.64 -5.45
C HIS A 73 -2.38 -6.39 -6.18
N ALA A 74 -3.64 -6.18 -5.81
CA ALA A 74 -4.74 -6.89 -6.45
C ALA A 74 -4.79 -6.57 -7.93
N GLY A 75 -4.22 -5.43 -8.28
CA GLY A 75 -4.19 -4.99 -9.65
C GLY A 75 -4.93 -3.70 -9.76
N ASP A 76 -4.98 -2.99 -8.65
CA ASP A 76 -5.69 -1.73 -8.58
C ASP A 76 -4.74 -0.61 -8.63
N THR A 77 -5.26 0.56 -8.37
CA THR A 77 -4.47 1.74 -8.39
C THR A 77 -5.07 2.86 -7.55
N THR A 78 -4.34 3.96 -7.46
CA THR A 78 -4.77 5.14 -6.73
C THR A 78 -4.23 6.38 -7.41
N ASN A 79 -5.06 7.04 -8.20
CA ASN A 79 -4.65 8.25 -8.91
C ASN A 79 -4.94 9.51 -8.11
N PHE A 80 -3.97 10.42 -8.07
CA PHE A 80 -4.10 11.68 -7.33
C PHE A 80 -3.55 12.83 -8.16
N HIS A 81 -4.30 13.92 -8.21
CA HIS A 81 -3.86 15.11 -8.95
C HIS A 81 -3.58 16.26 -8.01
N PHE A 82 -2.31 16.45 -7.68
CA PHE A 82 -1.89 17.53 -6.82
C PHE A 82 -1.85 18.80 -7.67
N SER A 83 -2.70 19.75 -7.36
CA SER A 83 -2.76 20.98 -8.15
C SER A 83 -2.44 22.22 -7.32
N ASN A 84 -1.93 22.01 -6.11
CA ASN A 84 -1.56 23.13 -5.25
C ASN A 84 -0.20 23.64 -5.70
N GLU A 85 -0.21 24.57 -6.65
CA GLU A 85 1.00 25.15 -7.25
C GLU A 85 2.14 25.45 -6.25
N SER A 86 1.79 25.69 -5.00
CA SER A 86 2.76 26.02 -3.98
C SER A 86 3.51 24.79 -3.47
N THR A 87 2.78 23.70 -3.19
CA THR A 87 3.42 22.51 -2.65
C THR A 87 3.01 21.23 -3.37
N ALA A 88 2.31 21.34 -4.50
CA ALA A 88 1.86 20.17 -5.26
C ALA A 88 2.97 19.16 -5.46
N VAL A 89 4.07 19.62 -6.03
CA VAL A 89 5.23 18.76 -6.26
C VAL A 89 5.83 18.26 -4.93
N LYS A 90 6.18 19.18 -4.04
CA LYS A 90 6.81 18.84 -2.76
C LYS A 90 5.94 17.92 -1.88
N GLU A 91 4.65 18.20 -1.80
CA GLU A 91 3.75 17.37 -1.00
C GLU A 91 3.67 15.99 -1.62
N ARG A 92 3.67 15.94 -2.95
CA ARG A 92 3.64 14.68 -3.67
C ARG A 92 4.95 13.95 -3.42
N ASP A 93 6.01 14.72 -3.30
CA ASP A 93 7.34 14.19 -3.03
C ASP A 93 7.42 13.56 -1.66
N ALA A 94 7.05 14.30 -0.63
CA ALA A 94 7.06 13.77 0.73
C ALA A 94 6.11 12.58 0.79
N VAL A 95 5.05 12.65 -0.01
CA VAL A 95 4.08 11.56 -0.10
C VAL A 95 4.76 10.35 -0.72
N LYS A 96 5.36 10.56 -1.88
CA LYS A 96 6.08 9.51 -2.60
C LYS A 96 7.10 8.87 -1.67
N ASP A 97 7.74 9.71 -0.88
CA ASP A 97 8.75 9.31 0.06
C ASP A 97 8.17 8.57 1.26
N LEU A 98 7.11 9.11 1.84
CA LEU A 98 6.48 8.50 3.00
C LEU A 98 5.86 7.16 2.64
N LEU A 99 5.12 7.13 1.53
CA LEU A 99 4.49 5.91 1.09
C LEU A 99 5.53 4.86 0.83
N GLN A 100 6.47 5.17 -0.05
CA GLN A 100 7.53 4.23 -0.40
C GLN A 100 8.34 3.85 0.84
N GLN A 101 8.16 4.61 1.92
CA GLN A 101 8.86 4.31 3.16
C GLN A 101 8.06 3.28 3.99
N LEU A 102 6.76 3.50 4.10
CA LEU A 102 5.89 2.63 4.88
C LEU A 102 5.34 1.48 4.03
N LEU A 103 5.35 1.67 2.72
CA LEU A 103 4.85 0.68 1.76
C LEU A 103 5.57 -0.68 1.86
N PRO A 104 6.92 -0.72 1.82
CA PRO A 104 7.66 -1.99 1.94
C PRO A 104 7.56 -2.54 3.35
N LYS A 105 7.31 -1.65 4.30
CA LYS A 105 7.18 -2.03 5.69
C LYS A 105 5.95 -2.89 5.89
N PHE A 106 4.80 -2.38 5.44
CA PHE A 106 3.54 -3.10 5.58
C PHE A 106 3.33 -4.12 4.46
N LYS A 107 4.20 -4.08 3.45
CA LYS A 107 4.12 -4.99 2.32
C LYS A 107 3.99 -6.43 2.81
N ARG A 108 2.96 -7.11 2.34
CA ARG A 108 2.71 -8.49 2.74
C ARG A 108 3.74 -9.44 2.11
N LYS A 109 4.57 -10.03 2.96
CA LYS A 109 5.60 -10.95 2.49
C LYS A 109 5.06 -12.37 2.53
N ALA A 110 4.64 -12.87 1.38
CA ALA A 110 4.12 -14.23 1.30
C ALA A 110 5.26 -15.21 1.06
N ASN A 111 5.80 -15.74 2.14
CA ASN A 111 6.90 -16.68 2.04
C ASN A 111 6.41 -18.10 2.26
N LYS A 112 6.91 -19.01 1.44
CA LYS A 112 6.50 -20.41 1.49
C LYS A 112 7.01 -21.10 2.75
N GLU A 113 8.20 -20.72 3.21
CA GLU A 113 8.74 -21.32 4.41
C GLU A 113 7.88 -20.92 5.61
N LEU A 114 7.41 -19.67 5.60
CA LEU A 114 6.56 -19.17 6.65
C LEU A 114 5.20 -19.85 6.59
N GLU A 115 4.72 -20.11 5.37
CA GLU A 115 3.44 -20.78 5.16
C GLU A 115 3.49 -22.16 5.81
N GLU A 116 4.59 -22.87 5.56
CA GLU A 116 4.79 -24.19 6.14
C GLU A 116 4.82 -24.09 7.66
N LYS A 117 5.54 -23.09 8.17
CA LYS A 117 5.67 -22.87 9.60
C LYS A 117 4.30 -22.63 10.23
N ASN A 118 3.53 -21.72 9.64
CA ASN A 118 2.22 -21.37 10.14
C ASN A 118 1.27 -22.57 10.22
N ARG A 119 1.26 -23.37 9.17
CA ARG A 119 0.40 -24.54 9.10
C ARG A 119 0.94 -25.70 9.93
N MET A 120 2.23 -25.70 10.23
CA MET A 120 2.85 -26.79 10.98
C MET A 120 2.48 -26.62 12.43
N LEU A 121 2.32 -25.37 12.80
CA LEU A 121 1.93 -24.98 14.13
C LEU A 121 0.52 -25.45 14.45
N GLN A 122 -0.24 -25.74 13.40
CA GLN A 122 -1.61 -26.22 13.54
C GLN A 122 -1.67 -27.74 13.48
N GLU A 123 -0.63 -28.35 12.92
CA GLU A 123 -0.55 -29.80 12.81
C GLU A 123 -0.08 -30.42 14.12
N ASP A 124 0.99 -29.86 14.66
CA ASP A 124 1.54 -30.37 15.90
C ASP A 124 1.30 -29.41 17.06
N PRO A 125 0.45 -29.82 18.02
CA PRO A 125 0.11 -29.00 19.19
C PRO A 125 1.29 -28.83 20.13
N VAL A 126 2.20 -29.80 20.11
CA VAL A 126 3.38 -29.78 20.97
C VAL A 126 4.37 -28.76 20.42
N LEU A 127 4.50 -28.74 19.11
CA LEU A 127 5.38 -27.80 18.43
C LEU A 127 4.99 -26.37 18.77
N PHE A 128 3.72 -26.06 18.58
CA PHE A 128 3.22 -24.72 18.88
C PHE A 128 3.28 -24.45 20.39
N GLN A 129 3.23 -25.51 21.19
CA GLN A 129 3.33 -25.37 22.63
C GLN A 129 4.75 -24.94 23.00
N LEU A 130 5.73 -25.71 22.55
CA LEU A 130 7.13 -25.42 22.83
C LEU A 130 7.56 -24.11 22.18
N TYR A 131 6.86 -23.73 21.12
CA TYR A 131 7.13 -22.48 20.43
C TYR A 131 6.92 -21.32 21.40
N LYS A 132 5.81 -21.38 22.12
CA LYS A 132 5.48 -20.36 23.10
C LYS A 132 6.33 -20.53 24.35
N ASP A 133 6.82 -21.73 24.54
CA ASP A 133 7.63 -22.03 25.71
C ASP A 133 9.03 -21.45 25.56
N LEU A 134 9.66 -21.71 24.43
CA LEU A 134 11.01 -21.21 24.16
C LEU A 134 11.04 -19.85 23.49
N VAL A 135 10.51 -19.78 22.27
CA VAL A 135 10.53 -18.57 21.46
C VAL A 135 9.84 -17.39 22.14
N VAL A 136 8.82 -17.67 22.92
CA VAL A 136 8.08 -16.60 23.60
C VAL A 136 8.80 -16.18 24.87
N SER A 137 9.52 -17.11 25.48
CA SER A 137 10.29 -16.83 26.69
C SER A 137 11.63 -16.22 26.34
N GLN A 138 11.80 -15.87 25.07
CA GLN A 138 13.03 -15.30 24.56
C GLN A 138 14.21 -16.22 24.86
N VAL A 139 13.94 -17.52 24.84
CA VAL A 139 14.96 -18.52 25.11
C VAL A 139 15.84 -18.68 23.88
N ILE A 140 15.19 -18.62 22.72
CA ILE A 140 15.83 -18.73 21.42
C ILE A 140 14.91 -18.10 20.39
N SER A 141 15.40 -17.92 19.17
CA SER A 141 14.58 -17.33 18.13
C SER A 141 13.67 -18.41 17.55
N ALA A 142 12.70 -17.98 16.75
CA ALA A 142 11.74 -18.90 16.15
C ALA A 142 12.43 -19.89 15.21
N GLU A 143 13.34 -19.38 14.40
CA GLU A 143 14.06 -20.21 13.43
C GLU A 143 14.86 -21.34 14.08
N GLU A 144 15.38 -21.12 15.27
CA GLU A 144 16.15 -22.16 15.96
C GLU A 144 15.25 -23.36 16.23
N PHE A 145 14.06 -23.10 16.71
CA PHE A 145 13.10 -24.16 17.00
C PHE A 145 12.56 -24.72 15.68
N TRP A 146 12.39 -23.84 14.71
CA TRP A 146 11.88 -24.22 13.41
C TRP A 146 12.90 -25.06 12.64
N ALA A 147 14.17 -24.85 12.95
CA ALA A 147 15.25 -25.60 12.32
C ALA A 147 15.10 -27.08 12.62
N ASN A 148 14.47 -27.38 13.75
CA ASN A 148 14.25 -28.75 14.20
C ASN A 148 12.97 -29.35 13.61
N ARG A 149 12.15 -28.52 12.99
CA ARG A 149 10.88 -29.01 12.44
C ARG A 149 10.79 -28.90 10.93
N LEU A 150 11.25 -27.80 10.40
CA LEU A 150 11.22 -27.58 8.95
C LEU A 150 12.04 -28.65 8.25
N ASN A 151 13.16 -29.01 8.87
CA ASN A 151 14.04 -30.03 8.30
C ASN A 151 13.48 -31.44 8.52
N VAL A 152 12.63 -31.56 9.53
CA VAL A 152 11.98 -32.83 9.88
C VAL A 152 10.82 -32.55 10.81
N ASN A 153 9.63 -32.74 10.30
CA ASN A 153 8.43 -32.52 11.11
C ASN A 153 8.09 -33.79 11.87
N ALA A 154 8.54 -33.84 13.11
CA ALA A 154 8.29 -34.97 13.98
C ALA A 154 8.23 -34.53 15.44
N THR A 155 7.24 -35.03 16.16
CA THR A 155 7.06 -34.66 17.56
C THR A 155 8.15 -35.24 18.45
N ASP A 156 8.77 -36.27 17.95
CA ASP A 156 9.84 -36.96 18.65
C ASP A 156 11.14 -36.17 18.59
N SER A 157 11.40 -35.56 17.43
CA SER A 157 12.60 -34.78 17.22
C SER A 157 12.64 -33.53 18.10
N SER A 158 11.47 -33.07 18.53
CA SER A 158 11.39 -31.88 19.37
C SER A 158 11.33 -32.27 20.86
N SER A 159 11.15 -33.55 21.13
CA SER A 159 11.07 -34.02 22.51
C SER A 159 12.35 -34.75 22.92
N THR A 160 13.09 -35.23 21.93
CA THR A 160 14.32 -35.95 22.20
C THR A 160 15.43 -35.51 21.24
N SER A 161 16.60 -35.26 21.79
CA SER A 161 17.75 -34.84 21.00
C SER A 161 19.02 -35.25 21.72
N MET A 4 1.05 2.57 13.79
CA MET A 4 1.82 1.85 12.75
C MET A 4 1.58 0.34 12.85
N ALA A 5 0.48 -0.03 13.51
CA ALA A 5 0.10 -1.43 13.72
C ALA A 5 -1.08 -1.53 14.69
N THR A 6 -1.91 -0.50 14.70
CA THR A 6 -3.06 -0.46 15.61
C THR A 6 -4.10 0.51 15.06
N SER A 7 -5.24 0.64 15.74
CA SER A 7 -6.28 1.56 15.33
C SER A 7 -5.86 2.98 15.69
N SER A 8 -4.62 3.11 16.12
CA SER A 8 -4.04 4.39 16.45
C SER A 8 -3.63 5.07 15.15
N GLU A 9 -4.65 5.48 14.39
CA GLU A 9 -4.45 6.15 13.11
C GLU A 9 -3.42 7.27 13.25
N GLU A 10 -2.20 7.01 12.79
CA GLU A 10 -1.14 7.97 12.88
C GLU A 10 -1.05 8.76 11.60
N VAL A 11 -1.57 9.98 11.61
CA VAL A 11 -1.48 10.80 10.41
C VAL A 11 -0.06 11.25 10.26
N LEU A 12 0.59 10.76 9.23
CA LEU A 12 1.97 11.11 9.02
C LEU A 12 2.14 12.31 8.09
N LEU A 13 1.20 12.55 7.21
CA LEU A 13 1.31 13.70 6.32
C LEU A 13 -0.05 14.27 5.97
N ILE A 14 -0.12 15.59 5.87
CA ILE A 14 -1.35 16.28 5.52
C ILE A 14 -1.13 17.07 4.24
N VAL A 15 -1.69 16.58 3.15
CA VAL A 15 -1.54 17.22 1.86
C VAL A 15 -2.87 17.85 1.44
N LYS A 16 -2.81 18.98 0.75
CA LYS A 16 -4.01 19.69 0.33
C LYS A 16 -4.09 19.81 -1.19
N LYS A 17 -5.27 20.20 -1.65
CA LYS A 17 -5.54 20.41 -3.07
C LYS A 17 -5.18 19.20 -3.92
N VAL A 18 -5.89 18.12 -3.66
CA VAL A 18 -5.72 16.86 -4.37
C VAL A 18 -7.07 16.43 -4.91
N ARG A 19 -7.18 16.31 -6.21
CA ARG A 19 -8.45 15.93 -6.80
C ARG A 19 -8.42 14.49 -7.30
N GLN A 20 -9.26 13.68 -6.71
CA GLN A 20 -9.38 12.28 -7.06
C GLN A 20 -10.85 11.99 -7.33
N LYS A 21 -11.12 11.11 -8.29
CA LYS A 21 -12.49 10.76 -8.66
C LYS A 21 -13.29 12.01 -9.01
N LYS A 22 -12.66 12.91 -9.76
CA LYS A 22 -13.28 14.16 -10.18
C LYS A 22 -13.65 15.09 -9.02
N GLN A 23 -12.95 14.95 -7.89
CA GLN A 23 -13.23 15.79 -6.74
C GLN A 23 -11.95 16.16 -5.99
N ASP A 24 -11.74 17.45 -5.81
CA ASP A 24 -10.58 17.99 -5.12
C ASP A 24 -10.83 17.99 -3.62
N GLY A 25 -9.76 17.89 -2.86
CA GLY A 25 -9.88 17.88 -1.43
C GLY A 25 -8.54 17.87 -0.72
N ALA A 26 -8.37 16.91 0.17
CA ALA A 26 -7.16 16.80 0.93
C ALA A 26 -6.80 15.34 1.14
N LEU A 27 -5.52 15.07 1.04
CA LEU A 27 -4.99 13.74 1.19
C LEU A 27 -4.20 13.60 2.48
N TYR A 28 -4.63 12.66 3.31
CA TYR A 28 -3.98 12.41 4.58
C TYR A 28 -3.23 11.09 4.56
N LEU A 29 -1.98 11.11 4.97
CA LEU A 29 -1.17 9.92 5.03
C LEU A 29 -1.13 9.41 6.45
N MET A 30 -1.13 8.11 6.61
CA MET A 30 -1.05 7.50 7.93
C MET A 30 0.09 6.51 7.97
N ALA A 31 0.44 6.08 9.16
CA ALA A 31 1.54 5.13 9.37
C ALA A 31 1.33 3.82 8.65
N GLU A 32 0.08 3.43 8.47
CA GLU A 32 -0.20 2.15 7.82
C GLU A 32 -1.04 2.31 6.57
N ARG A 33 -1.30 3.54 6.13
CA ARG A 33 -2.16 3.69 4.96
C ARG A 33 -2.21 5.10 4.41
N ILE A 34 -2.89 5.24 3.29
CA ILE A 34 -3.07 6.51 2.62
C ILE A 34 -4.58 6.76 2.45
N ALA A 35 -5.07 7.85 3.00
CA ALA A 35 -6.49 8.15 2.92
C ALA A 35 -6.75 9.55 2.38
N TRP A 36 -7.53 9.62 1.33
CA TRP A 36 -7.86 10.90 0.72
C TRP A 36 -9.30 11.26 1.03
N ALA A 37 -9.50 12.55 1.28
CA ALA A 37 -10.79 13.11 1.62
C ALA A 37 -11.05 14.40 0.83
N PRO A 38 -12.17 14.50 0.10
CA PRO A 38 -12.51 15.69 -0.69
C PRO A 38 -12.76 16.89 0.22
N GLU A 39 -12.64 18.10 -0.29
CA GLU A 39 -12.88 19.28 0.55
C GLU A 39 -14.37 19.45 0.79
N GLY A 40 -14.77 19.34 2.05
CA GLY A 40 -16.17 19.44 2.41
C GLY A 40 -16.64 18.09 2.85
N LYS A 41 -15.70 17.33 3.40
CA LYS A 41 -15.93 15.98 3.83
C LYS A 41 -15.86 15.83 5.34
N ASP A 42 -16.35 14.71 5.79
CA ASP A 42 -16.31 14.32 7.19
C ASP A 42 -15.65 12.96 7.30
N ARG A 43 -15.20 12.45 6.16
CA ARG A 43 -14.57 11.14 6.09
C ARG A 43 -13.69 11.03 4.85
N PHE A 44 -12.94 9.94 4.78
CA PHE A 44 -12.07 9.68 3.64
C PHE A 44 -12.81 8.78 2.67
N THR A 45 -12.78 9.12 1.41
CA THR A 45 -13.46 8.32 0.40
C THR A 45 -12.46 7.37 -0.25
N ILE A 46 -11.21 7.52 0.16
CA ILE A 46 -10.13 6.70 -0.34
C ILE A 46 -9.23 6.30 0.81
N SER A 47 -9.03 5.01 1.00
CA SER A 47 -8.17 4.54 2.06
C SER A 47 -7.49 3.25 1.63
N HIS A 48 -6.23 3.34 1.24
CA HIS A 48 -5.48 2.18 0.82
C HIS A 48 -4.41 1.86 1.82
N MET A 49 -4.29 0.61 2.15
CA MET A 49 -3.26 0.19 3.06
C MET A 49 -1.99 0.04 2.26
N TYR A 50 -0.85 0.39 2.83
CA TYR A 50 0.42 0.25 2.13
C TYR A 50 0.61 -1.20 1.70
N ALA A 51 0.02 -2.11 2.48
CA ALA A 51 0.10 -3.53 2.19
C ALA A 51 -0.70 -3.90 0.94
N ASP A 52 -1.52 -2.96 0.47
CA ASP A 52 -2.35 -3.16 -0.72
C ASP A 52 -1.76 -2.44 -1.91
N ILE A 53 -0.99 -1.39 -1.66
CA ILE A 53 -0.39 -0.62 -2.72
C ILE A 53 0.90 -1.29 -3.18
N LYS A 54 1.01 -1.58 -4.46
CA LYS A 54 2.20 -2.23 -5.00
C LYS A 54 3.33 -1.23 -5.12
N CYS A 55 3.05 -0.14 -5.81
CA CYS A 55 4.05 0.91 -6.02
C CYS A 55 3.40 2.18 -6.55
N GLN A 56 4.11 3.29 -6.44
CA GLN A 56 3.60 4.58 -6.89
C GLN A 56 4.23 5.01 -8.20
N LYS A 57 3.51 5.86 -8.92
CA LYS A 57 3.94 6.43 -10.19
C LYS A 57 3.63 7.91 -10.17
N ILE A 58 4.63 8.74 -10.34
CA ILE A 58 4.43 10.19 -10.29
C ILE A 58 4.77 10.88 -11.59
N SER A 59 4.21 12.07 -11.76
CA SER A 59 4.46 12.88 -12.93
C SER A 59 5.67 13.76 -12.70
N PRO A 60 6.69 13.67 -13.56
CA PRO A 60 7.92 14.46 -13.43
C PRO A 60 7.66 15.95 -13.60
N GLU A 61 8.47 16.75 -12.90
CA GLU A 61 8.38 18.21 -12.93
C GLU A 61 8.34 18.76 -14.35
N GLY A 62 7.88 20.00 -14.47
CA GLY A 62 7.77 20.64 -15.76
C GLY A 62 6.34 20.70 -16.22
N LYS A 63 5.47 20.03 -15.47
CA LYS A 63 4.05 19.98 -15.76
C LYS A 63 3.27 20.52 -14.57
N ALA A 64 2.13 21.14 -14.84
CA ALA A 64 1.30 21.69 -13.79
C ALA A 64 0.42 20.62 -13.18
N LYS A 65 0.43 19.43 -13.77
CA LYS A 65 -0.37 18.32 -13.30
C LYS A 65 0.45 17.39 -12.43
N ILE A 66 0.32 17.54 -11.12
CA ILE A 66 1.03 16.67 -10.20
C ILE A 66 0.19 15.41 -9.99
N GLN A 67 0.44 14.39 -10.76
CA GLN A 67 -0.34 13.18 -10.64
C GLN A 67 0.45 12.07 -9.96
N LEU A 68 -0.17 11.51 -8.93
CA LEU A 68 0.40 10.41 -8.16
C LEU A 68 -0.48 9.17 -8.35
N GLN A 69 0.07 8.13 -8.95
CA GLN A 69 -0.70 6.92 -9.19
C GLN A 69 -0.16 5.75 -8.39
N LEU A 70 -0.92 5.31 -7.40
CA LEU A 70 -0.53 4.19 -6.57
C LEU A 70 -1.12 2.90 -7.11
N VAL A 71 -0.36 2.14 -7.86
CA VAL A 71 -0.84 0.89 -8.39
C VAL A 71 -0.92 -0.11 -7.25
N LEU A 72 -2.06 -0.75 -7.08
CA LEU A 72 -2.23 -1.72 -6.01
C LEU A 72 -2.02 -3.14 -6.53
N HIS A 73 -1.57 -4.01 -5.65
CA HIS A 73 -1.30 -5.43 -5.97
C HIS A 73 -2.43 -6.14 -6.69
N ALA A 74 -3.66 -5.91 -6.26
CA ALA A 74 -4.81 -6.59 -6.87
C ALA A 74 -4.95 -6.23 -8.34
N GLY A 75 -4.21 -5.21 -8.76
CA GLY A 75 -4.22 -4.76 -10.13
C GLY A 75 -4.98 -3.48 -10.21
N ASP A 76 -4.94 -2.77 -9.10
CA ASP A 76 -5.64 -1.53 -8.98
C ASP A 76 -4.69 -0.38 -9.03
N THR A 77 -5.22 0.78 -8.78
CA THR A 77 -4.44 1.97 -8.81
C THR A 77 -5.11 3.09 -8.01
N THR A 78 -4.37 4.16 -7.82
CA THR A 78 -4.86 5.34 -7.11
C THR A 78 -4.26 6.59 -7.73
N ASN A 79 -5.03 7.26 -8.59
CA ASN A 79 -4.54 8.45 -9.27
C ASN A 79 -4.97 9.74 -8.57
N PHE A 80 -4.03 10.33 -7.85
CA PHE A 80 -4.26 11.57 -7.12
C PHE A 80 -3.75 12.75 -7.94
N HIS A 81 -4.59 13.76 -8.11
CA HIS A 81 -4.19 14.95 -8.84
C HIS A 81 -3.91 16.10 -7.89
N PHE A 82 -2.64 16.29 -7.57
CA PHE A 82 -2.23 17.37 -6.70
C PHE A 82 -2.32 18.67 -7.48
N SER A 83 -3.43 19.36 -7.32
CA SER A 83 -3.66 20.60 -8.04
C SER A 83 -3.22 21.80 -7.21
N ASN A 84 -2.39 21.56 -6.21
CA ASN A 84 -1.90 22.65 -5.37
C ASN A 84 -0.68 23.29 -6.02
N GLU A 85 -0.94 24.10 -7.03
CA GLU A 85 0.10 24.80 -7.81
C GLU A 85 1.24 25.41 -6.98
N SER A 86 1.01 25.61 -5.70
CA SER A 86 2.00 26.20 -4.83
C SER A 86 3.03 25.17 -4.36
N THR A 87 2.57 24.01 -3.88
CA THR A 87 3.49 23.01 -3.36
C THR A 87 3.23 21.59 -3.90
N ALA A 88 2.24 21.45 -4.78
CA ALA A 88 1.84 20.15 -5.36
C ALA A 88 3.02 19.25 -5.68
N VAL A 89 3.96 19.76 -6.45
CA VAL A 89 5.15 18.99 -6.82
C VAL A 89 5.91 18.46 -5.60
N LYS A 90 6.16 19.29 -4.60
CA LYS A 90 6.88 18.85 -3.41
C LYS A 90 5.97 18.11 -2.44
N GLU A 91 4.66 18.37 -2.55
CA GLU A 91 3.69 17.69 -1.70
C GLU A 91 3.64 16.23 -2.11
N ARG A 92 3.64 15.99 -3.43
CA ARG A 92 3.64 14.63 -3.94
C ARG A 92 4.98 13.99 -3.61
N ASP A 93 6.01 14.81 -3.50
CA ASP A 93 7.34 14.33 -3.15
C ASP A 93 7.34 13.73 -1.76
N ALA A 94 6.96 14.51 -0.76
CA ALA A 94 6.91 14.02 0.61
C ALA A 94 5.94 12.84 0.70
N VAL A 95 4.90 12.88 -0.14
CA VAL A 95 3.93 11.81 -0.19
C VAL A 95 4.60 10.56 -0.73
N LYS A 96 5.20 10.68 -1.91
CA LYS A 96 5.90 9.58 -2.54
C LYS A 96 6.94 9.02 -1.60
N ASP A 97 7.63 9.94 -0.92
CA ASP A 97 8.68 9.60 0.02
C ASP A 97 8.12 8.85 1.23
N LEU A 98 7.03 9.35 1.81
CA LEU A 98 6.44 8.72 2.98
C LEU A 98 5.80 7.39 2.62
N LEU A 99 5.06 7.35 1.51
CA LEU A 99 4.42 6.13 1.08
C LEU A 99 5.48 5.08 0.80
N GLN A 100 6.46 5.43 -0.03
CA GLN A 100 7.54 4.51 -0.38
C GLN A 100 8.34 4.16 0.87
N GLN A 101 8.14 4.92 1.93
CA GLN A 101 8.83 4.66 3.20
C GLN A 101 8.06 3.62 4.01
N LEU A 102 6.75 3.72 4.02
CA LEU A 102 5.91 2.80 4.77
C LEU A 102 5.50 1.60 3.92
N LEU A 103 5.47 1.81 2.61
CA LEU A 103 5.12 0.77 1.64
C LEU A 103 5.99 -0.49 1.74
N PRO A 104 7.33 -0.39 1.89
CA PRO A 104 8.17 -1.58 2.03
C PRO A 104 8.01 -2.23 3.40
N LYS A 105 7.51 -1.45 4.36
CA LYS A 105 7.28 -1.95 5.70
C LYS A 105 6.08 -2.86 5.71
N PHE A 106 5.01 -2.44 5.04
CA PHE A 106 3.80 -3.24 4.95
C PHE A 106 3.73 -3.89 3.57
N LYS A 107 4.89 -4.01 2.95
CA LYS A 107 4.99 -4.58 1.61
C LYS A 107 4.43 -5.99 1.53
N ARG A 108 3.34 -6.13 0.78
CA ARG A 108 2.71 -7.41 0.55
C ARG A 108 3.72 -8.31 -0.17
N LYS A 109 3.83 -9.54 0.27
CA LYS A 109 4.79 -10.47 -0.33
C LYS A 109 4.35 -10.84 -1.74
N ALA A 110 5.24 -11.48 -2.49
CA ALA A 110 4.94 -11.89 -3.86
C ALA A 110 3.91 -13.01 -3.86
N ASN A 111 2.65 -12.61 -3.92
CA ASN A 111 1.54 -13.54 -3.93
C ASN A 111 0.50 -13.10 -4.94
N LYS A 112 0.72 -13.45 -6.19
CA LYS A 112 -0.18 -13.06 -7.28
C LYS A 112 -1.59 -13.60 -7.05
N GLU A 113 -1.69 -14.81 -6.50
CA GLU A 113 -3.00 -15.40 -6.26
C GLU A 113 -3.70 -14.64 -5.13
N LEU A 114 -2.95 -14.24 -4.11
CA LEU A 114 -3.52 -13.49 -3.00
C LEU A 114 -4.03 -12.13 -3.48
N GLU A 115 -3.36 -11.60 -4.50
CA GLU A 115 -3.76 -10.33 -5.08
C GLU A 115 -5.15 -10.47 -5.67
N GLU A 116 -5.34 -11.53 -6.45
CA GLU A 116 -6.62 -11.82 -7.07
C GLU A 116 -7.66 -12.13 -6.01
N LYS A 117 -7.28 -12.99 -5.06
CA LYS A 117 -8.17 -13.37 -3.96
C LYS A 117 -8.70 -12.15 -3.23
N ASN A 118 -7.77 -11.27 -2.86
CA ASN A 118 -8.09 -10.04 -2.12
C ASN A 118 -9.11 -9.17 -2.86
N ARG A 119 -8.98 -9.08 -4.17
CA ARG A 119 -9.87 -8.27 -4.99
C ARG A 119 -11.14 -9.03 -5.38
N MET A 120 -11.09 -10.35 -5.35
CA MET A 120 -12.24 -11.17 -5.75
C MET A 120 -13.23 -11.17 -4.63
N LEU A 121 -12.70 -10.97 -3.44
CA LEU A 121 -13.48 -10.88 -2.24
C LEU A 121 -14.33 -9.62 -2.27
N GLN A 122 -13.91 -8.69 -3.13
CA GLN A 122 -14.59 -7.42 -3.31
C GLN A 122 -15.54 -7.50 -4.51
N GLU A 123 -15.30 -8.48 -5.37
CA GLU A 123 -16.11 -8.69 -6.56
C GLU A 123 -17.25 -9.65 -6.29
N ASP A 124 -16.95 -10.74 -5.60
CA ASP A 124 -17.95 -11.75 -5.25
C ASP A 124 -18.40 -11.57 -3.81
N PRO A 125 -19.61 -11.03 -3.62
CA PRO A 125 -20.19 -10.79 -2.29
C PRO A 125 -20.56 -12.09 -1.59
N VAL A 126 -20.84 -13.13 -2.37
CA VAL A 126 -21.21 -14.42 -1.81
C VAL A 126 -19.98 -15.13 -1.29
N LEU A 127 -18.93 -15.10 -2.07
CA LEU A 127 -17.67 -15.73 -1.69
C LEU A 127 -17.16 -15.15 -0.38
N PHE A 128 -17.04 -13.84 -0.32
CA PHE A 128 -16.57 -13.17 0.88
C PHE A 128 -17.54 -13.39 2.04
N GLN A 129 -18.82 -13.60 1.72
CA GLN A 129 -19.82 -13.86 2.75
C GLN A 129 -19.57 -15.22 3.39
N LEU A 130 -19.40 -16.23 2.55
CA LEU A 130 -19.16 -17.60 3.02
C LEU A 130 -17.74 -17.74 3.58
N TYR A 131 -16.84 -16.89 3.10
CA TYR A 131 -15.45 -16.88 3.56
C TYR A 131 -15.43 -16.70 5.07
N LYS A 132 -16.26 -15.77 5.55
CA LYS A 132 -16.37 -15.46 6.97
C LYS A 132 -17.02 -16.60 7.73
N ASP A 133 -17.77 -17.43 7.04
CA ASP A 133 -18.46 -18.54 7.68
C ASP A 133 -17.54 -19.74 7.85
N LEU A 134 -16.87 -20.13 6.77
CA LEU A 134 -15.99 -21.29 6.81
C LEU A 134 -14.55 -20.97 7.21
N VAL A 135 -13.88 -20.16 6.40
CA VAL A 135 -12.48 -19.82 6.61
C VAL A 135 -12.26 -19.11 7.94
N VAL A 136 -13.26 -18.40 8.41
CA VAL A 136 -13.14 -17.66 9.66
C VAL A 136 -13.44 -18.57 10.86
N SER A 137 -14.33 -19.53 10.66
CA SER A 137 -14.68 -20.46 11.73
C SER A 137 -13.68 -21.61 11.80
N GLN A 138 -12.56 -21.45 11.09
CA GLN A 138 -11.52 -22.47 11.03
C GLN A 138 -12.10 -23.82 10.59
N VAL A 139 -13.11 -23.74 9.72
CA VAL A 139 -13.77 -24.93 9.21
C VAL A 139 -12.88 -25.59 8.17
N ILE A 140 -12.29 -24.76 7.33
CA ILE A 140 -11.38 -25.18 6.27
C ILE A 140 -10.44 -24.03 5.96
N SER A 141 -9.41 -24.28 5.19
CA SER A 141 -8.48 -23.22 4.84
C SER A 141 -9.04 -22.40 3.69
N ALA A 142 -8.41 -21.26 3.42
CA ALA A 142 -8.85 -20.37 2.36
C ALA A 142 -8.77 -21.06 1.00
N GLU A 143 -7.68 -21.78 0.78
CA GLU A 143 -7.44 -22.47 -0.48
C GLU A 143 -8.59 -23.39 -0.87
N GLU A 144 -9.12 -24.14 0.08
CA GLU A 144 -10.23 -25.05 -0.19
C GLU A 144 -11.44 -24.31 -0.74
N PHE A 145 -11.72 -23.15 -0.16
CA PHE A 145 -12.87 -22.35 -0.59
C PHE A 145 -12.57 -21.67 -1.93
N TRP A 146 -11.31 -21.33 -2.15
CA TRP A 146 -10.89 -20.68 -3.38
C TRP A 146 -10.78 -21.68 -4.52
N ALA A 147 -10.36 -22.89 -4.19
CA ALA A 147 -10.18 -23.96 -5.16
C ALA A 147 -11.44 -24.22 -6.00
N ASN A 148 -12.61 -24.03 -5.42
CA ASN A 148 -13.85 -24.28 -6.13
C ASN A 148 -14.44 -23.02 -6.77
N ARG A 149 -13.72 -21.90 -6.74
CA ARG A 149 -14.26 -20.66 -7.32
C ARG A 149 -13.24 -19.95 -8.20
N LEU A 150 -11.97 -20.14 -7.90
CA LEU A 150 -10.90 -19.50 -8.68
C LEU A 150 -10.90 -19.99 -10.11
N ASN A 151 -10.71 -21.28 -10.28
CA ASN A 151 -10.67 -21.89 -11.61
C ASN A 151 -12.04 -22.34 -12.08
N VAL A 152 -13.10 -21.86 -11.43
CA VAL A 152 -14.46 -22.21 -11.79
C VAL A 152 -15.43 -21.24 -11.16
N ASN A 153 -16.03 -20.43 -12.00
CA ASN A 153 -17.00 -19.46 -11.55
C ASN A 153 -18.31 -20.16 -11.26
N ALA A 154 -18.51 -20.47 -10.00
CA ALA A 154 -19.71 -21.16 -9.55
C ALA A 154 -20.97 -20.42 -9.99
N THR A 155 -22.03 -21.18 -10.21
CA THR A 155 -23.30 -20.62 -10.67
C THR A 155 -23.89 -19.64 -9.67
N ASP A 156 -23.47 -19.75 -8.44
CA ASP A 156 -23.97 -18.89 -7.38
C ASP A 156 -23.37 -17.50 -7.50
N SER A 157 -22.15 -17.42 -8.01
CA SER A 157 -21.45 -16.15 -8.18
C SER A 157 -21.98 -15.40 -9.39
N SER A 158 -22.60 -16.13 -10.31
CA SER A 158 -23.14 -15.55 -11.52
C SER A 158 -24.65 -15.26 -11.38
N SER A 159 -25.26 -15.78 -10.33
CA SER A 159 -26.70 -15.57 -10.12
C SER A 159 -26.98 -14.65 -8.94
N THR A 160 -25.94 -14.31 -8.18
CA THR A 160 -26.10 -13.44 -7.02
C THR A 160 -25.15 -12.26 -7.10
N SER A 161 -25.55 -11.16 -6.48
CA SER A 161 -24.74 -9.94 -6.47
C SER A 161 -25.07 -9.14 -5.22
N MET A 4 -7.49 0.42 8.59
CA MET A 4 -7.74 1.82 8.19
C MET A 4 -9.17 2.23 8.54
N ALA A 5 -9.28 3.06 9.58
CA ALA A 5 -10.57 3.57 10.04
C ALA A 5 -10.33 4.57 11.17
N THR A 6 -11.17 4.54 12.19
CA THR A 6 -11.01 5.43 13.31
C THR A 6 -10.18 4.76 14.39
N SER A 7 -9.17 4.01 13.95
CA SER A 7 -8.28 3.28 14.84
C SER A 7 -7.22 4.20 15.45
N SER A 8 -7.42 5.51 15.29
CA SER A 8 -6.49 6.50 15.82
C SER A 8 -5.10 6.33 15.17
N GLU A 9 -5.11 6.05 13.87
CA GLU A 9 -3.88 5.87 13.12
C GLU A 9 -3.05 7.16 13.09
N GLU A 10 -1.75 7.02 12.91
CA GLU A 10 -0.84 8.14 12.94
C GLU A 10 -0.81 8.88 11.63
N VAL A 11 -1.37 10.06 11.58
CA VAL A 11 -1.31 10.84 10.37
C VAL A 11 0.10 11.35 10.22
N LEU A 12 0.79 10.84 9.22
CA LEU A 12 2.16 11.23 9.02
C LEU A 12 2.32 12.43 8.09
N LEU A 13 1.42 12.59 7.14
CA LEU A 13 1.53 13.71 6.23
C LEU A 13 0.17 14.27 5.87
N ILE A 14 0.08 15.60 5.84
CA ILE A 14 -1.16 16.27 5.50
C ILE A 14 -0.97 17.02 4.19
N VAL A 15 -1.57 16.49 3.14
CA VAL A 15 -1.47 17.07 1.81
C VAL A 15 -2.78 17.77 1.46
N LYS A 16 -2.69 18.89 0.75
CA LYS A 16 -3.88 19.65 0.39
C LYS A 16 -4.00 19.85 -1.12
N LYS A 17 -5.21 20.23 -1.54
CA LYS A 17 -5.54 20.47 -2.93
C LYS A 17 -5.14 19.32 -3.84
N VAL A 18 -5.79 18.20 -3.61
CA VAL A 18 -5.59 16.99 -4.38
C VAL A 18 -6.92 16.56 -4.95
N ARG A 19 -7.05 16.56 -6.25
CA ARG A 19 -8.31 16.20 -6.86
C ARG A 19 -8.30 14.77 -7.36
N GLN A 20 -9.19 13.98 -6.79
CA GLN A 20 -9.36 12.59 -7.14
C GLN A 20 -10.81 12.38 -7.53
N LYS A 21 -11.05 11.57 -8.56
CA LYS A 21 -12.41 11.32 -9.04
C LYS A 21 -13.07 12.63 -9.46
N LYS A 22 -12.24 13.59 -9.92
CA LYS A 22 -12.69 14.91 -10.34
C LYS A 22 -13.11 15.76 -9.14
N GLN A 23 -12.63 15.37 -7.96
CA GLN A 23 -12.97 16.08 -6.74
C GLN A 23 -11.70 16.42 -5.96
N ASP A 24 -11.50 17.70 -5.75
CA ASP A 24 -10.34 18.23 -5.04
C ASP A 24 -10.58 18.21 -3.54
N GLY A 25 -9.58 17.79 -2.79
CA GLY A 25 -9.70 17.72 -1.36
C GLY A 25 -8.36 17.73 -0.65
N ALA A 26 -8.18 16.78 0.25
CA ALA A 26 -6.97 16.70 1.01
C ALA A 26 -6.58 15.25 1.22
N LEU A 27 -5.32 14.98 1.00
CA LEU A 27 -4.77 13.65 1.15
C LEU A 27 -3.97 13.53 2.44
N TYR A 28 -4.39 12.61 3.29
CA TYR A 28 -3.72 12.39 4.56
C TYR A 28 -3.00 11.05 4.57
N LEU A 29 -1.73 11.09 4.93
CA LEU A 29 -0.94 9.89 5.01
C LEU A 29 -0.87 9.44 6.45
N MET A 30 -0.81 8.14 6.67
CA MET A 30 -0.67 7.59 8.01
C MET A 30 0.48 6.61 8.02
N ALA A 31 0.89 6.22 9.22
CA ALA A 31 2.00 5.29 9.40
C ALA A 31 1.78 3.96 8.70
N GLU A 32 0.55 3.52 8.69
CA GLU A 32 0.23 2.23 8.12
C GLU A 32 -0.65 2.33 6.88
N ARG A 33 -0.93 3.54 6.39
CA ARG A 33 -1.85 3.65 5.25
C ARG A 33 -1.89 5.04 4.63
N ILE A 34 -2.63 5.14 3.54
CA ILE A 34 -2.84 6.39 2.81
C ILE A 34 -4.34 6.61 2.64
N ALA A 35 -4.78 7.84 2.82
CA ALA A 35 -6.20 8.14 2.69
C ALA A 35 -6.42 9.53 2.12
N TRP A 36 -7.40 9.65 1.24
CA TRP A 36 -7.72 10.93 0.64
C TRP A 36 -9.16 11.31 0.92
N ALA A 37 -9.33 12.55 1.30
CA ALA A 37 -10.61 13.13 1.64
C ALA A 37 -10.92 14.30 0.72
N PRO A 38 -12.19 14.55 0.40
CA PRO A 38 -12.58 15.67 -0.44
C PRO A 38 -12.80 16.94 0.39
N GLU A 39 -12.47 18.10 -0.17
CA GLU A 39 -12.64 19.34 0.56
C GLU A 39 -14.12 19.62 0.78
N GLY A 40 -14.53 19.63 2.04
CA GLY A 40 -15.91 19.89 2.36
C GLY A 40 -16.56 18.68 3.00
N LYS A 41 -15.76 17.65 3.21
CA LYS A 41 -16.28 16.44 3.82
C LYS A 41 -15.67 16.23 5.20
N ASP A 42 -16.09 15.15 5.80
CA ASP A 42 -15.67 14.77 7.14
C ASP A 42 -15.07 13.37 7.17
N ARG A 43 -14.76 12.83 5.99
CA ARG A 43 -14.22 11.49 5.91
C ARG A 43 -13.40 11.30 4.64
N PHE A 44 -12.61 10.24 4.62
CA PHE A 44 -11.79 9.91 3.48
C PHE A 44 -12.58 9.00 2.56
N THR A 45 -12.58 9.32 1.28
CA THR A 45 -13.30 8.51 0.30
C THR A 45 -12.34 7.51 -0.33
N ILE A 46 -11.09 7.67 0.03
CA ILE A 46 -10.03 6.81 -0.46
C ILE A 46 -9.15 6.38 0.69
N SER A 47 -8.97 5.09 0.88
CA SER A 47 -8.12 4.60 1.95
C SER A 47 -7.48 3.29 1.52
N HIS A 48 -6.15 3.27 1.49
CA HIS A 48 -5.42 2.07 1.13
C HIS A 48 -4.35 1.79 2.14
N MET A 49 -4.18 0.53 2.47
CA MET A 49 -3.15 0.13 3.37
C MET A 49 -1.89 -0.02 2.56
N TYR A 50 -0.75 0.38 3.10
CA TYR A 50 0.52 0.25 2.37
C TYR A 50 0.72 -1.21 1.97
N ALA A 51 0.15 -2.12 2.74
CA ALA A 51 0.25 -3.55 2.46
C ALA A 51 -0.48 -3.90 1.17
N ASP A 52 -1.47 -3.09 0.81
CA ASP A 52 -2.27 -3.34 -0.38
C ASP A 52 -1.69 -2.60 -1.59
N ILE A 53 -0.91 -1.56 -1.31
CA ILE A 53 -0.30 -0.78 -2.38
C ILE A 53 0.99 -1.46 -2.81
N LYS A 54 1.06 -1.83 -4.07
CA LYS A 54 2.23 -2.51 -4.62
C LYS A 54 3.33 -1.52 -4.92
N CYS A 55 2.99 -0.51 -5.70
CA CYS A 55 3.96 0.51 -6.11
C CYS A 55 3.30 1.86 -6.37
N GLN A 56 4.11 2.83 -6.78
CA GLN A 56 3.63 4.18 -7.07
C GLN A 56 4.25 4.69 -8.36
N LYS A 57 3.55 5.61 -9.01
CA LYS A 57 3.99 6.21 -10.25
C LYS A 57 3.69 7.70 -10.25
N ILE A 58 4.71 8.53 -10.41
CA ILE A 58 4.49 9.97 -10.42
C ILE A 58 4.69 10.55 -11.81
N SER A 59 3.98 11.63 -12.08
CA SER A 59 4.06 12.31 -13.37
C SER A 59 5.38 13.07 -13.48
N PRO A 60 5.93 13.17 -14.71
CA PRO A 60 7.18 13.87 -14.96
C PRO A 60 7.15 15.31 -14.45
N GLU A 61 8.29 15.77 -13.96
CA GLU A 61 8.41 17.12 -13.44
C GLU A 61 8.24 18.16 -14.54
N GLY A 62 7.95 19.39 -14.15
CA GLY A 62 7.78 20.45 -15.13
C GLY A 62 6.39 20.46 -15.72
N LYS A 63 5.44 19.86 -15.02
CA LYS A 63 4.06 19.81 -15.50
C LYS A 63 3.16 20.60 -14.56
N ALA A 64 2.06 21.12 -15.10
CA ALA A 64 1.12 21.91 -14.31
C ALA A 64 0.16 21.02 -13.53
N LYS A 65 0.38 19.72 -13.58
CA LYS A 65 -0.46 18.78 -12.87
C LYS A 65 0.38 17.70 -12.19
N ILE A 66 0.51 17.81 -10.88
CA ILE A 66 1.25 16.84 -10.12
C ILE A 66 0.38 15.60 -9.95
N GLN A 67 0.62 14.58 -10.73
CA GLN A 67 -0.20 13.40 -10.64
C GLN A 67 0.58 12.22 -10.06
N LEU A 68 -0.02 11.61 -9.04
CA LEU A 68 0.56 10.45 -8.38
C LEU A 68 -0.35 9.26 -8.63
N GLN A 69 0.20 8.14 -9.04
CA GLN A 69 -0.63 6.97 -9.29
C GLN A 69 -0.04 5.74 -8.61
N LEU A 70 -0.71 5.28 -7.57
CA LEU A 70 -0.31 4.09 -6.84
C LEU A 70 -0.92 2.89 -7.54
N VAL A 71 -0.32 1.74 -7.38
CA VAL A 71 -0.84 0.52 -7.96
C VAL A 71 -0.95 -0.48 -6.84
N LEU A 72 -2.09 -1.10 -6.70
CA LEU A 72 -2.27 -2.05 -5.63
C LEU A 72 -2.05 -3.49 -6.12
N HIS A 73 -1.68 -4.34 -5.17
CA HIS A 73 -1.40 -5.77 -5.44
C HIS A 73 -2.51 -6.49 -6.18
N ALA A 74 -3.76 -6.25 -5.80
CA ALA A 74 -4.89 -6.92 -6.43
C ALA A 74 -4.96 -6.59 -7.91
N GLY A 75 -4.34 -5.48 -8.26
CA GLY A 75 -4.30 -5.03 -9.63
C GLY A 75 -5.02 -3.73 -9.74
N ASP A 76 -5.05 -3.02 -8.62
CA ASP A 76 -5.74 -1.77 -8.56
C ASP A 76 -4.76 -0.65 -8.61
N THR A 77 -5.26 0.53 -8.35
CA THR A 77 -4.44 1.69 -8.40
C THR A 77 -5.04 2.83 -7.57
N THR A 78 -4.29 3.92 -7.48
CA THR A 78 -4.70 5.11 -6.76
C THR A 78 -4.10 6.35 -7.43
N ASN A 79 -4.88 7.04 -8.24
CA ASN A 79 -4.39 8.22 -8.95
C ASN A 79 -4.86 9.51 -8.26
N PHE A 80 -3.92 10.43 -8.03
CA PHE A 80 -4.20 11.70 -7.39
C PHE A 80 -3.69 12.85 -8.23
N HIS A 81 -4.43 13.96 -8.24
CA HIS A 81 -4.04 15.15 -8.98
C HIS A 81 -3.78 16.29 -8.01
N PHE A 82 -2.52 16.51 -7.69
CA PHE A 82 -2.13 17.57 -6.78
C PHE A 82 -2.20 18.90 -7.52
N SER A 83 -3.29 19.62 -7.30
CA SER A 83 -3.50 20.90 -7.96
C SER A 83 -3.03 22.05 -7.08
N ASN A 84 -2.22 21.74 -6.09
CA ASN A 84 -1.70 22.75 -5.19
C ASN A 84 -0.39 23.31 -5.73
N GLU A 85 -0.51 24.19 -6.71
CA GLU A 85 0.64 24.83 -7.40
C GLU A 85 1.75 25.26 -6.45
N SER A 86 1.40 25.53 -5.22
CA SER A 86 2.34 26.00 -4.25
C SER A 86 3.30 24.90 -3.78
N THR A 87 2.76 23.75 -3.39
CA THR A 87 3.60 22.67 -2.89
C THR A 87 3.29 21.31 -3.53
N ALA A 88 2.43 21.29 -4.55
CA ALA A 88 2.02 20.06 -5.23
C ALA A 88 3.20 19.13 -5.49
N VAL A 89 4.24 19.66 -6.10
CA VAL A 89 5.43 18.87 -6.40
C VAL A 89 6.09 18.35 -5.11
N LYS A 90 6.31 19.21 -4.14
CA LYS A 90 6.95 18.80 -2.88
C LYS A 90 6.04 17.88 -2.07
N GLU A 91 4.73 18.10 -2.17
CA GLU A 91 3.77 17.27 -1.46
C GLU A 91 3.80 15.86 -2.02
N ARG A 92 3.79 15.73 -3.35
CA ARG A 92 3.86 14.41 -3.98
C ARG A 92 5.20 13.78 -3.68
N ASP A 93 6.22 14.61 -3.51
CA ASP A 93 7.54 14.13 -3.20
C ASP A 93 7.61 13.54 -1.81
N ALA A 94 7.17 14.30 -0.81
CA ALA A 94 7.16 13.79 0.56
C ALA A 94 6.22 12.60 0.64
N VAL A 95 5.16 12.66 -0.17
CA VAL A 95 4.20 11.57 -0.24
C VAL A 95 4.89 10.33 -0.82
N LYS A 96 5.51 10.51 -1.99
CA LYS A 96 6.23 9.45 -2.66
C LYS A 96 7.25 8.84 -1.69
N ASP A 97 7.92 9.72 -0.99
CA ASP A 97 8.94 9.35 -0.02
C ASP A 97 8.35 8.62 1.19
N LEU A 98 7.26 9.15 1.75
CA LEU A 98 6.64 8.56 2.91
C LEU A 98 6.02 7.21 2.58
N LEU A 99 5.28 7.16 1.48
CA LEU A 99 4.65 5.91 1.06
C LEU A 99 5.71 4.87 0.81
N GLN A 100 6.66 5.20 -0.05
CA GLN A 100 7.74 4.26 -0.39
C GLN A 100 8.57 3.94 0.84
N GLN A 101 8.38 4.71 1.90
CA GLN A 101 9.09 4.47 3.15
C GLN A 101 8.37 3.43 4.00
N LEU A 102 7.05 3.56 4.08
CA LEU A 102 6.24 2.67 4.87
C LEU A 102 5.79 1.46 4.06
N LEU A 103 5.67 1.66 2.75
CA LEU A 103 5.26 0.62 1.82
C LEU A 103 6.09 -0.67 1.96
N PRO A 104 7.44 -0.61 2.07
CA PRO A 104 8.26 -1.82 2.24
C PRO A 104 7.96 -2.49 3.57
N LYS A 105 7.60 -1.68 4.57
CA LYS A 105 7.29 -2.20 5.89
C LYS A 105 6.05 -3.08 5.80
N PHE A 106 5.13 -2.70 4.93
CA PHE A 106 3.90 -3.47 4.75
C PHE A 106 3.91 -4.26 3.45
N LYS A 107 5.09 -4.49 2.88
CA LYS A 107 5.15 -5.24 1.63
C LYS A 107 4.73 -6.68 1.83
N ARG A 108 3.99 -7.20 0.86
CA ARG A 108 3.52 -8.58 0.91
C ARG A 108 4.66 -9.55 0.61
N LYS A 109 5.35 -9.93 1.67
CA LYS A 109 6.46 -10.87 1.60
C LYS A 109 5.96 -12.25 1.94
N ALA A 110 6.85 -13.25 1.96
CA ALA A 110 6.46 -14.62 2.29
C ALA A 110 5.63 -14.59 3.57
N ASN A 111 4.33 -14.85 3.38
CA ASN A 111 3.31 -14.81 4.42
C ASN A 111 3.66 -15.56 5.71
N LYS A 112 4.47 -14.93 6.55
CA LYS A 112 4.81 -15.49 7.84
C LYS A 112 3.71 -15.12 8.81
N GLU A 113 3.03 -14.04 8.47
CA GLU A 113 1.91 -13.53 9.24
C GLU A 113 0.75 -14.51 9.16
N LEU A 114 0.77 -15.36 8.12
CA LEU A 114 -0.26 -16.37 7.93
C LEU A 114 -0.22 -17.33 9.12
N GLU A 115 0.95 -17.43 9.73
CA GLU A 115 1.15 -18.27 10.88
C GLU A 115 0.30 -17.73 12.03
N GLU A 116 0.32 -16.41 12.19
CA GLU A 116 -0.48 -15.75 13.22
C GLU A 116 -1.94 -15.72 12.79
N LYS A 117 -2.16 -15.51 11.49
CA LYS A 117 -3.50 -15.46 10.92
C LYS A 117 -4.23 -16.79 11.14
N ASN A 118 -3.46 -17.88 11.13
CA ASN A 118 -4.00 -19.22 11.32
C ASN A 118 -4.69 -19.33 12.68
N ARG A 119 -4.15 -18.63 13.67
CA ARG A 119 -4.71 -18.66 15.02
C ARG A 119 -6.03 -17.90 15.07
N MET A 120 -6.24 -17.00 14.13
CA MET A 120 -7.46 -16.20 14.12
C MET A 120 -8.54 -17.01 13.42
N LEU A 121 -8.08 -17.89 12.55
CA LEU A 121 -8.91 -18.78 11.78
C LEU A 121 -9.58 -19.82 12.69
N GLN A 122 -9.00 -20.03 13.86
CA GLN A 122 -9.54 -20.99 14.81
C GLN A 122 -10.64 -20.36 15.65
N GLU A 123 -10.48 -19.07 15.96
CA GLU A 123 -11.45 -18.35 16.78
C GLU A 123 -12.74 -18.07 16.00
N ASP A 124 -12.59 -17.69 14.74
CA ASP A 124 -13.75 -17.37 13.91
C ASP A 124 -14.00 -18.47 12.89
N PRO A 125 -15.05 -19.28 13.12
CA PRO A 125 -15.41 -20.39 12.22
C PRO A 125 -15.98 -19.89 10.89
N VAL A 126 -16.50 -18.67 10.88
CA VAL A 126 -17.08 -18.09 9.68
C VAL A 126 -15.95 -17.63 8.76
N LEU A 127 -14.98 -16.95 9.34
CA LEU A 127 -13.83 -16.46 8.61
C LEU A 127 -13.09 -17.63 7.96
N PHE A 128 -12.81 -18.66 8.75
CA PHE A 128 -12.12 -19.84 8.26
C PHE A 128 -13.01 -20.62 7.28
N GLN A 129 -14.32 -20.39 7.34
CA GLN A 129 -15.24 -21.04 6.43
C GLN A 129 -15.15 -20.37 5.07
N LEU A 130 -15.31 -19.05 5.06
CA LEU A 130 -15.23 -18.27 3.82
C LEU A 130 -13.83 -18.36 3.22
N TYR A 131 -12.85 -18.58 4.07
CA TYR A 131 -11.48 -18.74 3.64
C TYR A 131 -11.37 -19.94 2.71
N LYS A 132 -12.04 -21.02 3.09
CA LYS A 132 -12.05 -22.24 2.30
C LYS A 132 -12.97 -22.10 1.09
N ASP A 133 -13.91 -21.19 1.19
CA ASP A 133 -14.86 -20.96 0.11
C ASP A 133 -14.20 -20.17 -1.02
N LEU A 134 -13.56 -19.07 -0.66
CA LEU A 134 -12.91 -18.21 -1.64
C LEU A 134 -11.46 -18.58 -1.93
N VAL A 135 -10.62 -18.47 -0.91
CA VAL A 135 -9.18 -18.72 -1.05
C VAL A 135 -8.87 -20.13 -1.53
N VAL A 136 -9.73 -21.07 -1.20
CA VAL A 136 -9.51 -22.45 -1.60
C VAL A 136 -10.03 -22.70 -3.01
N SER A 137 -11.12 -22.02 -3.37
CA SER A 137 -11.71 -22.16 -4.70
C SER A 137 -10.93 -21.32 -5.70
N GLN A 138 -9.77 -20.82 -5.29
CA GLN A 138 -8.91 -19.99 -6.10
C GLN A 138 -9.69 -18.78 -6.62
N VAL A 139 -10.58 -18.27 -5.78
CA VAL A 139 -11.40 -17.12 -6.13
C VAL A 139 -10.57 -15.86 -5.94
N ILE A 140 -9.76 -15.89 -4.89
CA ILE A 140 -8.87 -14.79 -4.53
C ILE A 140 -7.80 -15.35 -3.61
N SER A 141 -6.78 -14.56 -3.33
CA SER A 141 -5.71 -15.00 -2.44
C SER A 141 -6.12 -14.79 -1.00
N ALA A 142 -5.35 -15.35 -0.08
CA ALA A 142 -5.62 -15.25 1.35
C ALA A 142 -5.52 -13.80 1.82
N GLU A 143 -4.65 -13.03 1.19
CA GLU A 143 -4.44 -11.65 1.57
C GLU A 143 -5.64 -10.78 1.29
N GLU A 144 -6.33 -11.02 0.18
CA GLU A 144 -7.52 -10.24 -0.18
C GLU A 144 -8.61 -10.41 0.88
N PHE A 145 -8.79 -11.62 1.34
CA PHE A 145 -9.80 -11.91 2.35
C PHE A 145 -9.36 -11.39 3.71
N TRP A 146 -8.08 -11.56 4.01
CA TRP A 146 -7.52 -11.12 5.27
C TRP A 146 -7.40 -9.60 5.33
N ALA A 147 -7.31 -8.98 4.16
CA ALA A 147 -7.17 -7.53 4.04
C ALA A 147 -8.16 -6.78 4.94
N ASN A 148 -9.39 -7.22 4.88
CA ASN A 148 -10.48 -6.61 5.63
C ASN A 148 -10.31 -6.73 7.14
N ARG A 149 -10.14 -7.94 7.64
CA ARG A 149 -10.02 -8.17 9.08
C ARG A 149 -8.68 -7.74 9.65
N LEU A 150 -7.64 -7.79 8.85
CA LEU A 150 -6.32 -7.40 9.31
C LEU A 150 -6.24 -5.90 9.48
N ASN A 151 -6.68 -5.18 8.47
CA ASN A 151 -6.65 -3.72 8.49
C ASN A 151 -7.54 -3.13 9.57
N VAL A 152 -8.48 -3.94 10.04
CA VAL A 152 -9.41 -3.54 11.10
C VAL A 152 -10.05 -4.77 11.71
N ASN A 153 -9.65 -5.06 12.92
CA ASN A 153 -10.22 -6.17 13.65
C ASN A 153 -11.16 -5.65 14.73
N ALA A 154 -12.45 -5.62 14.42
CA ALA A 154 -13.44 -5.15 15.38
C ALA A 154 -14.71 -6.00 15.28
N THR A 155 -15.67 -5.72 16.15
CA THR A 155 -16.92 -6.47 16.19
C THR A 155 -17.67 -6.37 14.88
N ASP A 156 -17.53 -5.24 14.27
CA ASP A 156 -18.16 -4.94 12.99
C ASP A 156 -17.52 -5.77 11.88
N SER A 157 -16.20 -5.70 11.83
CA SER A 157 -15.42 -6.43 10.84
C SER A 157 -15.58 -7.94 11.03
N SER A 158 -15.80 -8.37 12.27
CA SER A 158 -15.99 -9.78 12.58
C SER A 158 -17.33 -10.27 12.04
N SER A 159 -18.26 -9.33 11.85
CA SER A 159 -19.58 -9.65 11.33
C SER A 159 -19.58 -9.51 9.81
N THR A 160 -18.40 -9.23 9.28
CA THR A 160 -18.22 -9.06 7.85
C THR A 160 -17.15 -10.03 7.37
N SER A 161 -17.07 -10.25 6.07
CA SER A 161 -16.08 -11.15 5.51
C SER A 161 -14.68 -10.64 5.82
N MET A 4 -11.89 4.60 10.61
CA MET A 4 -10.43 4.54 10.87
C MET A 4 -9.87 5.95 10.98
N ALA A 5 -8.98 6.14 11.95
CA ALA A 5 -8.34 7.42 12.18
C ALA A 5 -6.99 7.20 12.86
N THR A 6 -7.06 6.76 14.10
CA THR A 6 -5.86 6.45 14.88
C THR A 6 -6.11 5.17 15.67
N SER A 7 -6.66 4.19 14.96
CA SER A 7 -6.97 2.89 15.54
C SER A 7 -5.67 2.14 15.80
N SER A 8 -4.69 2.48 15.00
CA SER A 8 -3.35 1.90 15.05
C SER A 8 -2.44 2.72 14.16
N GLU A 9 -3.05 3.20 13.10
CA GLU A 9 -2.39 4.03 12.11
C GLU A 9 -2.15 5.41 12.69
N GLU A 10 -1.07 6.06 12.26
CA GLU A 10 -0.72 7.38 12.73
C GLU A 10 -0.55 8.33 11.57
N VAL A 11 -1.05 9.54 11.68
CA VAL A 11 -0.93 10.49 10.59
C VAL A 11 0.49 10.97 10.43
N LEU A 12 1.05 10.76 9.25
CA LEU A 12 2.40 11.17 8.98
C LEU A 12 2.47 12.46 8.17
N LEU A 13 1.65 12.59 7.14
CA LEU A 13 1.69 13.77 6.29
C LEU A 13 0.30 14.25 5.95
N ILE A 14 0.16 15.56 5.74
CA ILE A 14 -1.11 16.15 5.39
C ILE A 14 -0.97 16.95 4.10
N VAL A 15 -1.51 16.41 3.02
CA VAL A 15 -1.44 17.03 1.71
C VAL A 15 -2.78 17.68 1.36
N LYS A 16 -2.74 18.80 0.63
CA LYS A 16 -3.97 19.51 0.28
C LYS A 16 -4.14 19.66 -1.22
N LYS A 17 -5.35 20.13 -1.60
CA LYS A 17 -5.74 20.34 -2.99
C LYS A 17 -5.34 19.19 -3.90
N VAL A 18 -5.93 18.03 -3.63
CA VAL A 18 -5.68 16.82 -4.41
C VAL A 18 -6.98 16.35 -5.02
N ARG A 19 -7.07 16.37 -6.34
CA ARG A 19 -8.29 15.98 -7.02
C ARG A 19 -8.32 14.48 -7.32
N GLN A 20 -9.28 13.82 -6.71
CA GLN A 20 -9.50 12.40 -6.94
C GLN A 20 -10.97 12.22 -7.25
N LYS A 21 -11.28 11.32 -8.20
CA LYS A 21 -12.65 11.08 -8.62
C LYS A 21 -13.29 12.37 -9.16
N LYS A 22 -12.42 13.24 -9.69
CA LYS A 22 -12.80 14.54 -10.26
C LYS A 22 -13.07 15.60 -9.19
N GLN A 23 -12.64 15.35 -7.96
CA GLN A 23 -12.86 16.31 -6.88
C GLN A 23 -11.65 16.38 -5.96
N ASP A 24 -11.12 17.57 -5.78
CA ASP A 24 -9.98 17.81 -4.92
C ASP A 24 -10.39 17.99 -3.49
N GLY A 25 -9.45 17.70 -2.62
CA GLY A 25 -9.66 17.85 -1.21
C GLY A 25 -8.35 17.82 -0.48
N ALA A 26 -8.19 16.86 0.40
CA ALA A 26 -6.97 16.74 1.15
C ALA A 26 -6.60 15.27 1.34
N LEU A 27 -5.33 15.01 1.18
CA LEU A 27 -4.79 13.68 1.28
C LEU A 27 -4.00 13.51 2.57
N TYR A 28 -4.48 12.61 3.43
CA TYR A 28 -3.83 12.35 4.70
C TYR A 28 -3.03 11.05 4.64
N LEU A 29 -1.77 11.15 5.00
CA LEU A 29 -0.91 9.99 5.02
C LEU A 29 -0.72 9.51 6.44
N MET A 30 -0.73 8.21 6.62
CA MET A 30 -0.48 7.62 7.93
C MET A 30 0.66 6.64 7.80
N ALA A 31 1.26 6.28 8.92
CA ALA A 31 2.38 5.35 8.94
C ALA A 31 2.00 3.99 8.41
N GLU A 32 0.71 3.69 8.44
CA GLU A 32 0.22 2.38 8.03
C GLU A 32 -0.66 2.44 6.78
N ARG A 33 -1.02 3.63 6.33
CA ARG A 33 -1.92 3.71 5.18
C ARG A 33 -2.05 5.12 4.61
N ILE A 34 -2.71 5.19 3.46
CA ILE A 34 -2.95 6.44 2.77
C ILE A 34 -4.45 6.68 2.67
N ALA A 35 -4.91 7.86 3.04
CA ALA A 35 -6.33 8.16 3.00
C ALA A 35 -6.58 9.54 2.41
N TRP A 36 -7.41 9.58 1.39
CA TRP A 36 -7.73 10.84 0.75
C TRP A 36 -9.18 11.23 0.99
N ALA A 37 -9.36 12.51 1.27
CA ALA A 37 -10.65 13.09 1.56
C ALA A 37 -10.92 14.26 0.62
N PRO A 38 -12.16 14.41 0.14
CA PRO A 38 -12.52 15.52 -0.73
C PRO A 38 -12.89 16.75 0.09
N GLU A 39 -12.65 17.93 -0.46
CA GLU A 39 -13.00 19.14 0.28
C GLU A 39 -14.51 19.24 0.39
N GLY A 40 -14.99 19.36 1.63
CA GLY A 40 -16.41 19.47 1.86
C GLY A 40 -16.91 18.24 2.57
N LYS A 41 -16.04 17.25 2.70
CA LYS A 41 -16.40 16.03 3.38
C LYS A 41 -15.63 15.86 4.67
N ASP A 42 -16.28 15.21 5.61
CA ASP A 42 -15.75 14.96 6.93
C ASP A 42 -15.16 13.57 7.04
N ARG A 43 -14.87 12.95 5.90
CA ARG A 43 -14.33 11.60 5.91
C ARG A 43 -13.51 11.32 4.66
N PHE A 44 -12.64 10.33 4.75
CA PHE A 44 -11.82 9.93 3.63
C PHE A 44 -12.63 9.00 2.75
N THR A 45 -12.57 9.24 1.45
CA THR A 45 -13.30 8.41 0.50
C THR A 45 -12.35 7.39 -0.10
N ILE A 46 -11.09 7.52 0.29
CA ILE A 46 -10.03 6.66 -0.18
C ILE A 46 -9.14 6.26 0.98
N SER A 47 -8.96 4.98 1.19
CA SER A 47 -8.10 4.51 2.26
C SER A 47 -7.44 3.19 1.87
N HIS A 48 -6.17 3.27 1.48
CA HIS A 48 -5.44 2.08 1.08
C HIS A 48 -4.35 1.78 2.09
N MET A 49 -4.20 0.52 2.39
CA MET A 49 -3.16 0.09 3.29
C MET A 49 -1.89 -0.07 2.48
N TYR A 50 -0.76 0.32 3.03
CA TYR A 50 0.51 0.18 2.31
C TYR A 50 0.72 -1.28 1.90
N ALA A 51 0.16 -2.18 2.69
CA ALA A 51 0.27 -3.61 2.41
C ALA A 51 -0.46 -3.95 1.10
N ASP A 52 -1.41 -3.12 0.72
CA ASP A 52 -2.18 -3.33 -0.50
C ASP A 52 -1.60 -2.58 -1.67
N ILE A 53 -0.90 -1.49 -1.38
CA ILE A 53 -0.30 -0.68 -2.44
C ILE A 53 1.02 -1.31 -2.86
N LYS A 54 1.11 -1.68 -4.12
CA LYS A 54 2.32 -2.31 -4.65
C LYS A 54 3.40 -1.28 -4.88
N CYS A 55 3.04 -0.23 -5.59
CA CYS A 55 4.00 0.83 -5.91
C CYS A 55 3.30 2.15 -6.25
N GLN A 56 4.09 3.17 -6.54
CA GLN A 56 3.57 4.48 -6.89
C GLN A 56 4.25 5.03 -8.14
N LYS A 57 3.46 5.70 -8.97
CA LYS A 57 3.93 6.31 -10.19
C LYS A 57 3.63 7.80 -10.15
N ILE A 58 4.62 8.62 -10.43
CA ILE A 58 4.41 10.06 -10.39
C ILE A 58 4.72 10.74 -11.71
N SER A 59 4.16 11.92 -11.89
CA SER A 59 4.37 12.71 -13.10
C SER A 59 5.68 13.49 -13.00
N PRO A 60 6.30 13.82 -14.14
CA PRO A 60 7.57 14.56 -14.18
C PRO A 60 7.47 15.98 -13.62
N GLU A 61 8.60 16.49 -13.13
CA GLU A 61 8.69 17.83 -12.57
C GLU A 61 8.56 18.90 -13.66
N GLY A 62 8.24 20.11 -13.25
CA GLY A 62 8.13 21.21 -14.19
C GLY A 62 6.87 21.12 -15.03
N LYS A 63 5.88 20.38 -14.55
CA LYS A 63 4.63 20.22 -15.26
C LYS A 63 3.48 20.71 -14.40
N ALA A 64 2.44 21.22 -15.04
CA ALA A 64 1.27 21.72 -14.33
C ALA A 64 0.33 20.57 -13.99
N LYS A 65 0.89 19.39 -13.82
CA LYS A 65 0.13 18.20 -13.50
C LYS A 65 0.87 17.37 -12.46
N ILE A 66 0.50 17.53 -11.20
CA ILE A 66 1.11 16.73 -10.16
C ILE A 66 0.25 15.49 -9.97
N GLN A 67 0.45 14.51 -10.81
CA GLN A 67 -0.34 13.31 -10.73
C GLN A 67 0.42 12.19 -10.05
N LEU A 68 -0.20 11.62 -9.02
CA LEU A 68 0.37 10.52 -8.27
C LEU A 68 -0.50 9.30 -8.49
N GLN A 69 0.04 8.26 -9.08
CA GLN A 69 -0.74 7.06 -9.33
C GLN A 69 -0.14 5.86 -8.61
N LEU A 70 -0.85 5.40 -7.59
CA LEU A 70 -0.43 4.23 -6.84
C LEU A 70 -0.99 3.00 -7.55
N VAL A 71 -0.34 1.89 -7.41
CA VAL A 71 -0.82 0.66 -8.00
C VAL A 71 -0.91 -0.37 -6.90
N LEU A 72 -2.03 -1.02 -6.76
CA LEU A 72 -2.19 -1.99 -5.70
C LEU A 72 -1.93 -3.41 -6.21
N HIS A 73 -1.49 -4.26 -5.30
CA HIS A 73 -1.18 -5.67 -5.60
C HIS A 73 -2.26 -6.43 -6.34
N ALA A 74 -3.52 -6.22 -5.96
CA ALA A 74 -4.62 -6.93 -6.61
C ALA A 74 -4.69 -6.59 -8.09
N GLY A 75 -4.08 -5.47 -8.43
CA GLY A 75 -4.06 -5.00 -9.80
C GLY A 75 -4.83 -3.73 -9.89
N ASP A 76 -4.88 -3.04 -8.75
CA ASP A 76 -5.63 -1.81 -8.66
C ASP A 76 -4.68 -0.66 -8.71
N THR A 77 -5.23 0.50 -8.46
CA THR A 77 -4.47 1.70 -8.48
C THR A 77 -5.12 2.81 -7.66
N THR A 78 -4.42 3.92 -7.56
CA THR A 78 -4.87 5.08 -6.84
C THR A 78 -4.32 6.33 -7.51
N ASN A 79 -5.12 6.98 -8.35
CA ASN A 79 -4.67 8.17 -9.06
C ASN A 79 -5.09 9.46 -8.34
N PHE A 80 -4.11 10.30 -8.04
CA PHE A 80 -4.33 11.57 -7.37
C PHE A 80 -3.82 12.72 -8.22
N HIS A 81 -4.57 13.81 -8.25
CA HIS A 81 -4.15 15.00 -9.00
C HIS A 81 -3.93 16.16 -8.05
N PHE A 82 -2.69 16.38 -7.68
CA PHE A 82 -2.34 17.47 -6.79
C PHE A 82 -2.43 18.77 -7.57
N SER A 83 -3.51 19.49 -7.39
CA SER A 83 -3.72 20.74 -8.10
C SER A 83 -3.29 21.93 -7.26
N ASN A 84 -2.58 21.66 -6.17
CA ASN A 84 -2.09 22.70 -5.30
C ASN A 84 -0.82 23.30 -5.88
N GLU A 85 -0.98 24.16 -6.89
CA GLU A 85 0.14 24.82 -7.59
C GLU A 85 1.23 25.34 -6.65
N SER A 86 0.88 25.56 -5.40
CA SER A 86 1.80 26.10 -4.42
C SER A 86 2.82 25.05 -3.96
N THR A 87 2.36 23.87 -3.54
CA THR A 87 3.26 22.84 -3.06
C THR A 87 2.99 21.46 -3.67
N ALA A 88 2.08 21.39 -4.63
CA ALA A 88 1.70 20.14 -5.30
C ALA A 88 2.89 19.23 -5.56
N VAL A 89 3.84 19.74 -6.32
CA VAL A 89 5.06 19.01 -6.64
C VAL A 89 5.78 18.44 -5.39
N LYS A 90 6.06 19.27 -4.40
CA LYS A 90 6.77 18.79 -3.22
C LYS A 90 5.86 18.02 -2.27
N GLU A 91 4.56 18.28 -2.31
CA GLU A 91 3.61 17.57 -1.48
C GLU A 91 3.54 16.12 -1.95
N ARG A 92 3.57 15.94 -3.28
CA ARG A 92 3.55 14.60 -3.84
C ARG A 92 4.90 13.93 -3.61
N ASP A 93 5.93 14.76 -3.47
CA ASP A 93 7.27 14.26 -3.21
C ASP A 93 7.35 13.60 -1.84
N ALA A 94 7.02 14.37 -0.80
CA ALA A 94 7.04 13.82 0.56
C ALA A 94 6.08 12.65 0.64
N VAL A 95 5.01 12.72 -0.14
CA VAL A 95 4.04 11.65 -0.20
C VAL A 95 4.70 10.41 -0.81
N LYS A 96 5.27 10.58 -1.99
CA LYS A 96 5.97 9.50 -2.68
C LYS A 96 7.00 8.89 -1.75
N ASP A 97 7.73 9.77 -1.09
CA ASP A 97 8.79 9.40 -0.16
C ASP A 97 8.23 8.64 1.05
N LEU A 98 7.19 9.17 1.66
CA LEU A 98 6.60 8.55 2.84
C LEU A 98 5.97 7.21 2.50
N LEU A 99 5.19 7.19 1.42
CA LEU A 99 4.53 5.96 1.01
C LEU A 99 5.58 4.91 0.72
N GLN A 100 6.55 5.24 -0.14
CA GLN A 100 7.61 4.32 -0.51
C GLN A 100 8.43 3.94 0.72
N GLN A 101 8.26 4.68 1.81
CA GLN A 101 8.97 4.37 3.04
C GLN A 101 8.19 3.34 3.86
N LEU A 102 6.88 3.52 3.95
CA LEU A 102 6.03 2.64 4.72
C LEU A 102 5.54 1.46 3.88
N LEU A 103 5.56 1.64 2.56
CA LEU A 103 5.14 0.62 1.61
C LEU A 103 5.93 -0.70 1.75
N PRO A 104 7.29 -0.66 1.78
CA PRO A 104 8.08 -1.88 1.95
C PRO A 104 7.87 -2.48 3.33
N LYS A 105 7.62 -1.60 4.30
CA LYS A 105 7.37 -2.01 5.67
C LYS A 105 6.18 -2.96 5.72
N PHE A 106 5.10 -2.57 5.05
CA PHE A 106 3.89 -3.39 5.04
C PHE A 106 3.80 -4.28 3.80
N LYS A 107 4.88 -4.39 3.04
CA LYS A 107 4.88 -5.26 1.87
C LYS A 107 4.50 -6.67 2.30
N ARG A 108 3.60 -7.28 1.55
CA ARG A 108 3.16 -8.63 1.88
C ARG A 108 4.24 -9.66 1.55
N LYS A 109 5.08 -9.93 2.54
CA LYS A 109 6.15 -10.90 2.40
C LYS A 109 5.65 -12.28 2.82
N ALA A 110 5.08 -13.01 1.88
CA ALA A 110 4.55 -14.33 2.18
C ALA A 110 5.17 -15.38 1.26
N ASN A 111 5.77 -16.39 1.89
CA ASN A 111 6.39 -17.47 1.15
C ASN A 111 5.63 -18.76 1.43
N LYS A 112 5.90 -19.81 0.68
CA LYS A 112 5.21 -21.07 0.87
C LYS A 112 5.49 -21.68 2.24
N GLU A 113 6.77 -21.83 2.59
CA GLU A 113 7.11 -22.38 3.90
C GLU A 113 6.60 -21.47 5.02
N LEU A 114 6.46 -20.19 4.70
CA LEU A 114 5.96 -19.22 5.66
C LEU A 114 4.50 -19.51 5.97
N GLU A 115 3.75 -19.96 4.96
CA GLU A 115 2.35 -20.30 5.18
C GLU A 115 2.27 -21.59 5.96
N GLU A 116 3.20 -22.52 5.70
CA GLU A 116 3.24 -23.77 6.44
C GLU A 116 3.44 -23.46 7.91
N LYS A 117 4.24 -22.44 8.16
CA LYS A 117 4.51 -21.97 9.51
C LYS A 117 3.29 -21.25 10.05
N ASN A 118 2.76 -20.33 9.24
CA ASN A 118 1.59 -19.53 9.58
C ASN A 118 0.38 -20.42 9.89
N ARG A 119 0.28 -21.52 9.15
CA ARG A 119 -0.79 -22.48 9.30
C ARG A 119 -0.78 -23.14 10.68
N MET A 120 0.42 -23.33 11.23
CA MET A 120 0.56 -23.98 12.52
C MET A 120 0.35 -22.96 13.61
N LEU A 121 0.67 -21.73 13.28
CA LEU A 121 0.54 -20.61 14.16
C LEU A 121 -0.93 -20.26 14.40
N GLN A 122 -1.79 -20.70 13.49
CA GLN A 122 -3.21 -20.44 13.59
C GLN A 122 -3.94 -21.60 14.27
N GLU A 123 -3.68 -22.82 13.80
CA GLU A 123 -4.34 -24.00 14.36
C GLU A 123 -3.79 -24.37 15.73
N ASP A 124 -2.53 -24.03 16.00
CA ASP A 124 -1.91 -24.34 17.29
C ASP A 124 -1.66 -23.06 18.08
N PRO A 125 -2.54 -22.75 19.04
CA PRO A 125 -2.42 -21.56 19.87
C PRO A 125 -1.24 -21.63 20.83
N VAL A 126 -0.78 -22.84 21.11
CA VAL A 126 0.34 -23.04 22.00
C VAL A 126 1.64 -22.68 21.29
N LEU A 127 1.73 -23.13 20.04
CA LEU A 127 2.90 -22.86 19.22
C LEU A 127 3.09 -21.37 19.05
N PHE A 128 2.02 -20.69 18.63
CA PHE A 128 2.06 -19.25 18.43
C PHE A 128 2.32 -18.53 19.76
N GLN A 129 1.89 -19.13 20.86
CA GLN A 129 2.15 -18.55 22.17
C GLN A 129 3.63 -18.63 22.49
N LEU A 130 4.20 -19.82 22.29
CA LEU A 130 5.63 -20.05 22.53
C LEU A 130 6.46 -19.15 21.61
N TYR A 131 5.91 -18.84 20.46
CA TYR A 131 6.56 -17.96 19.49
C TYR A 131 6.74 -16.59 20.13
N LYS A 132 5.68 -16.11 20.76
CA LYS A 132 5.68 -14.82 21.43
C LYS A 132 6.49 -14.88 22.72
N ASP A 133 6.64 -16.08 23.25
CA ASP A 133 7.36 -16.27 24.49
C ASP A 133 8.86 -16.25 24.24
N LEU A 134 9.31 -17.02 23.27
CA LEU A 134 10.73 -17.10 22.94
C LEU A 134 11.19 -16.06 21.91
N VAL A 135 10.65 -16.17 20.70
CA VAL A 135 11.05 -15.31 19.59
C VAL A 135 10.82 -13.82 19.89
N VAL A 136 9.80 -13.54 20.67
CA VAL A 136 9.48 -12.15 20.99
C VAL A 136 10.36 -11.65 22.15
N SER A 137 10.75 -12.56 23.02
CA SER A 137 11.61 -12.21 24.15
C SER A 137 13.07 -12.21 23.74
N GLN A 138 13.32 -12.24 22.43
CA GLN A 138 14.66 -12.27 21.89
C GLN A 138 15.46 -13.43 22.48
N VAL A 139 14.76 -14.53 22.75
CA VAL A 139 15.40 -15.71 23.31
C VAL A 139 16.09 -16.49 22.22
N ILE A 140 15.42 -16.54 21.07
CA ILE A 140 15.90 -17.22 19.88
C ILE A 140 15.13 -16.69 18.67
N SER A 141 15.54 -17.05 17.48
CA SER A 141 14.85 -16.61 16.29
C SER A 141 13.67 -17.53 16.01
N ALA A 142 12.86 -17.17 15.02
CA ALA A 142 11.69 -17.96 14.67
C ALA A 142 12.06 -19.34 14.14
N GLU A 143 13.12 -19.40 13.35
CA GLU A 143 13.56 -20.66 12.74
C GLU A 143 13.95 -21.69 13.80
N GLU A 144 14.59 -21.26 14.88
CA GLU A 144 14.99 -22.17 15.95
C GLU A 144 13.76 -22.86 16.54
N PHE A 145 12.75 -22.07 16.85
CA PHE A 145 11.52 -22.59 17.41
C PHE A 145 10.83 -23.50 16.39
N TRP A 146 10.88 -23.08 15.14
CA TRP A 146 10.26 -23.82 14.06
C TRP A 146 11.01 -25.12 13.78
N ALA A 147 12.32 -25.10 13.96
CA ALA A 147 13.15 -26.28 13.74
C ALA A 147 12.66 -27.43 14.62
N ASN A 148 12.16 -27.06 15.79
CA ASN A 148 11.66 -28.02 16.77
C ASN A 148 10.29 -28.58 16.38
N ARG A 149 9.52 -27.81 15.62
CA ARG A 149 8.17 -28.23 15.24
C ARG A 149 8.10 -28.81 13.84
N LEU A 150 8.79 -28.19 12.92
CA LEU A 150 8.79 -28.67 11.54
C LEU A 150 9.33 -30.10 11.46
N ASN A 151 10.35 -30.37 12.27
CA ASN A 151 10.96 -31.70 12.29
C ASN A 151 10.10 -32.70 13.06
N VAL A 152 9.25 -32.18 13.92
CA VAL A 152 8.32 -32.97 14.74
C VAL A 152 7.26 -32.08 15.32
N ASN A 153 6.05 -32.24 14.83
CA ASN A 153 4.95 -31.44 15.30
C ASN A 153 4.32 -32.09 16.52
N ALA A 154 4.74 -31.64 17.69
CA ALA A 154 4.23 -32.13 18.95
C ALA A 154 4.35 -31.05 20.02
N THR A 155 3.42 -31.05 20.95
CA THR A 155 3.43 -30.05 22.02
C THR A 155 4.45 -30.39 23.08
N ASP A 156 4.78 -31.64 23.13
CA ASP A 156 5.75 -32.16 24.10
C ASP A 156 7.17 -31.79 23.70
N SER A 157 7.47 -31.97 22.42
CA SER A 157 8.78 -31.67 21.88
C SER A 157 9.12 -30.18 22.04
N SER A 158 8.09 -29.34 22.00
CA SER A 158 8.29 -27.90 22.15
C SER A 158 8.42 -27.51 23.62
N SER A 159 8.12 -28.44 24.51
CA SER A 159 8.23 -28.19 25.94
C SER A 159 9.56 -28.68 26.49
N THR A 160 10.06 -29.77 25.93
CA THR A 160 11.33 -30.34 26.35
C THR A 160 11.99 -31.06 25.18
N SER A 161 13.31 -31.10 25.19
CA SER A 161 14.08 -31.76 24.15
C SER A 161 15.39 -32.27 24.75
N MET A 4 4.64 5.99 13.69
CA MET A 4 5.05 4.86 14.55
C MET A 4 4.70 3.54 13.89
N ALA A 5 4.30 2.58 14.70
CA ALA A 5 3.89 1.26 14.21
C ALA A 5 2.63 0.81 14.93
N THR A 6 1.80 0.05 14.24
CA THR A 6 0.53 -0.46 14.78
C THR A 6 -0.55 0.59 14.67
N SER A 7 -0.19 1.84 14.93
CA SER A 7 -1.11 2.94 14.87
C SER A 7 -1.71 3.04 13.48
N SER A 8 -2.71 2.19 13.24
CA SER A 8 -3.41 2.12 11.98
C SER A 8 -3.94 3.47 11.58
N GLU A 9 -4.11 4.28 12.60
CA GLU A 9 -4.57 5.64 12.43
C GLU A 9 -3.58 6.60 13.05
N GLU A 10 -2.63 7.05 12.24
CA GLU A 10 -1.62 7.99 12.67
C GLU A 10 -1.29 8.86 11.48
N VAL A 11 -1.82 10.08 11.45
CA VAL A 11 -1.58 10.94 10.32
C VAL A 11 -0.15 11.44 10.30
N LEU A 12 0.58 10.99 9.31
CA LEU A 12 1.94 11.40 9.16
C LEU A 12 2.09 12.63 8.28
N LEU A 13 1.21 12.78 7.30
CA LEU A 13 1.30 13.92 6.40
C LEU A 13 -0.08 14.42 6.01
N ILE A 14 -0.20 15.73 5.89
CA ILE A 14 -1.46 16.35 5.49
C ILE A 14 -1.26 17.07 4.16
N VAL A 15 -1.81 16.48 3.12
CA VAL A 15 -1.70 17.01 1.77
C VAL A 15 -3.00 17.74 1.40
N LYS A 16 -2.89 18.84 0.68
CA LYS A 16 -4.06 19.62 0.30
C LYS A 16 -4.19 19.76 -1.22
N LYS A 17 -5.41 20.04 -1.66
CA LYS A 17 -5.73 20.23 -3.06
C LYS A 17 -5.31 19.04 -3.92
N VAL A 18 -5.93 17.91 -3.62
CA VAL A 18 -5.70 16.68 -4.35
C VAL A 18 -7.04 16.22 -4.86
N ARG A 19 -7.17 16.04 -6.15
CA ARG A 19 -8.45 15.64 -6.70
C ARG A 19 -8.38 14.25 -7.31
N GLN A 20 -9.31 13.40 -6.90
CA GLN A 20 -9.42 12.05 -7.38
C GLN A 20 -10.66 11.92 -8.24
N LYS A 21 -10.47 11.60 -9.51
CA LYS A 21 -11.57 11.45 -10.46
C LYS A 21 -12.56 12.61 -10.36
N LYS A 22 -12.07 13.81 -10.67
CA LYS A 22 -12.85 15.03 -10.64
C LYS A 22 -13.23 15.52 -9.24
N GLN A 23 -12.99 14.74 -8.19
CA GLN A 23 -13.34 15.23 -6.86
C GLN A 23 -12.07 15.65 -6.12
N ASP A 24 -12.00 16.93 -5.84
CA ASP A 24 -10.89 17.53 -5.14
C ASP A 24 -11.05 17.45 -3.64
N GLY A 25 -9.94 17.47 -2.93
CA GLY A 25 -9.98 17.40 -1.49
C GLY A 25 -8.61 17.51 -0.85
N ALA A 26 -8.41 16.69 0.16
CA ALA A 26 -7.18 16.67 0.89
C ALA A 26 -6.79 15.23 1.19
N LEU A 27 -5.54 14.94 0.94
CA LEU A 27 -4.99 13.62 1.14
C LEU A 27 -4.21 13.53 2.44
N TYR A 28 -4.58 12.59 3.28
CA TYR A 28 -3.93 12.38 4.55
C TYR A 28 -3.11 11.09 4.55
N LEU A 29 -1.86 11.20 4.94
CA LEU A 29 -0.99 10.03 5.01
C LEU A 29 -0.96 9.52 6.43
N MET A 30 -0.93 8.22 6.59
CA MET A 30 -0.90 7.61 7.91
C MET A 30 0.28 6.65 8.04
N ALA A 31 0.62 6.33 9.28
CA ALA A 31 1.75 5.43 9.57
C ALA A 31 1.61 4.08 8.91
N GLU A 32 0.38 3.63 8.76
CA GLU A 32 0.15 2.32 8.20
C GLU A 32 -0.71 2.38 6.93
N ARG A 33 -1.05 3.57 6.46
CA ARG A 33 -1.92 3.64 5.28
C ARG A 33 -2.01 5.04 4.69
N ILE A 34 -2.74 5.13 3.59
CA ILE A 34 -2.95 6.38 2.89
C ILE A 34 -4.46 6.61 2.74
N ALA A 35 -4.92 7.79 3.11
CA ALA A 35 -6.35 8.07 3.03
C ALA A 35 -6.63 9.47 2.48
N TRP A 36 -7.40 9.52 1.42
CA TRP A 36 -7.76 10.79 0.80
C TRP A 36 -9.21 11.14 1.12
N ALA A 37 -9.45 12.42 1.24
CA ALA A 37 -10.77 12.94 1.57
C ALA A 37 -11.12 14.15 0.70
N PRO A 38 -12.38 14.29 0.28
CA PRO A 38 -12.82 15.43 -0.55
C PRO A 38 -12.94 16.70 0.28
N GLU A 39 -12.75 17.87 -0.33
CA GLU A 39 -12.86 19.11 0.43
C GLU A 39 -14.30 19.35 0.88
N GLY A 40 -14.49 19.36 2.20
CA GLY A 40 -15.81 19.57 2.75
C GLY A 40 -16.35 18.28 3.30
N LYS A 41 -15.42 17.41 3.65
CA LYS A 41 -15.73 16.11 4.17
C LYS A 41 -15.45 16.00 5.66
N ASP A 42 -15.91 14.91 6.20
CA ASP A 42 -15.70 14.59 7.59
C ASP A 42 -15.03 13.21 7.69
N ARG A 43 -14.83 12.58 6.54
CA ARG A 43 -14.22 11.25 6.50
C ARG A 43 -13.42 11.06 5.21
N PHE A 44 -12.57 10.04 5.21
CA PHE A 44 -11.78 9.73 4.04
C PHE A 44 -12.55 8.73 3.19
N THR A 45 -12.62 8.99 1.90
CA THR A 45 -13.34 8.11 1.00
C THR A 45 -12.40 7.08 0.42
N ILE A 46 -11.12 7.42 0.44
CA ILE A 46 -10.07 6.56 -0.06
C ILE A 46 -9.16 6.18 1.09
N SER A 47 -8.98 4.89 1.33
CA SER A 47 -8.11 4.45 2.40
C SER A 47 -7.46 3.11 2.05
N HIS A 48 -6.19 3.17 1.65
CA HIS A 48 -5.45 1.96 1.31
C HIS A 48 -4.32 1.73 2.27
N MET A 49 -4.11 0.50 2.64
CA MET A 49 -3.00 0.18 3.49
C MET A 49 -1.78 0.08 2.61
N TYR A 50 -0.63 0.47 3.11
CA TYR A 50 0.60 0.39 2.31
C TYR A 50 0.80 -1.04 1.79
N ALA A 51 0.30 -2.00 2.56
CA ALA A 51 0.40 -3.40 2.19
C ALA A 51 -0.44 -3.72 0.95
N ASP A 52 -1.45 -2.90 0.69
CA ASP A 52 -2.36 -3.11 -0.45
C ASP A 52 -1.79 -2.45 -1.69
N ILE A 53 -0.98 -1.44 -1.48
CA ILE A 53 -0.37 -0.72 -2.57
C ILE A 53 0.88 -1.46 -3.03
N LYS A 54 0.97 -1.76 -4.31
CA LYS A 54 2.14 -2.47 -4.82
C LYS A 54 3.28 -1.50 -5.07
N CYS A 55 3.00 -0.48 -5.87
CA CYS A 55 4.01 0.51 -6.21
C CYS A 55 3.35 1.87 -6.48
N GLN A 56 4.18 2.90 -6.67
CA GLN A 56 3.67 4.23 -6.93
C GLN A 56 4.23 4.76 -8.24
N LYS A 57 3.37 5.46 -8.97
CA LYS A 57 3.72 6.04 -10.24
C LYS A 57 3.46 7.54 -10.19
N ILE A 58 4.40 8.33 -10.66
CA ILE A 58 4.23 9.78 -10.66
C ILE A 58 4.47 10.36 -12.04
N SER A 59 3.79 11.47 -12.31
CA SER A 59 3.92 12.17 -13.58
C SER A 59 5.19 13.00 -13.57
N PRO A 60 5.97 12.96 -14.65
CA PRO A 60 7.22 13.72 -14.73
C PRO A 60 6.99 15.22 -14.56
N GLU A 61 7.74 15.82 -13.64
CA GLU A 61 7.65 17.24 -13.33
C GLU A 61 7.83 18.11 -14.58
N GLY A 62 7.39 19.35 -14.46
CA GLY A 62 7.47 20.28 -15.57
C GLY A 62 6.11 20.55 -16.15
N LYS A 63 5.10 19.98 -15.50
CA LYS A 63 3.72 20.15 -15.91
C LYS A 63 2.92 20.77 -14.77
N ALA A 64 1.73 21.24 -15.07
CA ALA A 64 0.87 21.84 -14.05
C ALA A 64 -0.10 20.80 -13.49
N LYS A 65 0.31 19.54 -13.57
CA LYS A 65 -0.51 18.44 -13.08
C LYS A 65 0.33 17.42 -12.33
N ILE A 66 0.31 17.50 -11.00
CA ILE A 66 1.05 16.53 -10.20
C ILE A 66 0.18 15.29 -10.04
N GLN A 67 0.36 14.31 -10.89
CA GLN A 67 -0.44 13.11 -10.81
C GLN A 67 0.32 11.94 -10.22
N LEU A 68 -0.27 11.35 -9.19
CA LEU A 68 0.28 10.20 -8.50
C LEU A 68 -0.63 9.00 -8.72
N GLN A 69 -0.05 7.83 -8.90
CA GLN A 69 -0.85 6.63 -9.10
C GLN A 69 -0.25 5.46 -8.31
N LEU A 70 -0.96 5.05 -7.27
CA LEU A 70 -0.51 3.93 -6.44
C LEU A 70 -1.12 2.63 -6.93
N VAL A 71 -0.36 1.88 -7.71
CA VAL A 71 -0.86 0.61 -8.21
C VAL A 71 -0.91 -0.39 -7.08
N LEU A 72 -2.09 -0.93 -6.82
CA LEU A 72 -2.28 -1.88 -5.77
C LEU A 72 -2.17 -3.30 -6.33
N HIS A 73 -1.68 -4.22 -5.50
CA HIS A 73 -1.48 -5.64 -5.89
C HIS A 73 -2.71 -6.27 -6.52
N ALA A 74 -3.90 -5.91 -6.04
CA ALA A 74 -5.14 -6.48 -6.57
C ALA A 74 -5.29 -6.17 -8.05
N GLY A 75 -4.58 -5.15 -8.50
CA GLY A 75 -4.63 -4.76 -9.88
C GLY A 75 -5.33 -3.44 -9.99
N ASP A 76 -5.24 -2.69 -8.91
CA ASP A 76 -5.89 -1.41 -8.83
C ASP A 76 -4.87 -0.33 -8.77
N THR A 77 -5.36 0.88 -8.68
CA THR A 77 -4.48 2.00 -8.63
C THR A 77 -5.13 3.19 -7.94
N THR A 78 -4.36 3.86 -7.11
CA THR A 78 -4.82 5.04 -6.42
C THR A 78 -4.28 6.27 -7.14
N ASN A 79 -5.10 6.86 -7.97
CA ASN A 79 -4.71 8.04 -8.74
C ASN A 79 -5.07 9.33 -8.02
N PHE A 80 -4.08 10.20 -7.84
CA PHE A 80 -4.27 11.48 -7.16
C PHE A 80 -3.77 12.63 -8.01
N HIS A 81 -4.52 13.72 -8.02
CA HIS A 81 -4.13 14.91 -8.76
C HIS A 81 -3.81 16.05 -7.82
N PHE A 82 -2.53 16.23 -7.56
CA PHE A 82 -2.07 17.30 -6.71
C PHE A 82 -2.12 18.59 -7.51
N SER A 83 -3.12 19.41 -7.27
CA SER A 83 -3.27 20.65 -8.01
C SER A 83 -2.98 21.86 -7.14
N ASN A 84 -2.22 21.63 -6.09
CA ASN A 84 -1.83 22.70 -5.19
C ASN A 84 -0.54 23.31 -5.72
N GLU A 85 -0.69 24.14 -6.75
CA GLU A 85 0.42 24.81 -7.47
C GLU A 85 1.55 25.34 -6.58
N SER A 86 1.29 25.53 -5.31
CA SER A 86 2.28 26.06 -4.40
C SER A 86 3.20 24.96 -3.86
N THR A 87 2.62 23.82 -3.48
CA THR A 87 3.41 22.74 -2.93
C THR A 87 3.10 21.37 -3.56
N ALA A 88 2.25 21.34 -4.58
CA ALA A 88 1.84 20.10 -5.25
C ALA A 88 2.99 19.13 -5.44
N VAL A 89 4.00 19.57 -6.15
CA VAL A 89 5.18 18.75 -6.41
C VAL A 89 5.89 18.33 -5.10
N LYS A 90 6.13 19.28 -4.21
CA LYS A 90 6.80 18.98 -2.92
C LYS A 90 5.93 18.09 -2.05
N GLU A 91 4.62 18.25 -2.15
CA GLU A 91 3.68 17.44 -1.39
C GLU A 91 3.76 16.02 -1.91
N ARG A 92 3.79 15.88 -3.23
CA ARG A 92 3.90 14.57 -3.85
C ARG A 92 5.28 14.01 -3.57
N ASP A 93 6.24 14.89 -3.28
CA ASP A 93 7.58 14.47 -2.90
C ASP A 93 7.56 13.78 -1.56
N ALA A 94 7.06 14.47 -0.55
CA ALA A 94 6.96 13.89 0.78
C ALA A 94 6.01 12.71 0.74
N VAL A 95 5.07 12.75 -0.19
CA VAL A 95 4.13 11.66 -0.36
C VAL A 95 4.86 10.46 -0.93
N LYS A 96 5.55 10.68 -2.04
CA LYS A 96 6.34 9.65 -2.69
C LYS A 96 7.32 9.05 -1.70
N ASP A 97 7.87 9.92 -0.87
CA ASP A 97 8.84 9.53 0.13
C ASP A 97 8.22 8.80 1.32
N LEU A 98 7.12 9.33 1.85
CA LEU A 98 6.48 8.71 3.01
C LEU A 98 5.88 7.37 2.65
N LEU A 99 5.15 7.31 1.54
CA LEU A 99 4.55 6.06 1.12
C LEU A 99 5.61 5.03 0.86
N GLN A 100 6.58 5.37 0.03
CA GLN A 100 7.67 4.46 -0.31
C GLN A 100 8.47 4.12 0.93
N GLN A 101 8.27 4.87 2.00
CA GLN A 101 8.97 4.61 3.25
C GLN A 101 8.19 3.57 4.07
N LEU A 102 6.87 3.71 4.10
CA LEU A 102 6.04 2.80 4.86
C LEU A 102 5.61 1.60 4.02
N LEU A 103 5.66 1.75 2.70
CA LEU A 103 5.32 0.68 1.77
C LEU A 103 6.18 -0.58 1.97
N PRO A 104 7.53 -0.48 2.09
CA PRO A 104 8.36 -1.65 2.33
C PRO A 104 8.12 -2.19 3.74
N LYS A 105 7.69 -1.29 4.61
CA LYS A 105 7.39 -1.61 5.99
C LYS A 105 6.19 -2.56 6.06
N PHE A 106 5.26 -2.39 5.10
CA PHE A 106 4.09 -3.26 5.02
C PHE A 106 4.07 -4.04 3.73
N LYS A 107 5.24 -4.24 3.13
CA LYS A 107 5.31 -4.94 1.86
C LYS A 107 5.11 -6.44 2.03
N ARG A 108 3.92 -6.90 1.68
CA ARG A 108 3.60 -8.31 1.74
C ARG A 108 3.93 -8.93 0.39
N LYS A 109 5.08 -9.59 0.31
CA LYS A 109 5.51 -10.18 -0.94
C LYS A 109 4.78 -11.46 -1.28
N ALA A 110 3.68 -11.32 -1.95
CA ALA A 110 2.93 -12.45 -2.40
C ALA A 110 3.31 -12.68 -3.85
N ASN A 111 3.35 -13.93 -4.27
CA ASN A 111 3.65 -14.26 -5.67
C ASN A 111 2.85 -13.34 -6.60
N LYS A 112 3.50 -12.80 -7.62
CA LYS A 112 2.85 -11.87 -8.55
C LYS A 112 1.50 -12.38 -9.03
N GLU A 113 1.48 -13.64 -9.47
CA GLU A 113 0.24 -14.25 -9.94
C GLU A 113 -0.83 -14.22 -8.86
N LEU A 114 -0.40 -14.41 -7.62
CA LEU A 114 -1.32 -14.42 -6.49
C LEU A 114 -1.76 -13.00 -6.15
N GLU A 115 -0.93 -12.02 -6.49
CA GLU A 115 -1.25 -10.63 -6.23
C GLU A 115 -2.40 -10.17 -7.12
N GLU A 116 -2.23 -10.38 -8.42
CA GLU A 116 -3.25 -10.01 -9.39
C GLU A 116 -4.53 -10.82 -9.18
N LYS A 117 -4.37 -12.06 -8.75
CA LYS A 117 -5.51 -12.95 -8.49
C LYS A 117 -6.22 -12.56 -7.20
N ASN A 118 -5.49 -11.87 -6.32
CA ASN A 118 -6.02 -11.43 -5.02
C ASN A 118 -7.30 -10.61 -5.17
N ARG A 119 -7.48 -9.99 -6.33
CA ARG A 119 -8.67 -9.20 -6.59
C ARG A 119 -9.92 -10.07 -6.59
N MET A 120 -9.76 -11.35 -6.90
CA MET A 120 -10.88 -12.27 -6.96
C MET A 120 -11.18 -12.76 -5.56
N LEU A 121 -10.12 -12.73 -4.77
CA LEU A 121 -10.16 -13.12 -3.38
C LEU A 121 -10.89 -12.08 -2.55
N GLN A 122 -10.92 -10.86 -3.06
CA GLN A 122 -11.59 -9.76 -2.38
C GLN A 122 -13.09 -9.77 -2.68
N GLU A 123 -13.43 -9.92 -3.95
CA GLU A 123 -14.81 -9.95 -4.38
C GLU A 123 -15.56 -11.17 -3.85
N ASP A 124 -14.92 -12.33 -3.87
CA ASP A 124 -15.54 -13.55 -3.38
C ASP A 124 -14.97 -13.97 -2.03
N PRO A 125 -15.77 -13.79 -0.97
CA PRO A 125 -15.35 -14.14 0.40
C PRO A 125 -15.24 -15.64 0.63
N VAL A 126 -15.99 -16.42 -0.15
CA VAL A 126 -15.97 -17.87 0.00
C VAL A 126 -14.72 -18.43 -0.65
N LEU A 127 -14.40 -17.93 -1.83
CA LEU A 127 -13.22 -18.35 -2.55
C LEU A 127 -11.99 -18.09 -1.70
N PHE A 128 -11.92 -16.89 -1.15
CA PHE A 128 -10.81 -16.50 -0.30
C PHE A 128 -10.84 -17.28 1.02
N GLN A 129 -12.01 -17.81 1.37
CA GLN A 129 -12.13 -18.61 2.58
C GLN A 129 -11.54 -19.99 2.33
N LEU A 130 -12.00 -20.64 1.28
CA LEU A 130 -11.53 -21.98 0.92
C LEU A 130 -10.05 -21.94 0.56
N TYR A 131 -9.60 -20.78 0.08
CA TYR A 131 -8.19 -20.58 -0.27
C TYR A 131 -7.35 -20.76 0.98
N LYS A 132 -7.82 -20.19 2.08
CA LYS A 132 -7.13 -20.27 3.36
C LYS A 132 -7.33 -21.65 3.98
N ASP A 133 -8.39 -22.32 3.57
CA ASP A 133 -8.70 -23.63 4.08
C ASP A 133 -7.77 -24.68 3.47
N LEU A 134 -7.65 -24.66 2.15
CA LEU A 134 -6.81 -25.62 1.45
C LEU A 134 -5.37 -25.18 1.26
N VAL A 135 -5.18 -24.09 0.53
CA VAL A 135 -3.84 -23.59 0.21
C VAL A 135 -3.03 -23.23 1.44
N VAL A 136 -3.71 -22.80 2.49
CA VAL A 136 -3.02 -22.41 3.71
C VAL A 136 -2.72 -23.63 4.59
N SER A 137 -3.53 -24.67 4.44
CA SER A 137 -3.33 -25.91 5.19
C SER A 137 -2.40 -26.84 4.43
N GLN A 138 -1.75 -26.29 3.39
CA GLN A 138 -0.85 -27.03 2.54
C GLN A 138 -1.53 -28.29 1.99
N VAL A 139 -2.83 -28.18 1.74
CA VAL A 139 -3.61 -29.28 1.22
C VAL A 139 -3.32 -29.44 -0.26
N ILE A 140 -3.11 -28.30 -0.91
CA ILE A 140 -2.81 -28.22 -2.33
C ILE A 140 -2.17 -26.86 -2.58
N SER A 141 -1.64 -26.65 -3.78
CA SER A 141 -1.04 -25.36 -4.10
C SER A 141 -2.14 -24.37 -4.46
N ALA A 142 -1.78 -23.09 -4.54
CA ALA A 142 -2.75 -22.05 -4.86
C ALA A 142 -3.31 -22.21 -6.25
N GLU A 143 -2.46 -22.59 -7.19
CA GLU A 143 -2.85 -22.74 -8.59
C GLU A 143 -3.94 -23.80 -8.77
N GLU A 144 -3.91 -24.87 -7.99
CA GLU A 144 -4.92 -25.92 -8.09
C GLU A 144 -6.30 -25.37 -7.80
N PHE A 145 -6.39 -24.54 -6.77
CA PHE A 145 -7.66 -23.94 -6.41
C PHE A 145 -8.05 -22.86 -7.43
N TRP A 146 -7.04 -22.15 -7.90
CA TRP A 146 -7.24 -21.09 -8.88
C TRP A 146 -7.68 -21.67 -10.21
N ALA A 147 -7.19 -22.85 -10.52
CA ALA A 147 -7.51 -23.55 -11.77
C ALA A 147 -9.01 -23.82 -11.88
N ASN A 148 -9.68 -23.85 -10.74
CA ASN A 148 -11.12 -24.11 -10.72
C ASN A 148 -11.94 -22.81 -10.71
N ARG A 149 -11.30 -21.64 -10.81
CA ARG A 149 -12.05 -20.39 -10.76
C ARG A 149 -11.56 -19.35 -11.76
N LEU A 150 -10.27 -19.31 -12.03
CA LEU A 150 -9.73 -18.35 -12.97
C LEU A 150 -10.39 -18.50 -14.32
N ASN A 151 -10.50 -19.74 -14.76
CA ASN A 151 -11.10 -20.06 -16.04
C ASN A 151 -12.61 -20.30 -15.93
N VAL A 152 -13.19 -19.96 -14.79
CA VAL A 152 -14.61 -20.13 -14.60
C VAL A 152 -15.12 -19.14 -13.59
N ASN A 153 -15.88 -18.20 -14.11
CA ASN A 153 -16.46 -17.11 -13.33
C ASN A 153 -17.24 -17.65 -12.15
N ALA A 154 -16.58 -17.67 -11.02
CA ALA A 154 -17.16 -18.15 -9.78
C ALA A 154 -18.35 -17.29 -9.38
N THR A 155 -19.53 -17.85 -9.51
CA THR A 155 -20.75 -17.15 -9.15
C THR A 155 -21.46 -17.88 -8.02
N ASP A 156 -21.11 -19.13 -7.91
CA ASP A 156 -21.65 -20.03 -6.90
C ASP A 156 -21.25 -19.59 -5.49
N SER A 157 -19.95 -19.45 -5.29
CA SER A 157 -19.40 -19.06 -4.00
C SER A 157 -19.89 -17.67 -3.60
N SER A 158 -20.00 -16.78 -4.58
CA SER A 158 -20.45 -15.42 -4.34
C SER A 158 -21.91 -15.37 -3.90
N SER A 159 -22.63 -16.46 -4.12
CA SER A 159 -24.03 -16.55 -3.74
C SER A 159 -24.16 -17.17 -2.34
N THR A 160 -23.02 -17.35 -1.68
CA THR A 160 -22.99 -17.92 -0.35
C THR A 160 -22.35 -16.95 0.64
N SER A 161 -22.80 -16.99 1.88
CA SER A 161 -22.28 -16.12 2.93
C SER A 161 -22.53 -16.80 4.28
N MET A 4 3.88 9.30 16.81
CA MET A 4 3.31 9.27 18.17
C MET A 4 3.05 7.84 18.59
N ALA A 5 2.06 7.65 19.45
CA ALA A 5 1.71 6.33 19.94
C ALA A 5 0.19 6.16 19.92
N THR A 6 -0.40 6.54 18.81
CA THR A 6 -1.85 6.46 18.65
C THR A 6 -2.29 5.03 18.38
N SER A 7 -3.59 4.79 18.53
CA SER A 7 -4.19 3.49 18.31
C SER A 7 -4.26 3.12 16.83
N SER A 8 -3.10 2.85 16.24
CA SER A 8 -3.00 2.46 14.84
C SER A 8 -3.49 3.57 13.90
N GLU A 9 -3.48 4.79 14.41
CA GLU A 9 -3.87 5.93 13.61
C GLU A 9 -2.80 7.01 13.73
N GLU A 10 -1.82 6.99 12.84
CA GLU A 10 -0.76 7.96 12.88
C GLU A 10 -0.74 8.78 11.61
N VAL A 11 -1.35 9.95 11.63
CA VAL A 11 -1.33 10.79 10.46
C VAL A 11 0.06 11.34 10.29
N LEU A 12 0.72 10.92 9.25
CA LEU A 12 2.07 11.36 9.03
C LEU A 12 2.19 12.57 8.12
N LEU A 13 1.30 12.72 7.16
CA LEU A 13 1.36 13.85 6.26
C LEU A 13 -0.02 14.34 5.88
N ILE A 14 -0.15 15.65 5.69
CA ILE A 14 -1.42 16.24 5.29
C ILE A 14 -1.24 17.01 4.00
N VAL A 15 -1.74 16.44 2.91
CA VAL A 15 -1.63 17.02 1.59
C VAL A 15 -2.95 17.69 1.22
N LYS A 16 -2.88 18.79 0.47
CA LYS A 16 -4.09 19.52 0.10
C LYS A 16 -4.23 19.68 -1.40
N LYS A 17 -5.43 20.10 -1.82
CA LYS A 17 -5.79 20.33 -3.21
C LYS A 17 -5.35 19.18 -4.11
N VAL A 18 -5.94 18.02 -3.86
CA VAL A 18 -5.67 16.82 -4.62
C VAL A 18 -6.97 16.32 -5.22
N ARG A 19 -7.05 16.35 -6.54
CA ARG A 19 -8.28 15.96 -7.23
C ARG A 19 -8.19 14.50 -7.68
N GLN A 20 -9.06 13.68 -7.15
CA GLN A 20 -9.13 12.29 -7.52
C GLN A 20 -10.42 12.08 -8.30
N LYS A 21 -10.28 11.73 -9.56
CA LYS A 21 -11.43 11.48 -10.42
C LYS A 21 -12.44 12.63 -10.38
N LYS A 22 -11.99 13.80 -10.84
CA LYS A 22 -12.81 15.01 -10.91
C LYS A 22 -13.13 15.67 -9.58
N GLN A 23 -12.59 15.21 -8.46
CA GLN A 23 -12.88 15.87 -7.19
C GLN A 23 -11.64 16.01 -6.31
N ASP A 24 -11.30 17.26 -6.03
CA ASP A 24 -10.18 17.63 -5.18
C ASP A 24 -10.55 17.65 -3.73
N GLY A 25 -9.55 17.52 -2.90
CA GLY A 25 -9.74 17.56 -1.48
C GLY A 25 -8.43 17.64 -0.76
N ALA A 26 -8.25 16.77 0.19
CA ALA A 26 -7.04 16.73 0.96
C ALA A 26 -6.66 15.28 1.25
N LEU A 27 -5.42 14.97 0.94
CA LEU A 27 -4.89 13.63 1.11
C LEU A 27 -4.13 13.52 2.43
N TYR A 28 -4.54 12.57 3.24
CA TYR A 28 -3.91 12.32 4.53
C TYR A 28 -3.08 11.05 4.49
N LEU A 29 -1.84 11.15 4.93
CA LEU A 29 -0.97 10.00 4.99
C LEU A 29 -0.89 9.51 6.41
N MET A 30 -0.82 8.21 6.58
CA MET A 30 -0.72 7.61 7.89
C MET A 30 0.44 6.63 7.92
N ALA A 31 0.86 6.24 9.11
CA ALA A 31 1.97 5.31 9.27
C ALA A 31 1.70 3.95 8.66
N GLU A 32 0.43 3.59 8.60
CA GLU A 32 0.05 2.29 8.09
C GLU A 32 -0.77 2.39 6.81
N ARG A 33 -1.05 3.59 6.31
CA ARG A 33 -1.90 3.68 5.13
C ARG A 33 -1.98 5.08 4.54
N ILE A 34 -2.67 5.17 3.41
CA ILE A 34 -2.89 6.41 2.70
C ILE A 34 -4.39 6.64 2.54
N ALA A 35 -4.87 7.79 2.96
CA ALA A 35 -6.29 8.09 2.88
C ALA A 35 -6.56 9.47 2.33
N TRP A 36 -7.30 9.53 1.24
CA TRP A 36 -7.63 10.80 0.63
C TRP A 36 -9.09 11.16 0.89
N ALA A 37 -9.32 12.44 1.04
CA ALA A 37 -10.65 12.97 1.33
C ALA A 37 -10.95 14.18 0.44
N PRO A 38 -12.20 14.33 -0.04
CA PRO A 38 -12.59 15.47 -0.89
C PRO A 38 -12.77 16.75 -0.08
N GLU A 39 -12.84 17.89 -0.74
CA GLU A 39 -13.00 19.15 -0.02
C GLU A 39 -14.43 19.29 0.55
N GLY A 40 -14.53 19.34 1.87
CA GLY A 40 -15.82 19.49 2.50
C GLY A 40 -16.29 18.18 3.04
N LYS A 41 -15.32 17.34 3.35
CA LYS A 41 -15.57 16.03 3.84
C LYS A 41 -15.35 15.95 5.33
N ASP A 42 -15.84 14.87 5.88
CA ASP A 42 -15.69 14.56 7.28
C ASP A 42 -15.04 13.19 7.41
N ARG A 43 -14.81 12.56 6.26
CA ARG A 43 -14.23 11.22 6.21
C ARG A 43 -13.39 11.04 4.96
N PHE A 44 -12.61 9.97 4.92
CA PHE A 44 -11.79 9.67 3.77
C PHE A 44 -12.54 8.72 2.86
N THR A 45 -12.56 9.03 1.58
CA THR A 45 -13.26 8.19 0.63
C THR A 45 -12.30 7.18 0.04
N ILE A 46 -11.02 7.48 0.19
CA ILE A 46 -9.97 6.62 -0.30
C ILE A 46 -9.09 6.21 0.87
N SER A 47 -8.90 4.92 1.06
CA SER A 47 -8.06 4.44 2.14
C SER A 47 -7.38 3.13 1.75
N HIS A 48 -6.10 3.21 1.39
CA HIS A 48 -5.35 2.03 1.01
C HIS A 48 -4.26 1.77 2.02
N MET A 49 -4.10 0.53 2.38
CA MET A 49 -3.06 0.16 3.30
C MET A 49 -1.78 -0.01 2.50
N TYR A 50 -0.66 0.41 3.07
CA TYR A 50 0.63 0.28 2.39
C TYR A 50 0.85 -1.18 1.97
N ALA A 51 0.32 -2.09 2.76
CA ALA A 51 0.45 -3.50 2.50
C ALA A 51 -0.31 -3.91 1.24
N ASP A 52 -1.24 -3.04 0.80
CA ASP A 52 -2.05 -3.30 -0.38
C ASP A 52 -1.51 -2.57 -1.60
N ILE A 53 -0.78 -1.49 -1.37
CA ILE A 53 -0.21 -0.72 -2.47
C ILE A 53 1.06 -1.39 -2.97
N LYS A 54 1.01 -1.89 -4.18
CA LYS A 54 2.14 -2.59 -4.78
C LYS A 54 3.28 -1.64 -5.09
N CYS A 55 2.92 -0.55 -5.74
CA CYS A 55 3.93 0.45 -6.12
C CYS A 55 3.29 1.80 -6.42
N GLN A 56 4.13 2.78 -6.69
CA GLN A 56 3.67 4.12 -7.01
C GLN A 56 4.28 4.58 -8.33
N LYS A 57 3.51 5.33 -9.09
CA LYS A 57 3.94 5.85 -10.37
C LYS A 57 3.69 7.34 -10.42
N ILE A 58 4.74 8.13 -10.35
CA ILE A 58 4.59 9.57 -10.38
C ILE A 58 4.89 10.11 -11.77
N SER A 59 4.20 11.19 -12.13
CA SER A 59 4.38 11.81 -13.42
C SER A 59 5.61 12.72 -13.39
N PRO A 60 6.35 12.81 -14.52
CA PRO A 60 7.54 13.65 -14.61
C PRO A 60 7.24 15.08 -14.20
N GLU A 61 8.02 15.61 -13.27
CA GLU A 61 7.80 16.96 -12.77
C GLU A 61 8.31 18.04 -13.71
N GLY A 62 7.81 19.24 -13.49
CA GLY A 62 8.15 20.37 -14.32
C GLY A 62 6.91 20.94 -14.96
N LYS A 63 5.77 20.40 -14.54
CA LYS A 63 4.46 20.79 -15.03
C LYS A 63 3.60 21.28 -13.87
N ALA A 64 2.38 21.70 -14.19
CA ALA A 64 1.45 22.18 -13.17
C ALA A 64 0.56 21.05 -12.67
N LYS A 65 0.58 19.93 -13.37
CA LYS A 65 -0.23 18.78 -13.00
C LYS A 65 0.59 17.76 -12.23
N ILE A 66 0.50 17.76 -10.91
CA ILE A 66 1.25 16.80 -10.13
C ILE A 66 0.44 15.52 -10.02
N GLN A 67 0.57 14.64 -10.99
CA GLN A 67 -0.20 13.41 -10.97
C GLN A 67 0.59 12.24 -10.37
N LEU A 68 0.01 11.65 -9.34
CA LEU A 68 0.57 10.50 -8.66
C LEU A 68 -0.34 9.30 -8.87
N GLN A 69 0.21 8.15 -9.23
CA GLN A 69 -0.62 6.99 -9.43
C GLN A 69 -0.08 5.76 -8.74
N LEU A 70 -0.76 5.33 -7.69
CA LEU A 70 -0.37 4.13 -6.96
C LEU A 70 -1.00 2.93 -7.63
N VAL A 71 -0.41 1.77 -7.44
CA VAL A 71 -0.95 0.53 -7.99
C VAL A 71 -1.02 -0.45 -6.85
N LEU A 72 -2.13 -1.15 -6.71
CA LEU A 72 -2.27 -2.09 -5.63
C LEU A 72 -2.03 -3.52 -6.10
N HIS A 73 -1.69 -4.37 -5.15
CA HIS A 73 -1.41 -5.79 -5.41
C HIS A 73 -2.53 -6.54 -6.11
N ALA A 74 -3.77 -6.29 -5.71
CA ALA A 74 -4.91 -6.98 -6.32
C ALA A 74 -4.98 -6.66 -7.81
N GLY A 75 -4.40 -5.53 -8.18
CA GLY A 75 -4.38 -5.10 -9.54
C GLY A 75 -5.10 -3.80 -9.66
N ASP A 76 -5.12 -3.08 -8.55
CA ASP A 76 -5.82 -1.82 -8.47
C ASP A 76 -4.85 -0.70 -8.56
N THR A 77 -5.36 0.47 -8.29
CA THR A 77 -4.55 1.65 -8.35
C THR A 77 -5.12 2.78 -7.51
N THR A 78 -4.40 3.88 -7.47
CA THR A 78 -4.79 5.08 -6.75
C THR A 78 -4.28 6.31 -7.48
N ASN A 79 -5.15 6.95 -8.24
CA ASN A 79 -4.78 8.15 -9.00
C ASN A 79 -5.02 9.43 -8.20
N PHE A 80 -4.00 10.28 -8.13
CA PHE A 80 -4.08 11.53 -7.39
C PHE A 80 -3.56 12.70 -8.21
N HIS A 81 -4.36 13.74 -8.37
CA HIS A 81 -3.96 14.93 -9.10
C HIS A 81 -3.73 16.08 -8.14
N PHE A 82 -2.48 16.30 -7.79
CA PHE A 82 -2.12 17.39 -6.90
C PHE A 82 -2.19 18.70 -7.68
N SER A 83 -3.26 19.43 -7.49
CA SER A 83 -3.45 20.69 -8.20
C SER A 83 -3.09 21.89 -7.34
N ASN A 84 -2.41 21.63 -6.23
CA ASN A 84 -1.99 22.69 -5.33
C ASN A 84 -0.70 23.31 -5.83
N GLU A 85 -0.80 24.15 -6.85
CA GLU A 85 0.35 24.83 -7.49
C GLU A 85 1.39 25.33 -6.48
N SER A 86 0.95 25.60 -5.26
CA SER A 86 1.82 26.10 -4.22
C SER A 86 2.79 25.03 -3.71
N THR A 87 2.28 23.88 -3.30
CA THR A 87 3.15 22.82 -2.78
C THR A 87 2.88 21.44 -3.38
N ALA A 88 2.03 21.38 -4.41
CA ALA A 88 1.64 20.12 -5.07
C ALA A 88 2.84 19.21 -5.31
N VAL A 89 3.85 19.74 -5.97
CA VAL A 89 5.06 18.98 -6.25
C VAL A 89 5.72 18.46 -4.96
N LYS A 90 5.98 19.36 -4.02
CA LYS A 90 6.63 19.00 -2.75
C LYS A 90 5.75 18.07 -1.92
N GLU A 91 4.45 18.32 -1.92
CA GLU A 91 3.51 17.47 -1.18
C GLU A 91 3.54 16.07 -1.77
N ARG A 92 3.59 16.00 -3.09
CA ARG A 92 3.66 14.73 -3.80
C ARG A 92 5.02 14.10 -3.55
N ASP A 93 6.03 14.94 -3.37
CA ASP A 93 7.37 14.47 -3.08
C ASP A 93 7.44 13.79 -1.73
N ALA A 94 6.99 14.49 -0.68
CA ALA A 94 6.97 13.90 0.65
C ALA A 94 6.05 12.71 0.67
N VAL A 95 5.02 12.76 -0.16
CA VAL A 95 4.08 11.65 -0.29
C VAL A 95 4.79 10.46 -0.91
N LYS A 96 5.43 10.70 -2.05
CA LYS A 96 6.18 9.68 -2.76
C LYS A 96 7.21 9.06 -1.83
N ASP A 97 7.79 9.91 -1.01
CA ASP A 97 8.80 9.51 -0.05
C ASP A 97 8.21 8.75 1.14
N LEU A 98 7.13 9.27 1.72
CA LEU A 98 6.52 8.63 2.87
C LEU A 98 5.92 7.29 2.49
N LEU A 99 5.18 7.25 1.40
CA LEU A 99 4.58 6.00 0.96
C LEU A 99 5.63 4.98 0.68
N GLN A 100 6.59 5.32 -0.18
CA GLN A 100 7.66 4.40 -0.53
C GLN A 100 8.48 4.00 0.69
N GLN A 101 8.33 4.73 1.79
CA GLN A 101 9.06 4.39 3.00
C GLN A 101 8.22 3.45 3.88
N LEU A 102 6.91 3.67 3.91
CA LEU A 102 6.03 2.84 4.71
C LEU A 102 5.51 1.65 3.90
N LEU A 103 5.55 1.80 2.57
CA LEU A 103 5.08 0.78 1.64
C LEU A 103 5.80 -0.57 1.80
N PRO A 104 7.13 -0.66 1.58
CA PRO A 104 7.85 -1.92 1.72
C PRO A 104 7.77 -2.46 3.15
N LYS A 105 7.56 -1.54 4.08
CA LYS A 105 7.46 -1.87 5.50
C LYS A 105 6.20 -2.66 5.80
N PHE A 106 5.04 -2.13 5.42
CA PHE A 106 3.77 -2.80 5.69
C PHE A 106 3.40 -3.78 4.59
N LYS A 107 3.98 -3.59 3.40
CA LYS A 107 3.71 -4.45 2.24
C LYS A 107 3.63 -5.92 2.62
N ARG A 108 2.56 -6.57 2.15
CA ARG A 108 2.33 -7.98 2.42
C ARG A 108 3.54 -8.79 2.00
N LYS A 109 4.13 -9.50 2.96
CA LYS A 109 5.30 -10.32 2.70
C LYS A 109 4.91 -11.63 2.03
N ALA A 110 5.90 -12.45 1.71
CA ALA A 110 5.67 -13.73 1.06
C ALA A 110 4.65 -14.58 1.83
N ASN A 111 3.51 -14.83 1.20
CA ASN A 111 2.45 -15.62 1.79
C ASN A 111 2.81 -17.11 1.80
N LYS A 112 3.72 -17.47 2.68
CA LYS A 112 4.17 -18.86 2.80
C LYS A 112 3.05 -19.75 3.32
N GLU A 113 2.23 -19.22 4.22
CA GLU A 113 1.13 -19.98 4.77
C GLU A 113 0.14 -20.37 3.68
N LEU A 114 -0.14 -19.45 2.77
CA LEU A 114 -1.04 -19.70 1.66
C LEU A 114 -0.51 -20.83 0.78
N GLU A 115 0.80 -20.87 0.63
CA GLU A 115 1.45 -21.90 -0.15
C GLU A 115 1.23 -23.24 0.54
N GLU A 116 1.49 -23.27 1.84
CA GLU A 116 1.29 -24.47 2.66
C GLU A 116 -0.17 -24.91 2.57
N LYS A 117 -1.07 -23.95 2.69
CA LYS A 117 -2.51 -24.21 2.63
C LYS A 117 -2.89 -24.88 1.31
N ASN A 118 -2.56 -24.22 0.21
CA ASN A 118 -2.88 -24.71 -1.13
C ASN A 118 -2.25 -26.08 -1.42
N ARG A 119 -1.03 -26.29 -0.95
CA ARG A 119 -0.32 -27.54 -1.20
C ARG A 119 -0.76 -28.66 -0.25
N MET A 120 -1.32 -28.29 0.89
CA MET A 120 -1.72 -29.28 1.89
C MET A 120 -3.02 -29.90 1.44
N LEU A 121 -3.69 -29.15 0.60
CA LEU A 121 -4.94 -29.56 0.02
C LEU A 121 -4.71 -30.69 -0.98
N GLN A 122 -3.48 -30.80 -1.44
CA GLN A 122 -3.10 -31.84 -2.38
C GLN A 122 -2.43 -32.99 -1.64
N GLU A 123 -1.65 -32.64 -0.62
CA GLU A 123 -0.94 -33.64 0.19
C GLU A 123 -1.91 -34.42 1.06
N ASP A 124 -2.88 -33.70 1.65
CA ASP A 124 -3.87 -34.32 2.52
C ASP A 124 -5.24 -34.32 1.85
N PRO A 125 -5.68 -35.50 1.38
CA PRO A 125 -6.99 -35.65 0.72
C PRO A 125 -8.16 -35.45 1.68
N VAL A 126 -7.92 -35.73 2.95
CA VAL A 126 -8.95 -35.58 3.97
C VAL A 126 -9.14 -34.10 4.27
N LEU A 127 -8.03 -33.38 4.36
CA LEU A 127 -8.05 -31.96 4.62
C LEU A 127 -8.87 -31.24 3.56
N PHE A 128 -8.54 -31.50 2.30
CA PHE A 128 -9.25 -30.89 1.19
C PHE A 128 -10.71 -31.35 1.14
N GLN A 129 -11.00 -32.48 1.77
CA GLN A 129 -12.37 -32.98 1.83
C GLN A 129 -13.13 -32.18 2.88
N LEU A 130 -12.60 -32.13 4.09
CA LEU A 130 -13.23 -31.39 5.19
C LEU A 130 -13.30 -29.91 4.86
N TYR A 131 -12.37 -29.44 4.05
CA TYR A 131 -12.33 -28.06 3.62
C TYR A 131 -13.60 -27.73 2.85
N LYS A 132 -13.97 -28.64 1.95
CA LYS A 132 -15.17 -28.48 1.13
C LYS A 132 -16.41 -28.78 1.95
N ASP A 133 -16.24 -29.55 3.01
CA ASP A 133 -17.34 -29.92 3.86
C ASP A 133 -17.73 -28.76 4.76
N LEU A 134 -16.75 -28.16 5.42
CA LEU A 134 -17.01 -27.04 6.33
C LEU A 134 -16.96 -25.67 5.67
N VAL A 135 -15.77 -25.33 5.16
CA VAL A 135 -15.53 -24.01 4.57
C VAL A 135 -16.41 -23.73 3.37
N VAL A 136 -16.80 -24.78 2.66
CA VAL A 136 -17.65 -24.60 1.49
C VAL A 136 -19.12 -24.52 1.88
N SER A 137 -19.49 -25.26 2.93
CA SER A 137 -20.86 -25.26 3.43
C SER A 137 -21.13 -24.03 4.29
N GLN A 138 -20.20 -23.08 4.27
CA GLN A 138 -20.30 -21.86 5.05
C GLN A 138 -20.47 -22.18 6.53
N VAL A 139 -19.82 -23.26 6.96
CA VAL A 139 -19.88 -23.69 8.34
C VAL A 139 -18.93 -22.84 9.16
N ILE A 140 -17.80 -22.54 8.55
CA ILE A 140 -16.74 -21.73 9.14
C ILE A 140 -15.87 -21.19 8.02
N SER A 141 -14.99 -20.25 8.33
CA SER A 141 -14.12 -19.68 7.32
C SER A 141 -12.93 -20.62 7.10
N ALA A 142 -12.12 -20.32 6.10
CA ALA A 142 -10.97 -21.15 5.76
C ALA A 142 -9.95 -21.17 6.88
N GLU A 143 -9.62 -20.00 7.41
CA GLU A 143 -8.61 -19.87 8.46
C GLU A 143 -8.91 -20.73 9.68
N GLU A 144 -10.19 -20.86 10.04
CA GLU A 144 -10.56 -21.69 11.20
C GLU A 144 -10.11 -23.13 11.00
N PHE A 145 -10.33 -23.65 9.81
CA PHE A 145 -9.93 -25.01 9.48
C PHE A 145 -8.41 -25.11 9.42
N TRP A 146 -7.79 -24.05 8.94
CA TRP A 146 -6.35 -23.99 8.82
C TRP A 146 -5.69 -23.87 10.19
N ALA A 147 -6.32 -23.11 11.07
CA ALA A 147 -5.82 -22.92 12.44
C ALA A 147 -5.73 -24.23 13.19
N ASN A 148 -6.47 -25.23 12.71
CA ASN A 148 -6.50 -26.53 13.34
C ASN A 148 -5.51 -27.52 12.70
N ARG A 149 -5.08 -27.27 11.46
CA ARG A 149 -4.20 -28.23 10.78
C ARG A 149 -2.87 -27.64 10.30
N LEU A 150 -2.80 -26.34 10.14
CA LEU A 150 -1.56 -25.70 9.70
C LEU A 150 -0.46 -25.88 10.73
N ASN A 151 -0.75 -25.41 11.93
CA ASN A 151 0.20 -25.48 13.05
C ASN A 151 0.28 -26.86 13.67
N VAL A 152 -0.49 -27.79 13.13
CA VAL A 152 -0.52 -29.17 13.60
C VAL A 152 -1.23 -30.04 12.60
N ASN A 153 -0.47 -30.88 11.95
CA ASN A 153 -1.02 -31.79 10.97
C ASN A 153 -1.51 -33.06 11.66
N ALA A 154 -2.80 -33.08 11.94
CA ALA A 154 -3.42 -34.22 12.58
C ALA A 154 -3.46 -35.41 11.63
N THR A 155 -2.62 -36.40 11.90
CA THR A 155 -2.53 -37.58 11.06
C THR A 155 -3.71 -38.50 11.30
N ASP A 156 -4.31 -38.32 12.44
CA ASP A 156 -5.46 -39.11 12.89
C ASP A 156 -6.60 -39.04 11.88
N SER A 157 -7.14 -37.85 11.69
CA SER A 157 -8.25 -37.63 10.77
C SER A 157 -7.88 -37.96 9.33
N SER A 158 -6.61 -37.81 8.99
CA SER A 158 -6.15 -38.10 7.63
C SER A 158 -6.04 -39.60 7.38
N SER A 159 -6.01 -40.39 8.45
CA SER A 159 -5.90 -41.84 8.31
C SER A 159 -7.22 -42.51 8.67
N THR A 160 -8.05 -41.83 9.43
CA THR A 160 -9.34 -42.37 9.85
C THR A 160 -10.39 -41.28 9.91
N SER A 161 -11.58 -41.59 9.43
CA SER A 161 -12.68 -40.65 9.44
C SER A 161 -13.99 -41.41 9.68
N MET A 4 -1.33 -0.50 12.86
CA MET A 4 -1.42 -1.97 12.90
C MET A 4 -2.88 -2.39 12.78
N ALA A 5 -3.22 -3.58 13.26
CA ALA A 5 -4.60 -4.06 13.22
C ALA A 5 -5.42 -3.41 14.33
N THR A 6 -5.42 -2.08 14.30
CA THR A 6 -6.11 -1.26 15.28
C THR A 6 -6.26 0.13 14.66
N SER A 7 -7.02 1.01 15.30
CA SER A 7 -7.19 2.36 14.81
C SER A 7 -5.91 3.17 15.05
N SER A 8 -4.83 2.74 14.41
CA SER A 8 -3.55 3.39 14.53
C SER A 8 -3.50 4.60 13.61
N GLU A 9 -4.36 5.56 13.91
CA GLU A 9 -4.44 6.77 13.13
C GLU A 9 -3.27 7.70 13.42
N GLU A 10 -2.18 7.53 12.66
CA GLU A 10 -1.02 8.37 12.83
C GLU A 10 -0.81 9.12 11.53
N VAL A 11 -1.32 10.34 11.47
CA VAL A 11 -1.18 11.12 10.25
C VAL A 11 0.26 11.55 10.10
N LEU A 12 0.90 10.99 9.10
CA LEU A 12 2.28 11.32 8.85
C LEU A 12 2.44 12.51 7.90
N LEU A 13 1.50 12.71 7.00
CA LEU A 13 1.58 13.82 6.07
C LEU A 13 0.21 14.37 5.74
N ILE A 14 0.12 15.70 5.67
CA ILE A 14 -1.14 16.36 5.35
C ILE A 14 -1.00 17.07 4.00
N VAL A 15 -1.68 16.53 3.01
CA VAL A 15 -1.64 17.09 1.66
C VAL A 15 -3.00 17.73 1.33
N LYS A 16 -2.97 18.85 0.62
CA LYS A 16 -4.21 19.55 0.29
C LYS A 16 -4.39 19.72 -1.22
N LYS A 17 -5.63 20.02 -1.60
CA LYS A 17 -6.02 20.24 -2.98
C LYS A 17 -5.59 19.10 -3.90
N VAL A 18 -6.13 17.93 -3.64
CA VAL A 18 -5.86 16.73 -4.41
C VAL A 18 -7.16 16.24 -5.02
N ARG A 19 -7.24 16.22 -6.33
CA ARG A 19 -8.47 15.81 -6.99
C ARG A 19 -8.40 14.38 -7.50
N GLN A 20 -9.26 13.56 -6.94
CA GLN A 20 -9.38 12.18 -7.36
C GLN A 20 -10.72 12.04 -8.07
N LYS A 21 -10.70 11.51 -9.28
CA LYS A 21 -11.91 11.35 -10.08
C LYS A 21 -12.62 12.69 -10.26
N LYS A 22 -11.80 13.75 -10.41
CA LYS A 22 -12.25 15.13 -10.60
C LYS A 22 -12.60 15.86 -9.29
N GLN A 23 -12.75 15.11 -8.21
CA GLN A 23 -13.09 15.74 -6.92
C GLN A 23 -11.85 15.97 -6.09
N ASP A 24 -11.60 17.23 -5.78
CA ASP A 24 -10.47 17.64 -4.98
C ASP A 24 -10.77 17.55 -3.50
N GLY A 25 -9.72 17.39 -2.73
CA GLY A 25 -9.87 17.29 -1.31
C GLY A 25 -8.55 17.36 -0.60
N ALA A 26 -8.39 16.53 0.40
CA ALA A 26 -7.20 16.50 1.18
C ALA A 26 -6.74 15.07 1.37
N LEU A 27 -5.47 14.87 1.15
CA LEU A 27 -4.86 13.57 1.26
C LEU A 27 -4.02 13.49 2.54
N TYR A 28 -4.43 12.63 3.45
CA TYR A 28 -3.73 12.44 4.70
C TYR A 28 -3.02 11.10 4.74
N LEU A 29 -1.72 11.15 4.86
CA LEU A 29 -0.92 9.93 4.94
C LEU A 29 -0.84 9.50 6.38
N MET A 30 -0.87 8.21 6.63
CA MET A 30 -0.79 7.68 7.98
C MET A 30 0.30 6.62 8.06
N ALA A 31 0.66 6.27 9.30
CA ALA A 31 1.70 5.29 9.57
C ALA A 31 1.47 3.97 8.84
N GLU A 32 0.22 3.60 8.71
CA GLU A 32 -0.11 2.33 8.12
C GLU A 32 -0.91 2.42 6.82
N ARG A 33 -1.21 3.62 6.34
CA ARG A 33 -2.03 3.70 5.13
C ARG A 33 -2.13 5.11 4.57
N ILE A 34 -2.67 5.18 3.36
CA ILE A 34 -2.87 6.44 2.67
C ILE A 34 -4.37 6.70 2.54
N ALA A 35 -4.83 7.82 3.05
CA ALA A 35 -6.24 8.14 3.01
C ALA A 35 -6.51 9.50 2.42
N TRP A 36 -7.48 9.57 1.53
CA TRP A 36 -7.85 10.82 0.89
C TRP A 36 -9.30 11.14 1.18
N ALA A 37 -9.52 12.40 1.45
CA ALA A 37 -10.84 12.94 1.77
C ALA A 37 -11.19 14.08 0.82
N PRO A 38 -12.44 14.18 0.39
CA PRO A 38 -12.88 15.28 -0.49
C PRO A 38 -12.98 16.59 0.28
N GLU A 39 -12.65 17.71 -0.36
CA GLU A 39 -12.69 19.01 0.32
C GLU A 39 -14.07 19.32 0.87
N GLY A 40 -14.12 19.44 2.19
CA GLY A 40 -15.34 19.78 2.88
C GLY A 40 -15.87 18.63 3.70
N LYS A 41 -15.29 17.46 3.48
CA LYS A 41 -15.70 16.26 4.18
C LYS A 41 -14.57 15.76 5.09
N ASP A 42 -14.95 15.29 6.27
CA ASP A 42 -14.00 14.76 7.24
C ASP A 42 -13.83 13.27 7.02
N ARG A 43 -14.42 12.78 5.95
CA ARG A 43 -14.42 11.36 5.67
C ARG A 43 -13.50 10.98 4.54
N PHE A 44 -12.54 10.12 4.86
CA PHE A 44 -11.63 9.60 3.86
C PHE A 44 -12.40 8.60 3.03
N THR A 45 -12.53 8.88 1.76
CA THR A 45 -13.26 8.03 0.86
C THR A 45 -12.30 7.10 0.14
N ILE A 46 -11.04 7.33 0.44
CA ILE A 46 -9.95 6.55 -0.12
C ILE A 46 -9.00 6.18 1.00
N SER A 47 -8.83 4.91 1.26
CA SER A 47 -7.91 4.49 2.30
C SER A 47 -7.29 3.15 1.92
N HIS A 48 -6.06 3.19 1.46
CA HIS A 48 -5.36 1.98 1.07
C HIS A 48 -4.25 1.70 2.05
N MET A 49 -4.19 0.48 2.49
CA MET A 49 -3.14 0.07 3.40
C MET A 49 -1.88 -0.08 2.56
N TYR A 50 -0.75 0.35 3.10
CA TYR A 50 0.51 0.22 2.37
C TYR A 50 0.74 -1.25 1.97
N ALA A 51 0.18 -2.15 2.75
CA ALA A 51 0.28 -3.58 2.48
C ALA A 51 -0.48 -3.97 1.22
N ASP A 52 -1.42 -3.13 0.81
CA ASP A 52 -2.24 -3.38 -0.36
C ASP A 52 -1.68 -2.65 -1.58
N ILE A 53 -0.92 -1.59 -1.32
CA ILE A 53 -0.34 -0.81 -2.41
C ILE A 53 0.95 -1.45 -2.86
N LYS A 54 1.01 -1.80 -4.13
CA LYS A 54 2.18 -2.44 -4.71
C LYS A 54 3.26 -1.43 -5.04
N CYS A 55 2.88 -0.46 -5.84
CA CYS A 55 3.82 0.57 -6.28
C CYS A 55 3.13 1.91 -6.52
N GLN A 56 3.92 2.89 -6.97
CA GLN A 56 3.41 4.23 -7.24
C GLN A 56 4.04 4.79 -8.51
N LYS A 57 3.27 5.62 -9.20
CA LYS A 57 3.71 6.26 -10.43
C LYS A 57 3.45 7.75 -10.34
N ILE A 58 4.47 8.55 -10.61
CA ILE A 58 4.31 10.00 -10.54
C ILE A 58 4.56 10.66 -11.88
N SER A 59 3.95 11.82 -12.06
CA SER A 59 4.09 12.60 -13.28
C SER A 59 5.37 13.43 -13.22
N PRO A 60 5.76 14.07 -14.34
CA PRO A 60 6.97 14.91 -14.39
C PRO A 60 7.01 15.98 -13.30
N GLU A 61 8.20 16.39 -12.94
CA GLU A 61 8.45 17.38 -11.90
C GLU A 61 8.35 18.83 -12.39
N GLY A 62 7.86 19.71 -11.54
CA GLY A 62 7.77 21.12 -11.88
C GLY A 62 6.78 21.43 -12.99
N LYS A 63 5.95 20.47 -13.34
CA LYS A 63 4.97 20.66 -14.38
C LYS A 63 3.62 21.02 -13.78
N ALA A 64 2.69 21.50 -14.61
CA ALA A 64 1.38 21.92 -14.14
C ALA A 64 0.44 20.73 -13.90
N LYS A 65 1.00 19.54 -13.77
CA LYS A 65 0.21 18.35 -13.51
C LYS A 65 0.88 17.48 -12.48
N ILE A 66 0.47 17.58 -11.22
CA ILE A 66 1.02 16.74 -10.19
C ILE A 66 0.12 15.53 -10.03
N GLN A 67 0.41 14.48 -10.78
CA GLN A 67 -0.41 13.31 -10.71
C GLN A 67 0.36 12.13 -10.12
N LEU A 68 -0.22 11.55 -9.08
CA LEU A 68 0.34 10.41 -8.39
C LEU A 68 -0.57 9.22 -8.60
N GLN A 69 -0.05 8.11 -9.08
CA GLN A 69 -0.88 6.95 -9.30
C GLN A 69 -0.30 5.72 -8.62
N LEU A 70 -0.96 5.28 -7.56
CA LEU A 70 -0.55 4.10 -6.83
C LEU A 70 -1.14 2.89 -7.53
N VAL A 71 -0.53 1.75 -7.37
CA VAL A 71 -1.03 0.52 -7.95
C VAL A 71 -1.09 -0.50 -6.84
N LEU A 72 -2.22 -1.12 -6.66
CA LEU A 72 -2.35 -2.09 -5.59
C LEU A 72 -2.11 -3.51 -6.09
N HIS A 73 -1.69 -4.37 -5.18
CA HIS A 73 -1.39 -5.77 -5.46
C HIS A 73 -2.49 -6.53 -6.17
N ALA A 74 -3.75 -6.30 -5.77
CA ALA A 74 -4.87 -7.00 -6.38
C ALA A 74 -4.95 -6.67 -7.87
N GLY A 75 -4.39 -5.53 -8.22
CA GLY A 75 -4.38 -5.07 -9.58
C GLY A 75 -5.14 -3.79 -9.68
N ASP A 76 -5.14 -3.08 -8.56
CA ASP A 76 -5.88 -1.83 -8.48
C ASP A 76 -4.92 -0.70 -8.55
N THR A 77 -5.44 0.47 -8.28
CA THR A 77 -4.66 1.66 -8.33
C THR A 77 -5.27 2.78 -7.49
N THR A 78 -4.53 3.88 -7.41
CA THR A 78 -4.95 5.07 -6.68
C THR A 78 -4.37 6.32 -7.34
N ASN A 79 -5.17 6.99 -8.15
CA ASN A 79 -4.69 8.20 -8.85
C ASN A 79 -5.10 9.47 -8.10
N PHE A 80 -4.12 10.34 -7.85
CA PHE A 80 -4.34 11.60 -7.17
C PHE A 80 -3.77 12.76 -7.99
N HIS A 81 -4.59 13.78 -8.21
CA HIS A 81 -4.15 14.95 -8.94
C HIS A 81 -3.97 16.11 -7.97
N PHE A 82 -2.72 16.35 -7.58
CA PHE A 82 -2.40 17.43 -6.68
C PHE A 82 -2.51 18.75 -7.44
N SER A 83 -3.63 19.42 -7.24
CA SER A 83 -3.89 20.68 -7.93
C SER A 83 -3.48 21.88 -7.09
N ASN A 84 -2.73 21.62 -6.03
CA ASN A 84 -2.26 22.70 -5.17
C ASN A 84 -1.00 23.32 -5.76
N GLU A 85 -1.21 24.14 -6.79
CA GLU A 85 -0.14 24.81 -7.55
C GLU A 85 0.98 25.43 -6.70
N SER A 86 0.74 25.61 -5.42
CA SER A 86 1.73 26.20 -4.53
C SER A 86 2.75 25.18 -4.05
N THR A 87 2.29 24.01 -3.64
CA THR A 87 3.19 22.98 -3.12
C THR A 87 2.93 21.60 -3.73
N ALA A 88 2.06 21.54 -4.72
CA ALA A 88 1.67 20.30 -5.39
C ALA A 88 2.86 19.38 -5.62
N VAL A 89 3.84 19.86 -6.38
CA VAL A 89 5.05 19.10 -6.67
C VAL A 89 5.74 18.59 -5.39
N LYS A 90 5.93 19.45 -4.40
CA LYS A 90 6.60 19.06 -3.17
C LYS A 90 5.73 18.14 -2.31
N GLU A 91 4.41 18.37 -2.34
CA GLU A 91 3.48 17.55 -1.58
C GLU A 91 3.54 16.12 -2.08
N ARG A 92 3.52 15.95 -3.40
CA ARG A 92 3.58 14.63 -3.99
C ARG A 92 4.97 14.04 -3.79
N ASP A 93 5.96 14.91 -3.70
CA ASP A 93 7.35 14.49 -3.50
C ASP A 93 7.47 13.78 -2.16
N ALA A 94 7.03 14.47 -1.10
CA ALA A 94 7.07 13.90 0.24
C ALA A 94 6.12 12.73 0.32
N VAL A 95 5.04 12.79 -0.45
CA VAL A 95 4.07 11.71 -0.50
C VAL A 95 4.73 10.47 -1.08
N LYS A 96 5.38 10.66 -2.23
CA LYS A 96 6.10 9.59 -2.90
C LYS A 96 7.09 8.98 -1.93
N ASP A 97 7.79 9.85 -1.23
CA ASP A 97 8.79 9.46 -0.25
C ASP A 97 8.18 8.77 0.97
N LEU A 98 7.09 9.32 1.49
CA LEU A 98 6.44 8.76 2.67
C LEU A 98 5.83 7.41 2.36
N LEU A 99 5.12 7.31 1.25
CA LEU A 99 4.49 6.06 0.86
C LEU A 99 5.55 5.02 0.60
N GLN A 100 6.51 5.34 -0.25
CA GLN A 100 7.59 4.41 -0.57
C GLN A 100 8.38 4.08 0.69
N GLN A 101 8.18 4.85 1.74
CA GLN A 101 8.85 4.61 3.00
C GLN A 101 8.07 3.58 3.83
N LEU A 102 6.75 3.76 3.89
CA LEU A 102 5.89 2.87 4.66
C LEU A 102 5.42 1.68 3.83
N LEU A 103 5.47 1.82 2.52
CA LEU A 103 5.07 0.77 1.59
C LEU A 103 5.88 -0.53 1.77
N PRO A 104 7.24 -0.47 1.84
CA PRO A 104 8.05 -1.66 2.07
C PRO A 104 7.88 -2.13 3.51
N LYS A 105 7.60 -1.16 4.39
CA LYS A 105 7.38 -1.42 5.81
C LYS A 105 6.16 -2.32 5.97
N PHE A 106 5.25 -2.22 5.01
CA PHE A 106 4.04 -3.03 5.01
C PHE A 106 3.92 -3.95 3.82
N LYS A 107 5.04 -4.31 3.21
CA LYS A 107 4.97 -5.22 2.08
C LYS A 107 4.23 -6.48 2.51
N ARG A 108 3.47 -7.08 1.58
CA ARG A 108 2.65 -8.25 1.85
C ARG A 108 3.31 -9.23 2.82
N LYS A 109 2.82 -9.21 4.06
CA LYS A 109 3.31 -10.05 5.13
C LYS A 109 2.16 -10.78 5.79
N ALA A 110 2.49 -11.59 6.79
CA ALA A 110 1.50 -12.35 7.52
C ALA A 110 0.71 -11.43 8.47
N ASN A 111 -0.17 -12.03 9.25
CA ASN A 111 -1.00 -11.29 10.20
C ASN A 111 -0.15 -10.55 11.23
N LYS A 112 -0.69 -9.48 11.80
CA LYS A 112 0.02 -8.67 12.79
C LYS A 112 0.43 -9.53 13.99
N GLU A 113 -0.44 -10.45 14.41
CA GLU A 113 -0.14 -11.34 15.53
C GLU A 113 1.13 -12.13 15.24
N LEU A 114 1.37 -12.37 13.96
CA LEU A 114 2.54 -13.11 13.52
C LEU A 114 3.74 -12.18 13.39
N GLU A 115 3.48 -10.96 12.97
CA GLU A 115 4.54 -9.96 12.82
C GLU A 115 5.10 -9.56 14.18
N GLU A 116 4.22 -9.40 15.15
CA GLU A 116 4.63 -9.06 16.51
C GLU A 116 5.46 -10.20 17.09
N LYS A 117 5.11 -11.42 16.69
CA LYS A 117 5.83 -12.61 17.14
C LYS A 117 7.24 -12.59 16.57
N ASN A 118 7.37 -12.07 15.35
CA ASN A 118 8.66 -11.97 14.67
C ASN A 118 9.61 -11.06 15.44
N ARG A 119 9.04 -10.15 16.22
CA ARG A 119 9.81 -9.23 17.03
C ARG A 119 10.38 -9.95 18.26
N MET A 120 9.69 -11.00 18.67
CA MET A 120 10.11 -11.79 19.83
C MET A 120 11.16 -12.78 19.37
N LEU A 121 11.04 -13.13 18.10
CA LEU A 121 11.92 -14.03 17.42
C LEU A 121 13.31 -13.42 17.26
N GLN A 122 13.37 -12.10 17.36
CA GLN A 122 14.62 -11.36 17.23
C GLN A 122 15.47 -11.45 18.49
N GLU A 123 14.84 -11.31 19.65
CA GLU A 123 15.56 -11.37 20.93
C GLU A 123 15.94 -12.79 21.31
N ASP A 124 15.17 -13.77 20.87
CA ASP A 124 15.47 -15.17 21.20
C ASP A 124 15.97 -15.91 19.96
N PRO A 125 17.30 -16.11 19.87
CA PRO A 125 17.92 -16.79 18.73
C PRO A 125 17.60 -18.28 18.71
N VAL A 126 17.26 -18.85 19.86
CA VAL A 126 16.94 -20.26 19.96
C VAL A 126 15.55 -20.49 19.39
N LEU A 127 14.61 -19.65 19.83
CA LEU A 127 13.24 -19.72 19.39
C LEU A 127 13.17 -19.58 17.86
N PHE A 128 13.87 -18.59 17.34
CA PHE A 128 13.90 -18.35 15.92
C PHE A 128 14.65 -19.47 15.19
N GLN A 129 15.60 -20.10 15.88
CA GLN A 129 16.34 -21.20 15.29
C GLN A 129 15.41 -22.38 15.08
N LEU A 130 14.74 -22.79 16.15
CA LEU A 130 13.81 -23.91 16.10
C LEU A 130 12.61 -23.59 15.22
N TYR A 131 12.30 -22.30 15.08
CA TYR A 131 11.21 -21.86 14.23
C TYR A 131 11.47 -22.29 12.79
N LYS A 132 12.70 -22.07 12.35
CA LYS A 132 13.10 -22.45 10.99
C LYS A 132 13.27 -23.96 10.90
N ASP A 133 13.51 -24.58 12.04
CA ASP A 133 13.72 -26.00 12.09
C ASP A 133 12.39 -26.75 11.93
N LEU A 134 11.41 -26.37 12.72
CA LEU A 134 10.10 -27.00 12.69
C LEU A 134 9.12 -26.38 11.69
N VAL A 135 8.76 -25.13 11.93
CA VAL A 135 7.77 -24.42 11.12
C VAL A 135 8.18 -24.31 9.65
N VAL A 136 9.47 -24.27 9.40
CA VAL A 136 9.96 -24.15 8.03
C VAL A 136 10.04 -25.52 7.36
N SER A 137 10.24 -26.56 8.17
CA SER A 137 10.30 -27.93 7.65
C SER A 137 8.90 -28.52 7.57
N GLN A 138 7.90 -27.66 7.70
CA GLN A 138 6.49 -28.07 7.66
C GLN A 138 6.23 -29.17 8.68
N VAL A 139 6.96 -29.11 9.80
CA VAL A 139 6.82 -30.10 10.86
C VAL A 139 5.54 -29.80 11.64
N ILE A 140 5.31 -28.51 11.85
CA ILE A 140 4.14 -28.00 12.55
C ILE A 140 3.97 -26.53 12.17
N SER A 141 2.87 -25.93 12.59
CA SER A 141 2.64 -24.53 12.29
C SER A 141 3.34 -23.65 13.33
N ALA A 142 3.33 -22.34 13.09
CA ALA A 142 3.98 -21.39 13.98
C ALA A 142 3.27 -21.34 15.33
N GLU A 143 1.96 -21.44 15.32
CA GLU A 143 1.16 -21.36 16.54
C GLU A 143 1.52 -22.47 17.53
N GLU A 144 1.74 -23.67 17.03
CA GLU A 144 2.11 -24.80 17.90
C GLU A 144 3.40 -24.52 18.64
N PHE A 145 4.41 -24.08 17.91
CA PHE A 145 5.69 -23.78 18.51
C PHE A 145 5.57 -22.58 19.44
N TRP A 146 4.78 -21.61 19.03
CA TRP A 146 4.57 -20.40 19.81
C TRP A 146 3.77 -20.70 21.07
N ALA A 147 2.86 -21.66 20.98
CA ALA A 147 2.02 -22.05 22.10
C ALA A 147 2.88 -22.48 23.29
N ASN A 148 4.03 -23.05 22.99
CA ASN A 148 4.96 -23.52 24.01
C ASN A 148 5.70 -22.39 24.71
N ARG A 149 5.83 -21.24 24.05
CA ARG A 149 6.58 -20.12 24.64
C ARG A 149 5.70 -18.94 25.01
N LEU A 150 4.52 -18.85 24.43
CA LEU A 150 3.61 -17.76 24.74
C LEU A 150 2.95 -17.98 26.08
N ASN A 151 2.45 -19.20 26.28
CA ASN A 151 1.79 -19.56 27.53
C ASN A 151 2.79 -19.64 28.68
N VAL A 152 4.05 -19.75 28.32
CA VAL A 152 5.16 -19.81 29.26
C VAL A 152 6.44 -19.48 28.53
N ASN A 153 6.99 -18.33 28.85
CA ASN A 153 8.21 -17.89 28.22
C ASN A 153 9.40 -18.53 28.89
N ALA A 154 9.86 -19.61 28.29
CA ALA A 154 11.02 -20.35 28.77
C ALA A 154 11.74 -20.98 27.59
N THR A 155 13.04 -21.22 27.72
CA THR A 155 13.82 -21.80 26.65
C THR A 155 14.01 -23.29 26.88
N ASP A 156 13.87 -23.66 28.12
CA ASP A 156 14.04 -25.03 28.57
C ASP A 156 12.91 -25.91 28.06
N SER A 157 11.68 -25.46 28.31
CA SER A 157 10.49 -26.20 27.91
C SER A 157 10.36 -26.27 26.39
N SER A 158 11.13 -25.44 25.69
CA SER A 158 11.11 -25.42 24.23
C SER A 158 12.17 -26.36 23.67
N SER A 159 13.08 -26.79 24.54
CA SER A 159 14.15 -27.69 24.13
C SER A 159 13.86 -29.12 24.60
N THR A 160 13.12 -29.23 25.69
CA THR A 160 12.75 -30.52 26.24
C THR A 160 11.39 -30.44 26.93
N SER A 161 10.69 -31.56 26.98
CA SER A 161 9.39 -31.62 27.61
C SER A 161 9.15 -33.03 28.13
N MET A 4 -5.48 -1.23 21.83
CA MET A 4 -5.27 -0.04 20.97
C MET A 4 -6.52 0.81 20.94
N ALA A 5 -6.44 1.95 20.27
CA ALA A 5 -7.58 2.85 20.16
C ALA A 5 -7.79 3.21 18.70
N THR A 6 -9.06 3.31 18.29
CA THR A 6 -9.39 3.64 16.90
C THR A 6 -8.80 2.57 15.97
N SER A 7 -8.58 2.91 14.71
CA SER A 7 -8.00 1.97 13.76
C SER A 7 -6.49 2.03 13.89
N SER A 8 -6.03 2.88 14.80
CA SER A 8 -4.61 3.07 15.07
C SER A 8 -3.89 3.65 13.86
N GLU A 9 -4.44 4.74 13.35
CA GLU A 9 -3.89 5.43 12.19
C GLU A 9 -2.96 6.56 12.64
N GLU A 10 -1.67 6.44 12.35
CA GLU A 10 -0.72 7.46 12.72
C GLU A 10 -0.60 8.44 11.56
N VAL A 11 -1.14 9.64 11.70
CA VAL A 11 -1.08 10.60 10.62
C VAL A 11 0.33 11.11 10.46
N LEU A 12 0.91 10.79 9.32
CA LEU A 12 2.26 11.20 9.05
C LEU A 12 2.35 12.45 8.17
N LEU A 13 1.44 12.59 7.22
CA LEU A 13 1.47 13.74 6.34
C LEU A 13 0.08 14.23 5.98
N ILE A 14 -0.04 15.53 5.76
CA ILE A 14 -1.31 16.13 5.38
C ILE A 14 -1.11 16.93 4.10
N VAL A 15 -1.62 16.39 3.00
CA VAL A 15 -1.50 17.01 1.69
C VAL A 15 -2.79 17.74 1.31
N LYS A 16 -2.67 18.86 0.60
CA LYS A 16 -3.85 19.64 0.23
C LYS A 16 -4.06 19.71 -1.28
N LYS A 17 -5.28 20.13 -1.65
CA LYS A 17 -5.72 20.26 -3.04
C LYS A 17 -5.31 19.08 -3.91
N VAL A 18 -5.86 17.93 -3.60
CA VAL A 18 -5.60 16.71 -4.35
C VAL A 18 -6.91 16.22 -4.96
N ARG A 19 -6.99 16.21 -6.27
CA ARG A 19 -8.21 15.78 -6.95
C ARG A 19 -8.19 14.30 -7.27
N GLN A 20 -9.11 13.57 -6.68
CA GLN A 20 -9.29 12.16 -6.93
C GLN A 20 -10.75 11.95 -7.26
N LYS A 21 -11.05 11.04 -8.18
CA LYS A 21 -12.42 10.79 -8.60
C LYS A 21 -13.07 12.07 -9.12
N LYS A 22 -12.23 12.95 -9.67
CA LYS A 22 -12.63 14.23 -10.25
C LYS A 22 -12.91 15.30 -9.18
N GLN A 23 -12.47 15.09 -7.95
CA GLN A 23 -12.69 16.07 -6.89
C GLN A 23 -11.47 16.19 -5.99
N ASP A 24 -11.01 17.43 -5.80
CA ASP A 24 -9.88 17.73 -4.94
C ASP A 24 -10.28 17.87 -3.50
N GLY A 25 -9.32 17.64 -2.64
CA GLY A 25 -9.55 17.77 -1.22
C GLY A 25 -8.26 17.78 -0.46
N ALA A 26 -8.15 16.89 0.48
CA ALA A 26 -6.95 16.78 1.28
C ALA A 26 -6.59 15.33 1.49
N LEU A 27 -5.34 15.03 1.24
CA LEU A 27 -4.82 13.68 1.35
C LEU A 27 -4.07 13.48 2.66
N TYR A 28 -4.54 12.55 3.45
CA TYR A 28 -3.93 12.25 4.74
C TYR A 28 -3.10 10.98 4.66
N LEU A 29 -1.85 11.07 5.08
CA LEU A 29 -0.97 9.92 5.07
C LEU A 29 -0.83 9.40 6.49
N MET A 30 -0.83 8.10 6.62
CA MET A 30 -0.67 7.46 7.92
C MET A 30 0.51 6.51 7.87
N ALA A 31 1.00 6.11 9.03
CA ALA A 31 2.15 5.22 9.13
C ALA A 31 1.84 3.84 8.59
N GLU A 32 0.56 3.55 8.41
CA GLU A 32 0.14 2.24 7.94
C GLU A 32 -0.69 2.35 6.68
N ARG A 33 -1.07 3.56 6.27
CA ARG A 33 -1.97 3.67 5.13
C ARG A 33 -2.05 5.07 4.56
N ILE A 34 -2.81 5.19 3.48
CA ILE A 34 -3.02 6.45 2.80
C ILE A 34 -4.51 6.68 2.63
N ALA A 35 -5.01 7.76 3.19
CA ALA A 35 -6.43 8.06 3.11
C ALA A 35 -6.66 9.45 2.57
N TRP A 36 -7.42 9.53 1.49
CA TRP A 36 -7.71 10.82 0.88
C TRP A 36 -9.14 11.23 1.16
N ALA A 37 -9.27 12.50 1.53
CA ALA A 37 -10.54 13.09 1.85
C ALA A 37 -10.81 14.29 0.94
N PRO A 38 -12.07 14.48 0.53
CA PRO A 38 -12.45 15.60 -0.32
C PRO A 38 -12.49 16.90 0.49
N GLU A 39 -12.41 18.02 -0.19
CA GLU A 39 -12.40 19.34 0.46
C GLU A 39 -13.57 19.61 1.42
N GLY A 40 -13.27 19.76 2.69
CA GLY A 40 -14.29 20.17 3.64
C GLY A 40 -15.12 19.02 4.12
N LYS A 41 -14.66 17.83 3.84
CA LYS A 41 -15.35 16.66 4.25
C LYS A 41 -14.57 15.99 5.36
N ASP A 42 -15.31 15.51 6.32
CA ASP A 42 -14.77 14.88 7.53
C ASP A 42 -14.40 13.41 7.32
N ARG A 43 -14.73 12.86 6.17
CA ARG A 43 -14.45 11.46 5.94
C ARG A 43 -13.58 11.23 4.72
N PHE A 44 -12.73 10.22 4.80
CA PHE A 44 -11.86 9.86 3.71
C PHE A 44 -12.64 8.96 2.76
N THR A 45 -12.72 9.37 1.52
CA THR A 45 -13.43 8.57 0.53
C THR A 45 -12.49 7.55 -0.08
N ILE A 46 -11.23 7.64 0.34
CA ILE A 46 -10.18 6.76 -0.12
C ILE A 46 -9.32 6.33 1.06
N SER A 47 -9.09 5.04 1.20
CA SER A 47 -8.25 4.54 2.27
C SER A 47 -7.54 3.27 1.81
N HIS A 48 -6.27 3.39 1.46
CA HIS A 48 -5.50 2.25 1.01
C HIS A 48 -4.44 1.90 2.01
N MET A 49 -4.26 0.62 2.21
CA MET A 49 -3.23 0.14 3.10
C MET A 49 -1.96 -0.02 2.28
N TYR A 50 -0.83 0.39 2.83
CA TYR A 50 0.45 0.26 2.12
C TYR A 50 0.66 -1.18 1.69
N ALA A 51 0.11 -2.10 2.49
CA ALA A 51 0.22 -3.52 2.21
C ALA A 51 -0.52 -3.90 0.92
N ASP A 52 -1.48 -3.06 0.53
CA ASP A 52 -2.28 -3.31 -0.67
C ASP A 52 -1.72 -2.55 -1.85
N ILE A 53 -0.98 -1.47 -1.58
CA ILE A 53 -0.40 -0.68 -2.64
C ILE A 53 0.90 -1.34 -3.08
N LYS A 54 0.95 -1.77 -4.31
CA LYS A 54 2.13 -2.44 -4.86
C LYS A 54 3.25 -1.46 -5.09
N CYS A 55 2.95 -0.45 -5.89
CA CYS A 55 3.94 0.56 -6.23
C CYS A 55 3.30 1.92 -6.50
N GLN A 56 4.13 2.90 -6.84
CA GLN A 56 3.66 4.24 -7.13
C GLN A 56 4.30 4.79 -8.40
N LYS A 57 3.47 5.32 -9.27
CA LYS A 57 3.90 5.90 -10.53
C LYS A 57 3.68 7.41 -10.49
N ILE A 58 4.76 8.17 -10.54
CA ILE A 58 4.63 9.61 -10.48
C ILE A 58 4.93 10.26 -11.82
N SER A 59 4.42 11.47 -12.00
CA SER A 59 4.63 12.22 -13.22
C SER A 59 5.87 13.11 -13.07
N PRO A 60 6.71 13.18 -14.12
CA PRO A 60 7.94 13.99 -14.10
C PRO A 60 7.65 15.46 -13.78
N GLU A 61 8.37 15.98 -12.79
CA GLU A 61 8.23 17.36 -12.33
C GLU A 61 8.44 18.36 -13.47
N GLY A 62 7.96 19.57 -13.27
CA GLY A 62 8.08 20.60 -14.28
C GLY A 62 6.84 20.69 -15.13
N LYS A 63 5.74 20.17 -14.60
CA LYS A 63 4.46 20.18 -15.30
C LYS A 63 3.43 20.93 -14.47
N ALA A 64 2.30 21.24 -15.07
CA ALA A 64 1.23 21.94 -14.38
C ALA A 64 0.22 20.95 -13.81
N LYS A 65 0.60 19.67 -13.82
CA LYS A 65 -0.25 18.62 -13.32
C LYS A 65 0.55 17.63 -12.49
N ILE A 66 0.50 17.78 -11.18
CA ILE A 66 1.20 16.87 -10.29
C ILE A 66 0.36 15.61 -10.12
N GLN A 67 0.62 14.59 -10.91
CA GLN A 67 -0.16 13.39 -10.82
C GLN A 67 0.63 12.22 -10.22
N LEU A 68 0.06 11.64 -9.19
CA LEU A 68 0.65 10.50 -8.51
C LEU A 68 -0.27 9.31 -8.71
N GLN A 69 0.23 8.22 -9.24
CA GLN A 69 -0.62 7.07 -9.45
C GLN A 69 -0.09 5.83 -8.74
N LEU A 70 -0.78 5.43 -7.70
CA LEU A 70 -0.42 4.24 -6.95
C LEU A 70 -1.03 3.05 -7.66
N VAL A 71 -0.40 1.90 -7.54
CA VAL A 71 -0.93 0.69 -8.13
C VAL A 71 -1.03 -0.35 -7.04
N LEU A 72 -2.19 -0.96 -6.90
CA LEU A 72 -2.36 -1.94 -5.85
C LEU A 72 -2.13 -3.36 -6.38
N HIS A 73 -1.75 -4.24 -5.47
CA HIS A 73 -1.48 -5.66 -5.77
C HIS A 73 -2.60 -6.37 -6.50
N ALA A 74 -3.84 -6.13 -6.12
CA ALA A 74 -4.97 -6.80 -6.76
C ALA A 74 -5.04 -6.43 -8.24
N GLY A 75 -4.43 -5.32 -8.56
CA GLY A 75 -4.39 -4.84 -9.93
C GLY A 75 -5.11 -3.54 -10.01
N ASP A 76 -5.15 -2.86 -8.88
CA ASP A 76 -5.84 -1.60 -8.76
C ASP A 76 -4.87 -0.48 -8.80
N THR A 77 -5.37 0.70 -8.54
CA THR A 77 -4.56 1.86 -8.56
C THR A 77 -5.16 2.99 -7.73
N THR A 78 -4.41 4.08 -7.64
CA THR A 78 -4.82 5.27 -6.93
C THR A 78 -4.19 6.50 -7.57
N ASN A 79 -4.94 7.21 -8.40
CA ASN A 79 -4.41 8.40 -9.08
C ASN A 79 -4.80 9.68 -8.36
N PHE A 80 -3.80 10.40 -7.87
CA PHE A 80 -4.02 11.65 -7.16
C PHE A 80 -3.48 12.83 -7.97
N HIS A 81 -4.33 13.83 -8.15
CA HIS A 81 -3.93 15.03 -8.88
C HIS A 81 -3.69 16.16 -7.89
N PHE A 82 -2.43 16.41 -7.60
CA PHE A 82 -2.03 17.48 -6.70
C PHE A 82 -2.17 18.80 -7.43
N SER A 83 -3.36 19.38 -7.35
CA SER A 83 -3.63 20.64 -8.03
C SER A 83 -3.29 21.84 -7.17
N ASN A 84 -2.49 21.64 -6.14
CA ASN A 84 -2.07 22.72 -5.27
C ASN A 84 -0.82 23.39 -5.84
N GLU A 85 -1.03 24.19 -6.88
CA GLU A 85 0.05 24.90 -7.61
C GLU A 85 1.15 25.50 -6.73
N SER A 86 0.87 25.70 -5.47
CA SER A 86 1.83 26.31 -4.60
C SER A 86 2.87 25.30 -4.12
N THR A 87 2.40 24.15 -3.65
CA THR A 87 3.29 23.13 -3.15
C THR A 87 2.98 21.75 -3.73
N ALA A 88 2.24 21.74 -4.84
CA ALA A 88 1.81 20.51 -5.52
C ALA A 88 2.95 19.51 -5.65
N VAL A 89 4.01 19.94 -6.29
CA VAL A 89 5.18 19.08 -6.47
C VAL A 89 5.75 18.63 -5.11
N LYS A 90 5.90 19.56 -4.17
CA LYS A 90 6.43 19.22 -2.84
C LYS A 90 5.50 18.27 -2.09
N GLU A 91 4.20 18.39 -2.33
CA GLU A 91 3.22 17.52 -1.69
C GLU A 91 3.41 16.10 -2.22
N ARG A 92 3.51 15.96 -3.54
CA ARG A 92 3.71 14.65 -4.14
C ARG A 92 5.06 14.09 -3.74
N ASP A 93 6.01 14.99 -3.51
CA ASP A 93 7.35 14.60 -3.13
C ASP A 93 7.35 13.94 -1.77
N ALA A 94 6.88 14.65 -0.76
CA ALA A 94 6.81 14.09 0.59
C ALA A 94 5.90 12.87 0.60
N VAL A 95 4.89 12.89 -0.27
CA VAL A 95 3.96 11.77 -0.39
C VAL A 95 4.70 10.58 -0.98
N LYS A 96 5.33 10.78 -2.13
CA LYS A 96 6.09 9.74 -2.81
C LYS A 96 7.11 9.16 -1.84
N ASP A 97 7.72 10.04 -1.07
CA ASP A 97 8.72 9.68 -0.09
C ASP A 97 8.13 8.93 1.10
N LEU A 98 7.02 9.44 1.63
CA LEU A 98 6.38 8.83 2.79
C LEU A 98 5.82 7.46 2.43
N LEU A 99 5.08 7.38 1.33
CA LEU A 99 4.50 6.12 0.90
C LEU A 99 5.58 5.11 0.61
N GLN A 100 6.52 5.47 -0.25
CA GLN A 100 7.62 4.57 -0.59
C GLN A 100 8.43 4.20 0.63
N GLN A 101 8.22 4.93 1.72
CA GLN A 101 8.92 4.64 2.97
C GLN A 101 8.14 3.60 3.78
N LEU A 102 6.83 3.76 3.85
CA LEU A 102 5.97 2.86 4.62
C LEU A 102 5.50 1.67 3.76
N LEU A 103 5.52 1.87 2.45
CA LEU A 103 5.11 0.85 1.50
C LEU A 103 5.93 -0.44 1.59
N PRO A 104 7.28 -0.39 1.68
CA PRO A 104 8.09 -1.59 1.83
C PRO A 104 7.96 -2.18 3.24
N LYS A 105 7.55 -1.32 4.17
CA LYS A 105 7.37 -1.71 5.56
C LYS A 105 6.15 -2.61 5.69
N PHE A 106 5.08 -2.26 4.98
CA PHE A 106 3.85 -3.03 5.01
C PHE A 106 3.69 -3.82 3.72
N LYS A 107 4.78 -3.94 2.96
CA LYS A 107 4.75 -4.66 1.70
C LYS A 107 4.15 -6.05 1.86
N ARG A 108 3.21 -6.41 0.97
CA ARG A 108 2.57 -7.71 1.01
C ARG A 108 3.60 -8.79 0.70
N LYS A 109 4.22 -9.28 1.76
CA LYS A 109 5.25 -10.29 1.69
C LYS A 109 5.22 -11.09 2.97
N ALA A 110 6.11 -12.07 3.09
CA ALA A 110 6.21 -12.87 4.29
C ALA A 110 6.28 -11.95 5.51
N ASN A 111 5.19 -11.90 6.24
CA ASN A 111 5.06 -11.06 7.43
C ASN A 111 6.19 -11.27 8.43
N LYS A 112 6.35 -10.31 9.33
CA LYS A 112 7.40 -10.33 10.35
C LYS A 112 7.40 -11.63 11.13
N GLU A 113 6.22 -12.13 11.48
CA GLU A 113 6.14 -13.38 12.24
C GLU A 113 6.54 -14.57 11.37
N LEU A 114 6.22 -14.50 10.08
CA LEU A 114 6.59 -15.57 9.16
C LEU A 114 8.10 -15.67 9.04
N GLU A 115 8.75 -14.51 9.02
CA GLU A 115 10.20 -14.45 8.95
C GLU A 115 10.80 -15.08 10.20
N GLU A 116 10.22 -14.73 11.35
CA GLU A 116 10.66 -15.26 12.62
C GLU A 116 10.43 -16.77 12.67
N LYS A 117 9.30 -17.20 12.13
CA LYS A 117 8.95 -18.62 12.08
C LYS A 117 10.03 -19.41 11.35
N ASN A 118 10.36 -18.95 10.15
CA ASN A 118 11.35 -19.60 9.31
C ASN A 118 12.73 -19.66 9.98
N ARG A 119 13.11 -18.57 10.63
CA ARG A 119 14.40 -18.48 11.29
C ARG A 119 14.42 -19.20 12.63
N MET A 120 13.25 -19.43 13.21
CA MET A 120 13.16 -20.09 14.52
C MET A 120 13.36 -21.57 14.30
N LEU A 121 12.97 -21.99 13.13
CA LEU A 121 13.09 -23.35 12.69
C LEU A 121 14.56 -23.72 12.52
N GLN A 122 15.39 -22.70 12.36
CA GLN A 122 16.82 -22.89 12.18
C GLN A 122 17.56 -22.79 13.51
N GLU A 123 16.90 -22.19 14.50
CA GLU A 123 17.49 -22.01 15.83
C GLU A 123 17.03 -23.10 16.79
N ASP A 124 15.74 -23.41 16.76
CA ASP A 124 15.17 -24.41 17.64
C ASP A 124 15.01 -25.74 16.90
N PRO A 125 15.88 -26.72 17.21
CA PRO A 125 15.85 -28.04 16.59
C PRO A 125 14.64 -28.86 17.05
N VAL A 126 14.12 -28.52 18.22
CA VAL A 126 12.97 -29.20 18.77
C VAL A 126 11.72 -28.74 18.05
N LEU A 127 11.64 -27.43 17.87
CA LEU A 127 10.52 -26.81 17.20
C LEU A 127 10.37 -27.37 15.79
N PHE A 128 11.47 -27.31 15.03
CA PHE A 128 11.47 -27.81 13.67
C PHE A 128 11.20 -29.31 13.64
N GLN A 129 11.56 -30.01 14.71
CA GLN A 129 11.30 -31.44 14.80
C GLN A 129 9.80 -31.66 14.97
N LEU A 130 9.21 -30.99 15.95
CA LEU A 130 7.78 -31.10 16.22
C LEU A 130 6.96 -30.62 15.03
N TYR A 131 7.52 -29.68 14.27
CA TYR A 131 6.87 -29.16 13.08
C TYR A 131 6.65 -30.30 12.09
N LYS A 132 7.71 -31.09 11.89
CA LYS A 132 7.65 -32.23 10.98
C LYS A 132 6.84 -33.36 11.59
N ASP A 133 6.74 -33.35 12.90
CA ASP A 133 6.01 -34.39 13.61
C ASP A 133 4.52 -34.19 13.48
N LEU A 134 4.06 -32.97 13.77
CA LEU A 134 2.64 -32.64 13.70
C LEU A 134 2.19 -32.13 12.33
N VAL A 135 2.73 -30.98 11.93
CA VAL A 135 2.33 -30.32 10.69
C VAL A 135 2.57 -31.19 9.46
N VAL A 136 3.59 -32.02 9.51
CA VAL A 136 3.89 -32.87 8.37
C VAL A 136 3.02 -34.12 8.38
N SER A 137 2.68 -34.60 9.58
CA SER A 137 1.82 -35.77 9.73
C SER A 137 0.35 -35.37 9.55
N GLN A 138 0.13 -34.13 9.09
CA GLN A 138 -1.20 -33.60 8.88
C GLN A 138 -2.03 -33.70 10.16
N VAL A 139 -1.35 -33.55 11.29
CA VAL A 139 -2.00 -33.61 12.59
C VAL A 139 -2.73 -32.30 12.84
N ILE A 140 -2.08 -31.23 12.41
CA ILE A 140 -2.60 -29.87 12.54
C ILE A 140 -1.87 -29.00 11.53
N SER A 141 -2.31 -27.76 11.38
CA SER A 141 -1.66 -26.84 10.45
C SER A 141 -0.46 -26.21 11.12
N ALA A 142 0.31 -25.44 10.36
CA ALA A 142 1.49 -24.79 10.87
C ALA A 142 1.17 -23.78 11.95
N GLU A 143 0.13 -22.98 11.71
CA GLU A 143 -0.26 -21.93 12.64
C GLU A 143 -0.59 -22.46 14.04
N GLU A 144 -1.26 -23.60 14.12
CA GLU A 144 -1.60 -24.18 15.42
C GLU A 144 -0.35 -24.47 16.23
N PHE A 145 0.68 -24.98 15.56
CA PHE A 145 1.94 -25.28 16.21
C PHE A 145 2.65 -23.99 16.60
N TRP A 146 2.56 -23.00 15.73
CA TRP A 146 3.19 -21.71 15.96
C TRP A 146 2.49 -20.95 17.08
N ALA A 147 1.17 -21.04 17.10
CA ALA A 147 0.35 -20.38 18.10
C ALA A 147 0.69 -20.90 19.50
N ASN A 148 1.24 -22.10 19.56
CA ASN A 148 1.60 -22.71 20.83
C ASN A 148 3.06 -22.47 21.21
N ARG A 149 3.78 -21.62 20.47
CA ARG A 149 5.18 -21.38 20.79
C ARG A 149 5.63 -19.94 20.55
N LEU A 150 5.11 -19.33 19.50
CA LEU A 150 5.46 -17.95 19.18
C LEU A 150 5.22 -17.04 20.37
N ASN A 151 4.02 -17.12 20.90
CA ASN A 151 3.60 -16.32 22.05
C ASN A 151 3.94 -16.97 23.39
N VAL A 152 4.96 -17.83 23.41
CA VAL A 152 5.36 -18.51 24.64
C VAL A 152 6.79 -18.97 24.53
N ASN A 153 7.64 -18.33 25.30
CA ASN A 153 9.05 -18.62 25.33
C ASN A 153 9.29 -20.09 25.64
N ALA A 154 9.49 -20.82 24.56
CA ALA A 154 9.74 -22.25 24.61
C ALA A 154 10.87 -22.61 25.56
N THR A 155 10.52 -23.25 26.65
CA THR A 155 11.49 -23.67 27.65
C THR A 155 11.76 -25.15 27.51
N ASP A 156 10.83 -25.81 26.88
CA ASP A 156 10.87 -27.24 26.65
C ASP A 156 12.05 -27.61 25.76
N SER A 157 12.45 -26.71 24.87
CA SER A 157 13.58 -26.95 23.98
C SER A 157 14.88 -27.04 24.78
N SER A 158 14.89 -26.41 25.95
CA SER A 158 16.06 -26.42 26.81
C SER A 158 15.94 -27.54 27.84
N SER A 159 14.76 -28.15 27.92
CA SER A 159 14.49 -29.22 28.86
C SER A 159 14.33 -30.55 28.13
N THR A 160 14.96 -30.65 26.96
CA THR A 160 14.89 -31.87 26.16
C THR A 160 16.08 -32.78 26.47
N SER A 161 15.87 -34.08 26.34
CA SER A 161 16.90 -35.07 26.59
C SER A 161 16.60 -36.31 25.75
N MET A 4 -10.19 8.70 11.41
CA MET A 4 -10.21 10.18 11.41
C MET A 4 -9.59 10.72 12.69
N ALA A 5 -8.64 11.65 12.54
CA ALA A 5 -7.93 12.26 13.67
C ALA A 5 -6.99 11.27 14.34
N THR A 6 -7.56 10.34 15.11
CA THR A 6 -6.77 9.34 15.81
C THR A 6 -7.55 8.03 15.95
N SER A 7 -8.13 7.57 14.86
CA SER A 7 -8.89 6.32 14.86
C SER A 7 -7.94 5.14 14.66
N SER A 8 -7.00 5.00 15.58
CA SER A 8 -5.99 3.95 15.53
C SER A 8 -5.06 4.16 14.34
N GLU A 9 -5.04 5.39 13.86
CA GLU A 9 -4.21 5.76 12.72
C GLU A 9 -3.29 6.91 13.10
N GLU A 10 -2.09 6.94 12.53
CA GLU A 10 -1.14 7.98 12.81
C GLU A 10 -0.97 8.84 11.57
N VAL A 11 -1.51 10.05 11.60
CA VAL A 11 -1.39 10.92 10.45
C VAL A 11 0.03 11.43 10.33
N LEU A 12 0.68 11.04 9.25
CA LEU A 12 2.04 11.45 9.04
C LEU A 12 2.16 12.67 8.13
N LEU A 13 1.29 12.78 7.14
CA LEU A 13 1.35 13.91 6.22
C LEU A 13 -0.03 14.42 5.86
N ILE A 14 -0.15 15.73 5.70
CA ILE A 14 -1.41 16.34 5.33
C ILE A 14 -1.24 17.09 4.00
N VAL A 15 -1.79 16.51 2.95
CA VAL A 15 -1.73 17.08 1.62
C VAL A 15 -3.07 17.72 1.25
N LYS A 16 -3.06 18.77 0.44
CA LYS A 16 -4.30 19.44 0.08
C LYS A 16 -4.45 19.63 -1.43
N LYS A 17 -5.65 20.05 -1.83
CA LYS A 17 -6.02 20.25 -3.22
C LYS A 17 -5.56 19.09 -4.09
N VAL A 18 -6.14 17.94 -3.82
CA VAL A 18 -5.85 16.72 -4.56
C VAL A 18 -7.15 16.20 -5.16
N ARG A 19 -7.24 16.19 -6.49
CA ARG A 19 -8.45 15.75 -7.15
C ARG A 19 -8.42 14.29 -7.55
N GLN A 20 -9.37 13.55 -7.01
CA GLN A 20 -9.55 12.16 -7.36
C GLN A 20 -11.06 11.95 -7.52
N LYS A 21 -11.45 11.12 -8.48
CA LYS A 21 -12.86 10.88 -8.76
C LYS A 21 -13.54 12.19 -9.15
N LYS A 22 -12.77 13.01 -9.89
CA LYS A 22 -13.22 14.31 -10.37
C LYS A 22 -13.44 15.34 -9.27
N GLN A 23 -12.89 15.09 -8.08
CA GLN A 23 -13.07 16.01 -6.96
C GLN A 23 -11.81 16.13 -6.10
N ASP A 24 -11.35 17.36 -5.91
CA ASP A 24 -10.18 17.64 -5.09
C ASP A 24 -10.57 17.74 -3.64
N GLY A 25 -9.60 17.52 -2.79
CA GLY A 25 -9.83 17.61 -1.37
C GLY A 25 -8.52 17.68 -0.63
N ALA A 26 -8.35 16.80 0.32
CA ALA A 26 -7.15 16.75 1.09
C ALA A 26 -6.77 15.31 1.37
N LEU A 27 -5.54 15.00 1.02
CA LEU A 27 -4.97 13.68 1.18
C LEU A 27 -4.21 13.56 2.49
N TYR A 28 -4.57 12.58 3.28
CA TYR A 28 -3.93 12.35 4.56
C TYR A 28 -3.11 11.07 4.54
N LEU A 29 -1.87 11.18 4.95
CA LEU A 29 -0.99 10.02 5.01
C LEU A 29 -0.94 9.54 6.44
N MET A 30 -0.91 8.24 6.61
CA MET A 30 -0.82 7.65 7.94
C MET A 30 0.34 6.70 7.99
N ALA A 31 0.74 6.34 9.20
CA ALA A 31 1.87 5.43 9.39
C ALA A 31 1.56 4.04 8.89
N GLU A 32 0.28 3.76 8.67
CA GLU A 32 -0.13 2.44 8.25
C GLU A 32 -0.74 2.47 6.86
N ARG A 33 -1.05 3.66 6.33
CA ARG A 33 -1.75 3.69 5.05
C ARG A 33 -1.92 5.09 4.50
N ILE A 34 -2.63 5.16 3.38
CA ILE A 34 -2.93 6.40 2.71
C ILE A 34 -4.44 6.61 2.68
N ALA A 35 -4.90 7.83 2.90
CA ALA A 35 -6.32 8.11 2.90
C ALA A 35 -6.64 9.50 2.36
N TRP A 36 -7.39 9.54 1.28
CA TRP A 36 -7.76 10.80 0.67
C TRP A 36 -9.22 11.14 0.95
N ALA A 37 -9.46 12.44 1.07
CA ALA A 37 -10.78 12.97 1.37
C ALA A 37 -11.07 14.21 0.50
N PRO A 38 -12.29 14.34 -0.06
CA PRO A 38 -12.66 15.50 -0.89
C PRO A 38 -12.88 16.75 -0.04
N GLU A 39 -12.93 17.92 -0.66
CA GLU A 39 -13.16 19.14 0.12
C GLU A 39 -14.61 19.23 0.60
N GLY A 40 -14.81 19.20 1.91
CA GLY A 40 -16.14 19.29 2.46
C GLY A 40 -16.56 17.93 2.94
N LYS A 41 -15.56 17.16 3.34
CA LYS A 41 -15.76 15.81 3.79
C LYS A 41 -15.66 15.70 5.29
N ASP A 42 -16.15 14.60 5.77
CA ASP A 42 -16.08 14.26 7.17
C ASP A 42 -15.42 12.90 7.31
N ARG A 43 -15.05 12.34 6.16
CA ARG A 43 -14.43 11.02 6.11
C ARG A 43 -13.55 10.90 4.89
N PHE A 44 -12.81 9.80 4.81
CA PHE A 44 -11.95 9.54 3.68
C PHE A 44 -12.68 8.63 2.72
N THR A 45 -12.63 8.97 1.45
CA THR A 45 -13.29 8.17 0.43
C THR A 45 -12.31 7.24 -0.25
N ILE A 46 -11.05 7.37 0.16
CA ILE A 46 -9.97 6.56 -0.37
C ILE A 46 -9.04 6.17 0.75
N SER A 47 -8.88 4.89 1.02
CA SER A 47 -7.98 4.46 2.07
C SER A 47 -7.37 3.11 1.74
N HIS A 48 -6.11 3.12 1.33
CA HIS A 48 -5.39 1.90 0.99
C HIS A 48 -4.27 1.68 1.96
N MET A 49 -4.10 0.46 2.40
CA MET A 49 -3.03 0.14 3.31
C MET A 49 -1.75 0.02 2.50
N TYR A 50 -0.64 0.45 3.08
CA TYR A 50 0.66 0.37 2.40
C TYR A 50 0.91 -1.06 1.91
N ALA A 51 0.45 -2.02 2.68
CA ALA A 51 0.62 -3.42 2.34
C ALA A 51 -0.18 -3.81 1.08
N ASP A 52 -1.16 -2.98 0.72
CA ASP A 52 -2.01 -3.26 -0.44
C ASP A 52 -1.54 -2.50 -1.68
N ILE A 53 -0.80 -1.43 -1.47
CA ILE A 53 -0.30 -0.62 -2.58
C ILE A 53 0.98 -1.25 -3.12
N LYS A 54 0.94 -1.72 -4.35
CA LYS A 54 2.08 -2.38 -4.97
C LYS A 54 3.21 -1.40 -5.25
N CYS A 55 2.87 -0.30 -5.90
CA CYS A 55 3.88 0.71 -6.23
C CYS A 55 3.24 2.00 -6.72
N GLN A 56 3.99 3.08 -6.60
CA GLN A 56 3.50 4.40 -7.01
C GLN A 56 4.10 4.83 -8.33
N LYS A 57 3.36 5.71 -9.00
CA LYS A 57 3.75 6.28 -10.27
C LYS A 57 3.48 7.77 -10.20
N ILE A 58 4.38 8.57 -10.71
CA ILE A 58 4.20 10.02 -10.69
C ILE A 58 4.46 10.64 -12.06
N SER A 59 3.85 11.79 -12.28
CA SER A 59 4.00 12.52 -13.52
C SER A 59 5.29 13.33 -13.52
N PRO A 60 5.75 13.79 -14.70
CA PRO A 60 6.99 14.57 -14.84
C PRO A 60 7.05 15.77 -13.87
N GLU A 61 8.18 15.87 -13.18
CA GLU A 61 8.43 16.95 -12.23
C GLU A 61 8.54 18.29 -12.94
N GLY A 62 8.17 19.36 -12.25
CA GLY A 62 8.26 20.69 -12.82
C GLY A 62 7.16 20.98 -13.82
N LYS A 63 6.06 20.23 -13.73
CA LYS A 63 4.93 20.44 -14.63
C LYS A 63 3.70 20.87 -13.85
N ALA A 64 2.70 21.39 -14.56
CA ALA A 64 1.46 21.85 -13.94
C ALA A 64 0.49 20.69 -13.70
N LYS A 65 1.03 19.49 -13.62
CA LYS A 65 0.23 18.31 -13.38
C LYS A 65 0.92 17.41 -12.37
N ILE A 66 0.53 17.50 -11.10
CA ILE A 66 1.11 16.63 -10.10
C ILE A 66 0.22 15.40 -9.96
N GLN A 67 0.40 14.44 -10.83
CA GLN A 67 -0.42 13.26 -10.81
C GLN A 67 0.32 12.08 -10.20
N LEU A 68 -0.30 11.49 -9.20
CA LEU A 68 0.24 10.34 -8.50
C LEU A 68 -0.65 9.14 -8.75
N GLN A 69 -0.07 7.96 -8.87
CA GLN A 69 -0.83 6.75 -9.10
C GLN A 69 -0.27 5.59 -8.30
N LEU A 70 -1.01 5.14 -7.30
CA LEU A 70 -0.59 4.02 -6.47
C LEU A 70 -1.22 2.73 -6.97
N VAL A 71 -0.51 1.98 -7.78
CA VAL A 71 -1.03 0.72 -8.28
C VAL A 71 -1.07 -0.28 -7.15
N LEU A 72 -2.18 -0.95 -6.96
CA LEU A 72 -2.31 -1.92 -5.90
C LEU A 72 -2.06 -3.34 -6.42
N HIS A 73 -1.73 -4.22 -5.50
CA HIS A 73 -1.46 -5.63 -5.80
C HIS A 73 -2.56 -6.35 -6.54
N ALA A 74 -3.81 -6.14 -6.13
CA ALA A 74 -4.93 -6.83 -6.76
C ALA A 74 -5.04 -6.45 -8.24
N GLY A 75 -4.45 -5.32 -8.56
CA GLY A 75 -4.45 -4.83 -9.91
C GLY A 75 -5.18 -3.53 -9.97
N ASP A 76 -5.21 -2.86 -8.82
CA ASP A 76 -5.90 -1.61 -8.70
C ASP A 76 -4.92 -0.49 -8.74
N THR A 77 -5.41 0.67 -8.41
CA THR A 77 -4.61 1.85 -8.42
C THR A 77 -5.22 2.95 -7.55
N THR A 78 -4.46 4.02 -7.39
CA THR A 78 -4.89 5.18 -6.63
C THR A 78 -4.35 6.45 -7.29
N ASN A 79 -5.19 7.12 -8.06
CA ASN A 79 -4.78 8.33 -8.76
C ASN A 79 -5.01 9.57 -7.91
N PHE A 80 -4.06 10.48 -7.91
CA PHE A 80 -4.15 11.72 -7.15
C PHE A 80 -3.66 12.89 -7.99
N HIS A 81 -4.56 13.80 -8.33
CA HIS A 81 -4.18 14.98 -9.08
C HIS A 81 -3.98 16.15 -8.13
N PHE A 82 -2.74 16.40 -7.77
CA PHE A 82 -2.42 17.50 -6.88
C PHE A 82 -2.57 18.81 -7.64
N SER A 83 -3.66 19.51 -7.40
CA SER A 83 -3.93 20.76 -8.08
C SER A 83 -3.55 21.94 -7.19
N ASN A 84 -2.80 21.66 -6.13
CA ASN A 84 -2.35 22.70 -5.22
C ASN A 84 -1.10 23.35 -5.81
N GLU A 85 -1.30 24.22 -6.79
CA GLU A 85 -0.21 24.91 -7.51
C GLU A 85 0.87 25.51 -6.61
N SER A 86 0.59 25.65 -5.33
CA SER A 86 1.54 26.22 -4.41
C SER A 86 2.57 25.20 -3.94
N THR A 87 2.11 24.02 -3.54
CA THR A 87 3.02 22.99 -3.03
C THR A 87 2.78 21.61 -3.66
N ALA A 88 1.89 21.53 -4.64
CA ALA A 88 1.53 20.27 -5.31
C ALA A 88 2.75 19.39 -5.55
N VAL A 89 3.70 19.93 -6.29
CA VAL A 89 4.93 19.21 -6.61
C VAL A 89 5.63 18.65 -5.35
N LYS A 90 5.97 19.52 -4.41
CA LYS A 90 6.70 19.07 -3.21
C LYS A 90 5.82 18.27 -2.25
N GLU A 91 4.51 18.46 -2.29
CA GLU A 91 3.63 17.67 -1.45
C GLU A 91 3.66 16.24 -1.96
N ARG A 92 3.79 16.13 -3.28
CA ARG A 92 3.89 14.83 -3.94
C ARG A 92 5.24 14.22 -3.62
N ASP A 93 6.25 15.08 -3.49
CA ASP A 93 7.61 14.65 -3.16
C ASP A 93 7.61 13.86 -1.86
N ALA A 94 7.17 14.52 -0.79
CA ALA A 94 7.10 13.88 0.51
C ALA A 94 6.14 12.72 0.49
N VAL A 95 5.11 12.81 -0.35
CA VAL A 95 4.15 11.73 -0.48
C VAL A 95 4.83 10.51 -1.08
N LYS A 96 5.54 10.73 -2.19
CA LYS A 96 6.28 9.68 -2.87
C LYS A 96 7.22 9.01 -1.87
N ASP A 97 7.89 9.85 -1.10
CA ASP A 97 8.85 9.40 -0.10
C ASP A 97 8.22 8.71 1.09
N LEU A 98 7.15 9.30 1.63
CA LEU A 98 6.48 8.74 2.80
C LEU A 98 5.90 7.39 2.47
N LEU A 99 5.18 7.30 1.36
CA LEU A 99 4.57 6.05 0.95
C LEU A 99 5.62 5.00 0.67
N GLN A 100 6.56 5.32 -0.21
CA GLN A 100 7.62 4.38 -0.57
C GLN A 100 8.41 3.95 0.67
N GLN A 101 8.27 4.69 1.76
CA GLN A 101 8.96 4.35 2.98
C GLN A 101 8.16 3.32 3.77
N LEU A 102 6.87 3.56 3.90
CA LEU A 102 6.00 2.68 4.66
C LEU A 102 5.43 1.54 3.79
N LEU A 103 5.44 1.75 2.48
CA LEU A 103 4.92 0.77 1.51
C LEU A 103 5.61 -0.60 1.60
N PRO A 104 6.94 -0.69 1.46
CA PRO A 104 7.65 -1.97 1.54
C PRO A 104 7.70 -2.50 2.97
N LYS A 105 7.54 -1.59 3.92
CA LYS A 105 7.56 -1.93 5.33
C LYS A 105 6.31 -2.71 5.73
N PHE A 106 5.14 -2.18 5.36
CA PHE A 106 3.88 -2.83 5.71
C PHE A 106 3.57 -3.99 4.78
N LYS A 107 4.33 -4.10 3.70
CA LYS A 107 4.17 -5.20 2.76
C LYS A 107 4.28 -6.52 3.52
N ARG A 108 3.24 -7.35 3.44
CA ARG A 108 3.26 -8.63 4.15
C ARG A 108 4.26 -9.59 3.54
N LYS A 109 5.49 -9.46 4.01
CA LYS A 109 6.62 -10.28 3.59
C LYS A 109 7.66 -10.21 4.69
N ALA A 110 8.64 -11.11 4.69
CA ALA A 110 9.68 -11.01 5.69
C ALA A 110 11.01 -10.78 4.99
N ASN A 111 11.32 -9.50 4.76
CA ASN A 111 12.54 -9.10 4.09
C ASN A 111 13.09 -7.84 4.73
N LYS A 112 13.69 -7.95 5.91
CA LYS A 112 14.22 -6.79 6.61
C LYS A 112 15.23 -6.03 5.74
N GLU A 113 16.05 -6.76 5.01
CA GLU A 113 17.05 -6.13 4.16
C GLU A 113 16.40 -5.43 2.97
N LEU A 114 15.48 -6.13 2.29
CA LEU A 114 14.79 -5.57 1.13
C LEU A 114 14.02 -4.30 1.48
N GLU A 115 13.41 -4.28 2.65
CA GLU A 115 12.66 -3.12 3.11
C GLU A 115 13.56 -1.91 3.15
N GLU A 116 14.69 -2.05 3.84
CA GLU A 116 15.66 -0.98 3.98
C GLU A 116 16.32 -0.68 2.63
N LYS A 117 16.46 -1.71 1.81
CA LYS A 117 17.08 -1.57 0.49
C LYS A 117 16.25 -0.64 -0.40
N ASN A 118 14.97 -0.95 -0.53
CA ASN A 118 14.07 -0.17 -1.38
C ASN A 118 14.02 1.30 -0.95
N ARG A 119 13.83 1.52 0.34
CA ARG A 119 13.74 2.88 0.87
C ARG A 119 15.09 3.62 0.85
N MET A 120 16.19 2.88 0.80
CA MET A 120 17.51 3.51 0.84
C MET A 120 17.83 3.99 -0.54
N LEU A 121 17.30 3.28 -1.51
CA LEU A 121 17.48 3.60 -2.91
C LEU A 121 16.77 4.90 -3.26
N GLN A 122 15.82 5.29 -2.43
CA GLN A 122 15.07 6.50 -2.66
C GLN A 122 15.52 7.62 -1.72
N GLU A 123 15.77 7.29 -0.46
CA GLU A 123 16.22 8.28 0.52
C GLU A 123 17.66 8.69 0.24
N ASP A 124 18.45 7.78 -0.31
CA ASP A 124 19.84 8.04 -0.64
C ASP A 124 20.02 8.05 -2.15
N PRO A 125 20.10 9.26 -2.73
CA PRO A 125 20.27 9.42 -4.18
C PRO A 125 21.68 9.07 -4.65
N VAL A 126 22.60 8.96 -3.70
CA VAL A 126 23.98 8.63 -4.01
C VAL A 126 24.12 7.13 -4.18
N LEU A 127 23.54 6.39 -3.25
CA LEU A 127 23.58 4.94 -3.29
C LEU A 127 23.00 4.41 -4.59
N PHE A 128 21.78 4.82 -4.90
CA PHE A 128 21.11 4.39 -6.12
C PHE A 128 21.87 4.86 -7.36
N GLN A 129 22.59 5.96 -7.25
CA GLN A 129 23.37 6.48 -8.37
C GLN A 129 24.56 5.56 -8.62
N LEU A 130 25.30 5.24 -7.56
CA LEU A 130 26.47 4.37 -7.66
C LEU A 130 26.04 2.95 -7.95
N TYR A 131 24.81 2.62 -7.56
CA TYR A 131 24.24 1.29 -7.81
C TYR A 131 24.20 1.06 -9.32
N LYS A 132 23.82 2.12 -10.03
CA LYS A 132 23.72 2.09 -11.49
C LYS A 132 25.10 2.08 -12.12
N ASP A 133 26.08 2.56 -11.39
CA ASP A 133 27.45 2.62 -11.89
C ASP A 133 28.15 1.28 -11.75
N LEU A 134 28.07 0.69 -10.56
CA LEU A 134 28.74 -0.57 -10.28
C LEU A 134 27.87 -1.80 -10.59
N VAL A 135 26.77 -1.94 -9.89
CA VAL A 135 25.90 -3.11 -10.03
C VAL A 135 25.34 -3.24 -11.44
N VAL A 136 25.20 -2.12 -12.12
CA VAL A 136 24.65 -2.14 -13.47
C VAL A 136 25.75 -2.44 -14.50
N SER A 137 26.98 -2.05 -14.18
CA SER A 137 28.11 -2.32 -15.06
C SER A 137 28.71 -3.68 -14.77
N GLN A 138 27.97 -4.49 -14.01
CA GLN A 138 28.40 -5.83 -13.62
C GLN A 138 29.77 -5.78 -12.97
N VAL A 139 30.02 -4.69 -12.24
CA VAL A 139 31.29 -4.51 -11.55
C VAL A 139 31.30 -5.36 -10.29
N ILE A 140 30.12 -5.42 -9.67
CA ILE A 140 29.89 -6.19 -8.46
C ILE A 140 28.40 -6.44 -8.33
N SER A 141 28.01 -7.29 -7.40
CA SER A 141 26.60 -7.56 -7.20
C SER A 141 25.97 -6.48 -6.33
N ALA A 142 24.67 -6.56 -6.13
CA ALA A 142 23.95 -5.59 -5.33
C ALA A 142 24.36 -5.65 -3.86
N GLU A 143 24.43 -6.87 -3.34
CA GLU A 143 24.78 -7.09 -1.94
C GLU A 143 26.13 -6.47 -1.57
N GLU A 144 27.09 -6.50 -2.48
CA GLU A 144 28.41 -5.92 -2.22
C GLU A 144 28.30 -4.44 -1.92
N PHE A 145 27.52 -3.73 -2.73
CA PHE A 145 27.34 -2.30 -2.54
C PHE A 145 26.46 -2.04 -1.31
N TRP A 146 25.49 -2.92 -1.11
CA TRP A 146 24.59 -2.81 0.02
C TRP A 146 25.33 -3.07 1.32
N ALA A 147 26.38 -3.88 1.24
CA ALA A 147 27.20 -4.22 2.40
C ALA A 147 27.88 -2.97 2.95
N ASN A 148 27.95 -1.93 2.14
CA ASN A 148 28.56 -0.69 2.56
C ASN A 148 27.52 0.31 3.08
N ARG A 149 26.25 -0.07 3.05
CA ARG A 149 25.20 0.87 3.49
C ARG A 149 24.21 0.30 4.48
N LEU A 150 23.80 -0.91 4.27
CA LEU A 150 22.82 -1.55 5.15
C LEU A 150 23.28 -1.49 6.61
N ASN A 151 24.55 -1.77 6.80
CA ASN A 151 25.14 -1.76 8.14
C ASN A 151 25.65 -0.38 8.57
N VAL A 152 25.19 0.68 7.92
CA VAL A 152 25.59 2.02 8.30
C VAL A 152 24.38 2.92 8.38
N ASN A 153 24.06 3.27 9.60
CA ASN A 153 22.94 4.14 9.88
C ASN A 153 23.30 5.58 9.56
N ALA A 154 22.90 6.00 8.38
CA ALA A 154 23.13 7.36 7.94
C ALA A 154 21.95 8.25 8.32
N THR A 155 22.05 9.54 8.03
CA THR A 155 21.01 10.51 8.36
C THR A 155 19.64 10.12 7.85
N ASP A 156 19.64 9.28 6.85
CA ASP A 156 18.40 8.80 6.24
C ASP A 156 17.61 7.95 7.21
N SER A 157 18.19 6.82 7.61
CA SER A 157 17.55 5.89 8.51
C SER A 157 17.42 6.46 9.93
N SER A 158 18.16 7.52 10.23
CA SER A 158 18.10 8.14 11.55
C SER A 158 16.93 9.13 11.64
N SER A 159 16.44 9.57 10.49
CA SER A 159 15.33 10.52 10.46
C SER A 159 14.02 9.80 10.15
N THR A 160 14.04 8.96 9.14
CA THR A 160 12.86 8.22 8.75
C THR A 160 12.91 6.79 9.27
N SER A 161 11.79 6.33 9.81
CA SER A 161 11.70 4.98 10.34
C SER A 161 10.31 4.41 10.06
N MET A 4 -13.93 13.77 11.99
CA MET A 4 -13.76 12.39 12.51
C MET A 4 -12.79 12.38 13.68
N ALA A 5 -12.50 11.20 14.20
CA ALA A 5 -11.58 11.06 15.31
C ALA A 5 -10.25 10.49 14.83
N THR A 6 -9.34 10.25 15.76
CA THR A 6 -8.03 9.69 15.41
C THR A 6 -8.13 8.19 15.17
N SER A 7 -9.19 7.58 15.69
CA SER A 7 -9.42 6.14 15.56
C SER A 7 -8.20 5.35 16.01
N SER A 8 -7.34 5.00 15.05
CA SER A 8 -6.11 4.26 15.33
C SER A 8 -5.10 4.47 14.21
N GLU A 9 -5.19 5.63 13.56
CA GLU A 9 -4.31 5.95 12.46
C GLU A 9 -3.29 7.01 12.84
N GLU A 10 -2.06 6.83 12.37
CA GLU A 10 -1.00 7.77 12.64
C GLU A 10 -0.94 8.75 11.48
N VAL A 11 -1.53 9.92 11.60
CA VAL A 11 -1.48 10.86 10.50
C VAL A 11 -0.07 11.40 10.40
N LEU A 12 0.58 11.01 9.32
CA LEU A 12 1.94 11.42 9.12
C LEU A 12 2.07 12.65 8.24
N LEU A 13 1.23 12.77 7.22
CA LEU A 13 1.33 13.90 6.33
C LEU A 13 -0.05 14.42 5.93
N ILE A 14 -0.18 15.74 5.89
CA ILE A 14 -1.43 16.36 5.49
C ILE A 14 -1.22 17.12 4.19
N VAL A 15 -1.74 16.55 3.12
CA VAL A 15 -1.63 17.12 1.79
C VAL A 15 -2.96 17.73 1.35
N LYS A 16 -2.91 18.78 0.54
CA LYS A 16 -4.13 19.43 0.09
C LYS A 16 -4.14 19.62 -1.41
N LYS A 17 -5.27 20.11 -1.92
CA LYS A 17 -5.47 20.32 -3.35
C LYS A 17 -5.07 19.10 -4.13
N VAL A 18 -5.80 18.04 -3.87
CA VAL A 18 -5.60 16.76 -4.52
C VAL A 18 -6.94 16.35 -5.09
N ARG A 19 -7.04 16.39 -6.40
CA ARG A 19 -8.29 16.07 -7.04
C ARG A 19 -8.19 14.71 -7.72
N GLN A 20 -8.97 13.77 -7.28
CA GLN A 20 -8.96 12.45 -7.86
C GLN A 20 -10.27 12.20 -8.56
N LYS A 21 -10.21 11.66 -9.77
CA LYS A 21 -11.38 11.38 -10.58
C LYS A 21 -12.35 12.56 -10.64
N LYS A 22 -11.76 13.76 -10.74
CA LYS A 22 -12.47 15.04 -10.82
C LYS A 22 -12.94 15.59 -9.48
N GLN A 23 -12.43 15.06 -8.36
CA GLN A 23 -12.83 15.58 -7.06
C GLN A 23 -11.61 15.99 -6.25
N ASP A 24 -11.56 17.28 -5.95
CA ASP A 24 -10.49 17.91 -5.20
C ASP A 24 -10.74 17.80 -3.70
N GLY A 25 -9.67 17.82 -2.92
CA GLY A 25 -9.79 17.73 -1.50
C GLY A 25 -8.44 17.80 -0.82
N ALA A 26 -8.26 16.96 0.17
CA ALA A 26 -7.04 16.91 0.93
C ALA A 26 -6.68 15.46 1.24
N LEU A 27 -5.47 15.12 0.92
CA LEU A 27 -4.95 13.78 1.10
C LEU A 27 -4.19 13.65 2.43
N TYR A 28 -4.61 12.70 3.24
CA TYR A 28 -3.99 12.46 4.53
C TYR A 28 -3.17 11.18 4.51
N LEU A 29 -1.94 11.26 4.95
CA LEU A 29 -1.08 10.09 5.01
C LEU A 29 -1.02 9.58 6.43
N MET A 30 -1.00 8.28 6.57
CA MET A 30 -0.93 7.64 7.87
C MET A 30 0.22 6.66 7.87
N ALA A 31 0.68 6.29 9.05
CA ALA A 31 1.80 5.37 9.19
C ALA A 31 1.44 3.97 8.74
N GLU A 32 0.15 3.73 8.50
CA GLU A 32 -0.29 2.42 8.10
C GLU A 32 -0.97 2.46 6.74
N ARG A 33 -1.31 3.67 6.28
CA ARG A 33 -2.07 3.74 5.04
C ARG A 33 -2.15 5.15 4.47
N ILE A 34 -2.77 5.24 3.31
CA ILE A 34 -2.96 6.50 2.63
C ILE A 34 -4.46 6.74 2.49
N ALA A 35 -4.94 7.85 3.02
CA ALA A 35 -6.35 8.15 2.95
C ALA A 35 -6.60 9.53 2.40
N TRP A 36 -7.37 9.58 1.33
CA TRP A 36 -7.68 10.84 0.70
C TRP A 36 -9.11 11.23 1.02
N ALA A 37 -9.32 12.51 1.18
CA ALA A 37 -10.60 13.07 1.52
C ALA A 37 -10.91 14.30 0.69
N PRO A 38 -12.09 14.37 0.07
CA PRO A 38 -12.48 15.52 -0.74
C PRO A 38 -12.73 16.76 0.11
N GLU A 39 -12.77 17.92 -0.51
CA GLU A 39 -13.03 19.13 0.26
C GLU A 39 -14.52 19.24 0.58
N GLY A 40 -14.83 19.21 1.88
CA GLY A 40 -16.21 19.31 2.31
C GLY A 40 -16.68 18.08 3.06
N LYS A 41 -15.73 17.23 3.44
CA LYS A 41 -16.04 16.02 4.16
C LYS A 41 -15.51 16.07 5.58
N ASP A 42 -15.83 15.03 6.31
CA ASP A 42 -15.35 14.84 7.67
C ASP A 42 -14.65 13.48 7.76
N ARG A 43 -14.74 12.71 6.67
CA ARG A 43 -14.16 11.37 6.63
C ARG A 43 -13.48 11.13 5.29
N PHE A 44 -12.47 10.27 5.29
CA PHE A 44 -11.73 9.95 4.07
C PHE A 44 -12.54 8.97 3.24
N THR A 45 -12.60 9.23 1.95
CA THR A 45 -13.33 8.36 1.05
C THR A 45 -12.40 7.27 0.51
N ILE A 46 -11.14 7.64 0.36
CA ILE A 46 -10.12 6.73 -0.13
C ILE A 46 -9.20 6.33 1.01
N SER A 47 -8.98 5.05 1.20
CA SER A 47 -8.08 4.58 2.24
C SER A 47 -7.42 3.28 1.82
N HIS A 48 -6.16 3.37 1.40
CA HIS A 48 -5.42 2.19 0.97
C HIS A 48 -4.32 1.87 1.94
N MET A 49 -4.22 0.62 2.30
CA MET A 49 -3.17 0.16 3.18
C MET A 49 -1.91 0.02 2.36
N TYR A 50 -0.78 0.43 2.91
CA TYR A 50 0.50 0.32 2.20
C TYR A 50 0.73 -1.13 1.79
N ALA A 51 0.23 -2.04 2.59
CA ALA A 51 0.36 -3.46 2.32
C ALA A 51 -0.40 -3.86 1.05
N ASP A 52 -1.42 -3.07 0.70
CA ASP A 52 -2.24 -3.33 -0.48
C ASP A 52 -1.69 -2.57 -1.67
N ILE A 53 -0.96 -1.50 -1.40
CA ILE A 53 -0.37 -0.70 -2.46
C ILE A 53 0.88 -1.40 -2.96
N LYS A 54 0.92 -1.69 -4.24
CA LYS A 54 2.05 -2.36 -4.85
C LYS A 54 3.17 -1.39 -5.11
N CYS A 55 2.83 -0.31 -5.79
CA CYS A 55 3.82 0.72 -6.14
C CYS A 55 3.14 2.06 -6.41
N GLN A 56 3.95 3.08 -6.69
CA GLN A 56 3.45 4.41 -6.97
C GLN A 56 4.07 4.99 -8.22
N LYS A 57 3.25 5.64 -9.02
CA LYS A 57 3.67 6.29 -10.24
C LYS A 57 3.49 7.78 -10.10
N ILE A 58 4.43 8.55 -10.59
CA ILE A 58 4.33 10.01 -10.51
C ILE A 58 4.63 10.65 -11.86
N SER A 59 3.98 11.76 -12.12
CA SER A 59 4.18 12.49 -13.36
C SER A 59 5.50 13.26 -13.32
N PRO A 60 6.28 13.22 -14.41
CA PRO A 60 7.55 13.92 -14.50
C PRO A 60 7.36 15.43 -14.41
N GLU A 61 8.11 16.07 -13.50
CA GLU A 61 8.04 17.51 -13.28
C GLU A 61 8.13 18.32 -14.57
N GLY A 62 7.69 19.56 -14.50
CA GLY A 62 7.68 20.42 -15.65
C GLY A 62 6.30 20.50 -16.25
N LYS A 63 5.32 20.09 -15.47
CA LYS A 63 3.93 20.12 -15.90
C LYS A 63 3.13 20.98 -14.93
N ALA A 64 1.90 21.32 -15.32
CA ALA A 64 1.04 22.13 -14.46
C ALA A 64 0.15 21.23 -13.62
N LYS A 65 0.42 19.94 -13.66
CA LYS A 65 -0.38 18.97 -12.91
C LYS A 65 0.51 17.93 -12.24
N ILE A 66 0.47 17.88 -10.92
CA ILE A 66 1.25 16.89 -10.18
C ILE A 66 0.40 15.64 -10.04
N GLN A 67 0.47 14.76 -11.01
CA GLN A 67 -0.35 13.56 -10.97
C GLN A 67 0.40 12.39 -10.34
N LEU A 68 -0.22 11.84 -9.32
CA LEU A 68 0.31 10.68 -8.61
C LEU A 68 -0.62 9.51 -8.83
N GLN A 69 -0.08 8.34 -9.08
CA GLN A 69 -0.90 7.17 -9.30
C GLN A 69 -0.34 5.93 -8.60
N LEU A 70 -1.02 5.50 -7.56
CA LEU A 70 -0.61 4.31 -6.83
C LEU A 70 -1.22 3.11 -7.52
N VAL A 71 -0.59 1.97 -7.39
CA VAL A 71 -1.10 0.74 -7.96
C VAL A 71 -1.18 -0.27 -6.85
N LEU A 72 -2.26 -1.00 -6.74
CA LEU A 72 -2.39 -1.96 -5.68
C LEU A 72 -2.13 -3.38 -6.19
N HIS A 73 -1.73 -4.24 -5.27
CA HIS A 73 -1.42 -5.64 -5.56
C HIS A 73 -2.52 -6.40 -6.28
N ALA A 74 -3.77 -6.18 -5.88
CA ALA A 74 -4.89 -6.88 -6.51
C ALA A 74 -4.98 -6.54 -7.99
N GLY A 75 -4.40 -5.39 -8.32
CA GLY A 75 -4.40 -4.92 -9.68
C GLY A 75 -5.16 -3.63 -9.76
N ASP A 76 -5.18 -2.94 -8.64
CA ASP A 76 -5.91 -1.70 -8.53
C ASP A 76 -4.97 -0.56 -8.59
N THR A 77 -5.49 0.61 -8.30
CA THR A 77 -4.72 1.79 -8.34
C THR A 77 -5.33 2.90 -7.48
N THR A 78 -4.61 4.01 -7.42
CA THR A 78 -5.03 5.18 -6.69
C THR A 78 -4.55 6.44 -7.42
N ASN A 79 -5.44 7.06 -8.17
CA ASN A 79 -5.11 8.26 -8.93
C ASN A 79 -5.34 9.54 -8.11
N PHE A 80 -4.33 10.41 -8.11
CA PHE A 80 -4.38 11.68 -7.39
C PHE A 80 -3.82 12.82 -8.25
N HIS A 81 -4.44 13.98 -8.20
CA HIS A 81 -3.98 15.14 -8.94
C HIS A 81 -3.68 16.30 -8.00
N PHE A 82 -2.41 16.48 -7.69
CA PHE A 82 -1.98 17.57 -6.83
C PHE A 82 -2.01 18.84 -7.66
N SER A 83 -2.88 19.76 -7.31
CA SER A 83 -3.02 20.99 -8.07
C SER A 83 -2.67 22.22 -7.24
N ASN A 84 -2.08 22.01 -6.06
CA ASN A 84 -1.68 23.13 -5.21
C ASN A 84 -0.37 23.69 -5.74
N GLU A 85 -0.46 24.59 -6.71
CA GLU A 85 0.69 25.21 -7.37
C GLU A 85 1.86 25.60 -6.44
N SER A 86 1.58 25.83 -5.16
CA SER A 86 2.61 26.24 -4.23
C SER A 86 3.38 25.05 -3.63
N THR A 87 2.68 23.96 -3.32
CA THR A 87 3.33 22.80 -2.72
C THR A 87 3.00 21.47 -3.39
N ALA A 88 2.19 21.50 -4.45
CA ALA A 88 1.77 20.29 -5.17
C ALA A 88 2.92 19.32 -5.39
N VAL A 89 3.96 19.78 -6.04
CA VAL A 89 5.13 18.95 -6.31
C VAL A 89 5.76 18.42 -5.01
N LYS A 90 6.06 19.32 -4.08
CA LYS A 90 6.68 18.96 -2.80
C LYS A 90 5.79 18.03 -1.97
N GLU A 91 4.49 18.31 -1.94
CA GLU A 91 3.57 17.48 -1.20
C GLU A 91 3.56 16.09 -1.81
N ARG A 92 3.60 16.04 -3.14
CA ARG A 92 3.66 14.78 -3.86
C ARG A 92 4.96 14.09 -3.55
N ASP A 93 6.02 14.88 -3.47
CA ASP A 93 7.36 14.37 -3.16
C ASP A 93 7.36 13.69 -1.80
N ALA A 94 6.95 14.42 -0.77
CA ALA A 94 6.90 13.86 0.57
C ALA A 94 5.92 12.70 0.60
N VAL A 95 4.91 12.75 -0.24
CA VAL A 95 3.92 11.67 -0.31
C VAL A 95 4.58 10.45 -0.92
N LYS A 96 5.19 10.62 -2.08
CA LYS A 96 5.89 9.53 -2.77
C LYS A 96 6.90 8.91 -1.82
N ASP A 97 7.57 9.77 -1.07
CA ASP A 97 8.59 9.37 -0.12
C ASP A 97 8.00 8.72 1.14
N LEU A 98 6.92 9.32 1.67
CA LEU A 98 6.29 8.81 2.88
C LEU A 98 5.66 7.45 2.63
N LEU A 99 4.92 7.34 1.53
CA LEU A 99 4.30 6.08 1.19
C LEU A 99 5.38 5.05 0.96
N GLN A 100 6.39 5.44 0.19
CA GLN A 100 7.53 4.57 -0.10
C GLN A 100 8.30 4.26 1.17
N GLN A 101 8.02 5.00 2.23
CA GLN A 101 8.68 4.77 3.50
C GLN A 101 7.91 3.74 4.32
N LEU A 102 6.58 3.83 4.28
CA LEU A 102 5.72 2.94 5.02
C LEU A 102 5.37 1.71 4.19
N LEU A 103 5.51 1.84 2.87
CA LEU A 103 5.26 0.75 1.95
C LEU A 103 6.13 -0.47 2.24
N PRO A 104 7.46 -0.32 2.47
CA PRO A 104 8.31 -1.46 2.82
C PRO A 104 7.98 -1.95 4.22
N LYS A 105 7.45 -1.04 5.04
CA LYS A 105 7.05 -1.33 6.41
C LYS A 105 5.89 -2.34 6.40
N PHE A 106 5.07 -2.27 5.35
CA PHE A 106 3.94 -3.18 5.20
C PHE A 106 4.03 -3.94 3.88
N LYS A 107 5.23 -4.08 3.33
CA LYS A 107 5.40 -4.75 2.05
C LYS A 107 5.09 -6.24 2.15
N ARG A 108 3.93 -6.61 1.63
CA ARG A 108 3.50 -8.00 1.64
C ARG A 108 3.49 -8.56 0.23
N LYS A 109 3.86 -9.82 0.09
CA LYS A 109 3.85 -10.47 -1.21
C LYS A 109 2.46 -11.04 -1.45
N ALA A 110 1.92 -10.81 -2.63
CA ALA A 110 0.59 -11.30 -2.94
C ALA A 110 0.57 -12.81 -3.16
N ASN A 111 0.37 -13.54 -2.07
CA ASN A 111 0.26 -14.99 -2.13
C ASN A 111 -0.83 -15.44 -1.16
N LYS A 112 -2.08 -15.21 -1.53
CA LYS A 112 -3.19 -15.58 -0.66
C LYS A 112 -3.57 -17.03 -0.88
N GLU A 113 -3.60 -17.45 -2.13
CA GLU A 113 -3.97 -18.81 -2.47
C GLU A 113 -2.98 -19.81 -1.88
N LEU A 114 -1.70 -19.45 -1.86
CA LEU A 114 -0.66 -20.33 -1.31
C LEU A 114 -0.93 -20.62 0.16
N GLU A 115 -1.52 -19.65 0.84
CA GLU A 115 -1.85 -19.80 2.25
C GLU A 115 -2.87 -20.92 2.42
N GLU A 116 -3.96 -20.84 1.65
CA GLU A 116 -4.99 -21.86 1.70
C GLU A 116 -4.48 -23.17 1.12
N LYS A 117 -3.68 -23.06 0.07
CA LYS A 117 -3.09 -24.22 -0.61
C LYS A 117 -2.29 -25.09 0.37
N ASN A 118 -1.30 -24.48 1.01
CA ASN A 118 -0.43 -25.18 1.94
C ASN A 118 -1.22 -25.91 3.04
N ARG A 119 -2.12 -25.19 3.70
CA ARG A 119 -2.90 -25.77 4.78
C ARG A 119 -3.95 -26.75 4.28
N MET A 120 -4.33 -26.66 3.01
CA MET A 120 -5.37 -27.53 2.48
C MET A 120 -4.77 -28.89 2.21
N LEU A 121 -3.51 -28.84 1.85
CA LEU A 121 -2.72 -30.01 1.56
C LEU A 121 -2.52 -30.85 2.82
N GLN A 122 -2.70 -30.19 3.97
CA GLN A 122 -2.54 -30.83 5.26
C GLN A 122 -3.88 -31.32 5.81
N GLU A 123 -4.96 -30.60 5.50
CA GLU A 123 -6.30 -30.98 5.96
C GLU A 123 -6.86 -32.12 5.12
N ASP A 124 -6.68 -32.01 3.81
CA ASP A 124 -7.19 -33.01 2.88
C ASP A 124 -6.06 -33.84 2.29
N PRO A 125 -5.90 -35.08 2.77
CA PRO A 125 -4.85 -35.99 2.31
C PRO A 125 -5.10 -36.47 0.88
N VAL A 126 -6.35 -36.36 0.43
CA VAL A 126 -6.71 -36.78 -0.91
C VAL A 126 -6.19 -35.77 -1.92
N LEU A 127 -6.37 -34.50 -1.61
CA LEU A 127 -5.91 -33.43 -2.46
C LEU A 127 -4.40 -33.53 -2.67
N PHE A 128 -3.68 -33.67 -1.57
CA PHE A 128 -2.23 -33.78 -1.62
C PHE A 128 -1.80 -35.07 -2.33
N GLN A 129 -2.63 -36.11 -2.23
CA GLN A 129 -2.33 -37.39 -2.88
C GLN A 129 -2.49 -37.25 -4.39
N LEU A 130 -3.63 -36.69 -4.82
CA LEU A 130 -3.90 -36.50 -6.24
C LEU A 130 -2.96 -35.45 -6.83
N TYR A 131 -2.48 -34.55 -5.97
CA TYR A 131 -1.54 -33.52 -6.39
C TYR A 131 -0.28 -34.19 -6.89
N LYS A 132 0.12 -35.25 -6.18
CA LYS A 132 1.30 -36.03 -6.51
C LYS A 132 1.05 -36.91 -7.73
N ASP A 133 -0.21 -37.19 -7.99
CA ASP A 133 -0.57 -38.03 -9.12
C ASP A 133 -0.60 -37.23 -10.41
N LEU A 134 -1.27 -36.10 -10.39
CA LEU A 134 -1.40 -35.27 -11.58
C LEU A 134 -0.28 -34.22 -11.73
N VAL A 135 -0.20 -33.31 -10.78
CA VAL A 135 0.77 -32.21 -10.84
C VAL A 135 2.21 -32.72 -10.85
N VAL A 136 2.44 -33.87 -10.25
CA VAL A 136 3.79 -34.42 -10.19
C VAL A 136 4.11 -35.20 -11.47
N SER A 137 3.09 -35.78 -12.08
CA SER A 137 3.27 -36.53 -13.33
C SER A 137 3.22 -35.59 -14.52
N GLN A 138 3.27 -34.28 -14.25
CA GLN A 138 3.21 -33.27 -15.28
C GLN A 138 1.98 -33.46 -16.15
N VAL A 139 0.90 -33.92 -15.53
CA VAL A 139 -0.36 -34.16 -16.23
C VAL A 139 -1.04 -32.83 -16.49
N ILE A 140 -0.95 -31.95 -15.50
CA ILE A 140 -1.51 -30.61 -15.55
C ILE A 140 -0.76 -29.75 -14.56
N SER A 141 -0.97 -28.45 -14.59
CA SER A 141 -0.32 -27.57 -13.67
C SER A 141 -1.03 -27.61 -12.32
N ALA A 142 -0.38 -27.09 -11.29
CA ALA A 142 -0.94 -27.09 -9.95
C ALA A 142 -2.23 -26.30 -9.87
N GLU A 143 -2.24 -25.15 -10.53
CA GLU A 143 -3.39 -24.26 -10.51
C GLU A 143 -4.66 -24.92 -11.04
N GLU A 144 -4.54 -25.79 -12.03
CA GLU A 144 -5.70 -26.49 -12.58
C GLU A 144 -6.36 -27.35 -11.52
N PHE A 145 -5.55 -28.13 -10.81
CA PHE A 145 -6.07 -29.00 -9.76
C PHE A 145 -6.57 -28.16 -8.60
N TRP A 146 -5.88 -27.06 -8.35
CA TRP A 146 -6.23 -26.15 -7.27
C TRP A 146 -7.54 -25.43 -7.58
N ALA A 147 -7.73 -25.07 -8.84
CA ALA A 147 -8.92 -24.37 -9.29
C ALA A 147 -10.19 -25.14 -8.92
N ASN A 148 -10.08 -26.45 -8.86
CA ASN A 148 -11.21 -27.32 -8.55
C ASN A 148 -11.47 -27.45 -7.05
N ARG A 149 -10.46 -27.25 -6.23
CA ARG A 149 -10.64 -27.43 -4.79
C ARG A 149 -10.51 -26.14 -4.00
N LEU A 150 -9.99 -25.10 -4.62
CA LEU A 150 -9.86 -23.80 -3.97
C LEU A 150 -11.19 -23.08 -3.95
N ASN A 151 -11.79 -22.93 -5.13
CA ASN A 151 -13.07 -22.25 -5.27
C ASN A 151 -14.21 -23.03 -4.62
N VAL A 152 -13.94 -24.29 -4.36
CA VAL A 152 -14.88 -25.20 -3.72
C VAL A 152 -14.12 -26.34 -3.11
N ASN A 153 -14.09 -26.36 -1.81
CA ASN A 153 -13.39 -27.41 -1.10
C ASN A 153 -14.36 -28.49 -0.66
N ALA A 154 -14.43 -29.53 -1.45
CA ALA A 154 -15.29 -30.66 -1.13
C ALA A 154 -14.44 -31.75 -0.51
N THR A 155 -14.58 -31.93 0.79
CA THR A 155 -13.82 -32.93 1.51
C THR A 155 -14.67 -34.15 1.79
N ASP A 156 -15.94 -33.91 1.74
CA ASP A 156 -16.98 -34.91 2.00
C ASP A 156 -16.82 -36.12 1.07
N SER A 157 -17.10 -35.91 -0.20
CA SER A 157 -17.05 -36.97 -1.20
C SER A 157 -15.63 -37.29 -1.66
N SER A 158 -14.67 -36.44 -1.35
CA SER A 158 -13.29 -36.66 -1.77
C SER A 158 -12.48 -37.43 -0.73
N SER A 159 -12.49 -36.96 0.50
CA SER A 159 -11.71 -37.59 1.57
C SER A 159 -12.48 -38.74 2.22
N THR A 160 -13.74 -38.92 1.83
CA THR A 160 -14.56 -39.98 2.39
C THR A 160 -15.39 -40.66 1.30
N SER A 161 -15.49 -41.97 1.36
CA SER A 161 -16.25 -42.75 0.40
C SER A 161 -16.72 -44.04 1.05
N MET A 4 -0.39 3.42 14.96
CA MET A 4 -0.53 2.28 15.90
C MET A 4 -0.55 2.75 17.34
N ALA A 5 -0.43 4.05 17.52
CA ALA A 5 -0.46 4.67 18.85
C ALA A 5 -1.79 5.37 19.04
N THR A 6 -2.33 5.85 17.93
CA THR A 6 -3.62 6.52 17.89
C THR A 6 -4.73 5.45 17.88
N SER A 7 -5.95 5.84 17.48
CA SER A 7 -7.06 4.91 17.41
C SER A 7 -6.63 3.68 16.63
N SER A 8 -6.20 3.92 15.39
CA SER A 8 -5.72 2.85 14.55
C SER A 8 -4.87 3.36 13.40
N GLU A 9 -4.62 4.66 13.41
CA GLU A 9 -3.88 5.30 12.33
C GLU A 9 -3.02 6.46 12.84
N GLU A 10 -1.84 6.62 12.25
CA GLU A 10 -0.96 7.70 12.61
C GLU A 10 -0.81 8.64 11.43
N VAL A 11 -1.37 9.82 11.51
CA VAL A 11 -1.28 10.75 10.39
C VAL A 11 0.14 11.27 10.30
N LEU A 12 0.79 10.96 9.20
CA LEU A 12 2.15 11.39 8.99
C LEU A 12 2.26 12.65 8.14
N LEU A 13 1.45 12.76 7.11
CA LEU A 13 1.52 13.92 6.23
C LEU A 13 0.14 14.43 5.88
N ILE A 14 -0.04 15.74 5.92
CA ILE A 14 -1.32 16.34 5.58
C ILE A 14 -1.16 17.12 4.28
N VAL A 15 -1.71 16.56 3.22
CA VAL A 15 -1.64 17.17 1.90
C VAL A 15 -2.96 17.84 1.55
N LYS A 16 -2.90 19.01 0.94
CA LYS A 16 -4.11 19.73 0.56
C LYS A 16 -4.18 19.95 -0.95
N LYS A 17 -5.38 20.26 -1.43
CA LYS A 17 -5.66 20.50 -2.82
C LYS A 17 -5.21 19.34 -3.72
N VAL A 18 -5.85 18.21 -3.51
CA VAL A 18 -5.58 16.99 -4.29
C VAL A 18 -6.88 16.52 -4.90
N ARG A 19 -6.93 16.44 -6.22
CA ARG A 19 -8.16 16.03 -6.89
C ARG A 19 -8.14 14.59 -7.35
N GLN A 20 -9.13 13.85 -6.91
CA GLN A 20 -9.34 12.48 -7.31
C GLN A 20 -10.83 12.28 -7.44
N LYS A 21 -11.26 11.45 -8.40
CA LYS A 21 -12.68 11.21 -8.64
C LYS A 21 -13.36 12.50 -9.11
N LYS A 22 -12.56 13.36 -9.76
CA LYS A 22 -13.02 14.65 -10.28
C LYS A 22 -13.31 15.65 -9.17
N GLN A 23 -12.69 15.47 -8.01
CA GLN A 23 -12.91 16.37 -6.89
C GLN A 23 -11.66 16.49 -6.02
N ASP A 24 -11.24 17.71 -5.76
CA ASP A 24 -10.09 17.97 -4.93
C ASP A 24 -10.48 17.98 -3.47
N GLY A 25 -9.49 17.69 -2.64
CA GLY A 25 -9.71 17.67 -1.22
C GLY A 25 -8.41 17.67 -0.46
N ALA A 26 -8.30 16.73 0.45
CA ALA A 26 -7.13 16.64 1.27
C ALA A 26 -6.69 15.19 1.39
N LEU A 27 -5.41 15.01 1.21
CA LEU A 27 -4.79 13.71 1.28
C LEU A 27 -4.02 13.55 2.58
N TYR A 28 -4.47 12.63 3.42
CA TYR A 28 -3.84 12.39 4.69
C TYR A 28 -3.03 11.10 4.66
N LEU A 29 -1.73 11.23 4.87
CA LEU A 29 -0.86 10.09 4.89
C LEU A 29 -0.78 9.56 6.31
N MET A 30 -0.75 8.27 6.46
CA MET A 30 -0.65 7.64 7.77
C MET A 30 0.51 6.67 7.77
N ALA A 31 0.96 6.31 8.96
CA ALA A 31 2.08 5.39 9.10
C ALA A 31 1.75 4.01 8.53
N GLU A 32 0.48 3.71 8.49
CA GLU A 32 0.04 2.41 8.01
C GLU A 32 -0.76 2.49 6.71
N ARG A 33 -1.02 3.69 6.18
CA ARG A 33 -1.82 3.77 4.95
C ARG A 33 -1.92 5.17 4.38
N ILE A 34 -2.60 5.26 3.24
CA ILE A 34 -2.83 6.52 2.55
C ILE A 34 -4.33 6.75 2.40
N ALA A 35 -4.80 7.92 2.83
CA ALA A 35 -6.22 8.22 2.75
C ALA A 35 -6.44 9.60 2.15
N TRP A 36 -7.48 9.72 1.35
CA TRP A 36 -7.82 10.98 0.73
C TRP A 36 -9.28 11.32 0.94
N ALA A 37 -9.51 12.58 1.22
CA ALA A 37 -10.83 13.13 1.48
C ALA A 37 -11.11 14.31 0.56
N PRO A 38 -12.36 14.52 0.14
CA PRO A 38 -12.71 15.65 -0.70
C PRO A 38 -12.88 16.91 0.13
N GLU A 39 -12.53 18.07 -0.42
CA GLU A 39 -12.64 19.32 0.33
C GLU A 39 -14.09 19.61 0.70
N GLY A 40 -14.35 19.63 1.99
CA GLY A 40 -15.69 19.90 2.48
C GLY A 40 -16.30 18.67 3.11
N LYS A 41 -15.59 17.55 3.02
CA LYS A 41 -16.09 16.33 3.60
C LYS A 41 -15.22 15.86 4.74
N ASP A 42 -15.90 15.31 5.73
CA ASP A 42 -15.31 14.79 6.94
C ASP A 42 -14.96 13.32 6.78
N ARG A 43 -14.87 12.87 5.54
CA ARG A 43 -14.64 11.46 5.29
C ARG A 43 -13.60 11.19 4.23
N PHE A 44 -12.79 10.17 4.48
CA PHE A 44 -11.81 9.74 3.50
C PHE A 44 -12.53 8.82 2.56
N THR A 45 -12.59 9.22 1.31
CA THR A 45 -13.28 8.42 0.30
C THR A 45 -12.29 7.51 -0.40
N ILE A 46 -11.05 7.62 0.05
CA ILE A 46 -9.96 6.81 -0.47
C ILE A 46 -9.08 6.42 0.70
N SER A 47 -8.91 5.13 0.93
CA SER A 47 -8.07 4.67 2.01
C SER A 47 -7.41 3.35 1.64
N HIS A 48 -6.14 3.40 1.26
CA HIS A 48 -5.41 2.20 0.89
C HIS A 48 -4.31 1.96 1.87
N MET A 49 -4.24 0.74 2.34
CA MET A 49 -3.19 0.37 3.25
C MET A 49 -1.94 0.19 2.43
N TYR A 50 -0.79 0.53 2.98
CA TYR A 50 0.46 0.35 2.26
C TYR A 50 0.61 -1.11 1.87
N ALA A 51 -0.01 -1.96 2.67
CA ALA A 51 -0.01 -3.39 2.44
C ALA A 51 -0.84 -3.76 1.21
N ASP A 52 -1.66 -2.80 0.76
CA ASP A 52 -2.52 -3.01 -0.41
C ASP A 52 -1.92 -2.33 -1.64
N ILE A 53 -1.06 -1.35 -1.43
CA ILE A 53 -0.45 -0.64 -2.54
C ILE A 53 0.85 -1.34 -2.92
N LYS A 54 0.93 -1.80 -4.15
CA LYS A 54 2.10 -2.51 -4.63
C LYS A 54 3.20 -1.55 -5.03
N CYS A 55 2.82 -0.49 -5.72
CA CYS A 55 3.81 0.49 -6.18
C CYS A 55 3.22 1.88 -6.34
N GLN A 56 4.09 2.83 -6.66
CA GLN A 56 3.70 4.22 -6.86
C GLN A 56 4.38 4.81 -8.09
N LYS A 57 3.66 5.65 -8.79
CA LYS A 57 4.14 6.29 -9.99
C LYS A 57 3.85 7.78 -9.92
N ILE A 58 4.71 8.58 -10.48
CA ILE A 58 4.52 10.03 -10.48
C ILE A 58 4.73 10.63 -11.86
N SER A 59 4.11 11.77 -12.10
CA SER A 59 4.24 12.47 -13.36
C SER A 59 5.56 13.24 -13.37
N PRO A 60 6.33 13.14 -14.46
CA PRO A 60 7.61 13.83 -14.58
C PRO A 60 7.48 15.34 -14.42
N GLU A 61 8.28 15.90 -13.52
CA GLU A 61 8.30 17.33 -13.24
C GLU A 61 8.45 18.17 -14.50
N GLY A 62 8.10 19.44 -14.39
CA GLY A 62 8.20 20.34 -15.52
C GLY A 62 6.85 20.56 -16.17
N LYS A 63 5.83 19.95 -15.59
CA LYS A 63 4.48 20.06 -16.09
C LYS A 63 3.56 20.63 -15.01
N ALA A 64 2.49 21.29 -15.43
CA ALA A 64 1.52 21.88 -14.51
C ALA A 64 0.53 20.83 -14.02
N LYS A 65 0.97 19.59 -13.92
CA LYS A 65 0.14 18.50 -13.48
C LYS A 65 0.89 17.59 -12.52
N ILE A 66 0.68 17.78 -11.23
CA ILE A 66 1.31 16.91 -10.26
C ILE A 66 0.42 15.69 -10.06
N GLN A 67 0.62 14.69 -10.88
CA GLN A 67 -0.20 13.51 -10.79
C GLN A 67 0.58 12.32 -10.23
N LEU A 68 0.00 11.71 -9.23
CA LEU A 68 0.57 10.54 -8.59
C LEU A 68 -0.34 9.36 -8.86
N GLN A 69 0.23 8.22 -9.17
CA GLN A 69 -0.57 7.03 -9.43
C GLN A 69 -0.02 5.82 -8.70
N LEU A 70 -0.73 5.38 -7.69
CA LEU A 70 -0.36 4.20 -6.92
C LEU A 70 -0.96 3.00 -7.61
N VAL A 71 -0.38 1.85 -7.42
CA VAL A 71 -0.91 0.62 -8.00
C VAL A 71 -1.09 -0.36 -6.86
N LEU A 72 -2.23 -1.00 -6.78
CA LEU A 72 -2.46 -1.94 -5.71
C LEU A 72 -2.23 -3.38 -6.16
N HIS A 73 -1.94 -4.22 -5.18
CA HIS A 73 -1.67 -5.65 -5.40
C HIS A 73 -2.75 -6.37 -6.19
N ALA A 74 -4.01 -6.11 -5.88
CA ALA A 74 -5.11 -6.78 -6.57
C ALA A 74 -5.09 -6.46 -8.06
N GLY A 75 -4.45 -5.36 -8.39
CA GLY A 75 -4.34 -4.92 -9.76
C GLY A 75 -5.04 -3.61 -9.91
N ASP A 76 -5.09 -2.89 -8.81
CA ASP A 76 -5.77 -1.62 -8.77
C ASP A 76 -4.78 -0.52 -8.79
N THR A 77 -5.27 0.66 -8.50
CA THR A 77 -4.46 1.83 -8.52
C THR A 77 -5.06 2.93 -7.65
N THR A 78 -4.33 4.03 -7.53
CA THR A 78 -4.76 5.19 -6.78
C THR A 78 -4.22 6.47 -7.42
N ASN A 79 -5.06 7.14 -8.18
CA ASN A 79 -4.66 8.38 -8.85
C ASN A 79 -4.85 9.58 -7.93
N PHE A 80 -3.86 10.48 -7.92
CA PHE A 80 -3.91 11.68 -7.10
C PHE A 80 -3.40 12.89 -7.88
N HIS A 81 -4.24 13.89 -8.05
CA HIS A 81 -3.85 15.11 -8.76
C HIS A 81 -3.61 16.23 -7.76
N PHE A 82 -2.35 16.49 -7.46
CA PHE A 82 -1.99 17.56 -6.55
C PHE A 82 -2.11 18.88 -7.29
N SER A 83 -3.26 19.52 -7.11
CA SER A 83 -3.55 20.78 -7.78
C SER A 83 -3.07 21.99 -6.97
N ASN A 84 -2.33 21.75 -5.90
CA ASN A 84 -1.82 22.85 -5.10
C ASN A 84 -0.58 23.41 -5.75
N GLU A 85 -0.78 24.18 -6.82
CA GLU A 85 0.28 24.79 -7.64
C GLU A 85 1.45 25.43 -6.85
N SER A 86 1.25 25.66 -5.57
CA SER A 86 2.27 26.29 -4.75
C SER A 86 3.31 25.27 -4.30
N THR A 87 2.86 24.14 -3.79
CA THR A 87 3.77 23.11 -3.31
C THR A 87 3.41 21.73 -3.86
N ALA A 88 2.59 21.70 -4.91
CA ALA A 88 2.13 20.47 -5.54
C ALA A 88 3.25 19.47 -5.74
N VAL A 89 4.28 19.89 -6.43
CA VAL A 89 5.44 19.02 -6.66
C VAL A 89 6.05 18.52 -5.34
N LYS A 90 6.20 19.42 -4.36
CA LYS A 90 6.75 19.04 -3.06
C LYS A 90 5.81 18.06 -2.35
N GLU A 91 4.51 18.25 -2.53
CA GLU A 91 3.53 17.37 -1.92
C GLU A 91 3.71 15.95 -2.45
N ARG A 92 3.77 15.82 -3.78
CA ARG A 92 3.96 14.50 -4.38
C ARG A 92 5.33 13.95 -3.99
N ASP A 93 6.27 14.83 -3.71
CA ASP A 93 7.60 14.42 -3.31
C ASP A 93 7.59 13.79 -1.93
N ALA A 94 7.13 14.53 -0.94
CA ALA A 94 7.05 14.00 0.42
C ALA A 94 6.10 12.82 0.46
N VAL A 95 5.13 12.82 -0.44
CA VAL A 95 4.18 11.73 -0.53
C VAL A 95 4.87 10.51 -1.10
N LYS A 96 5.53 10.69 -2.24
CA LYS A 96 6.29 9.63 -2.89
C LYS A 96 7.29 9.04 -1.91
N ASP A 97 7.91 9.94 -1.17
CA ASP A 97 8.92 9.58 -0.18
C ASP A 97 8.33 8.81 1.00
N LEU A 98 7.24 9.32 1.57
CA LEU A 98 6.62 8.68 2.72
C LEU A 98 6.00 7.35 2.34
N LEU A 99 5.29 7.31 1.22
CA LEU A 99 4.66 6.08 0.78
C LEU A 99 5.71 5.03 0.49
N GLN A 100 6.67 5.36 -0.37
CA GLN A 100 7.73 4.42 -0.72
C GLN A 100 8.52 4.03 0.54
N GLN A 101 8.33 4.78 1.61
CA GLN A 101 9.00 4.47 2.85
C GLN A 101 8.21 3.42 3.64
N LEU A 102 6.90 3.62 3.71
CA LEU A 102 6.02 2.72 4.45
C LEU A 102 5.50 1.57 3.58
N LEU A 103 5.47 1.78 2.27
CA LEU A 103 5.00 0.79 1.31
C LEU A 103 5.76 -0.54 1.37
N PRO A 104 7.08 -0.56 1.09
CA PRO A 104 7.86 -1.82 1.14
C PRO A 104 7.89 -2.41 2.55
N LYS A 105 7.44 -1.61 3.51
CA LYS A 105 7.40 -2.02 4.89
C LYS A 105 6.10 -2.77 5.20
N PHE A 106 4.98 -2.27 4.69
CA PHE A 106 3.68 -2.90 4.96
C PHE A 106 3.22 -3.84 3.85
N LYS A 107 3.82 -3.75 2.65
CA LYS A 107 3.47 -4.59 1.49
C LYS A 107 3.01 -6.00 1.91
N ARG A 108 1.75 -6.32 1.64
CA ARG A 108 1.21 -7.61 2.02
C ARG A 108 1.15 -8.58 0.84
N LYS A 109 2.23 -9.29 0.65
CA LYS A 109 2.35 -10.31 -0.37
C LYS A 109 3.44 -11.27 0.04
N ALA A 110 3.29 -12.54 -0.25
CA ALA A 110 4.34 -13.48 0.06
C ALA A 110 5.42 -13.29 -0.99
N ASN A 111 6.39 -12.42 -0.70
CA ASN A 111 7.44 -12.14 -1.65
C ASN A 111 8.81 -12.04 -1.02
N LYS A 112 9.38 -13.17 -0.62
CA LYS A 112 10.72 -13.13 -0.06
C LYS A 112 11.69 -12.89 -1.20
N GLU A 113 11.26 -13.29 -2.39
CA GLU A 113 12.05 -13.10 -3.59
C GLU A 113 12.15 -11.61 -3.89
N LEU A 114 11.01 -10.92 -3.84
CA LEU A 114 10.96 -9.49 -4.11
C LEU A 114 11.73 -8.71 -3.06
N GLU A 115 11.77 -9.22 -1.83
CA GLU A 115 12.50 -8.55 -0.77
C GLU A 115 13.99 -8.56 -1.10
N GLU A 116 14.49 -9.72 -1.49
CA GLU A 116 15.89 -9.86 -1.85
C GLU A 116 16.16 -9.15 -3.17
N LYS A 117 15.10 -9.03 -3.98
CA LYS A 117 15.20 -8.33 -5.25
C LYS A 117 15.42 -6.84 -4.97
N ASN A 118 14.58 -6.29 -4.09
CA ASN A 118 14.68 -4.89 -3.70
C ASN A 118 16.01 -4.62 -3.00
N ARG A 119 16.52 -5.64 -2.33
CA ARG A 119 17.79 -5.54 -1.62
C ARG A 119 18.95 -5.54 -2.61
N MET A 120 18.72 -6.12 -3.78
CA MET A 120 19.74 -6.23 -4.81
C MET A 120 19.76 -4.94 -5.60
N LEU A 121 18.61 -4.29 -5.59
CA LEU A 121 18.40 -3.02 -6.26
C LEU A 121 19.28 -1.94 -5.64
N GLN A 122 19.72 -2.17 -4.41
CA GLN A 122 20.58 -1.23 -3.71
C GLN A 122 22.04 -1.61 -3.94
N GLU A 123 22.26 -2.84 -4.42
CA GLU A 123 23.59 -3.33 -4.68
C GLU A 123 24.00 -3.08 -6.14
N ASP A 124 23.04 -3.21 -7.04
CA ASP A 124 23.28 -2.99 -8.46
C ASP A 124 22.63 -1.69 -8.93
N PRO A 125 23.42 -0.63 -9.10
CA PRO A 125 22.94 0.68 -9.52
C PRO A 125 22.36 0.69 -10.94
N VAL A 126 22.89 -0.17 -11.80
CA VAL A 126 22.42 -0.24 -13.18
C VAL A 126 21.06 -0.91 -13.23
N LEU A 127 20.95 -2.00 -12.47
CA LEU A 127 19.71 -2.74 -12.39
C LEU A 127 18.57 -1.84 -11.94
N PHE A 128 18.78 -1.15 -10.82
CA PHE A 128 17.77 -0.24 -10.29
C PHE A 128 17.55 0.95 -11.22
N GLN A 129 18.57 1.31 -11.99
CA GLN A 129 18.45 2.42 -12.93
C GLN A 129 17.46 2.06 -14.03
N LEU A 130 17.66 0.90 -14.66
CA LEU A 130 16.81 0.44 -15.74
C LEU A 130 15.46 -0.06 -15.22
N TYR A 131 15.44 -0.49 -13.96
CA TYR A 131 14.22 -0.97 -13.33
C TYR A 131 13.14 0.10 -13.41
N LYS A 132 13.53 1.33 -13.12
CA LYS A 132 12.63 2.48 -13.15
C LYS A 132 12.20 2.83 -14.55
N ASP A 133 12.98 2.42 -15.54
CA ASP A 133 12.67 2.71 -16.93
C ASP A 133 11.67 1.72 -17.51
N LEU A 134 11.94 0.44 -17.32
CA LEU A 134 11.10 -0.61 -17.86
C LEU A 134 9.95 -1.05 -16.94
N VAL A 135 10.32 -1.59 -15.78
CA VAL A 135 9.34 -2.11 -14.84
C VAL A 135 8.39 -1.04 -14.31
N VAL A 136 8.87 0.19 -14.27
CA VAL A 136 8.04 1.29 -13.77
C VAL A 136 7.13 1.82 -14.86
N SER A 137 7.58 1.76 -16.10
CA SER A 137 6.78 2.22 -17.24
C SER A 137 5.86 1.11 -17.73
N GLN A 138 5.78 0.02 -16.96
CA GLN A 138 4.97 -1.13 -17.31
C GLN A 138 5.33 -1.65 -18.70
N VAL A 139 6.60 -1.52 -19.04
CA VAL A 139 7.12 -1.96 -20.32
C VAL A 139 7.15 -3.47 -20.34
N ILE A 140 7.53 -4.03 -19.20
CA ILE A 140 7.62 -5.47 -18.98
C ILE A 140 7.46 -5.73 -17.49
N SER A 141 7.28 -6.97 -17.12
CA SER A 141 7.13 -7.31 -15.71
C SER A 141 8.51 -7.31 -15.05
N ALA A 142 8.52 -7.26 -13.73
CA ALA A 142 9.78 -7.26 -12.98
C ALA A 142 10.57 -8.53 -13.24
N GLU A 143 9.86 -9.65 -13.30
CA GLU A 143 10.49 -10.95 -13.51
C GLU A 143 11.33 -11.00 -14.78
N GLU A 144 10.85 -10.38 -15.86
CA GLU A 144 11.60 -10.37 -17.12
C GLU A 144 12.96 -9.70 -16.95
N PHE A 145 12.96 -8.54 -16.32
CA PHE A 145 14.21 -7.81 -16.11
C PHE A 145 15.08 -8.55 -15.09
N TRP A 146 14.42 -9.16 -14.12
CA TRP A 146 15.12 -9.90 -13.09
C TRP A 146 15.72 -11.19 -13.65
N ALA A 147 15.03 -11.77 -14.61
CA ALA A 147 15.47 -13.01 -15.25
C ALA A 147 16.87 -12.86 -15.83
N ASN A 148 17.19 -11.64 -16.23
CA ASN A 148 18.48 -11.32 -16.83
C ASN A 148 19.60 -11.13 -15.79
N ARG A 149 19.24 -10.85 -14.54
CA ARG A 149 20.26 -10.61 -13.53
C ARG A 149 20.22 -11.60 -12.38
N LEU A 150 19.13 -12.32 -12.25
CA LEU A 150 19.00 -13.32 -11.20
C LEU A 150 19.73 -14.59 -11.60
N ASN A 151 19.40 -15.08 -12.79
CA ASN A 151 20.02 -16.30 -13.32
C ASN A 151 21.50 -16.10 -13.60
N VAL A 152 21.88 -14.84 -13.66
CA VAL A 152 23.27 -14.44 -13.91
C VAL A 152 23.46 -13.05 -13.38
N ASN A 153 24.20 -12.95 -12.31
CA ASN A 153 24.48 -11.67 -11.69
C ASN A 153 25.73 -11.06 -12.29
N ALA A 154 25.52 -10.17 -13.25
CA ALA A 154 26.61 -9.48 -13.89
C ALA A 154 27.17 -8.44 -12.93
N THR A 155 28.36 -8.72 -12.40
CA THR A 155 29.01 -7.86 -11.42
C THR A 155 29.54 -6.59 -12.07
N ASP A 156 29.72 -6.67 -13.36
CA ASP A 156 30.22 -5.56 -14.16
C ASP A 156 29.34 -4.33 -14.00
N SER A 157 28.04 -4.52 -14.22
CA SER A 157 27.08 -3.45 -14.12
C SER A 157 26.93 -2.97 -12.67
N SER A 158 27.07 -3.89 -11.72
CA SER A 158 26.97 -3.55 -10.31
C SER A 158 28.14 -2.67 -9.88
N SER A 159 29.22 -2.73 -10.66
CA SER A 159 30.41 -1.94 -10.37
C SER A 159 30.36 -0.61 -11.12
N THR A 160 29.23 -0.32 -11.75
CA THR A 160 29.08 0.92 -12.49
C THR A 160 28.12 1.85 -11.76
N SER A 161 28.36 3.15 -11.87
CA SER A 161 27.53 4.16 -11.23
C SER A 161 27.63 5.45 -12.02
N MET A 4 -8.08 3.79 11.82
CA MET A 4 -9.51 4.03 11.58
C MET A 4 -10.17 4.61 12.83
N ALA A 5 -10.64 5.86 12.72
CA ALA A 5 -11.30 6.57 13.83
C ALA A 5 -10.31 6.87 14.96
N THR A 6 -10.06 5.88 15.81
CA THR A 6 -9.13 6.06 16.92
C THR A 6 -8.42 4.74 17.22
N SER A 7 -7.43 4.41 16.41
CA SER A 7 -6.67 3.19 16.58
C SER A 7 -5.20 3.50 16.85
N SER A 8 -4.95 4.75 17.27
CA SER A 8 -3.60 5.22 17.56
C SER A 8 -2.74 5.23 16.29
N GLU A 9 -3.39 5.50 15.16
CA GLU A 9 -2.72 5.56 13.87
C GLU A 9 -1.66 6.67 13.85
N GLU A 10 -0.69 6.55 12.96
CA GLU A 10 0.37 7.51 12.87
C GLU A 10 0.11 8.46 11.70
N VAL A 11 -0.53 9.62 11.94
CA VAL A 11 -0.73 10.56 10.84
C VAL A 11 0.63 11.15 10.54
N LEU A 12 1.11 10.87 9.36
CA LEU A 12 2.44 11.32 9.00
C LEU A 12 2.47 12.60 8.16
N LEU A 13 1.74 12.63 7.07
CA LEU A 13 1.78 13.81 6.21
C LEU A 13 0.38 14.31 5.88
N ILE A 14 0.23 15.62 5.84
CA ILE A 14 -1.05 16.22 5.52
C ILE A 14 -0.92 17.00 4.23
N VAL A 15 -1.49 16.45 3.16
CA VAL A 15 -1.45 17.06 1.85
C VAL A 15 -2.78 17.75 1.55
N LYS A 16 -2.72 18.89 0.89
CA LYS A 16 -3.93 19.64 0.58
C LYS A 16 -4.08 19.87 -0.92
N LYS A 17 -5.32 20.13 -1.32
CA LYS A 17 -5.67 20.40 -2.71
C LYS A 17 -5.26 19.27 -3.65
N VAL A 18 -5.88 18.13 -3.42
CA VAL A 18 -5.68 16.94 -4.23
C VAL A 18 -7.03 16.54 -4.77
N ARG A 19 -7.18 16.54 -6.07
CA ARG A 19 -8.46 16.23 -6.67
C ARG A 19 -8.47 14.83 -7.26
N GLN A 20 -9.37 14.01 -6.73
CA GLN A 20 -9.55 12.67 -7.20
C GLN A 20 -10.88 12.61 -7.95
N LYS A 21 -10.82 12.17 -9.20
CA LYS A 21 -12.01 12.06 -10.05
C LYS A 21 -12.76 13.39 -10.11
N LYS A 22 -12.01 14.46 -10.40
CA LYS A 22 -12.55 15.80 -10.53
C LYS A 22 -13.01 16.41 -9.19
N GLN A 23 -12.68 15.78 -8.08
CA GLN A 23 -13.06 16.33 -6.78
C GLN A 23 -11.83 16.56 -5.92
N ASP A 24 -11.63 17.80 -5.55
CA ASP A 24 -10.49 18.21 -4.74
C ASP A 24 -10.77 18.02 -3.27
N GLY A 25 -9.73 17.69 -2.53
CA GLY A 25 -9.87 17.47 -1.13
C GLY A 25 -8.54 17.56 -0.41
N ALA A 26 -8.39 16.68 0.55
CA ALA A 26 -7.19 16.62 1.33
C ALA A 26 -6.73 15.20 1.48
N LEU A 27 -5.45 15.01 1.33
CA LEU A 27 -4.85 13.70 1.41
C LEU A 27 -4.02 13.56 2.68
N TYR A 28 -4.47 12.67 3.55
CA TYR A 28 -3.79 12.41 4.80
C TYR A 28 -2.98 11.14 4.73
N LEU A 29 -1.72 11.24 5.09
CA LEU A 29 -0.85 10.09 5.09
C LEU A 29 -0.66 9.59 6.50
N MET A 30 -0.69 8.28 6.66
CA MET A 30 -0.46 7.66 7.94
C MET A 30 0.64 6.66 7.76
N ALA A 31 1.22 6.21 8.84
CA ALA A 31 2.32 5.26 8.75
C ALA A 31 1.83 3.93 8.24
N GLU A 32 0.53 3.68 8.38
CA GLU A 32 -0.05 2.41 7.99
C GLU A 32 -0.77 2.51 6.66
N ARG A 33 -1.10 3.73 6.23
CA ARG A 33 -1.89 3.84 5.00
C ARG A 33 -1.98 5.26 4.48
N ILE A 34 -2.61 5.37 3.32
CA ILE A 34 -2.83 6.64 2.65
C ILE A 34 -4.33 6.84 2.50
N ALA A 35 -4.83 7.95 3.01
CA ALA A 35 -6.26 8.22 2.94
C ALA A 35 -6.55 9.61 2.43
N TRP A 36 -7.43 9.69 1.45
CA TRP A 36 -7.80 10.95 0.87
C TRP A 36 -9.25 11.29 1.20
N ALA A 37 -9.43 12.51 1.65
CA ALA A 37 -10.72 13.04 2.04
C ALA A 37 -11.06 14.30 1.26
N PRO A 38 -12.11 14.28 0.44
CA PRO A 38 -12.51 15.44 -0.36
C PRO A 38 -12.92 16.62 0.52
N GLU A 39 -12.66 17.83 0.04
CA GLU A 39 -12.98 19.03 0.81
C GLU A 39 -14.49 19.14 1.00
N GLY A 40 -14.91 19.08 2.25
CA GLY A 40 -16.31 19.21 2.59
C GLY A 40 -16.86 17.94 3.17
N LYS A 41 -16.01 16.93 3.24
CA LYS A 41 -16.39 15.64 3.79
C LYS A 41 -15.63 15.38 5.08
N ASP A 42 -16.29 14.70 5.99
CA ASP A 42 -15.73 14.37 7.29
C ASP A 42 -15.06 13.00 7.29
N ARG A 43 -14.99 12.37 6.13
CA ARG A 43 -14.41 11.05 6.03
C ARG A 43 -13.57 10.88 4.77
N PHE A 44 -12.66 9.94 4.81
CA PHE A 44 -11.80 9.64 3.67
C PHE A 44 -12.54 8.67 2.76
N THR A 45 -12.59 9.00 1.48
CA THR A 45 -13.25 8.16 0.52
C THR A 45 -12.24 7.23 -0.12
N ILE A 46 -10.99 7.50 0.18
CA ILE A 46 -9.87 6.72 -0.33
C ILE A 46 -8.97 6.32 0.83
N SER A 47 -8.76 5.04 1.02
CA SER A 47 -7.89 4.57 2.09
C SER A 47 -7.21 3.28 1.68
N HIS A 48 -5.94 3.37 1.31
CA HIS A 48 -5.18 2.19 0.91
C HIS A 48 -4.08 1.91 1.89
N MET A 49 -3.95 0.66 2.26
CA MET A 49 -2.91 0.25 3.16
C MET A 49 -1.65 0.06 2.35
N TYR A 50 -0.51 0.48 2.88
CA TYR A 50 0.75 0.32 2.16
C TYR A 50 0.97 -1.14 1.77
N ALA A 51 0.44 -2.03 2.60
CA ALA A 51 0.55 -3.45 2.35
C ALA A 51 -0.18 -3.86 1.07
N ASP A 52 -1.18 -3.06 0.69
CA ASP A 52 -1.99 -3.33 -0.50
C ASP A 52 -1.46 -2.56 -1.70
N ILE A 53 -0.71 -1.50 -1.44
CA ILE A 53 -0.16 -0.70 -2.51
C ILE A 53 1.06 -1.43 -3.08
N LYS A 54 1.07 -1.66 -4.37
CA LYS A 54 2.16 -2.36 -5.02
C LYS A 54 3.32 -1.42 -5.30
N CYS A 55 3.00 -0.34 -6.00
CA CYS A 55 4.00 0.65 -6.36
C CYS A 55 3.36 1.94 -6.83
N GLN A 56 4.08 3.04 -6.71
CA GLN A 56 3.56 4.34 -7.10
C GLN A 56 4.15 4.79 -8.44
N LYS A 57 3.37 5.60 -9.13
CA LYS A 57 3.76 6.19 -10.40
C LYS A 57 3.49 7.67 -10.31
N ILE A 58 4.49 8.49 -10.57
CA ILE A 58 4.31 9.93 -10.46
C ILE A 58 4.72 10.67 -11.73
N SER A 59 4.18 11.87 -11.87
CA SER A 59 4.49 12.72 -13.00
C SER A 59 5.50 13.78 -12.57
N PRO A 60 6.71 13.74 -13.17
CA PRO A 60 7.79 14.68 -12.84
C PRO A 60 7.48 16.13 -13.23
N GLU A 61 8.27 17.04 -12.69
CA GLU A 61 8.15 18.48 -12.94
C GLU A 61 8.16 18.82 -14.43
N GLY A 62 7.70 20.02 -14.74
CA GLY A 62 7.65 20.47 -16.12
C GLY A 62 6.24 20.51 -16.65
N LYS A 63 5.34 19.84 -15.94
CA LYS A 63 3.94 19.79 -16.35
C LYS A 63 3.05 20.34 -15.24
N ALA A 64 1.93 20.94 -15.63
CA ALA A 64 0.98 21.51 -14.69
C ALA A 64 0.03 20.43 -14.16
N LYS A 65 0.54 19.21 -14.05
CA LYS A 65 -0.25 18.09 -13.58
C LYS A 65 0.53 17.23 -12.60
N ILE A 66 0.31 17.45 -11.30
CA ILE A 66 0.98 16.63 -10.31
C ILE A 66 0.13 15.39 -10.09
N GLN A 67 0.20 14.46 -11.02
CA GLN A 67 -0.60 13.26 -10.92
C GLN A 67 0.19 12.12 -10.27
N LEU A 68 -0.40 11.55 -9.25
CA LEU A 68 0.18 10.45 -8.52
C LEU A 68 -0.70 9.21 -8.72
N GLN A 69 -0.09 8.06 -8.96
CA GLN A 69 -0.85 6.84 -9.16
C GLN A 69 -0.26 5.69 -8.36
N LEU A 70 -0.97 5.24 -7.34
CA LEU A 70 -0.50 4.12 -6.51
C LEU A 70 -1.13 2.82 -6.97
N VAL A 71 -0.42 2.05 -7.77
CA VAL A 71 -0.94 0.78 -8.24
C VAL A 71 -0.96 -0.20 -7.07
N LEU A 72 -2.06 -0.89 -6.88
CA LEU A 72 -2.15 -1.85 -5.78
C LEU A 72 -1.91 -3.28 -6.28
N HIS A 73 -1.57 -4.15 -5.35
CA HIS A 73 -1.29 -5.56 -5.64
C HIS A 73 -2.40 -6.31 -6.35
N ALA A 74 -3.65 -6.09 -5.94
CA ALA A 74 -4.77 -6.78 -6.56
C ALA A 74 -4.87 -6.44 -8.04
N GLY A 75 -4.26 -5.33 -8.38
CA GLY A 75 -4.26 -4.86 -9.75
C GLY A 75 -4.99 -3.56 -9.83
N ASP A 76 -4.99 -2.87 -8.70
CA ASP A 76 -5.70 -1.62 -8.58
C ASP A 76 -4.75 -0.48 -8.67
N THR A 77 -5.25 0.68 -8.33
CA THR A 77 -4.48 1.86 -8.37
C THR A 77 -5.10 2.96 -7.50
N THR A 78 -4.37 4.06 -7.39
CA THR A 78 -4.81 5.22 -6.63
C THR A 78 -4.50 6.49 -7.41
N ASN A 79 -5.51 7.02 -8.07
CA ASN A 79 -5.36 8.23 -8.87
C ASN A 79 -5.44 9.48 -7.99
N PHE A 80 -4.38 10.27 -7.98
CA PHE A 80 -4.34 11.49 -7.18
C PHE A 80 -3.83 12.66 -8.00
N HIS A 81 -4.61 13.72 -8.09
CA HIS A 81 -4.20 14.90 -8.82
C HIS A 81 -3.91 16.04 -7.85
N PHE A 82 -2.64 16.27 -7.57
CA PHE A 82 -2.24 17.35 -6.70
C PHE A 82 -2.38 18.66 -7.47
N SER A 83 -3.35 19.47 -7.09
CA SER A 83 -3.58 20.72 -7.80
C SER A 83 -3.11 21.92 -7.00
N ASN A 84 -2.56 21.69 -5.83
CA ASN A 84 -2.05 22.79 -4.99
C ASN A 84 -0.83 23.40 -5.67
N GLU A 85 -1.05 24.42 -6.49
CA GLU A 85 0.01 25.07 -7.25
C GLU A 85 1.12 25.65 -6.37
N SER A 86 0.95 25.57 -5.06
CA SER A 86 1.94 26.07 -4.14
C SER A 86 2.99 25.01 -3.81
N THR A 87 2.52 23.81 -3.47
CA THR A 87 3.45 22.74 -3.10
C THR A 87 3.15 21.40 -3.78
N ALA A 88 2.17 21.36 -4.68
CA ALA A 88 1.75 20.13 -5.39
C ALA A 88 2.93 19.21 -5.71
N VAL A 89 3.84 19.71 -6.52
CA VAL A 89 5.03 18.96 -6.92
C VAL A 89 5.81 18.37 -5.72
N LYS A 90 6.09 19.17 -4.71
CA LYS A 90 6.86 18.68 -3.57
C LYS A 90 5.97 17.88 -2.61
N GLU A 91 4.68 18.13 -2.65
CA GLU A 91 3.74 17.39 -1.83
C GLU A 91 3.71 15.95 -2.30
N ARG A 92 3.70 15.75 -3.62
CA ARG A 92 3.71 14.42 -4.19
C ARG A 92 5.06 13.78 -3.91
N ASP A 93 6.10 14.61 -3.82
CA ASP A 93 7.44 14.13 -3.52
C ASP A 93 7.49 13.51 -2.15
N ALA A 94 7.16 14.28 -1.12
CA ALA A 94 7.16 13.76 0.24
C ALA A 94 6.15 12.63 0.36
N VAL A 95 5.12 12.66 -0.47
CA VAL A 95 4.12 11.62 -0.46
C VAL A 95 4.71 10.34 -1.01
N LYS A 96 5.26 10.42 -2.23
CA LYS A 96 5.89 9.29 -2.87
C LYS A 96 6.95 8.69 -1.97
N ASP A 97 7.67 9.58 -1.29
CA ASP A 97 8.75 9.22 -0.39
C ASP A 97 8.21 8.61 0.92
N LEU A 98 7.17 9.22 1.49
CA LEU A 98 6.58 8.75 2.73
C LEU A 98 5.93 7.40 2.54
N LEU A 99 5.11 7.27 1.51
CA LEU A 99 4.43 6.03 1.21
C LEU A 99 5.46 4.95 0.97
N GLN A 100 6.45 5.28 0.14
CA GLN A 100 7.53 4.35 -0.20
C GLN A 100 8.34 4.02 1.04
N GLN A 101 8.19 4.83 2.08
CA GLN A 101 8.89 4.60 3.33
C GLN A 101 8.12 3.61 4.19
N LEU A 102 6.80 3.74 4.15
CA LEU A 102 5.92 2.87 4.93
C LEU A 102 5.55 1.62 4.15
N LEU A 103 5.69 1.70 2.83
CA LEU A 103 5.42 0.58 1.96
C LEU A 103 6.21 -0.68 2.36
N PRO A 104 7.54 -0.61 2.57
CA PRO A 104 8.31 -1.78 3.01
C PRO A 104 7.92 -2.19 4.44
N LYS A 105 7.49 -1.19 5.21
CA LYS A 105 7.08 -1.38 6.59
C LYS A 105 5.84 -2.29 6.67
N PHE A 106 4.84 -2.02 5.84
CA PHE A 106 3.61 -2.82 5.86
C PHE A 106 3.54 -3.83 4.73
N LYS A 107 4.51 -3.80 3.81
CA LYS A 107 4.53 -4.73 2.68
C LYS A 107 4.23 -6.15 3.13
N ARG A 108 3.37 -6.82 2.37
CA ARG A 108 2.97 -8.21 2.67
C ARG A 108 4.19 -9.08 2.94
N LYS A 109 4.32 -9.53 4.18
CA LYS A 109 5.44 -10.37 4.57
C LYS A 109 4.94 -11.65 5.21
N ALA A 110 5.87 -12.52 5.56
CA ALA A 110 5.54 -13.79 6.19
C ALA A 110 6.50 -14.06 7.34
N ASN A 111 6.17 -15.04 8.17
CA ASN A 111 7.01 -15.39 9.31
C ASN A 111 7.93 -16.54 8.94
N LYS A 112 9.22 -16.27 8.96
CA LYS A 112 10.26 -17.24 8.61
C LYS A 112 10.11 -18.59 9.31
N GLU A 113 9.96 -18.57 10.63
CA GLU A 113 9.86 -19.79 11.41
C GLU A 113 8.48 -20.44 11.30
N LEU A 114 7.48 -19.63 11.02
CA LEU A 114 6.13 -20.14 10.89
C LEU A 114 5.89 -20.69 9.50
N GLU A 115 6.40 -20.00 8.50
CA GLU A 115 6.25 -20.42 7.11
C GLU A 115 7.03 -21.69 6.85
N GLU A 116 8.16 -21.85 7.53
CA GLU A 116 8.96 -23.06 7.39
C GLU A 116 8.17 -24.23 7.98
N LYS A 117 7.48 -23.95 9.07
CA LYS A 117 6.63 -24.94 9.71
C LYS A 117 5.47 -25.28 8.79
N ASN A 118 4.90 -24.22 8.22
CA ASN A 118 3.79 -24.32 7.27
C ASN A 118 4.20 -25.20 6.08
N ARG A 119 5.44 -25.01 5.64
CA ARG A 119 6.00 -25.75 4.52
C ARG A 119 6.01 -27.26 4.78
N MET A 120 6.18 -27.65 6.03
CA MET A 120 6.24 -29.06 6.39
C MET A 120 4.82 -29.58 6.54
N LEU A 121 3.99 -28.67 7.02
CA LEU A 121 2.58 -28.92 7.24
C LEU A 121 1.88 -29.20 5.91
N GLN A 122 2.46 -28.68 4.83
CA GLN A 122 1.93 -28.87 3.49
C GLN A 122 2.44 -30.16 2.87
N GLU A 123 3.58 -30.65 3.37
CA GLU A 123 4.18 -31.86 2.86
C GLU A 123 3.55 -33.09 3.51
N ASP A 124 3.39 -33.04 4.83
CA ASP A 124 2.83 -34.16 5.56
C ASP A 124 1.42 -33.84 6.06
N PRO A 125 0.41 -34.49 5.47
CA PRO A 125 -1.00 -34.30 5.85
C PRO A 125 -1.30 -34.84 7.24
N VAL A 126 -0.51 -35.82 7.67
CA VAL A 126 -0.69 -36.42 8.99
C VAL A 126 -0.17 -35.47 10.05
N LEU A 127 0.99 -34.89 9.77
CA LEU A 127 1.61 -33.95 10.67
C LEU A 127 0.67 -32.78 10.93
N PHE A 128 0.12 -32.22 9.86
CA PHE A 128 -0.81 -31.12 9.97
C PHE A 128 -2.09 -31.56 10.68
N GLN A 129 -2.49 -32.81 10.46
CA GLN A 129 -3.68 -33.34 11.13
C GLN A 129 -3.43 -33.45 12.62
N LEU A 130 -2.33 -34.08 12.99
CA LEU A 130 -1.96 -34.25 14.40
C LEU A 130 -1.73 -32.91 15.06
N TYR A 131 -1.34 -31.92 14.25
CA TYR A 131 -1.13 -30.57 14.74
C TYR A 131 -2.46 -30.03 15.26
N LYS A 132 -3.52 -30.27 14.49
CA LYS A 132 -4.86 -29.83 14.86
C LYS A 132 -5.42 -30.73 15.95
N ASP A 133 -4.88 -31.93 16.04
CA ASP A 133 -5.35 -32.90 17.02
C ASP A 133 -4.79 -32.58 18.40
N LEU A 134 -3.49 -32.36 18.47
CA LEU A 134 -2.82 -32.06 19.74
C LEU A 134 -2.77 -30.57 20.08
N VAL A 135 -2.07 -29.82 19.24
CA VAL A 135 -1.86 -28.40 19.47
C VAL A 135 -3.15 -27.59 19.51
N VAL A 136 -4.15 -28.05 18.78
CA VAL A 136 -5.43 -27.34 18.74
C VAL A 136 -6.32 -27.75 19.91
N SER A 137 -6.09 -28.96 20.44
CA SER A 137 -6.87 -29.47 21.57
C SER A 137 -6.21 -29.06 22.88
N GLN A 138 -5.26 -28.13 22.81
CA GLN A 138 -4.54 -27.66 23.98
C GLN A 138 -3.89 -28.83 24.71
N VAL A 139 -3.48 -29.84 23.96
CA VAL A 139 -2.85 -31.02 24.52
C VAL A 139 -1.40 -30.71 24.85
N ILE A 140 -0.77 -29.98 23.94
CA ILE A 140 0.62 -29.56 24.07
C ILE A 140 0.83 -28.36 23.15
N SER A 141 1.96 -27.68 23.30
CA SER A 141 2.25 -26.53 22.46
C SER A 141 2.73 -27.01 21.09
N ALA A 142 2.72 -26.10 20.13
CA ALA A 142 3.15 -26.43 18.77
C ALA A 142 4.62 -26.85 18.74
N GLU A 143 5.42 -26.19 19.56
CA GLU A 143 6.85 -26.45 19.61
C GLU A 143 7.17 -27.89 20.06
N GLU A 144 6.32 -28.46 20.91
CA GLU A 144 6.53 -29.83 21.37
C GLU A 144 6.40 -30.82 20.22
N PHE A 145 5.33 -30.66 19.46
CA PHE A 145 5.07 -31.53 18.32
C PHE A 145 6.08 -31.27 17.20
N TRP A 146 6.53 -30.02 17.12
CA TRP A 146 7.48 -29.62 16.11
C TRP A 146 8.91 -29.98 16.49
N ALA A 147 9.17 -30.10 17.78
CA ALA A 147 10.51 -30.43 18.30
C ALA A 147 11.14 -31.63 17.60
N ASN A 148 10.31 -32.57 17.19
CA ASN A 148 10.81 -33.78 16.52
C ASN A 148 10.78 -33.68 15.00
N ARG A 149 9.67 -33.19 14.45
CA ARG A 149 9.49 -33.14 13.00
C ARG A 149 10.20 -31.98 12.31
N LEU A 150 10.48 -30.92 13.03
CA LEU A 150 11.17 -29.76 12.45
C LEU A 150 12.51 -30.17 11.85
N ASN A 151 13.30 -30.86 12.66
CA ASN A 151 14.64 -31.30 12.25
C ASN A 151 14.59 -32.42 11.22
N VAL A 152 13.42 -32.98 11.02
CA VAL A 152 13.23 -34.08 10.08
C VAL A 152 11.75 -34.31 9.82
N ASN A 153 11.33 -33.96 8.62
CA ASN A 153 9.95 -34.14 8.23
C ASN A 153 9.82 -35.36 7.33
N ALA A 154 9.46 -36.48 7.93
CA ALA A 154 9.29 -37.72 7.19
C ALA A 154 7.82 -38.06 7.04
N THR A 155 7.37 -38.17 5.80
CA THR A 155 5.98 -38.49 5.50
C THR A 155 5.76 -40.00 5.53
N ASP A 156 6.84 -40.69 5.35
CA ASP A 156 6.86 -42.15 5.32
C ASP A 156 6.39 -42.73 6.64
N SER A 157 7.01 -42.28 7.72
CA SER A 157 6.68 -42.76 9.06
C SER A 157 5.24 -42.43 9.43
N SER A 158 4.75 -41.30 8.93
CA SER A 158 3.37 -40.89 9.20
C SER A 158 2.38 -41.77 8.46
N SER A 159 2.87 -42.48 7.45
CA SER A 159 2.03 -43.37 6.66
C SER A 159 2.21 -44.82 7.12
N THR A 160 2.80 -45.00 8.29
CA THR A 160 3.02 -46.33 8.83
C THR A 160 2.09 -46.56 10.03
N SER A 161 1.74 -47.83 10.25
CA SER A 161 0.87 -48.20 11.35
C SER A 161 1.16 -49.63 11.76
N MET A 4 -1.40 -2.32 11.23
CA MET A 4 -1.15 -3.76 11.50
C MET A 4 0.18 -3.96 12.20
N ALA A 5 0.77 -2.87 12.64
CA ALA A 5 2.04 -2.91 13.35
C ALA A 5 1.99 -1.92 14.51
N THR A 6 1.47 -0.75 14.22
CA THR A 6 1.30 0.29 15.20
C THR A 6 -0.18 0.38 15.58
N SER A 7 -0.61 1.52 16.12
CA SER A 7 -2.02 1.71 16.48
C SER A 7 -2.85 1.62 15.20
N SER A 8 -2.15 1.81 14.07
CA SER A 8 -2.70 1.74 12.74
C SER A 8 -3.43 3.01 12.35
N GLU A 9 -3.23 4.04 13.15
CA GLU A 9 -3.81 5.34 12.90
C GLU A 9 -2.84 6.41 13.38
N GLU A 10 -1.96 6.82 12.49
CA GLU A 10 -0.97 7.83 12.80
C GLU A 10 -0.83 8.75 11.60
N VAL A 11 -1.39 9.95 11.66
CA VAL A 11 -1.28 10.84 10.53
C VAL A 11 0.13 11.35 10.44
N LEU A 12 0.81 10.97 9.38
CA LEU A 12 2.17 11.37 9.18
C LEU A 12 2.30 12.58 8.25
N LEU A 13 1.45 12.68 7.26
CA LEU A 13 1.52 13.79 6.33
C LEU A 13 0.15 14.31 5.96
N ILE A 14 0.06 15.62 5.76
CA ILE A 14 -1.19 16.24 5.38
C ILE A 14 -0.99 17.01 4.07
N VAL A 15 -1.53 16.47 2.99
CA VAL A 15 -1.40 17.07 1.67
C VAL A 15 -2.73 17.72 1.29
N LYS A 16 -2.67 18.84 0.58
CA LYS A 16 -3.89 19.57 0.22
C LYS A 16 -4.11 19.64 -1.28
N LYS A 17 -5.31 20.10 -1.63
CA LYS A 17 -5.75 20.26 -3.02
C LYS A 17 -5.37 19.07 -3.88
N VAL A 18 -5.93 17.92 -3.56
CA VAL A 18 -5.68 16.70 -4.33
C VAL A 18 -6.99 16.24 -4.94
N ARG A 19 -7.03 16.19 -6.26
CA ARG A 19 -8.21 15.78 -6.97
C ARG A 19 -8.23 14.29 -7.22
N GLN A 20 -9.21 13.65 -6.64
CA GLN A 20 -9.43 12.23 -6.80
C GLN A 20 -10.91 12.03 -7.11
N LYS A 21 -11.21 11.16 -8.07
CA LYS A 21 -12.59 10.92 -8.46
C LYS A 21 -13.26 12.22 -8.88
N LYS A 22 -12.52 13.03 -9.65
CA LYS A 22 -13.00 14.32 -10.15
C LYS A 22 -13.26 15.35 -9.06
N GLN A 23 -12.71 15.14 -7.87
CA GLN A 23 -12.91 16.10 -6.78
C GLN A 23 -11.64 16.26 -5.94
N ASP A 24 -11.21 17.50 -5.79
CA ASP A 24 -10.06 17.85 -4.98
C ASP A 24 -10.44 17.96 -3.52
N GLY A 25 -9.45 17.75 -2.69
CA GLY A 25 -9.65 17.83 -1.25
C GLY A 25 -8.33 17.81 -0.54
N ALA A 26 -8.14 16.86 0.35
CA ALA A 26 -6.91 16.76 1.09
C ALA A 26 -6.57 15.30 1.34
N LEU A 27 -5.32 14.99 1.14
CA LEU A 27 -4.80 13.66 1.29
C LEU A 27 -4.01 13.54 2.59
N TYR A 28 -4.44 12.61 3.44
CA TYR A 28 -3.78 12.38 4.71
C TYR A 28 -3.00 11.07 4.68
N LEU A 29 -1.74 11.14 5.06
CA LEU A 29 -0.90 9.96 5.11
C LEU A 29 -0.81 9.48 6.54
N MET A 30 -0.76 8.19 6.72
CA MET A 30 -0.64 7.58 8.03
C MET A 30 0.53 6.61 8.07
N ALA A 31 0.96 6.25 9.26
CA ALA A 31 2.10 5.34 9.43
C ALA A 31 1.82 3.96 8.87
N GLU A 32 0.55 3.64 8.71
CA GLU A 32 0.17 2.33 8.22
C GLU A 32 -0.66 2.41 6.94
N ARG A 33 -1.00 3.62 6.49
CA ARG A 33 -1.86 3.70 5.31
C ARG A 33 -1.95 5.10 4.72
N ILE A 34 -2.70 5.21 3.65
CA ILE A 34 -2.91 6.46 2.95
C ILE A 34 -4.42 6.69 2.76
N ALA A 35 -4.92 7.80 3.26
CA ALA A 35 -6.33 8.10 3.15
C ALA A 35 -6.59 9.49 2.59
N TRP A 36 -7.35 9.54 1.50
CA TRP A 36 -7.67 10.81 0.87
C TRP A 36 -9.11 11.21 1.14
N ALA A 37 -9.28 12.49 1.42
CA ALA A 37 -10.57 13.07 1.72
C ALA A 37 -10.87 14.22 0.77
N PRO A 38 -12.11 14.37 0.32
CA PRO A 38 -12.49 15.48 -0.56
C PRO A 38 -12.82 16.71 0.25
N GLU A 39 -12.49 17.89 -0.26
CA GLU A 39 -12.78 19.10 0.50
C GLU A 39 -14.29 19.34 0.52
N GLY A 40 -14.84 19.38 1.72
CA GLY A 40 -16.25 19.58 1.89
C GLY A 40 -16.89 18.39 2.56
N LYS A 41 -16.07 17.39 2.85
CA LYS A 41 -16.54 16.20 3.52
C LYS A 41 -15.94 16.11 4.92
N ASP A 42 -16.33 15.08 5.63
CA ASP A 42 -15.89 14.84 7.00
C ASP A 42 -15.19 13.49 7.13
N ARG A 43 -15.06 12.78 6.03
CA ARG A 43 -14.43 11.47 6.05
C ARG A 43 -13.65 11.22 4.78
N PHE A 44 -12.69 10.31 4.86
CA PHE A 44 -11.88 9.95 3.71
C PHE A 44 -12.67 9.01 2.84
N THR A 45 -12.63 9.24 1.54
CA THR A 45 -13.34 8.38 0.60
C THR A 45 -12.38 7.33 0.08
N ILE A 46 -11.12 7.51 0.45
CA ILE A 46 -10.05 6.62 0.03
C ILE A 46 -9.18 6.25 1.21
N SER A 47 -8.94 4.97 1.41
CA SER A 47 -8.07 4.52 2.48
C SER A 47 -7.37 3.24 2.05
N HIS A 48 -6.11 3.35 1.66
CA HIS A 48 -5.34 2.19 1.24
C HIS A 48 -4.26 1.89 2.23
N MET A 49 -4.06 0.63 2.49
CA MET A 49 -3.02 0.22 3.38
C MET A 49 -1.76 0.09 2.54
N TYR A 50 -0.62 0.49 3.08
CA TYR A 50 0.63 0.38 2.33
C TYR A 50 0.82 -1.07 1.87
N ALA A 51 0.28 -2.00 2.65
CA ALA A 51 0.38 -3.42 2.34
C ALA A 51 -0.41 -3.79 1.07
N ASP A 52 -1.35 -2.93 0.68
CA ASP A 52 -2.18 -3.20 -0.50
C ASP A 52 -1.59 -2.54 -1.74
N ILE A 53 -0.84 -1.46 -1.54
CA ILE A 53 -0.23 -0.74 -2.65
C ILE A 53 1.00 -1.49 -3.17
N LYS A 54 0.92 -1.93 -4.40
CA LYS A 54 2.01 -2.68 -5.03
C LYS A 54 3.15 -1.76 -5.39
N CYS A 55 2.81 -0.63 -5.96
CA CYS A 55 3.80 0.36 -6.38
C CYS A 55 3.17 1.73 -6.57
N GLN A 56 3.99 2.71 -6.93
CA GLN A 56 3.51 4.07 -7.15
C GLN A 56 4.14 4.69 -8.40
N LYS A 57 3.33 5.43 -9.13
CA LYS A 57 3.77 6.11 -10.33
C LYS A 57 3.58 7.61 -10.09
N ILE A 58 4.61 8.39 -10.34
CA ILE A 58 4.52 9.82 -10.10
C ILE A 58 4.90 10.64 -11.32
N SER A 59 4.52 11.91 -11.31
CA SER A 59 4.84 12.83 -12.38
C SER A 59 6.04 13.69 -11.97
N PRO A 60 7.17 13.57 -12.66
CA PRO A 60 8.37 14.34 -12.35
C PRO A 60 8.22 15.82 -12.69
N GLU A 61 9.13 16.63 -12.16
CA GLU A 61 9.14 18.08 -12.40
C GLU A 61 9.06 18.41 -13.89
N GLY A 62 8.68 19.64 -14.19
CA GLY A 62 8.53 20.05 -15.56
C GLY A 62 7.15 19.68 -16.07
N LYS A 63 6.27 19.41 -15.12
CA LYS A 63 4.90 19.06 -15.41
C LYS A 63 3.98 20.05 -14.74
N ALA A 64 3.00 20.57 -15.48
CA ALA A 64 2.06 21.54 -14.94
C ALA A 64 0.94 20.86 -14.17
N LYS A 65 1.00 19.54 -14.07
CA LYS A 65 -0.01 18.77 -13.37
C LYS A 65 0.66 17.69 -12.54
N ILE A 66 0.62 17.86 -11.22
CA ILE A 66 1.22 16.87 -10.33
C ILE A 66 0.27 15.70 -10.16
N GLN A 67 0.30 14.80 -11.10
CA GLN A 67 -0.55 13.65 -11.05
C GLN A 67 0.22 12.42 -10.57
N LEU A 68 -0.28 11.83 -9.50
CA LEU A 68 0.33 10.66 -8.88
C LEU A 68 -0.60 9.47 -9.06
N GLN A 69 -0.06 8.30 -9.23
CA GLN A 69 -0.90 7.12 -9.38
C GLN A 69 -0.28 5.89 -8.73
N LEU A 70 -0.89 5.45 -7.65
CA LEU A 70 -0.47 4.25 -6.94
C LEU A 70 -1.09 3.05 -7.63
N VAL A 71 -0.50 1.88 -7.48
CA VAL A 71 -1.06 0.67 -8.07
C VAL A 71 -1.14 -0.36 -6.96
N LEU A 72 -2.25 -1.05 -6.86
CA LEU A 72 -2.41 -2.03 -5.80
C LEU A 72 -2.24 -3.45 -6.35
N HIS A 73 -1.92 -4.35 -5.44
CA HIS A 73 -1.70 -5.78 -5.77
C HIS A 73 -2.85 -6.45 -6.49
N ALA A 74 -4.08 -6.17 -6.08
CA ALA A 74 -5.24 -6.79 -6.71
C ALA A 74 -5.32 -6.40 -8.19
N GLY A 75 -4.62 -5.33 -8.51
CA GLY A 75 -4.58 -4.83 -9.87
C GLY A 75 -5.28 -3.52 -9.91
N ASP A 76 -5.29 -2.87 -8.76
CA ASP A 76 -5.96 -1.61 -8.62
C ASP A 76 -4.97 -0.50 -8.69
N THR A 77 -5.45 0.68 -8.40
CA THR A 77 -4.64 1.84 -8.44
C THR A 77 -5.21 2.95 -7.57
N THR A 78 -4.45 4.03 -7.47
CA THR A 78 -4.85 5.19 -6.71
C THR A 78 -4.33 6.46 -7.39
N ASN A 79 -5.19 7.13 -8.14
CA ASN A 79 -4.81 8.34 -8.85
C ASN A 79 -5.02 9.60 -8.00
N PHE A 80 -3.93 10.29 -7.70
CA PHE A 80 -3.97 11.50 -6.90
C PHE A 80 -3.40 12.67 -7.67
N HIS A 81 -4.26 13.54 -8.15
CA HIS A 81 -3.84 14.71 -8.89
C HIS A 81 -3.73 15.90 -7.94
N PHE A 82 -2.51 16.28 -7.64
CA PHE A 82 -2.24 17.41 -6.77
C PHE A 82 -2.49 18.69 -7.54
N SER A 83 -3.67 19.26 -7.37
CA SER A 83 -4.07 20.47 -8.05
C SER A 83 -3.56 21.72 -7.34
N ASN A 84 -2.75 21.51 -6.31
CA ASN A 84 -2.18 22.64 -5.58
C ASN A 84 -0.90 23.07 -6.27
N GLU A 85 -1.05 23.78 -7.38
CA GLU A 85 0.09 24.25 -8.20
C GLU A 85 1.14 25.01 -7.38
N SER A 86 0.79 25.35 -6.15
CA SER A 86 1.68 26.08 -5.26
C SER A 86 2.76 25.17 -4.69
N THR A 87 2.37 24.02 -4.13
CA THR A 87 3.32 23.10 -3.53
C THR A 87 3.12 21.67 -4.00
N ALA A 88 2.27 21.48 -5.00
CA ALA A 88 1.95 20.17 -5.56
C ALA A 88 3.16 19.29 -5.76
N VAL A 89 4.18 19.83 -6.40
CA VAL A 89 5.41 19.07 -6.67
C VAL A 89 6.11 18.60 -5.39
N LYS A 90 6.18 19.44 -4.37
CA LYS A 90 6.85 19.05 -3.14
C LYS A 90 5.90 18.28 -2.22
N GLU A 91 4.61 18.53 -2.34
CA GLU A 91 3.63 17.81 -1.55
C GLU A 91 3.59 16.37 -2.03
N ARG A 92 3.73 16.18 -3.35
CA ARG A 92 3.77 14.85 -3.92
C ARG A 92 5.09 14.20 -3.58
N ASP A 93 6.12 15.03 -3.40
CA ASP A 93 7.44 14.54 -3.02
C ASP A 93 7.39 13.86 -1.67
N ALA A 94 6.93 14.58 -0.66
CA ALA A 94 6.82 14.01 0.67
C ALA A 94 5.87 12.82 0.65
N VAL A 95 4.91 12.85 -0.27
CA VAL A 95 3.96 11.76 -0.40
C VAL A 95 4.66 10.55 -0.99
N LYS A 96 5.30 10.74 -2.14
CA LYS A 96 6.03 9.69 -2.81
C LYS A 96 7.06 9.10 -1.86
N ASP A 97 7.65 9.97 -1.05
CA ASP A 97 8.66 9.60 -0.09
C ASP A 97 8.08 8.90 1.13
N LEU A 98 6.99 9.43 1.67
CA LEU A 98 6.38 8.83 2.86
C LEU A 98 5.78 7.48 2.54
N LEU A 99 5.07 7.39 1.42
CA LEU A 99 4.47 6.13 1.01
C LEU A 99 5.56 5.11 0.78
N GLN A 100 6.52 5.45 -0.08
CA GLN A 100 7.62 4.55 -0.39
C GLN A 100 8.45 4.26 0.86
N GLN A 101 8.21 5.03 1.92
CA GLN A 101 8.92 4.81 3.17
C GLN A 101 8.19 3.77 4.02
N LEU A 102 6.87 3.89 4.08
CA LEU A 102 6.05 2.99 4.87
C LEU A 102 5.63 1.78 4.06
N LEU A 103 5.66 1.93 2.73
CA LEU A 103 5.33 0.84 1.84
C LEU A 103 6.18 -0.39 2.08
N PRO A 104 7.53 -0.31 2.09
CA PRO A 104 8.40 -1.47 2.37
C PRO A 104 8.15 -2.01 3.76
N LYS A 105 7.68 -1.14 4.65
CA LYS A 105 7.36 -1.50 6.02
C LYS A 105 6.21 -2.50 6.02
N PHE A 106 5.31 -2.35 5.05
CA PHE A 106 4.17 -3.28 4.90
C PHE A 106 4.21 -3.95 3.53
N LYS A 107 5.39 -4.05 2.93
CA LYS A 107 5.50 -4.62 1.60
C LYS A 107 6.01 -6.04 1.58
N ARG A 108 5.25 -6.89 0.92
CA ARG A 108 5.63 -8.27 0.76
C ARG A 108 6.19 -8.42 -0.66
N LYS A 109 7.48 -8.16 -0.80
CA LYS A 109 8.15 -8.24 -2.09
C LYS A 109 9.63 -8.50 -1.89
N ALA A 110 10.00 -9.76 -1.76
CA ALA A 110 11.39 -10.14 -1.57
C ALA A 110 11.66 -11.49 -2.21
N ASN A 111 12.08 -11.47 -3.46
CA ASN A 111 12.36 -12.69 -4.18
C ASN A 111 13.75 -12.67 -4.78
N LYS A 112 14.75 -12.83 -3.93
CA LYS A 112 16.13 -12.83 -4.37
C LYS A 112 16.46 -14.19 -4.99
N GLU A 113 15.76 -15.22 -4.53
CA GLU A 113 15.98 -16.56 -5.05
C GLU A 113 15.52 -16.64 -6.50
N LEU A 114 14.42 -15.97 -6.82
CA LEU A 114 13.90 -15.96 -8.19
C LEU A 114 14.93 -15.38 -9.15
N GLU A 115 15.64 -14.36 -8.70
CA GLU A 115 16.68 -13.73 -9.50
C GLU A 115 17.78 -14.74 -9.77
N GLU A 116 18.24 -15.39 -8.70
CA GLU A 116 19.28 -16.41 -8.81
C GLU A 116 18.80 -17.55 -9.70
N LYS A 117 17.54 -17.91 -9.54
CA LYS A 117 16.92 -18.97 -10.31
C LYS A 117 16.96 -18.63 -11.80
N ASN A 118 16.47 -17.43 -12.13
CA ASN A 118 16.40 -16.97 -13.50
C ASN A 118 17.78 -16.89 -14.16
N ARG A 119 18.75 -16.35 -13.45
CA ARG A 119 20.11 -16.21 -14.00
C ARG A 119 20.85 -17.54 -14.04
N MET A 120 20.42 -18.51 -13.23
CA MET A 120 21.11 -19.80 -13.18
C MET A 120 20.62 -20.62 -14.35
N LEU A 121 19.45 -20.25 -14.81
CA LEU A 121 18.82 -20.86 -15.95
C LEU A 121 19.56 -20.46 -17.22
N GLN A 122 20.29 -19.36 -17.12
CA GLN A 122 21.06 -18.85 -18.23
C GLN A 122 22.51 -19.34 -18.12
N GLU A 123 23.02 -19.36 -16.90
CA GLU A 123 24.38 -19.80 -16.64
C GLU A 123 24.54 -21.31 -16.85
N ASP A 124 23.57 -22.07 -16.36
CA ASP A 124 23.62 -23.53 -16.50
C ASP A 124 22.54 -24.01 -17.48
N PRO A 125 22.97 -24.45 -18.67
CA PRO A 125 22.05 -24.96 -19.70
C PRO A 125 21.42 -26.29 -19.32
N VAL A 126 22.08 -27.03 -18.44
CA VAL A 126 21.56 -28.32 -17.98
C VAL A 126 20.44 -28.08 -17.00
N LEU A 127 20.64 -27.12 -16.12
CA LEU A 127 19.65 -26.76 -15.12
C LEU A 127 18.35 -26.38 -15.81
N PHE A 128 18.44 -25.48 -16.77
CA PHE A 128 17.27 -25.03 -17.52
C PHE A 128 16.69 -26.17 -18.35
N GLN A 129 17.48 -27.20 -18.62
CA GLN A 129 16.99 -28.35 -19.36
C GLN A 129 16.17 -29.23 -18.41
N LEU A 130 16.78 -29.60 -17.29
CA LEU A 130 16.12 -30.44 -16.29
C LEU A 130 14.87 -29.74 -15.76
N TYR A 131 14.90 -28.41 -15.73
CA TYR A 131 13.77 -27.63 -15.28
C TYR A 131 12.56 -27.90 -16.19
N LYS A 132 12.81 -27.91 -17.49
CA LYS A 132 11.76 -28.16 -18.46
C LYS A 132 11.44 -29.64 -18.53
N ASP A 133 12.43 -30.45 -18.19
CA ASP A 133 12.26 -31.90 -18.23
C ASP A 133 11.32 -32.35 -17.13
N LEU A 134 11.57 -31.90 -15.91
CA LEU A 134 10.76 -32.29 -14.77
C LEU A 134 9.58 -31.34 -14.50
N VAL A 135 9.90 -30.09 -14.18
CA VAL A 135 8.89 -29.10 -13.81
C VAL A 135 7.87 -28.84 -14.91
N VAL A 136 8.31 -28.96 -16.16
CA VAL A 136 7.40 -28.71 -17.27
C VAL A 136 6.55 -29.96 -17.57
N SER A 137 7.14 -31.13 -17.33
CA SER A 137 6.43 -32.39 -17.55
C SER A 137 5.51 -32.69 -16.37
N GLN A 138 5.34 -31.71 -15.50
CA GLN A 138 4.51 -31.83 -14.31
C GLN A 138 4.96 -33.01 -13.46
N VAL A 139 6.26 -33.28 -13.50
CA VAL A 139 6.85 -34.37 -12.74
C VAL A 139 6.95 -33.96 -11.27
N ILE A 140 7.34 -32.72 -11.06
CA ILE A 140 7.48 -32.13 -9.74
C ILE A 140 7.37 -30.62 -9.87
N SER A 141 7.28 -29.92 -8.76
CA SER A 141 7.18 -28.47 -8.81
C SER A 141 8.56 -27.87 -9.01
N ALA A 142 8.61 -26.59 -9.32
CA ALA A 142 9.87 -25.90 -9.56
C ALA A 142 10.77 -25.89 -8.33
N GLU A 143 10.16 -25.62 -7.17
CA GLU A 143 10.91 -25.54 -5.92
C GLU A 143 11.66 -26.82 -5.58
N GLU A 144 11.11 -27.98 -5.94
CA GLU A 144 11.78 -29.24 -5.67
C GLU A 144 13.11 -29.30 -6.42
N PHE A 145 13.08 -28.88 -7.68
CA PHE A 145 14.28 -28.87 -8.49
C PHE A 145 15.23 -27.79 -8.00
N TRP A 146 14.65 -26.66 -7.61
CA TRP A 146 15.42 -25.53 -7.12
C TRP A 146 16.07 -25.86 -5.79
N ALA A 147 15.35 -26.58 -4.95
CA ALA A 147 15.85 -26.98 -3.63
C ALA A 147 17.21 -27.67 -3.72
N ASN A 148 17.42 -28.37 -4.83
CA ASN A 148 18.66 -29.09 -5.05
C ASN A 148 19.75 -28.21 -5.64
N ARG A 149 19.48 -27.57 -6.77
CA ARG A 149 20.48 -26.76 -7.46
C ARG A 149 20.77 -25.41 -6.82
N LEU A 150 19.81 -24.85 -6.12
CA LEU A 150 20.01 -23.56 -5.47
C LEU A 150 21.09 -23.65 -4.41
N ASN A 151 20.91 -24.58 -3.49
CA ASN A 151 21.87 -24.77 -2.39
C ASN A 151 23.21 -25.32 -2.88
N VAL A 152 23.16 -25.96 -4.04
CA VAL A 152 24.33 -26.54 -4.70
C VAL A 152 23.93 -26.97 -6.10
N ASN A 153 24.44 -26.27 -7.09
CA ASN A 153 24.11 -26.61 -8.46
C ASN A 153 24.86 -27.86 -8.89
N ALA A 154 24.19 -28.99 -8.74
CA ALA A 154 24.74 -30.28 -9.14
C ALA A 154 23.68 -31.38 -8.99
N THR A 155 23.17 -31.87 -10.11
CA THR A 155 22.18 -32.94 -10.09
C THR A 155 22.74 -34.15 -10.83
N ASP A 156 23.68 -33.83 -11.67
CA ASP A 156 24.36 -34.79 -12.52
C ASP A 156 25.64 -35.29 -11.88
N SER A 157 26.52 -34.34 -11.58
CA SER A 157 27.81 -34.61 -10.95
C SER A 157 27.65 -35.32 -9.61
N SER A 158 26.56 -35.04 -8.92
CA SER A 158 26.28 -35.65 -7.64
C SER A 158 25.88 -37.12 -7.79
N SER A 159 25.50 -37.49 -9.01
CA SER A 159 25.09 -38.84 -9.31
C SER A 159 26.21 -39.58 -10.03
N THR A 160 27.41 -39.05 -9.96
CA THR A 160 28.56 -39.65 -10.61
C THR A 160 29.55 -40.17 -9.57
N SER A 161 30.30 -41.20 -9.93
CA SER A 161 31.28 -41.79 -9.04
C SER A 161 32.40 -42.41 -9.87
N MET A 4 -7.73 -2.94 26.14
CA MET A 4 -8.56 -2.92 24.91
C MET A 4 -7.67 -2.72 23.70
N ALA A 5 -8.28 -2.60 22.52
CA ALA A 5 -7.52 -2.38 21.29
C ALA A 5 -7.10 -0.92 21.18
N THR A 6 -6.13 -0.65 20.33
CA THR A 6 -5.65 0.70 20.14
C THR A 6 -5.37 0.98 18.66
N SER A 7 -5.99 2.01 18.14
CA SER A 7 -5.80 2.39 16.75
C SER A 7 -4.54 3.24 16.61
N SER A 8 -3.56 2.72 15.89
CA SER A 8 -2.31 3.43 15.65
C SER A 8 -2.47 4.52 14.60
N GLU A 9 -3.46 5.38 14.80
CA GLU A 9 -3.73 6.47 13.87
C GLU A 9 -2.61 7.50 13.93
N GLU A 10 -1.60 7.32 13.11
CA GLU A 10 -0.48 8.23 13.07
C GLU A 10 -0.50 9.01 11.78
N VAL A 11 -1.03 10.22 11.79
CA VAL A 11 -1.02 11.01 10.57
C VAL A 11 0.40 11.45 10.33
N LEU A 12 1.00 10.90 9.32
CA LEU A 12 2.36 11.23 9.03
C LEU A 12 2.51 12.42 8.08
N LEU A 13 1.53 12.65 7.21
CA LEU A 13 1.63 13.77 6.31
C LEU A 13 0.27 14.34 5.99
N ILE A 14 0.19 15.66 5.93
CA ILE A 14 -1.05 16.34 5.60
C ILE A 14 -0.88 17.08 4.29
N VAL A 15 -1.49 16.54 3.25
CA VAL A 15 -1.42 17.13 1.92
C VAL A 15 -2.76 17.77 1.58
N LYS A 16 -2.72 18.91 0.91
CA LYS A 16 -3.94 19.63 0.57
C LYS A 16 -4.07 19.83 -0.93
N LYS A 17 -5.29 20.14 -1.35
CA LYS A 17 -5.63 20.41 -2.73
C LYS A 17 -5.26 19.22 -3.64
N VAL A 18 -5.93 18.12 -3.41
CA VAL A 18 -5.73 16.91 -4.19
C VAL A 18 -7.08 16.48 -4.74
N ARG A 19 -7.21 16.46 -6.05
CA ARG A 19 -8.48 16.11 -6.65
C ARG A 19 -8.45 14.71 -7.23
N GLN A 20 -9.34 13.88 -6.71
CA GLN A 20 -9.49 12.51 -7.17
C GLN A 20 -10.79 12.40 -7.95
N LYS A 21 -10.67 11.94 -9.19
CA LYS A 21 -11.82 11.77 -10.07
C LYS A 21 -12.70 13.03 -10.14
N LYS A 22 -12.03 14.19 -10.30
CA LYS A 22 -12.67 15.50 -10.41
C LYS A 22 -13.08 16.10 -9.06
N GLN A 23 -12.80 15.42 -7.97
CA GLN A 23 -13.16 15.96 -6.66
C GLN A 23 -11.91 16.27 -5.86
N ASP A 24 -11.75 17.54 -5.53
CA ASP A 24 -10.61 18.03 -4.78
C ASP A 24 -10.83 17.87 -3.29
N GLY A 25 -9.76 17.67 -2.57
CA GLY A 25 -9.84 17.49 -1.15
C GLY A 25 -8.51 17.58 -0.47
N ALA A 26 -8.32 16.71 0.48
CA ALA A 26 -7.10 16.65 1.24
C ALA A 26 -6.67 15.22 1.43
N LEU A 27 -5.39 15.00 1.33
CA LEU A 27 -4.82 13.69 1.46
C LEU A 27 -3.98 13.58 2.72
N TYR A 28 -4.39 12.68 3.59
CA TYR A 28 -3.70 12.46 4.85
C TYR A 28 -2.98 11.12 4.84
N LEU A 29 -1.70 11.14 5.12
CA LEU A 29 -0.92 9.93 5.18
C LEU A 29 -0.83 9.47 6.61
N MET A 30 -0.84 8.17 6.82
CA MET A 30 -0.74 7.60 8.14
C MET A 30 0.39 6.60 8.19
N ALA A 31 0.75 6.18 9.40
CA ALA A 31 1.83 5.24 9.63
C ALA A 31 1.66 3.93 8.88
N GLU A 32 0.42 3.53 8.66
CA GLU A 32 0.16 2.25 8.00
C GLU A 32 -0.75 2.42 6.78
N ARG A 33 -1.07 3.65 6.40
CA ARG A 33 -2.01 3.81 5.31
C ARG A 33 -2.02 5.21 4.71
N ILE A 34 -2.72 5.33 3.60
CA ILE A 34 -2.88 6.57 2.88
C ILE A 34 -4.36 6.81 2.66
N ALA A 35 -4.87 7.92 3.19
CA ALA A 35 -6.29 8.21 3.05
C ALA A 35 -6.53 9.60 2.50
N TRP A 36 -7.45 9.69 1.58
CA TRP A 36 -7.81 10.96 0.97
C TRP A 36 -9.24 11.32 1.29
N ALA A 37 -9.41 12.56 1.69
CA ALA A 37 -10.68 13.12 2.08
C ALA A 37 -10.99 14.38 1.30
N PRO A 38 -12.03 14.37 0.45
CA PRO A 38 -12.41 15.53 -0.35
C PRO A 38 -12.83 16.71 0.52
N GLU A 39 -12.57 17.92 0.04
CA GLU A 39 -12.90 19.11 0.80
C GLU A 39 -14.41 19.23 0.98
N GLY A 40 -14.83 19.17 2.23
CA GLY A 40 -16.24 19.31 2.54
C GLY A 40 -16.79 18.07 3.18
N LYS A 41 -15.93 17.07 3.34
CA LYS A 41 -16.34 15.82 3.94
C LYS A 41 -15.63 15.64 5.27
N ASP A 42 -16.27 14.89 6.15
CA ASP A 42 -15.74 14.60 7.48
C ASP A 42 -15.02 13.26 7.52
N ARG A 43 -14.93 12.61 6.37
CA ARG A 43 -14.30 11.30 6.29
C ARG A 43 -13.50 11.13 5.01
N PHE A 44 -12.62 10.15 5.02
CA PHE A 44 -11.80 9.84 3.85
C PHE A 44 -12.56 8.88 2.97
N THR A 45 -12.62 9.18 1.70
CA THR A 45 -13.33 8.34 0.75
C THR A 45 -12.35 7.36 0.13
N ILE A 46 -11.08 7.60 0.39
CA ILE A 46 -10.00 6.78 -0.10
C ILE A 46 -9.11 6.37 1.06
N SER A 47 -8.89 5.09 1.23
CA SER A 47 -8.03 4.61 2.30
C SER A 47 -7.32 3.34 1.87
N HIS A 48 -6.06 3.45 1.51
CA HIS A 48 -5.29 2.30 1.07
C HIS A 48 -4.26 1.94 2.11
N MET A 49 -4.03 0.67 2.28
CA MET A 49 -3.03 0.20 3.20
C MET A 49 -1.75 0.03 2.42
N TYR A 50 -0.64 0.43 3.01
CA TYR A 50 0.66 0.29 2.36
C TYR A 50 0.90 -1.16 1.94
N ALA A 51 0.29 -2.07 2.69
CA ALA A 51 0.42 -3.48 2.42
C ALA A 51 -0.29 -3.87 1.12
N ASP A 52 -1.22 -3.04 0.67
CA ASP A 52 -2.00 -3.30 -0.54
C ASP A 52 -1.47 -2.52 -1.72
N ILE A 53 -0.64 -1.51 -1.46
CA ILE A 53 -0.10 -0.71 -2.53
C ILE A 53 1.16 -1.38 -3.07
N LYS A 54 1.12 -1.75 -4.34
CA LYS A 54 2.22 -2.43 -4.99
C LYS A 54 3.35 -1.46 -5.30
N CYS A 55 3.00 -0.36 -5.90
CA CYS A 55 3.98 0.65 -6.28
C CYS A 55 3.32 1.98 -6.58
N GLN A 56 4.12 2.99 -6.86
CA GLN A 56 3.61 4.31 -7.16
C GLN A 56 4.21 4.85 -8.46
N LYS A 57 3.40 5.57 -9.19
CA LYS A 57 3.79 6.18 -10.44
C LYS A 57 3.50 7.67 -10.37
N ILE A 58 4.54 8.48 -10.38
CA ILE A 58 4.36 9.92 -10.26
C ILE A 58 4.73 10.63 -11.56
N SER A 59 4.27 11.87 -11.68
CA SER A 59 4.54 12.70 -12.84
C SER A 59 5.65 13.69 -12.51
N PRO A 60 6.79 13.61 -13.21
CA PRO A 60 7.94 14.50 -12.99
C PRO A 60 7.61 15.97 -13.30
N GLU A 61 8.41 16.86 -12.72
CA GLU A 61 8.26 18.31 -12.88
C GLU A 61 8.22 18.71 -14.36
N GLY A 62 7.72 19.92 -14.61
CA GLY A 62 7.61 20.42 -15.96
C GLY A 62 6.19 20.39 -16.46
N LYS A 63 5.31 19.84 -15.65
CA LYS A 63 3.90 19.74 -15.99
C LYS A 63 3.07 20.46 -14.94
N ALA A 64 1.94 21.02 -15.36
CA ALA A 64 1.06 21.74 -14.45
C ALA A 64 0.02 20.79 -13.85
N LYS A 65 0.36 19.51 -13.84
CA LYS A 65 -0.53 18.50 -13.31
C LYS A 65 0.25 17.50 -12.45
N ILE A 66 0.22 17.68 -11.13
CA ILE A 66 0.90 16.76 -10.25
C ILE A 66 0.05 15.52 -10.05
N GLN A 67 0.27 14.52 -10.89
CA GLN A 67 -0.52 13.31 -10.79
C GLN A 67 0.27 12.16 -10.17
N LEU A 68 -0.32 11.56 -9.16
CA LEU A 68 0.26 10.43 -8.45
C LEU A 68 -0.61 9.20 -8.68
N GLN A 69 0.01 8.06 -8.92
CA GLN A 69 -0.77 6.84 -9.13
C GLN A 69 -0.17 5.67 -8.37
N LEU A 70 -0.87 5.21 -7.34
CA LEU A 70 -0.41 4.09 -6.54
C LEU A 70 -1.03 2.79 -7.01
N VAL A 71 -0.31 2.02 -7.80
CA VAL A 71 -0.83 0.75 -8.28
C VAL A 71 -0.90 -0.23 -7.11
N LEU A 72 -2.03 -0.87 -6.92
CA LEU A 72 -2.18 -1.81 -5.84
C LEU A 72 -1.96 -3.25 -6.33
N HIS A 73 -1.69 -4.12 -5.39
CA HIS A 73 -1.44 -5.55 -5.65
C HIS A 73 -2.55 -6.25 -6.38
N ALA A 74 -3.80 -6.01 -6.00
CA ALA A 74 -4.93 -6.68 -6.63
C ALA A 74 -5.01 -6.32 -8.11
N GLY A 75 -4.38 -5.22 -8.46
CA GLY A 75 -4.35 -4.75 -9.82
C GLY A 75 -5.05 -3.43 -9.89
N ASP A 76 -5.05 -2.75 -8.76
CA ASP A 76 -5.72 -1.48 -8.64
C ASP A 76 -4.73 -0.38 -8.71
N THR A 77 -5.20 0.80 -8.39
CA THR A 77 -4.40 1.97 -8.41
C THR A 77 -5.01 3.09 -7.59
N THR A 78 -4.26 4.16 -7.43
CA THR A 78 -4.70 5.33 -6.71
C THR A 78 -4.31 6.58 -7.48
N ASN A 79 -5.26 7.13 -8.21
CA ASN A 79 -5.01 8.33 -9.02
C ASN A 79 -5.26 9.60 -8.22
N PHE A 80 -4.21 10.35 -7.95
CA PHE A 80 -4.30 11.59 -7.20
C PHE A 80 -3.82 12.77 -8.04
N HIS A 81 -4.59 13.84 -8.03
CA HIS A 81 -4.21 15.04 -8.76
C HIS A 81 -3.92 16.16 -7.77
N PHE A 82 -2.64 16.36 -7.49
CA PHE A 82 -2.23 17.40 -6.57
C PHE A 82 -2.35 18.74 -7.29
N SER A 83 -3.40 19.46 -6.99
CA SER A 83 -3.67 20.73 -7.62
C SER A 83 -3.36 21.89 -6.68
N ASN A 84 -2.22 21.80 -6.02
CA ASN A 84 -1.79 22.85 -5.12
C ASN A 84 -0.53 23.47 -5.71
N GLU A 85 -0.74 24.31 -6.73
CA GLU A 85 0.33 24.99 -7.48
C GLU A 85 1.50 25.51 -6.64
N SER A 86 1.30 25.67 -5.35
CA SER A 86 2.35 26.20 -4.51
C SER A 86 3.31 25.10 -4.05
N THR A 87 2.78 23.95 -3.64
CA THR A 87 3.63 22.87 -3.13
C THR A 87 3.31 21.50 -3.74
N ALA A 88 2.33 21.44 -4.64
CA ALA A 88 1.88 20.19 -5.27
C ALA A 88 3.02 19.24 -5.61
N VAL A 89 3.97 19.73 -6.38
CA VAL A 89 5.13 18.92 -6.78
C VAL A 89 5.90 18.37 -5.57
N LYS A 90 6.17 19.19 -4.57
CA LYS A 90 6.93 18.72 -3.40
C LYS A 90 6.04 17.97 -2.43
N GLU A 91 4.73 18.22 -2.50
CA GLU A 91 3.79 17.51 -1.65
C GLU A 91 3.73 16.06 -2.09
N ARG A 92 3.68 15.84 -3.42
CA ARG A 92 3.67 14.49 -3.95
C ARG A 92 5.03 13.85 -3.68
N ASP A 93 6.06 14.69 -3.56
CA ASP A 93 7.39 14.20 -3.26
C ASP A 93 7.44 13.58 -1.88
N ALA A 94 7.12 14.36 -0.86
CA ALA A 94 7.11 13.84 0.52
C ALA A 94 6.15 12.67 0.61
N VAL A 95 5.08 12.73 -0.18
CA VAL A 95 4.10 11.67 -0.23
C VAL A 95 4.76 10.42 -0.80
N LYS A 96 5.34 10.57 -1.98
CA LYS A 96 6.04 9.48 -2.66
C LYS A 96 7.07 8.88 -1.73
N ASP A 97 7.78 9.76 -1.04
CA ASP A 97 8.82 9.38 -0.11
C ASP A 97 8.28 8.64 1.10
N LEU A 98 7.23 9.19 1.72
CA LEU A 98 6.64 8.57 2.90
C LEU A 98 5.99 7.24 2.56
N LEU A 99 5.22 7.22 1.47
CA LEU A 99 4.56 6.00 1.05
C LEU A 99 5.58 4.94 0.77
N GLN A 100 6.55 5.25 -0.09
CA GLN A 100 7.60 4.30 -0.45
C GLN A 100 8.41 3.92 0.77
N GLN A 101 8.25 4.68 1.84
CA GLN A 101 8.96 4.38 3.08
C GLN A 101 8.16 3.37 3.91
N LEU A 102 6.85 3.57 3.98
CA LEU A 102 5.98 2.70 4.75
C LEU A 102 5.47 1.54 3.91
N LEU A 103 5.53 1.71 2.59
CA LEU A 103 5.09 0.68 1.65
C LEU A 103 5.80 -0.65 1.85
N PRO A 104 7.14 -0.71 1.78
CA PRO A 104 7.88 -1.96 1.99
C PRO A 104 7.89 -2.35 3.46
N LYS A 105 7.35 -1.46 4.28
CA LYS A 105 7.26 -1.66 5.71
C LYS A 105 5.99 -2.45 6.05
N PHE A 106 4.97 -2.33 5.21
CA PHE A 106 3.71 -3.05 5.45
C PHE A 106 3.35 -4.02 4.32
N LYS A 107 3.84 -3.77 3.12
CA LYS A 107 3.54 -4.62 1.96
C LYS A 107 3.78 -6.10 2.24
N ARG A 108 2.79 -6.93 1.96
CA ARG A 108 2.94 -8.35 2.18
C ARG A 108 2.84 -9.12 0.86
N LYS A 109 3.98 -9.23 0.20
CA LYS A 109 4.08 -9.95 -1.06
C LYS A 109 5.52 -10.37 -1.30
N ALA A 110 5.94 -11.52 -0.78
CA ALA A 110 7.32 -11.91 -1.01
C ALA A 110 7.46 -12.51 -2.39
N ASN A 111 7.69 -11.64 -3.36
CA ASN A 111 7.88 -12.01 -4.75
C ASN A 111 8.94 -11.12 -5.35
N LYS A 112 10.02 -11.68 -5.83
CA LYS A 112 11.09 -10.88 -6.43
C LYS A 112 10.75 -10.60 -7.89
N GLU A 113 10.49 -11.67 -8.61
CA GLU A 113 10.16 -11.63 -10.02
C GLU A 113 8.88 -10.84 -10.32
N LEU A 114 7.81 -11.12 -9.57
CA LEU A 114 6.54 -10.44 -9.80
C LEU A 114 6.62 -8.94 -9.56
N GLU A 115 7.49 -8.51 -8.66
CA GLU A 115 7.63 -7.10 -8.35
C GLU A 115 8.45 -6.40 -9.44
N GLU A 116 9.58 -7.00 -9.81
CA GLU A 116 10.45 -6.42 -10.83
C GLU A 116 9.77 -6.41 -12.19
N LYS A 117 9.02 -7.48 -12.50
CA LYS A 117 8.32 -7.58 -13.77
C LYS A 117 7.30 -6.46 -13.91
N ASN A 118 6.44 -6.32 -12.91
CA ASN A 118 5.39 -5.31 -12.91
C ASN A 118 5.98 -3.90 -13.00
N ARG A 119 7.13 -3.70 -12.35
CA ARG A 119 7.80 -2.40 -12.33
C ARG A 119 8.52 -2.14 -13.66
N MET A 120 8.82 -3.21 -14.40
CA MET A 120 9.53 -3.09 -15.67
C MET A 120 8.52 -2.77 -16.75
N LEU A 121 7.34 -3.35 -16.58
CA LEU A 121 6.21 -3.17 -17.46
C LEU A 121 5.74 -1.71 -17.47
N GLN A 122 6.12 -0.99 -16.43
CA GLN A 122 5.74 0.40 -16.28
C GLN A 122 6.72 1.33 -17.00
N GLU A 123 7.95 0.87 -17.20
CA GLU A 123 8.97 1.68 -17.86
C GLU A 123 9.09 1.35 -19.34
N ASP A 124 8.95 0.07 -19.68
CA ASP A 124 9.06 -0.37 -21.07
C ASP A 124 7.69 -0.47 -21.71
N PRO A 125 7.34 0.49 -22.57
CA PRO A 125 6.05 0.52 -23.26
C PRO A 125 5.96 -0.53 -24.36
N VAL A 126 7.12 -0.99 -24.84
CA VAL A 126 7.17 -1.98 -25.89
C VAL A 126 6.94 -3.36 -25.30
N LEU A 127 7.65 -3.63 -24.21
CA LEU A 127 7.53 -4.90 -23.52
C LEU A 127 6.10 -5.10 -23.04
N PHE A 128 5.56 -4.09 -22.36
CA PHE A 128 4.21 -4.13 -21.84
C PHE A 128 3.19 -4.18 -22.99
N GLN A 129 3.61 -3.75 -24.18
CA GLN A 129 2.73 -3.81 -25.34
C GLN A 129 2.64 -5.24 -25.85
N LEU A 130 3.79 -5.83 -26.13
CA LEU A 130 3.85 -7.20 -26.63
C LEU A 130 3.31 -8.18 -25.58
N TYR A 131 3.43 -7.79 -24.32
CA TYR A 131 2.93 -8.58 -23.21
C TYR A 131 1.42 -8.77 -23.36
N LYS A 132 0.74 -7.69 -23.72
CA LYS A 132 -0.70 -7.69 -23.90
C LYS A 132 -1.09 -8.38 -25.20
N ASP A 133 -0.15 -8.43 -26.13
CA ASP A 133 -0.41 -9.06 -27.41
C ASP A 133 -0.31 -10.58 -27.31
N LEU A 134 0.78 -11.05 -26.72
CA LEU A 134 1.03 -12.48 -26.58
C LEU A 134 0.46 -13.08 -25.30
N VAL A 135 0.97 -12.63 -24.16
CA VAL A 135 0.58 -13.18 -22.86
C VAL A 135 -0.91 -13.01 -22.58
N VAL A 136 -1.50 -11.97 -23.15
CA VAL A 136 -2.92 -11.71 -22.92
C VAL A 136 -3.78 -12.55 -23.88
N SER A 137 -3.29 -12.75 -25.09
CA SER A 137 -4.00 -13.55 -26.09
C SER A 137 -3.78 -15.03 -25.82
N GLN A 138 -3.21 -15.34 -24.65
CA GLN A 138 -2.92 -16.71 -24.26
C GLN A 138 -2.07 -17.40 -25.31
N VAL A 139 -1.19 -16.63 -25.92
CA VAL A 139 -0.30 -17.15 -26.96
C VAL A 139 0.84 -17.91 -26.29
N ILE A 140 1.27 -17.37 -25.16
CA ILE A 140 2.34 -17.94 -24.34
C ILE A 140 2.19 -17.40 -22.93
N SER A 141 2.94 -17.94 -22.00
CA SER A 141 2.88 -17.48 -20.63
C SER A 141 3.77 -16.24 -20.47
N ALA A 142 3.66 -15.60 -19.32
CA ALA A 142 4.45 -14.40 -19.05
C ALA A 142 5.93 -14.72 -18.98
N GLU A 143 6.26 -15.87 -18.43
CA GLU A 143 7.64 -16.30 -18.27
C GLU A 143 8.37 -16.37 -19.62
N GLU A 144 7.72 -16.93 -20.63
CA GLU A 144 8.32 -17.05 -21.95
C GLU A 144 8.74 -15.69 -22.50
N PHE A 145 7.84 -14.73 -22.41
CA PHE A 145 8.13 -13.39 -22.90
C PHE A 145 9.18 -12.71 -22.04
N TRP A 146 9.05 -12.88 -20.73
CA TRP A 146 9.98 -12.29 -19.79
C TRP A 146 11.36 -12.92 -19.90
N ALA A 147 11.39 -14.18 -20.31
CA ALA A 147 12.64 -14.92 -20.47
C ALA A 147 13.60 -14.18 -21.40
N ASN A 148 13.04 -13.59 -22.45
CA ASN A 148 13.83 -12.88 -23.44
C ASN A 148 13.92 -11.39 -23.14
N ARG A 149 13.54 -10.99 -21.93
CA ARG A 149 13.60 -9.57 -21.54
C ARG A 149 14.37 -9.38 -20.24
N LEU A 150 14.16 -10.26 -19.29
CA LEU A 150 14.86 -10.18 -18.02
C LEU A 150 16.35 -10.41 -18.23
N ASN A 151 16.64 -11.36 -19.10
CA ASN A 151 18.04 -11.69 -19.40
C ASN A 151 18.66 -10.64 -20.32
N VAL A 152 17.82 -9.94 -21.05
CA VAL A 152 18.22 -8.88 -21.97
C VAL A 152 17.00 -8.11 -22.41
N ASN A 153 16.89 -6.88 -21.96
CA ASN A 153 15.76 -6.06 -22.35
C ASN A 153 16.17 -5.04 -23.38
N ALA A 154 15.92 -5.38 -24.64
CA ALA A 154 16.21 -4.50 -25.75
C ALA A 154 14.92 -4.20 -26.51
N THR A 155 14.79 -2.99 -26.99
CA THR A 155 13.60 -2.59 -27.71
C THR A 155 13.51 -3.20 -29.10
N ASP A 156 14.66 -3.60 -29.58
CA ASP A 156 14.78 -4.19 -30.91
C ASP A 156 14.89 -5.72 -30.87
N SER A 157 16.02 -6.20 -30.40
CA SER A 157 16.32 -7.64 -30.36
C SER A 157 15.33 -8.42 -29.48
N SER A 158 15.13 -7.96 -28.26
CA SER A 158 14.25 -8.64 -27.32
C SER A 158 12.77 -8.57 -27.73
N SER A 159 12.46 -7.75 -28.72
CA SER A 159 11.09 -7.64 -29.19
C SER A 159 10.84 -8.62 -30.33
N THR A 160 11.88 -9.36 -30.69
CA THR A 160 11.79 -10.35 -31.74
C THR A 160 12.14 -11.72 -31.18
N SER A 161 11.49 -12.74 -31.69
CA SER A 161 11.72 -14.11 -31.24
C SER A 161 11.28 -15.08 -32.34
#